data_2MFZ
#
_entry.id   2MFZ
#
_entity_poly.entity_id   1
_entity_poly.type   'polypeptide(L)'
_entity_poly.pdbx_seq_one_letter_code
;GSGNSVTSGGYGYGTSAAAGAGVAAGSYAGAVNRLSSAEAASRVSSNIAAIASGGASALPSVISNIYSGVVASGVSSNEA
LIQALLELLSALVHVLSSASIGNVSSVGVDSTLNVVQDSVGQYVG
;
_entity_poly.pdbx_strand_id   A,B
#
# COMPACT_ATOMS: atom_id res chain seq x y z
N GLY A 1 23.88 -21.74 6.16
CA GLY A 1 22.80 -22.56 6.80
C GLY A 1 23.07 -22.80 8.26
N SER A 2 22.04 -23.16 9.00
CA SER A 2 22.16 -23.39 10.43
C SER A 2 21.16 -24.45 10.91
N GLY A 3 20.01 -24.52 10.26
CA GLY A 3 18.98 -25.44 10.67
C GLY A 3 18.08 -24.85 11.75
N ASN A 4 18.71 -24.39 12.82
CA ASN A 4 18.00 -23.75 13.92
C ASN A 4 17.40 -22.41 13.46
N SER A 5 16.13 -22.43 13.11
CA SER A 5 15.42 -21.22 12.72
C SER A 5 14.58 -20.73 13.89
N VAL A 6 14.61 -19.43 14.14
CA VAL A 6 13.88 -18.87 15.27
C VAL A 6 12.96 -17.75 14.81
N THR A 7 13.55 -16.59 14.55
CA THR A 7 12.79 -15.40 14.17
C THR A 7 13.75 -14.30 13.73
N SER A 8 13.21 -13.22 13.19
CA SER A 8 14.02 -12.11 12.72
C SER A 8 13.19 -10.84 12.57
N GLY A 9 13.82 -9.71 12.79
CA GLY A 9 13.13 -8.44 12.66
C GLY A 9 13.32 -7.84 11.28
N GLY A 10 12.65 -6.73 11.02
CA GLY A 10 12.75 -6.08 9.72
C GLY A 10 14.03 -5.28 9.56
N TYR A 11 15.15 -5.97 9.59
CA TYR A 11 16.46 -5.35 9.43
C TYR A 11 17.51 -6.42 9.21
N GLY A 12 18.77 -6.01 9.07
CA GLY A 12 19.85 -6.96 8.92
C GLY A 12 19.95 -7.53 7.52
N TYR A 13 19.01 -8.39 7.16
CA TYR A 13 18.98 -9.01 5.85
C TYR A 13 18.53 -7.99 4.81
N GLY A 14 17.72 -7.05 5.25
CA GLY A 14 17.25 -5.99 4.39
C GLY A 14 16.53 -4.92 5.19
N THR A 15 16.87 -3.67 4.93
CA THR A 15 16.21 -2.55 5.59
C THR A 15 15.61 -1.62 4.55
N SER A 16 16.48 -0.93 3.83
CA SER A 16 16.07 -0.07 2.73
C SER A 16 17.27 0.14 1.79
N ALA A 17 16.99 0.65 0.60
CA ALA A 17 18.01 0.84 -0.44
C ALA A 17 18.55 -0.51 -0.92
N ALA A 18 17.64 -1.39 -1.32
CA ALA A 18 18.01 -2.74 -1.72
C ALA A 18 17.42 -3.09 -3.09
N ALA A 19 17.73 -4.29 -3.57
CA ALA A 19 17.23 -4.75 -4.86
C ALA A 19 15.84 -5.36 -4.71
N GLY A 20 15.68 -6.25 -3.74
CA GLY A 20 14.37 -6.80 -3.48
C GLY A 20 14.35 -8.32 -3.47
N ALA A 21 13.14 -8.89 -3.58
CA ALA A 21 12.93 -10.33 -3.59
C ALA A 21 13.36 -10.97 -2.27
N GLY A 22 12.45 -10.96 -1.31
CA GLY A 22 12.73 -11.52 0.01
C GLY A 22 13.91 -10.86 0.69
N VAL A 23 13.89 -9.54 0.80
CA VAL A 23 14.97 -8.80 1.45
C VAL A 23 14.68 -8.56 2.93
N ALA A 24 13.58 -7.88 3.22
CA ALA A 24 13.23 -7.57 4.58
C ALA A 24 12.03 -8.40 5.02
N ALA A 25 11.53 -8.13 6.21
CA ALA A 25 10.42 -8.88 6.76
C ALA A 25 9.14 -8.60 5.99
N GLY A 26 8.87 -7.33 5.75
CA GLY A 26 7.67 -6.95 5.02
C GLY A 26 7.97 -5.93 3.95
N SER A 27 9.24 -5.67 3.74
CA SER A 27 9.66 -4.71 2.74
C SER A 27 10.49 -5.39 1.67
N TYR A 28 10.10 -5.18 0.42
CA TYR A 28 10.82 -5.72 -0.71
C TYR A 28 10.73 -4.77 -1.89
N ALA A 29 11.88 -4.39 -2.43
CA ALA A 29 11.93 -3.41 -3.52
C ALA A 29 11.75 -4.07 -4.88
N GLY A 30 11.93 -5.39 -4.95
CA GLY A 30 11.82 -6.08 -6.22
C GLY A 30 10.42 -6.00 -6.77
N ALA A 31 9.46 -5.94 -5.86
CA ALA A 31 8.05 -5.78 -6.21
C ALA A 31 7.78 -4.40 -6.81
N VAL A 32 8.72 -3.49 -6.61
CA VAL A 32 8.55 -2.11 -7.05
C VAL A 32 9.20 -1.89 -8.41
N ASN A 33 10.39 -2.46 -8.62
CA ASN A 33 11.08 -2.27 -9.89
C ASN A 33 10.34 -2.96 -11.02
N ARG A 34 9.49 -3.92 -10.66
CA ARG A 34 8.72 -4.66 -11.64
C ARG A 34 7.53 -3.83 -12.14
N LEU A 35 7.33 -2.67 -11.54
CA LEU A 35 6.22 -1.79 -11.90
C LEU A 35 6.48 -1.07 -13.21
N SER A 36 7.76 -0.85 -13.51
CA SER A 36 8.15 -0.19 -14.75
C SER A 36 8.14 -1.20 -15.91
N SER A 37 7.61 -2.36 -15.62
CA SER A 37 7.48 -3.41 -16.60
C SER A 37 6.06 -3.39 -17.16
N ALA A 38 5.90 -3.87 -18.40
CA ALA A 38 4.61 -3.84 -19.08
C ALA A 38 3.58 -4.69 -18.34
N GLU A 39 4.09 -5.58 -17.49
CA GLU A 39 3.25 -6.46 -16.68
C GLU A 39 2.25 -5.64 -15.87
N ALA A 40 2.76 -4.73 -15.06
CA ALA A 40 1.92 -3.84 -14.26
C ALA A 40 1.03 -3.01 -15.16
N ALA A 41 1.64 -2.35 -16.14
CA ALA A 41 0.92 -1.44 -17.04
C ALA A 41 -0.31 -2.09 -17.64
N SER A 42 -0.22 -3.40 -17.91
CA SER A 42 -1.31 -4.14 -18.52
C SER A 42 -2.48 -4.36 -17.56
N ARG A 43 -2.19 -4.33 -16.27
CA ARG A 43 -3.20 -4.61 -15.26
C ARG A 43 -3.74 -3.30 -14.72
N VAL A 44 -2.81 -2.41 -14.44
CA VAL A 44 -3.10 -1.12 -13.83
C VAL A 44 -4.00 -0.28 -14.75
N SER A 45 -3.70 -0.27 -16.04
CA SER A 45 -4.47 0.52 -17.00
C SER A 45 -5.83 -0.11 -17.28
N SER A 46 -6.00 -1.35 -16.84
CA SER A 46 -7.24 -2.07 -17.07
C SER A 46 -8.22 -1.77 -15.93
N ASN A 47 -7.71 -1.25 -14.82
CA ASN A 47 -8.52 -1.04 -13.64
C ASN A 47 -8.65 0.44 -13.32
N ILE A 48 -8.01 1.28 -14.13
CA ILE A 48 -8.12 2.73 -13.97
C ILE A 48 -9.57 3.18 -14.08
N ALA A 49 -10.30 2.59 -15.02
CA ALA A 49 -11.68 2.97 -15.27
C ALA A 49 -12.62 2.36 -14.23
N ALA A 50 -12.09 1.44 -13.45
CA ALA A 50 -12.87 0.78 -12.41
C ALA A 50 -12.86 1.63 -11.14
N ILE A 51 -11.68 1.98 -10.68
CA ILE A 51 -11.53 2.79 -9.48
C ILE A 51 -12.13 4.17 -9.71
N ALA A 52 -12.02 4.67 -10.93
CA ALA A 52 -12.56 5.97 -11.28
C ALA A 52 -14.09 6.01 -11.13
N SER A 53 -14.71 4.85 -11.20
CA SER A 53 -16.16 4.76 -11.13
C SER A 53 -16.62 4.46 -9.70
N GLY A 54 -15.93 3.54 -9.04
CA GLY A 54 -16.34 3.12 -7.71
C GLY A 54 -15.74 3.97 -6.60
N GLY A 55 -14.63 4.62 -6.89
CA GLY A 55 -13.93 5.42 -5.91
C GLY A 55 -13.22 4.56 -4.89
N ALA A 56 -14.01 4.04 -3.97
CA ALA A 56 -13.49 3.16 -2.93
C ALA A 56 -14.16 1.79 -3.02
N SER A 57 -15.32 1.77 -3.67
CA SER A 57 -16.10 0.54 -3.81
C SER A 57 -15.46 -0.40 -4.82
N ALA A 58 -14.48 0.12 -5.55
CA ALA A 58 -13.78 -0.66 -6.55
C ALA A 58 -12.52 -1.30 -5.96
N LEU A 59 -12.10 -0.80 -4.80
CA LEU A 59 -10.88 -1.27 -4.16
C LEU A 59 -10.88 -2.79 -3.95
N PRO A 60 -11.88 -3.34 -3.22
CA PRO A 60 -11.93 -4.78 -2.93
C PRO A 60 -12.00 -5.63 -4.19
N SER A 61 -12.43 -5.03 -5.29
CA SER A 61 -12.54 -5.75 -6.55
C SER A 61 -11.23 -5.67 -7.33
N VAL A 62 -10.65 -4.47 -7.37
CA VAL A 62 -9.48 -4.19 -8.20
C VAL A 62 -8.23 -4.78 -7.57
N ILE A 63 -8.14 -4.67 -6.26
CA ILE A 63 -7.03 -5.25 -5.52
C ILE A 63 -7.00 -6.76 -5.72
N SER A 64 -8.18 -7.36 -5.80
CA SER A 64 -8.29 -8.80 -6.00
C SER A 64 -7.83 -9.16 -7.42
N ASN A 65 -8.19 -8.32 -8.38
CA ASN A 65 -7.79 -8.53 -9.77
C ASN A 65 -6.28 -8.52 -9.90
N ILE A 66 -5.65 -7.52 -9.30
CA ILE A 66 -4.21 -7.33 -9.41
C ILE A 66 -3.44 -8.35 -8.57
N TYR A 67 -3.87 -8.55 -7.33
CA TYR A 67 -3.19 -9.47 -6.41
C TYR A 67 -3.04 -10.86 -7.02
N SER A 68 -4.13 -11.40 -7.51
CA SER A 68 -4.13 -12.73 -8.13
C SER A 68 -3.20 -12.74 -9.34
N GLY A 69 -3.08 -11.60 -10.01
CA GLY A 69 -2.24 -11.50 -11.17
C GLY A 69 -0.78 -11.60 -10.81
N VAL A 70 -0.41 -10.98 -9.70
CA VAL A 70 0.96 -11.00 -9.22
C VAL A 70 1.33 -12.38 -8.67
N VAL A 71 0.45 -12.95 -7.86
CA VAL A 71 0.69 -14.25 -7.24
C VAL A 71 0.82 -15.34 -8.31
N ALA A 72 0.12 -15.15 -9.43
CA ALA A 72 0.16 -16.09 -10.54
C ALA A 72 1.57 -16.22 -11.13
N SER A 73 2.42 -15.24 -10.87
CA SER A 73 3.78 -15.25 -11.35
C SER A 73 4.64 -16.22 -10.53
N GLY A 74 4.20 -16.52 -9.32
CA GLY A 74 4.98 -17.36 -8.43
C GLY A 74 5.87 -16.53 -7.53
N VAL A 75 5.31 -15.46 -7.00
CA VAL A 75 6.01 -14.58 -6.09
C VAL A 75 5.63 -14.89 -4.64
N SER A 76 6.48 -14.51 -3.69
CA SER A 76 6.18 -14.69 -2.28
C SER A 76 4.89 -13.96 -1.92
N SER A 77 4.08 -14.59 -1.06
CA SER A 77 2.77 -14.07 -0.68
C SER A 77 2.86 -12.63 -0.16
N ASN A 78 3.83 -12.37 0.69
CA ASN A 78 3.96 -11.07 1.33
C ASN A 78 4.53 -10.04 0.37
N GLU A 79 5.40 -10.48 -0.54
CA GLU A 79 5.97 -9.58 -1.54
C GLU A 79 4.93 -9.29 -2.62
N ALA A 80 4.05 -10.26 -2.85
CA ALA A 80 2.94 -10.09 -3.78
C ALA A 80 2.02 -8.97 -3.31
N LEU A 81 1.80 -8.91 -2.00
CA LEU A 81 0.99 -7.86 -1.39
C LEU A 81 1.53 -6.51 -1.81
N ILE A 82 2.83 -6.34 -1.66
CA ILE A 82 3.48 -5.08 -1.97
C ILE A 82 3.33 -4.73 -3.44
N GLN A 83 3.75 -5.63 -4.32
CA GLN A 83 3.66 -5.38 -5.76
C GLN A 83 2.24 -5.04 -6.17
N ALA A 84 1.31 -5.89 -5.75
CA ALA A 84 -0.10 -5.72 -6.09
C ALA A 84 -0.63 -4.39 -5.57
N LEU A 85 -0.22 -4.01 -4.36
CA LEU A 85 -0.60 -2.71 -3.82
C LEU A 85 0.02 -1.59 -4.65
N LEU A 86 1.29 -1.74 -5.01
CA LEU A 86 1.99 -0.71 -5.77
C LEU A 86 1.39 -0.54 -7.16
N GLU A 87 1.02 -1.64 -7.80
CA GLU A 87 0.30 -1.59 -9.06
C GLU A 87 -1.05 -0.89 -8.86
N LEU A 88 -1.68 -1.19 -7.74
CA LEU A 88 -2.95 -0.56 -7.37
C LEU A 88 -2.78 0.95 -7.19
N LEU A 89 -1.68 1.33 -6.53
CA LEU A 89 -1.41 2.73 -6.23
C LEU A 89 -1.21 3.54 -7.51
N SER A 90 -0.99 2.85 -8.61
CA SER A 90 -0.65 3.51 -9.85
C SER A 90 -1.89 3.78 -10.69
N ALA A 91 -2.89 2.91 -10.54
CA ALA A 91 -4.11 3.02 -11.32
C ALA A 91 -4.91 4.25 -10.91
N LEU A 92 -4.99 4.46 -9.60
CA LEU A 92 -5.86 5.48 -9.04
C LEU A 92 -5.22 6.88 -9.06
N VAL A 93 -3.90 6.96 -9.24
CA VAL A 93 -3.25 8.26 -9.30
C VAL A 93 -3.19 8.74 -10.73
N HIS A 94 -3.24 7.81 -11.68
CA HIS A 94 -3.21 8.14 -13.09
C HIS A 94 -4.54 8.76 -13.50
N VAL A 95 -5.62 8.28 -12.91
CA VAL A 95 -6.95 8.74 -13.29
C VAL A 95 -7.15 10.20 -12.92
N LEU A 96 -6.43 10.67 -11.91
CA LEU A 96 -6.54 12.06 -11.46
C LEU A 96 -6.03 13.03 -12.52
N SER A 97 -5.18 12.54 -13.41
CA SER A 97 -4.63 13.37 -14.47
C SER A 97 -5.74 13.84 -15.41
N SER A 98 -6.77 13.01 -15.53
CA SER A 98 -7.89 13.30 -16.39
C SER A 98 -9.11 13.71 -15.56
N ALA A 99 -9.13 13.24 -14.33
CA ALA A 99 -10.21 13.52 -13.41
C ALA A 99 -10.16 14.95 -12.92
N SER A 100 -10.99 15.78 -13.53
CA SER A 100 -11.11 17.15 -13.15
C SER A 100 -11.84 17.26 -11.82
N ILE A 101 -11.09 17.22 -10.72
CA ILE A 101 -11.66 17.26 -9.39
C ILE A 101 -12.26 18.64 -9.08
N GLY A 102 -13.38 18.64 -8.38
CA GLY A 102 -14.01 19.88 -7.99
C GLY A 102 -13.55 20.34 -6.63
N ASN A 103 -14.41 20.18 -5.62
CA ASN A 103 -14.07 20.57 -4.27
C ASN A 103 -14.35 19.44 -3.30
N VAL A 104 -13.28 18.97 -2.65
CA VAL A 104 -13.41 17.89 -1.67
C VAL A 104 -13.47 18.46 -0.26
N SER A 105 -14.35 17.90 0.55
CA SER A 105 -14.53 18.33 1.92
C SER A 105 -13.67 17.48 2.85
N SER A 106 -13.27 18.06 3.98
CA SER A 106 -12.43 17.36 4.95
C SER A 106 -13.30 16.55 5.92
N VAL A 107 -14.46 16.11 5.45
CA VAL A 107 -15.41 15.39 6.28
C VAL A 107 -15.82 14.10 5.61
N GLY A 108 -15.89 13.04 6.41
CA GLY A 108 -16.30 11.74 5.89
C GLY A 108 -15.11 10.85 5.62
N VAL A 109 -13.91 11.42 5.71
CA VAL A 109 -12.68 10.65 5.56
C VAL A 109 -12.65 9.52 6.58
N ASP A 110 -13.16 9.82 7.77
CA ASP A 110 -13.28 8.85 8.84
C ASP A 110 -13.99 7.58 8.35
N SER A 111 -15.08 7.79 7.61
CA SER A 111 -15.90 6.70 7.10
C SER A 111 -15.21 5.99 5.94
N THR A 112 -14.52 6.76 5.09
CA THR A 112 -13.80 6.18 3.97
C THR A 112 -12.73 5.23 4.46
N LEU A 113 -12.09 5.60 5.56
CA LEU A 113 -11.08 4.76 6.20
C LEU A 113 -11.64 3.40 6.59
N ASN A 114 -12.92 3.37 6.96
CA ASN A 114 -13.56 2.12 7.35
C ASN A 114 -13.69 1.18 6.15
N VAL A 115 -13.69 1.76 4.95
CA VAL A 115 -13.87 0.99 3.73
C VAL A 115 -12.53 0.43 3.24
N VAL A 116 -11.48 1.23 3.36
CA VAL A 116 -10.16 0.81 2.90
C VAL A 116 -9.69 -0.42 3.69
N GLN A 117 -10.16 -0.51 4.93
CA GLN A 117 -9.81 -1.61 5.83
C GLN A 117 -10.38 -2.94 5.31
N ASP A 118 -11.44 -2.84 4.54
CA ASP A 118 -12.15 -4.01 4.04
C ASP A 118 -11.40 -4.62 2.86
N SER A 119 -10.84 -3.74 2.03
CA SER A 119 -10.26 -4.14 0.77
C SER A 119 -8.89 -4.80 0.96
N VAL A 120 -8.05 -4.22 1.80
CA VAL A 120 -6.67 -4.69 1.93
C VAL A 120 -6.44 -5.35 3.28
N GLY A 121 -7.31 -5.09 4.24
CA GLY A 121 -7.17 -5.64 5.58
C GLY A 121 -7.17 -7.15 5.58
N GLN A 122 -7.83 -7.73 4.59
CA GLN A 122 -7.93 -9.18 4.48
C GLN A 122 -6.70 -9.78 3.79
N TYR A 123 -5.79 -8.93 3.33
CA TYR A 123 -4.57 -9.39 2.70
C TYR A 123 -3.39 -9.19 3.63
N VAL A 124 -3.45 -8.13 4.43
CA VAL A 124 -2.43 -7.86 5.42
C VAL A 124 -2.74 -8.56 6.74
N GLY A 125 -3.91 -9.18 6.79
CA GLY A 125 -4.30 -9.93 7.97
C GLY A 125 -4.57 -11.38 7.65
N GLY B 1 14.53 -14.90 22.77
CA GLY B 1 14.73 -15.43 24.12
C GLY B 1 15.31 -16.82 24.08
N SER B 2 15.83 -17.20 22.92
CA SER B 2 16.42 -18.51 22.73
C SER B 2 17.95 -18.43 22.70
N GLY B 3 18.47 -17.24 22.97
CA GLY B 3 19.91 -17.04 22.90
C GLY B 3 20.33 -16.59 21.52
N ASN B 4 20.09 -17.43 20.53
CA ASN B 4 20.36 -17.09 19.15
C ASN B 4 19.06 -16.90 18.38
N SER B 5 19.13 -16.22 17.26
CA SER B 5 17.96 -15.97 16.44
C SER B 5 18.31 -15.94 14.95
N VAL B 6 18.00 -17.02 14.26
CA VAL B 6 18.17 -17.08 12.82
C VAL B 6 16.84 -16.83 12.15
N THR B 7 16.87 -16.21 10.98
CA THR B 7 15.66 -15.78 10.29
C THR B 7 14.72 -16.95 9.99
N SER B 8 13.43 -16.61 9.87
CA SER B 8 12.39 -17.59 9.58
C SER B 8 11.27 -16.92 8.79
N GLY B 9 10.39 -17.72 8.21
CA GLY B 9 9.28 -17.19 7.45
C GLY B 9 8.21 -16.56 8.33
N GLY B 10 7.50 -15.59 7.79
CA GLY B 10 6.49 -14.87 8.56
C GLY B 10 5.20 -15.63 8.74
N TYR B 11 5.28 -16.76 9.43
CA TYR B 11 4.12 -17.57 9.73
C TYR B 11 4.17 -18.02 11.20
N GLY B 12 3.24 -18.88 11.58
CA GLY B 12 3.24 -19.40 12.94
C GLY B 12 2.55 -18.47 13.92
N TYR B 13 3.06 -17.26 14.05
CA TYR B 13 2.51 -16.27 14.99
C TYR B 13 1.07 -15.94 14.62
N GLY B 14 0.90 -15.24 13.51
CA GLY B 14 -0.41 -14.91 13.00
C GLY B 14 -0.44 -14.94 11.49
N THR B 15 -0.62 -16.13 10.95
CA THR B 15 -0.55 -16.32 9.50
C THR B 15 -1.68 -15.59 8.79
N SER B 16 -2.89 -15.69 9.34
CA SER B 16 -4.06 -15.06 8.73
C SER B 16 -5.17 -14.91 9.77
N ALA B 17 -6.13 -14.03 9.46
CA ALA B 17 -7.32 -13.82 10.30
C ALA B 17 -6.95 -13.28 11.68
N ALA B 18 -5.73 -12.79 11.81
CA ALA B 18 -5.24 -12.30 13.08
C ALA B 18 -5.62 -10.85 13.32
N ALA B 19 -5.78 -10.48 14.58
CA ALA B 19 -6.18 -9.13 14.96
C ALA B 19 -5.18 -8.09 14.48
N GLY B 20 -3.89 -8.38 14.67
CA GLY B 20 -2.86 -7.48 14.18
C GLY B 20 -1.80 -7.20 15.23
N ALA B 21 -1.02 -6.14 14.98
CA ALA B 21 0.07 -5.74 15.86
C ALA B 21 1.17 -6.79 15.91
N GLY B 22 2.09 -6.70 14.96
CA GLY B 22 3.22 -7.63 14.89
C GLY B 22 2.77 -9.08 14.78
N VAL B 23 1.84 -9.36 13.89
CA VAL B 23 1.32 -10.72 13.71
C VAL B 23 2.17 -11.50 12.71
N ALA B 24 2.52 -10.88 11.61
CA ALA B 24 3.33 -11.51 10.59
C ALA B 24 4.57 -10.67 10.31
N ALA B 25 5.44 -11.18 9.47
CA ALA B 25 6.68 -10.49 9.14
C ALA B 25 6.41 -9.16 8.45
N GLY B 26 5.51 -9.18 7.48
CA GLY B 26 5.19 -7.98 6.74
C GLY B 26 3.70 -7.84 6.52
N SER B 27 2.93 -8.30 7.47
CA SER B 27 1.49 -8.21 7.41
C SER B 27 0.92 -8.01 8.80
N TYR B 28 0.11 -6.97 8.95
CA TYR B 28 -0.46 -6.65 10.23
C TYR B 28 -1.82 -5.99 10.05
N ALA B 29 -2.84 -6.63 10.58
CA ALA B 29 -4.20 -6.11 10.48
C ALA B 29 -4.43 -4.99 11.51
N GLY B 30 -3.53 -4.92 12.49
CA GLY B 30 -3.63 -3.90 13.52
C GLY B 30 -3.39 -2.51 12.97
N ALA B 31 -2.63 -2.45 11.89
CA ALA B 31 -2.35 -1.19 11.22
C ALA B 31 -3.53 -0.77 10.35
N VAL B 32 -4.54 -1.62 10.29
CA VAL B 32 -5.70 -1.37 9.45
C VAL B 32 -6.92 -1.00 10.29
N ASN B 33 -7.20 -1.78 11.34
CA ASN B 33 -8.39 -1.52 12.15
C ASN B 33 -8.17 -0.32 13.08
N ARG B 34 -7.02 0.32 12.93
CA ARG B 34 -6.71 1.53 13.66
C ARG B 34 -7.09 2.75 12.83
N LEU B 35 -7.38 2.52 11.56
CA LEU B 35 -7.69 3.59 10.63
C LEU B 35 -9.05 4.20 10.93
N SER B 36 -9.89 3.44 11.60
CA SER B 36 -11.22 3.88 11.99
C SER B 36 -11.16 4.84 13.18
N SER B 37 -9.95 5.10 13.65
CA SER B 37 -9.73 6.01 14.75
C SER B 37 -9.60 7.44 14.24
N ALA B 38 -9.86 8.40 15.11
CA ALA B 38 -9.77 9.82 14.75
C ALA B 38 -8.37 10.19 14.27
N GLU B 39 -7.40 9.38 14.66
CA GLU B 39 -5.99 9.58 14.28
C GLU B 39 -5.86 9.76 12.77
N ALA B 40 -6.23 8.71 12.04
CA ALA B 40 -6.13 8.71 10.58
C ALA B 40 -6.97 9.82 9.97
N ALA B 41 -8.23 9.90 10.39
CA ALA B 41 -9.16 10.88 9.83
C ALA B 41 -8.63 12.30 9.94
N SER B 42 -7.81 12.54 10.96
CA SER B 42 -7.23 13.85 11.20
C SER B 42 -6.01 14.12 10.31
N ARG B 43 -5.40 13.06 9.80
CA ARG B 43 -4.21 13.20 8.95
C ARG B 43 -4.61 13.12 7.50
N VAL B 44 -5.37 12.08 7.21
CA VAL B 44 -5.81 11.77 5.87
C VAL B 44 -6.62 12.91 5.25
N SER B 45 -7.37 13.63 6.09
CA SER B 45 -8.19 14.75 5.61
C SER B 45 -7.32 15.96 5.25
N SER B 46 -6.06 15.91 5.65
CA SER B 46 -5.12 16.96 5.33
C SER B 46 -4.40 16.60 4.02
N ASN B 47 -4.54 15.34 3.65
CA ASN B 47 -3.82 14.81 2.50
C ASN B 47 -4.72 14.81 1.27
N ILE B 48 -6.01 14.79 1.51
CA ILE B 48 -7.00 14.73 0.45
C ILE B 48 -6.84 15.89 -0.54
N ALA B 49 -6.60 17.09 -0.03
CA ALA B 49 -6.50 18.28 -0.88
C ALA B 49 -5.16 18.31 -1.58
N ALA B 50 -4.19 17.57 -1.04
CA ALA B 50 -2.84 17.57 -1.57
C ALA B 50 -2.73 16.62 -2.75
N ILE B 51 -3.18 15.38 -2.56
CA ILE B 51 -3.13 14.39 -3.61
C ILE B 51 -4.05 14.78 -4.76
N ALA B 52 -5.17 15.39 -4.42
CA ALA B 52 -6.14 15.83 -5.41
C ALA B 52 -5.55 16.86 -6.36
N SER B 53 -4.58 17.61 -5.86
CA SER B 53 -3.99 18.70 -6.62
C SER B 53 -2.73 18.26 -7.37
N GLY B 54 -2.28 17.03 -7.13
CA GLY B 54 -1.03 16.58 -7.73
C GLY B 54 -1.17 15.25 -8.46
N GLY B 55 -2.09 14.42 -8.01
CA GLY B 55 -2.30 13.12 -8.60
C GLY B 55 -1.28 12.12 -8.10
N ALA B 56 -0.07 12.23 -8.62
CA ALA B 56 1.02 11.35 -8.23
C ALA B 56 2.19 12.15 -7.69
N SER B 57 2.19 13.45 -7.99
CA SER B 57 3.29 14.32 -7.59
C SER B 57 3.23 14.64 -6.11
N ALA B 58 2.11 14.29 -5.47
CA ALA B 58 1.92 14.56 -4.05
C ALA B 58 2.31 13.34 -3.21
N LEU B 59 2.41 12.19 -3.86
CA LEU B 59 2.67 10.93 -3.17
C LEU B 59 3.94 11.02 -2.30
N PRO B 60 5.11 11.33 -2.88
CA PRO B 60 6.38 11.35 -2.14
C PRO B 60 6.38 12.36 -0.98
N SER B 61 5.46 13.31 -1.03
CA SER B 61 5.39 14.35 0.00
C SER B 61 4.36 14.00 1.06
N VAL B 62 3.28 13.35 0.65
CA VAL B 62 2.19 13.04 1.56
C VAL B 62 2.50 11.77 2.34
N ILE B 63 3.05 10.78 1.65
CA ILE B 63 3.44 9.52 2.27
C ILE B 63 4.41 9.78 3.43
N SER B 64 5.35 10.70 3.21
CA SER B 64 6.35 11.01 4.21
C SER B 64 5.71 11.69 5.42
N ASN B 65 4.76 12.59 5.15
CA ASN B 65 4.04 13.29 6.22
C ASN B 65 3.32 12.30 7.13
N ILE B 66 2.59 11.38 6.52
CA ILE B 66 1.84 10.38 7.27
C ILE B 66 2.79 9.40 7.96
N TYR B 67 3.80 8.95 7.23
CA TYR B 67 4.74 7.95 7.74
C TYR B 67 5.38 8.43 9.03
N SER B 68 5.91 9.64 9.02
CA SER B 68 6.57 10.19 10.19
C SER B 68 5.57 10.34 11.34
N GLY B 69 4.31 10.56 10.98
CA GLY B 69 3.26 10.70 11.97
C GLY B 69 2.96 9.39 12.66
N VAL B 70 3.01 8.31 11.90
CA VAL B 70 2.74 6.98 12.42
C VAL B 70 3.92 6.44 13.23
N VAL B 71 5.13 6.63 12.71
CA VAL B 71 6.34 6.15 13.37
C VAL B 71 6.52 6.78 14.74
N ALA B 72 6.15 8.05 14.86
CA ALA B 72 6.25 8.78 16.12
C ALA B 72 5.24 8.28 17.14
N SER B 73 4.40 7.34 16.73
CA SER B 73 3.37 6.79 17.60
C SER B 73 3.89 5.55 18.34
N GLY B 74 5.13 5.17 18.07
CA GLY B 74 5.72 4.03 18.76
C GLY B 74 5.38 2.72 18.07
N VAL B 75 5.12 2.79 16.78
CA VAL B 75 4.76 1.62 16.00
C VAL B 75 6.02 0.96 15.45
N SER B 76 5.92 -0.31 15.07
CA SER B 76 7.04 -1.01 14.47
C SER B 76 7.35 -0.39 13.10
N SER B 77 8.63 -0.27 12.77
CA SER B 77 9.06 0.40 11.56
C SER B 77 8.41 -0.19 10.30
N ASN B 78 8.40 -1.52 10.21
CA ASN B 78 7.86 -2.18 9.03
C ASN B 78 6.33 -2.17 9.06
N GLU B 79 5.78 -2.11 10.27
CA GLU B 79 4.33 -2.06 10.46
C GLU B 79 3.81 -0.67 10.12
N ALA B 80 4.63 0.34 10.39
CA ALA B 80 4.29 1.72 10.07
C ALA B 80 4.05 1.91 8.59
N LEU B 81 4.82 1.20 7.77
CA LEU B 81 4.68 1.27 6.32
C LEU B 81 3.25 0.95 5.92
N ILE B 82 2.70 -0.08 6.54
CA ILE B 82 1.36 -0.53 6.23
C ILE B 82 0.33 0.52 6.64
N GLN B 83 0.35 0.91 7.92
CA GLN B 83 -0.60 1.90 8.42
C GLN B 83 -0.49 3.22 7.65
N ALA B 84 0.74 3.69 7.45
CA ALA B 84 0.98 4.94 6.76
C ALA B 84 0.46 4.88 5.33
N LEU B 85 0.61 3.72 4.70
CA LEU B 85 0.11 3.54 3.35
C LEU B 85 -1.40 3.44 3.32
N LEU B 86 -1.96 2.75 4.30
CA LEU B 86 -3.42 2.58 4.36
C LEU B 86 -4.10 3.92 4.60
N GLU B 87 -3.49 4.75 5.44
CA GLU B 87 -3.96 6.11 5.62
C GLU B 87 -3.81 6.92 4.32
N LEU B 88 -2.75 6.62 3.58
CA LEU B 88 -2.51 7.26 2.29
C LEU B 88 -3.58 6.84 1.29
N LEU B 89 -3.87 5.54 1.29
CA LEU B 89 -4.85 4.96 0.38
C LEU B 89 -6.26 5.42 0.66
N SER B 90 -6.45 6.10 1.79
CA SER B 90 -7.76 6.56 2.19
C SER B 90 -8.00 7.97 1.69
N ALA B 91 -6.94 8.74 1.59
CA ALA B 91 -7.03 10.14 1.20
C ALA B 91 -7.42 10.27 -0.27
N LEU B 92 -6.79 9.44 -1.10
CA LEU B 92 -6.92 9.56 -2.54
C LEU B 92 -8.20 8.92 -3.08
N VAL B 93 -8.82 8.03 -2.32
CA VAL B 93 -10.09 7.45 -2.76
C VAL B 93 -11.26 8.27 -2.24
N HIS B 94 -11.00 9.05 -1.20
CA HIS B 94 -12.01 9.93 -0.65
C HIS B 94 -12.28 11.08 -1.62
N VAL B 95 -11.23 11.54 -2.30
CA VAL B 95 -11.35 12.70 -3.18
C VAL B 95 -12.24 12.41 -4.38
N LEU B 96 -12.31 11.14 -4.78
CA LEU B 96 -13.11 10.75 -5.94
C LEU B 96 -14.60 10.97 -5.68
N SER B 97 -14.98 11.05 -4.41
CA SER B 97 -16.36 11.27 -4.03
C SER B 97 -16.84 12.63 -4.54
N SER B 98 -15.92 13.57 -4.65
CA SER B 98 -16.24 14.91 -5.11
C SER B 98 -15.43 15.25 -6.36
N ALA B 99 -14.82 14.24 -6.95
CA ALA B 99 -14.03 14.43 -8.16
C ALA B 99 -14.76 13.87 -9.36
N SER B 100 -15.41 14.75 -10.10
CA SER B 100 -16.13 14.34 -11.30
C SER B 100 -15.14 14.04 -12.42
N ILE B 101 -14.77 12.77 -12.53
CA ILE B 101 -13.85 12.34 -13.56
C ILE B 101 -14.52 12.35 -14.94
N GLY B 102 -13.74 12.59 -15.98
CA GLY B 102 -14.27 12.61 -17.32
C GLY B 102 -13.89 11.39 -18.12
N ASN B 103 -12.74 11.48 -18.78
CA ASN B 103 -12.25 10.37 -19.60
C ASN B 103 -10.77 10.14 -19.34
N VAL B 104 -10.43 8.97 -18.81
CA VAL B 104 -9.05 8.61 -18.57
C VAL B 104 -8.50 7.77 -19.71
N SER B 105 -7.19 7.70 -19.82
CA SER B 105 -6.56 6.96 -20.89
C SER B 105 -5.74 5.80 -20.34
N SER B 106 -5.70 4.70 -21.08
CA SER B 106 -4.95 3.53 -20.66
C SER B 106 -3.49 3.62 -21.12
N VAL B 107 -3.13 4.77 -21.65
CA VAL B 107 -1.79 5.00 -22.15
C VAL B 107 -1.09 6.04 -21.29
N GLY B 108 0.10 5.69 -20.84
CA GLY B 108 0.86 6.57 -19.96
C GLY B 108 0.94 6.02 -18.56
N VAL B 109 0.08 5.05 -18.28
CA VAL B 109 0.09 4.36 -16.99
C VAL B 109 1.44 3.69 -16.78
N ASP B 110 2.01 3.21 -17.89
CA ASP B 110 3.32 2.58 -17.89
C ASP B 110 4.35 3.51 -17.26
N SER B 111 4.26 4.78 -17.64
CA SER B 111 5.17 5.82 -17.17
C SER B 111 4.84 6.21 -15.72
N THR B 112 3.55 6.28 -15.40
CA THR B 112 3.12 6.64 -14.04
C THR B 112 3.68 5.67 -13.02
N LEU B 113 3.75 4.41 -13.42
CA LEU B 113 4.28 3.35 -12.57
C LEU B 113 5.74 3.59 -12.21
N ASN B 114 6.44 4.35 -13.03
CA ASN B 114 7.85 4.65 -12.76
C ASN B 114 7.97 5.62 -11.59
N VAL B 115 6.95 6.46 -11.41
CA VAL B 115 6.98 7.49 -10.41
C VAL B 115 6.57 6.94 -9.04
N VAL B 116 5.59 6.03 -9.03
CA VAL B 116 5.11 5.44 -7.79
C VAL B 116 6.24 4.71 -7.06
N GLN B 117 7.21 4.22 -7.84
CA GLN B 117 8.35 3.50 -7.32
C GLN B 117 9.24 4.41 -6.49
N ASP B 118 9.17 5.70 -6.76
CA ASP B 118 10.04 6.66 -6.11
C ASP B 118 9.49 7.03 -4.74
N SER B 119 8.17 7.09 -4.67
CA SER B 119 7.50 7.58 -3.48
C SER B 119 7.55 6.57 -2.33
N VAL B 120 7.26 5.32 -2.65
CA VAL B 120 7.18 4.30 -1.61
C VAL B 120 8.35 3.32 -1.70
N GLY B 121 9.04 3.33 -2.84
CA GLY B 121 10.14 2.42 -3.06
C GLY B 121 11.31 2.64 -2.12
N GLN B 122 11.29 3.75 -1.39
CA GLN B 122 12.33 4.05 -0.42
C GLN B 122 11.90 3.64 0.99
N TYR B 123 10.71 3.08 1.11
CA TYR B 123 10.20 2.62 2.39
C TYR B 123 10.07 1.11 2.37
N VAL B 124 9.83 0.56 1.19
CA VAL B 124 9.73 -0.87 1.01
C VAL B 124 11.08 -1.47 0.64
N GLY B 125 12.07 -0.62 0.47
CA GLY B 125 13.39 -1.10 0.11
C GLY B 125 14.27 0.00 -0.41
N GLY A 1 21.70 -20.75 14.92
CA GLY A 1 20.60 -21.70 14.64
C GLY A 1 19.53 -21.08 13.76
N SER A 2 19.00 -21.88 12.85
CA SER A 2 17.94 -21.42 11.96
C SER A 2 16.58 -21.74 12.57
N GLY A 3 15.62 -20.85 12.34
CA GLY A 3 14.28 -21.08 12.85
C GLY A 3 13.57 -19.78 13.18
N ASN A 4 12.77 -19.80 14.23
CA ASN A 4 12.03 -18.62 14.65
C ASN A 4 12.09 -18.45 16.16
N SER A 5 12.69 -17.34 16.58
CA SER A 5 12.80 -17.02 17.99
C SER A 5 12.84 -15.51 18.18
N VAL A 6 13.91 -14.89 17.69
CA VAL A 6 14.07 -13.45 17.79
C VAL A 6 13.88 -12.80 16.41
N THR A 7 12.96 -11.86 16.33
CA THR A 7 12.71 -11.14 15.09
C THR A 7 12.21 -9.71 15.37
N SER A 8 13.15 -8.79 15.53
CA SER A 8 12.83 -7.39 15.81
C SER A 8 13.98 -6.50 15.39
N GLY A 9 13.67 -5.28 14.97
CA GLY A 9 14.68 -4.36 14.54
C GLY A 9 14.66 -4.17 13.04
N GLY A 10 15.20 -3.04 12.58
CA GLY A 10 15.22 -2.75 11.16
C GLY A 10 16.42 -3.35 10.46
N TYR A 11 16.60 -4.66 10.62
CA TYR A 11 17.69 -5.36 9.99
C TYR A 11 17.30 -6.81 9.73
N GLY A 12 17.79 -7.36 8.63
CA GLY A 12 17.48 -8.73 8.29
C GLY A 12 17.47 -8.94 6.79
N TYR A 13 18.65 -9.26 6.24
CA TYR A 13 18.85 -9.46 4.81
C TYR A 13 18.71 -8.14 4.05
N GLY A 14 17.50 -7.59 4.04
CA GLY A 14 17.28 -6.30 3.42
C GLY A 14 17.50 -5.16 4.41
N THR A 15 18.76 -4.91 4.72
CA THR A 15 19.11 -3.88 5.68
C THR A 15 19.15 -2.50 5.01
N SER A 16 19.50 -2.49 3.74
CA SER A 16 19.63 -1.26 3.00
C SER A 16 18.92 -1.39 1.65
N ALA A 17 18.62 -0.24 1.04
CA ALA A 17 17.93 -0.22 -0.23
C ALA A 17 18.89 -0.53 -1.39
N ALA A 18 19.65 -1.60 -1.22
CA ALA A 18 20.61 -2.03 -2.23
C ALA A 18 20.27 -3.43 -2.73
N ALA A 19 19.20 -3.99 -2.19
CA ALA A 19 18.75 -5.32 -2.55
C ALA A 19 17.24 -5.39 -2.54
N GLY A 20 16.66 -6.17 -3.44
CA GLY A 20 15.22 -6.25 -3.53
C GLY A 20 14.74 -7.43 -4.35
N ALA A 21 14.55 -8.56 -3.69
CA ALA A 21 13.94 -9.74 -4.30
C ALA A 21 13.77 -10.81 -3.25
N GLY A 22 12.60 -10.85 -2.62
CA GLY A 22 12.40 -11.73 -1.49
C GLY A 22 13.38 -11.46 -0.37
N VAL A 23 13.67 -10.18 -0.14
CA VAL A 23 14.68 -9.78 0.83
C VAL A 23 14.22 -10.00 2.27
N ALA A 24 13.15 -9.34 2.66
CA ALA A 24 12.67 -9.43 4.03
C ALA A 24 11.40 -10.28 4.11
N ALA A 25 10.83 -10.38 5.31
CA ALA A 25 9.59 -11.11 5.49
C ALA A 25 8.40 -10.15 5.44
N GLY A 26 8.57 -9.06 4.68
CA GLY A 26 7.53 -8.07 4.59
C GLY A 26 7.91 -6.92 3.67
N SER A 27 9.20 -6.59 3.64
CA SER A 27 9.70 -5.52 2.80
C SER A 27 10.47 -6.05 1.61
N TYR A 28 10.20 -5.48 0.45
CA TYR A 28 10.91 -5.86 -0.78
C TYR A 28 10.91 -4.71 -1.77
N ALA A 29 12.05 -4.43 -2.37
CA ALA A 29 12.15 -3.40 -3.38
C ALA A 29 11.96 -3.98 -4.78
N GLY A 30 12.17 -5.29 -4.91
CA GLY A 30 12.05 -5.94 -6.21
C GLY A 30 10.65 -5.88 -6.77
N ALA A 31 9.69 -5.86 -5.87
CA ALA A 31 8.29 -5.76 -6.24
C ALA A 31 7.99 -4.39 -6.84
N VAL A 32 8.91 -3.46 -6.62
CA VAL A 32 8.72 -2.08 -7.04
C VAL A 32 9.38 -1.83 -8.40
N ASN A 33 10.59 -2.37 -8.59
CA ASN A 33 11.33 -2.11 -9.83
C ASN A 33 10.64 -2.76 -11.02
N ARG A 34 9.91 -3.84 -10.76
CA ARG A 34 9.24 -4.60 -11.81
C ARG A 34 8.04 -3.84 -12.35
N LEU A 35 7.64 -2.78 -11.66
CA LEU A 35 6.45 -2.01 -12.02
C LEU A 35 6.63 -1.30 -13.36
N SER A 36 7.88 -1.01 -13.71
CA SER A 36 8.18 -0.27 -14.93
C SER A 36 8.02 -1.16 -16.17
N SER A 37 7.69 -2.42 -15.95
CA SER A 37 7.46 -3.37 -17.02
C SER A 37 6.03 -3.26 -17.54
N ALA A 38 5.81 -3.72 -18.76
CA ALA A 38 4.49 -3.70 -19.37
C ALA A 38 3.51 -4.56 -18.58
N GLU A 39 4.05 -5.43 -17.74
CA GLU A 39 3.26 -6.30 -16.88
C GLU A 39 2.27 -5.49 -16.05
N ALA A 40 2.80 -4.61 -15.23
CA ALA A 40 1.98 -3.75 -14.38
C ALA A 40 1.09 -2.87 -15.24
N ALA A 41 1.71 -2.14 -16.17
CA ALA A 41 1.00 -1.18 -16.99
C ALA A 41 -0.24 -1.79 -17.65
N SER A 42 -0.14 -3.06 -18.03
CA SER A 42 -1.25 -3.75 -18.70
C SER A 42 -2.39 -4.05 -17.73
N ARG A 43 -2.07 -4.17 -16.45
CA ARG A 43 -3.05 -4.50 -15.43
C ARG A 43 -3.62 -3.22 -14.86
N VAL A 44 -2.71 -2.32 -14.54
CA VAL A 44 -3.03 -1.04 -13.95
C VAL A 44 -3.95 -0.23 -14.86
N SER A 45 -3.74 -0.35 -16.17
CA SER A 45 -4.53 0.40 -17.15
C SER A 45 -5.96 -0.16 -17.27
N SER A 46 -6.20 -1.30 -16.64
CA SER A 46 -7.53 -1.88 -16.60
C SER A 46 -8.21 -1.49 -15.31
N ASN A 47 -7.42 -1.05 -14.35
CA ASN A 47 -7.90 -0.71 -13.02
C ASN A 47 -8.37 0.73 -13.01
N ILE A 48 -7.76 1.53 -13.88
CA ILE A 48 -8.09 2.94 -14.00
C ILE A 48 -9.57 3.14 -14.35
N ALA A 49 -10.13 2.21 -15.13
CA ALA A 49 -11.51 2.30 -15.56
C ALA A 49 -12.43 1.60 -14.56
N ALA A 50 -11.88 1.17 -13.44
CA ALA A 50 -12.65 0.53 -12.39
C ALA A 50 -12.74 1.46 -11.19
N ILE A 51 -11.58 1.91 -10.72
CA ILE A 51 -11.50 2.77 -9.54
C ILE A 51 -12.18 4.10 -9.78
N ALA A 52 -12.08 4.60 -11.01
CA ALA A 52 -12.66 5.90 -11.35
C ALA A 52 -14.18 5.89 -11.29
N SER A 53 -14.76 4.70 -11.18
CA SER A 53 -16.20 4.56 -11.16
C SER A 53 -16.73 4.29 -9.75
N GLY A 54 -15.83 4.08 -8.81
CA GLY A 54 -16.24 3.72 -7.46
C GLY A 54 -15.52 4.50 -6.39
N GLY A 55 -14.24 4.78 -6.62
CA GLY A 55 -13.43 5.46 -5.64
C GLY A 55 -12.85 4.49 -4.64
N ALA A 56 -13.67 4.06 -3.70
CA ALA A 56 -13.23 3.15 -2.64
C ALA A 56 -13.89 1.78 -2.80
N SER A 57 -15.03 1.75 -3.47
CA SER A 57 -15.79 0.53 -3.65
C SER A 57 -15.12 -0.40 -4.65
N ALA A 58 -14.21 0.15 -5.45
CA ALA A 58 -13.51 -0.61 -6.46
C ALA A 58 -12.25 -1.25 -5.89
N LEU A 59 -11.83 -0.74 -4.74
CA LEU A 59 -10.58 -1.18 -4.11
C LEU A 59 -10.55 -2.70 -3.92
N PRO A 60 -11.54 -3.29 -3.21
CA PRO A 60 -11.54 -4.74 -2.95
C PRO A 60 -11.63 -5.56 -4.24
N SER A 61 -12.25 -4.98 -5.25
CA SER A 61 -12.43 -5.66 -6.53
C SER A 61 -11.16 -5.63 -7.35
N VAL A 62 -10.42 -4.54 -7.23
CA VAL A 62 -9.25 -4.31 -8.07
C VAL A 62 -8.01 -4.96 -7.46
N ILE A 63 -7.88 -4.84 -6.14
CA ILE A 63 -6.77 -5.48 -5.42
C ILE A 63 -6.77 -6.97 -5.69
N SER A 64 -7.93 -7.58 -5.65
CA SER A 64 -8.06 -9.03 -5.81
C SER A 64 -7.64 -9.43 -7.23
N ASN A 65 -7.93 -8.57 -8.19
CA ASN A 65 -7.59 -8.82 -9.58
C ASN A 65 -6.07 -8.77 -9.78
N ILE A 66 -5.46 -7.74 -9.23
CA ILE A 66 -4.01 -7.57 -9.37
C ILE A 66 -3.25 -8.61 -8.56
N TYR A 67 -3.69 -8.82 -7.32
CA TYR A 67 -3.02 -9.73 -6.40
C TYR A 67 -2.85 -11.12 -7.02
N SER A 68 -3.95 -11.69 -7.49
CA SER A 68 -3.91 -13.03 -8.09
C SER A 68 -3.03 -13.02 -9.35
N GLY A 69 -2.98 -11.87 -10.02
CA GLY A 69 -2.16 -11.74 -11.21
C GLY A 69 -0.68 -11.85 -10.89
N VAL A 70 -0.27 -11.18 -9.83
CA VAL A 70 1.13 -11.19 -9.41
C VAL A 70 1.52 -12.54 -8.81
N VAL A 71 0.65 -13.09 -7.97
CA VAL A 71 0.91 -14.36 -7.30
C VAL A 71 1.17 -15.48 -8.30
N ALA A 72 0.44 -15.45 -9.41
CA ALA A 72 0.56 -16.48 -10.44
C ALA A 72 1.92 -16.44 -11.15
N SER A 73 2.69 -15.39 -10.91
CA SER A 73 4.00 -15.24 -11.52
C SER A 73 5.09 -15.94 -10.69
N GLY A 74 4.72 -16.37 -9.49
CA GLY A 74 5.68 -17.04 -8.63
C GLY A 74 6.42 -16.06 -7.74
N VAL A 75 5.72 -15.00 -7.34
CA VAL A 75 6.28 -13.99 -6.45
C VAL A 75 6.19 -14.48 -5.00
N SER A 76 7.03 -13.92 -4.13
CA SER A 76 7.02 -14.29 -2.72
C SER A 76 5.69 -13.87 -2.07
N SER A 77 5.32 -14.53 -0.98
CA SER A 77 4.02 -14.36 -0.34
C SER A 77 3.71 -12.89 -0.01
N ASN A 78 4.48 -12.30 0.90
CA ASN A 78 4.21 -10.93 1.35
C ASN A 78 4.63 -9.95 0.25
N GLU A 79 5.53 -10.40 -0.61
CA GLU A 79 6.01 -9.59 -1.72
C GLU A 79 4.88 -9.36 -2.73
N ALA A 80 4.00 -10.35 -2.83
CA ALA A 80 2.83 -10.26 -3.69
C ALA A 80 1.92 -9.13 -3.24
N LEU A 81 1.73 -9.03 -1.93
CA LEU A 81 0.93 -7.94 -1.34
C LEU A 81 1.51 -6.61 -1.77
N ILE A 82 2.81 -6.47 -1.58
CA ILE A 82 3.50 -5.23 -1.87
C ILE A 82 3.35 -4.84 -3.34
N GLN A 83 3.74 -5.72 -4.26
CA GLN A 83 3.64 -5.41 -5.68
C GLN A 83 2.21 -5.10 -6.09
N ALA A 84 1.28 -5.94 -5.65
CA ALA A 84 -0.13 -5.77 -5.97
C ALA A 84 -0.63 -4.42 -5.50
N LEU A 85 -0.17 -4.00 -4.33
CA LEU A 85 -0.49 -2.68 -3.83
C LEU A 85 0.16 -1.59 -4.67
N LEU A 86 1.42 -1.80 -5.05
CA LEU A 86 2.17 -0.83 -5.85
C LEU A 86 1.49 -0.60 -7.20
N GLU A 87 1.08 -1.68 -7.85
CA GLU A 87 0.36 -1.57 -9.13
C GLU A 87 -0.95 -0.82 -8.95
N LEU A 88 -1.67 -1.14 -7.87
CA LEU A 88 -2.91 -0.44 -7.53
C LEU A 88 -2.66 1.05 -7.36
N LEU A 89 -1.59 1.37 -6.65
CA LEU A 89 -1.24 2.75 -6.34
C LEU A 89 -0.85 3.53 -7.59
N SER A 90 -0.79 2.85 -8.72
CA SER A 90 -0.48 3.51 -9.97
C SER A 90 -1.75 3.80 -10.76
N ALA A 91 -2.76 2.96 -10.58
CA ALA A 91 -4.00 3.08 -11.32
C ALA A 91 -4.79 4.28 -10.85
N LEU A 92 -4.94 4.40 -9.53
CA LEU A 92 -5.81 5.40 -8.93
C LEU A 92 -5.22 6.81 -9.00
N VAL A 93 -3.92 6.93 -9.17
CA VAL A 93 -3.32 8.26 -9.32
C VAL A 93 -3.28 8.68 -10.78
N HIS A 94 -3.34 7.70 -11.66
CA HIS A 94 -3.32 7.99 -13.10
C HIS A 94 -4.64 8.62 -13.51
N VAL A 95 -5.73 8.21 -12.87
CA VAL A 95 -7.05 8.69 -13.25
C VAL A 95 -7.20 10.18 -12.97
N LEU A 96 -6.45 10.67 -11.99
CA LEU A 96 -6.47 12.09 -11.62
C LEU A 96 -5.99 12.95 -12.78
N SER A 97 -5.19 12.35 -13.65
CA SER A 97 -4.66 13.04 -14.81
C SER A 97 -5.78 13.61 -15.67
N SER A 98 -6.89 12.89 -15.73
CA SER A 98 -8.03 13.29 -16.54
C SER A 98 -9.17 13.76 -15.64
N ALA A 99 -9.09 13.36 -14.39
CA ALA A 99 -10.10 13.71 -13.41
C ALA A 99 -9.95 15.15 -12.94
N SER A 100 -10.71 16.04 -13.55
CA SER A 100 -10.76 17.41 -13.10
C SER A 100 -11.58 17.51 -11.82
N ILE A 101 -10.91 17.35 -10.69
CA ILE A 101 -11.57 17.36 -9.39
C ILE A 101 -12.10 18.74 -9.05
N GLY A 102 -13.24 18.77 -8.36
CA GLY A 102 -13.83 20.04 -7.96
C GLY A 102 -13.39 20.46 -6.58
N ASN A 103 -14.31 20.40 -5.62
CA ASN A 103 -14.02 20.79 -4.25
C ASN A 103 -14.29 19.64 -3.29
N VAL A 104 -13.26 19.16 -2.63
CA VAL A 104 -13.41 18.06 -1.69
C VAL A 104 -13.52 18.58 -0.26
N SER A 105 -14.13 17.78 0.60
CA SER A 105 -14.34 18.17 1.97
C SER A 105 -13.60 17.23 2.91
N SER A 106 -13.16 17.75 4.04
CA SER A 106 -12.44 16.98 5.03
C SER A 106 -13.42 16.26 5.96
N VAL A 107 -14.71 16.44 5.72
CA VAL A 107 -15.74 15.91 6.58
C VAL A 107 -16.22 14.55 6.08
N GLY A 108 -15.92 13.52 6.84
CA GLY A 108 -16.40 12.19 6.50
C GLY A 108 -15.30 11.29 5.99
N VAL A 109 -14.07 11.81 5.95
CA VAL A 109 -12.92 10.99 5.58
C VAL A 109 -12.81 9.80 6.50
N ASP A 110 -13.22 10.02 7.76
CA ASP A 110 -13.23 9.00 8.79
C ASP A 110 -13.92 7.72 8.31
N SER A 111 -15.03 7.89 7.61
CA SER A 111 -15.81 6.77 7.12
C SER A 111 -15.11 6.08 5.96
N THR A 112 -14.26 6.82 5.25
CA THR A 112 -13.50 6.25 4.15
C THR A 112 -12.42 5.33 4.70
N LEU A 113 -11.86 5.72 5.84
CA LEU A 113 -10.90 4.91 6.56
C LEU A 113 -11.50 3.55 6.90
N ASN A 114 -12.81 3.52 7.12
CA ASN A 114 -13.49 2.28 7.47
C ASN A 114 -13.61 1.37 6.26
N VAL A 115 -13.62 1.96 5.07
CA VAL A 115 -13.81 1.20 3.84
C VAL A 115 -12.48 0.59 3.37
N VAL A 116 -11.40 1.33 3.56
CA VAL A 116 -10.08 0.85 3.14
C VAL A 116 -9.69 -0.41 3.93
N GLN A 117 -10.27 -0.54 5.11
CA GLN A 117 -10.01 -1.68 5.98
C GLN A 117 -10.61 -2.95 5.39
N ASP A 118 -11.60 -2.78 4.53
CA ASP A 118 -12.35 -3.91 3.98
C ASP A 118 -11.60 -4.53 2.82
N SER A 119 -10.93 -3.69 2.06
CA SER A 119 -10.31 -4.12 0.82
C SER A 119 -8.98 -4.83 1.05
N VAL A 120 -8.14 -4.24 1.88
CA VAL A 120 -6.78 -4.73 2.04
C VAL A 120 -6.59 -5.42 3.39
N GLY A 121 -7.52 -5.18 4.31
CA GLY A 121 -7.42 -5.76 5.64
C GLY A 121 -7.43 -7.27 5.62
N GLN A 122 -7.97 -7.84 4.55
CA GLN A 122 -8.06 -9.28 4.41
C GLN A 122 -6.84 -9.84 3.67
N TYR A 123 -5.86 -9.00 3.41
CA TYR A 123 -4.62 -9.44 2.79
C TYR A 123 -3.45 -9.22 3.74
N VAL A 124 -3.55 -8.18 4.55
CA VAL A 124 -2.54 -7.89 5.57
C VAL A 124 -2.82 -8.69 6.84
N GLY A 125 -3.91 -9.43 6.83
CA GLY A 125 -4.28 -10.24 7.98
C GLY A 125 -5.40 -11.19 7.65
N GLY B 1 18.41 -23.15 22.08
CA GLY B 1 17.07 -23.22 21.53
C GLY B 1 16.56 -21.87 21.08
N SER B 2 17.39 -21.14 20.35
CA SER B 2 17.01 -19.83 19.84
C SER B 2 17.62 -19.62 18.45
N GLY B 3 16.78 -19.40 17.46
CA GLY B 3 17.24 -19.19 16.11
C GLY B 3 16.52 -18.05 15.42
N ASN B 4 17.26 -17.26 14.66
CA ASN B 4 16.69 -16.13 13.96
C ASN B 4 16.76 -16.33 12.45
N SER B 5 15.60 -16.56 11.85
CA SER B 5 15.49 -16.75 10.42
C SER B 5 14.13 -16.27 9.93
N VAL B 6 14.00 -16.04 8.63
CA VAL B 6 12.73 -15.62 8.06
C VAL B 6 11.94 -16.82 7.52
N THR B 7 10.91 -17.20 8.25
CA THR B 7 10.08 -18.32 7.86
C THR B 7 9.15 -17.94 6.71
N SER B 8 9.15 -18.77 5.66
CA SER B 8 8.29 -18.55 4.51
C SER B 8 7.09 -19.49 4.54
N GLY B 9 5.90 -18.92 4.43
CA GLY B 9 4.70 -19.72 4.41
C GLY B 9 3.48 -18.92 4.81
N GLY B 10 2.31 -19.51 4.66
CA GLY B 10 1.08 -18.82 5.01
C GLY B 10 0.72 -18.98 6.46
N TYR B 11 1.70 -18.79 7.33
CA TYR B 11 1.52 -18.96 8.76
C TYR B 11 2.57 -18.14 9.51
N GLY B 12 2.46 -18.13 10.84
CA GLY B 12 3.40 -17.38 11.65
C GLY B 12 2.78 -16.99 12.97
N TYR B 13 2.96 -15.74 13.36
CA TYR B 13 2.41 -15.24 14.60
C TYR B 13 0.90 -15.10 14.47
N GLY B 14 0.44 -14.73 13.28
CA GLY B 14 -0.98 -14.64 13.01
C GLY B 14 -1.39 -15.52 11.85
N THR B 15 -2.08 -16.60 12.13
CA THR B 15 -2.53 -17.52 11.10
C THR B 15 -3.96 -17.23 10.69
N SER B 16 -4.69 -16.58 11.58
CA SER B 16 -6.08 -16.25 11.34
C SER B 16 -6.34 -14.77 11.62
N ALA B 17 -7.53 -14.30 11.26
CA ALA B 17 -7.89 -12.90 11.44
C ALA B 17 -8.25 -12.57 12.88
N ALA B 18 -7.80 -13.41 13.80
CA ALA B 18 -8.03 -13.20 15.22
C ALA B 18 -6.94 -12.32 15.80
N ALA B 19 -5.77 -12.39 15.21
CA ALA B 19 -4.62 -11.62 15.69
C ALA B 19 -4.23 -10.57 14.65
N GLY B 20 -3.97 -9.36 15.12
CA GLY B 20 -3.60 -8.29 14.23
C GLY B 20 -2.68 -7.28 14.89
N ALA B 21 -1.56 -7.76 15.42
CA ALA B 21 -0.60 -6.89 16.10
C ALA B 21 0.75 -7.57 16.15
N GLY B 22 1.70 -7.05 15.37
CA GLY B 22 3.01 -7.69 15.26
C GLY B 22 2.89 -9.12 14.81
N VAL B 23 1.94 -9.39 13.93
CA VAL B 23 1.64 -10.76 13.50
C VAL B 23 2.55 -11.22 12.38
N ALA B 24 3.12 -10.28 11.65
CA ALA B 24 4.06 -10.59 10.59
C ALA B 24 5.11 -9.49 10.46
N ALA B 25 5.94 -9.57 9.44
CA ALA B 25 6.96 -8.55 9.22
C ALA B 25 6.52 -7.59 8.12
N GLY B 26 5.41 -7.91 7.46
CA GLY B 26 4.86 -7.02 6.45
C GLY B 26 3.35 -7.13 6.37
N SER B 27 2.74 -7.62 7.44
CA SER B 27 1.31 -7.77 7.50
C SER B 27 0.81 -7.68 8.94
N TYR B 28 -0.12 -6.76 9.16
CA TYR B 28 -0.75 -6.59 10.46
C TYR B 28 -2.14 -6.00 10.27
N ALA B 29 -3.14 -6.61 10.86
CA ALA B 29 -4.51 -6.16 10.70
C ALA B 29 -4.81 -4.96 11.60
N GLY B 30 -4.10 -4.87 12.72
CA GLY B 30 -4.32 -3.78 13.66
C GLY B 30 -3.95 -2.44 13.08
N ALA B 31 -3.02 -2.43 12.14
CA ALA B 31 -2.61 -1.21 11.46
C ALA B 31 -3.73 -0.72 10.57
N VAL B 32 -4.66 -1.62 10.29
CA VAL B 32 -5.83 -1.32 9.48
C VAL B 32 -6.98 -0.92 10.39
N ASN B 33 -7.06 -1.59 11.53
CA ASN B 33 -8.19 -1.41 12.44
C ASN B 33 -8.06 -0.09 13.20
N ARG B 34 -6.87 0.49 13.17
CA ARG B 34 -6.61 1.75 13.84
C ARG B 34 -7.07 2.92 12.96
N LEU B 35 -7.37 2.60 11.71
CA LEU B 35 -7.73 3.60 10.71
C LEU B 35 -9.07 4.25 11.06
N SER B 36 -9.91 3.54 11.78
CA SER B 36 -11.22 4.02 12.13
C SER B 36 -11.16 5.04 13.28
N SER B 37 -9.94 5.29 13.76
CA SER B 37 -9.74 6.24 14.84
C SER B 37 -9.70 7.67 14.27
N ALA B 38 -9.89 8.65 15.14
CA ALA B 38 -9.85 10.05 14.74
C ALA B 38 -8.44 10.44 14.29
N GLU B 39 -7.47 9.60 14.64
CA GLU B 39 -6.08 9.82 14.28
C GLU B 39 -5.92 9.92 12.77
N ALA B 40 -6.18 8.81 12.08
CA ALA B 40 -6.09 8.76 10.63
C ALA B 40 -6.96 9.82 9.98
N ALA B 41 -8.22 9.88 10.38
CA ALA B 41 -9.18 10.81 9.80
C ALA B 41 -8.71 12.27 9.92
N SER B 42 -7.80 12.53 10.85
CA SER B 42 -7.26 13.87 11.04
C SER B 42 -6.08 14.15 10.10
N ARG B 43 -5.38 13.09 9.71
CA ARG B 43 -4.19 13.24 8.88
C ARG B 43 -4.56 13.04 7.43
N VAL B 44 -5.35 12.02 7.19
CA VAL B 44 -5.83 11.67 5.85
C VAL B 44 -6.62 12.83 5.24
N SER B 45 -7.36 13.55 6.08
CA SER B 45 -8.15 14.69 5.62
C SER B 45 -7.25 15.89 5.27
N SER B 46 -5.98 15.80 5.65
CA SER B 46 -5.02 16.82 5.30
C SER B 46 -4.33 16.45 4.00
N ASN B 47 -4.45 15.20 3.63
CA ASN B 47 -3.77 14.65 2.48
C ASN B 47 -4.67 14.74 1.25
N ILE B 48 -5.98 14.74 1.49
CA ILE B 48 -6.96 14.78 0.42
C ILE B 48 -6.75 15.98 -0.50
N ALA B 49 -6.44 17.13 0.10
CA ALA B 49 -6.30 18.37 -0.67
C ALA B 49 -4.94 18.43 -1.37
N ALA B 50 -4.05 17.54 -0.99
CA ALA B 50 -2.71 17.51 -1.55
C ALA B 50 -2.66 16.62 -2.78
N ILE B 51 -3.16 15.39 -2.63
CA ILE B 51 -3.14 14.42 -3.70
C ILE B 51 -4.08 14.84 -4.82
N ALA B 52 -5.17 15.51 -4.46
CA ALA B 52 -6.15 15.97 -5.43
C ALA B 52 -5.55 17.02 -6.36
N SER B 53 -4.45 17.62 -5.94
CA SER B 53 -3.80 18.66 -6.72
C SER B 53 -2.60 18.10 -7.48
N GLY B 54 -1.76 17.34 -6.78
CA GLY B 54 -0.54 16.83 -7.39
C GLY B 54 -0.76 15.54 -8.16
N GLY B 55 -1.80 14.80 -7.81
CA GLY B 55 -2.10 13.55 -8.49
C GLY B 55 -1.16 12.45 -8.07
N ALA B 56 0.06 12.51 -8.57
CA ALA B 56 1.08 11.53 -8.24
C ALA B 56 2.29 12.22 -7.63
N SER B 57 2.45 13.51 -7.93
CA SER B 57 3.59 14.28 -7.45
C SER B 57 3.47 14.56 -5.95
N ALA B 58 2.29 14.25 -5.40
CA ALA B 58 2.04 14.46 -3.99
C ALA B 58 2.37 13.22 -3.19
N LEU B 59 2.48 12.09 -3.90
CA LEU B 59 2.72 10.79 -3.26
C LEU B 59 3.97 10.80 -2.37
N PRO B 60 5.16 11.11 -2.93
CA PRO B 60 6.42 11.06 -2.17
C PRO B 60 6.42 12.02 -0.98
N SER B 61 5.56 13.03 -1.05
CA SER B 61 5.47 14.01 0.03
C SER B 61 4.46 13.57 1.08
N VAL B 62 3.31 13.08 0.64
CA VAL B 62 2.22 12.75 1.53
C VAL B 62 2.50 11.46 2.28
N ILE B 63 3.13 10.53 1.58
CA ILE B 63 3.55 9.28 2.19
C ILE B 63 4.46 9.55 3.38
N SER B 64 5.40 10.47 3.18
CA SER B 64 6.37 10.80 4.20
C SER B 64 5.69 11.50 5.37
N ASN B 65 4.74 12.36 5.06
CA ASN B 65 3.98 13.08 6.08
C ASN B 65 3.23 12.12 6.98
N ILE B 66 2.53 11.18 6.38
CA ILE B 66 1.79 10.18 7.14
C ILE B 66 2.74 9.23 7.85
N TYR B 67 3.75 8.76 7.13
CA TYR B 67 4.70 7.80 7.68
C TYR B 67 5.34 8.32 8.96
N SER B 68 5.94 9.50 8.88
CA SER B 68 6.60 10.10 10.06
C SER B 68 5.58 10.31 11.17
N GLY B 69 4.34 10.59 10.78
CA GLY B 69 3.29 10.78 11.75
C GLY B 69 2.98 9.51 12.52
N VAL B 70 2.88 8.40 11.80
CA VAL B 70 2.59 7.11 12.40
C VAL B 70 3.77 6.60 13.23
N VAL B 71 4.97 6.73 12.68
CA VAL B 71 6.19 6.28 13.35
C VAL B 71 6.35 6.97 14.71
N ALA B 72 5.96 8.24 14.77
CA ALA B 72 6.05 9.03 15.98
C ALA B 72 5.12 8.50 17.08
N SER B 73 4.28 7.53 16.74
CA SER B 73 3.34 6.97 17.69
C SER B 73 3.90 5.74 18.40
N GLY B 74 5.11 5.34 18.02
CA GLY B 74 5.73 4.17 18.64
C GLY B 74 5.28 2.88 17.99
N VAL B 75 4.89 2.98 16.73
CA VAL B 75 4.44 1.84 15.96
C VAL B 75 5.65 1.01 15.49
N SER B 76 5.43 -0.25 15.17
CA SER B 76 6.49 -1.10 14.68
C SER B 76 6.94 -0.63 13.29
N SER B 77 8.20 -0.89 12.95
CA SER B 77 8.83 -0.35 11.74
C SER B 77 7.98 -0.53 10.47
N ASN B 78 7.82 -1.77 10.01
CA ASN B 78 7.12 -2.00 8.75
C ASN B 78 5.61 -1.97 8.98
N GLU B 79 5.21 -1.99 10.24
CA GLU B 79 3.82 -1.83 10.62
C GLU B 79 3.41 -0.39 10.33
N ALA B 80 4.36 0.51 10.49
CA ALA B 80 4.20 1.92 10.14
C ALA B 80 3.95 2.06 8.65
N LEU B 81 4.72 1.29 7.87
CA LEU B 81 4.57 1.28 6.41
C LEU B 81 3.12 0.98 6.05
N ILE B 82 2.63 -0.13 6.58
CA ILE B 82 1.28 -0.57 6.28
C ILE B 82 0.24 0.48 6.67
N GLN B 83 0.25 0.89 7.94
CA GLN B 83 -0.73 1.85 8.42
C GLN B 83 -0.68 3.15 7.61
N ALA B 84 0.54 3.67 7.44
CA ALA B 84 0.73 4.91 6.70
C ALA B 84 0.24 4.77 5.27
N LEU B 85 0.47 3.61 4.67
CA LEU B 85 -0.02 3.34 3.35
C LEU B 85 -1.55 3.29 3.33
N LEU B 86 -2.13 2.68 4.34
CA LEU B 86 -3.58 2.52 4.42
C LEU B 86 -4.26 3.87 4.66
N GLU B 87 -3.64 4.70 5.50
CA GLU B 87 -4.11 6.06 5.70
C GLU B 87 -4.08 6.81 4.37
N LEU B 88 -2.97 6.66 3.64
CA LEU B 88 -2.82 7.26 2.32
C LEU B 88 -3.92 6.78 1.37
N LEU B 89 -4.14 5.48 1.38
CA LEU B 89 -5.11 4.83 0.48
C LEU B 89 -6.53 5.26 0.78
N SER B 90 -6.70 6.06 1.82
CA SER B 90 -8.02 6.57 2.18
C SER B 90 -8.18 8.01 1.72
N ALA B 91 -7.06 8.73 1.62
CA ALA B 91 -7.08 10.14 1.26
C ALA B 91 -7.43 10.29 -0.22
N LEU B 92 -6.76 9.49 -1.03
CA LEU B 92 -6.84 9.63 -2.48
C LEU B 92 -8.11 9.01 -3.07
N VAL B 93 -8.82 8.19 -2.29
CA VAL B 93 -10.08 7.61 -2.75
C VAL B 93 -11.26 8.44 -2.28
N HIS B 94 -11.07 9.18 -1.19
CA HIS B 94 -12.12 10.04 -0.68
C HIS B 94 -12.36 11.19 -1.65
N VAL B 95 -11.29 11.66 -2.27
CA VAL B 95 -11.38 12.82 -3.15
C VAL B 95 -12.24 12.53 -4.37
N LEU B 96 -12.34 11.25 -4.75
CA LEU B 96 -13.13 10.84 -5.90
C LEU B 96 -14.62 11.08 -5.65
N SER B 97 -15.01 11.15 -4.38
CA SER B 97 -16.40 11.39 -4.01
C SER B 97 -16.86 12.75 -4.53
N SER B 98 -15.92 13.67 -4.67
CA SER B 98 -16.24 15.01 -5.14
C SER B 98 -15.44 15.33 -6.40
N ALA B 99 -14.84 14.31 -6.98
CA ALA B 99 -14.06 14.46 -8.19
C ALA B 99 -14.81 13.87 -9.38
N SER B 100 -15.49 14.73 -10.12
CA SER B 100 -16.20 14.29 -11.30
C SER B 100 -15.21 13.98 -12.41
N ILE B 101 -14.77 12.74 -12.45
CA ILE B 101 -13.82 12.30 -13.46
C ILE B 101 -14.50 12.16 -14.82
N GLY B 102 -13.81 12.53 -15.88
CA GLY B 102 -14.37 12.44 -17.21
C GLY B 102 -14.11 11.09 -17.84
N ASN B 103 -13.35 11.09 -18.92
CA ASN B 103 -13.04 9.86 -19.64
C ASN B 103 -11.54 9.65 -19.66
N VAL B 104 -11.07 8.81 -18.76
CA VAL B 104 -9.66 8.47 -18.71
C VAL B 104 -9.31 7.48 -19.81
N SER B 105 -8.02 7.34 -20.08
CA SER B 105 -7.57 6.46 -21.13
C SER B 105 -6.34 5.68 -20.67
N SER B 106 -6.19 4.48 -21.20
CA SER B 106 -5.10 3.59 -20.82
C SER B 106 -3.78 4.04 -21.48
N VAL B 107 -3.64 5.32 -21.73
CA VAL B 107 -2.49 5.86 -22.44
C VAL B 107 -1.59 6.64 -21.48
N GLY B 108 -0.43 6.07 -21.18
CA GLY B 108 0.53 6.77 -20.34
C GLY B 108 0.63 6.20 -18.95
N VAL B 109 -0.16 5.16 -18.66
CA VAL B 109 -0.13 4.51 -17.36
C VAL B 109 1.26 3.96 -17.10
N ASP B 110 1.89 3.46 -18.17
CA ASP B 110 3.23 2.89 -18.11
C ASP B 110 4.20 3.85 -17.42
N SER B 111 4.04 5.13 -17.70
CA SER B 111 4.89 6.16 -17.14
C SER B 111 4.56 6.42 -15.66
N THR B 112 3.31 6.21 -15.30
CA THR B 112 2.86 6.43 -13.93
C THR B 112 3.50 5.39 -13.01
N LEU B 113 3.68 4.19 -13.54
CA LEU B 113 4.35 3.11 -12.83
C LEU B 113 5.76 3.52 -12.42
N ASN B 114 6.37 4.41 -13.19
CA ASN B 114 7.74 4.83 -12.92
C ASN B 114 7.79 5.77 -11.72
N VAL B 115 6.67 6.44 -11.47
CA VAL B 115 6.59 7.43 -10.40
C VAL B 115 6.31 6.76 -9.06
N VAL B 116 5.41 5.78 -9.07
CA VAL B 116 5.01 5.09 -7.85
C VAL B 116 6.21 4.43 -7.18
N GLN B 117 7.20 4.07 -7.99
CA GLN B 117 8.39 3.39 -7.51
C GLN B 117 9.25 4.33 -6.67
N ASP B 118 9.10 5.61 -6.92
CA ASP B 118 10.00 6.60 -6.34
C ASP B 118 9.52 7.03 -4.96
N SER B 119 8.21 6.91 -4.75
CA SER B 119 7.60 7.40 -3.53
C SER B 119 7.61 6.36 -2.41
N VAL B 120 7.30 5.11 -2.74
CA VAL B 120 7.17 4.08 -1.73
C VAL B 120 8.33 3.09 -1.79
N GLY B 121 9.04 3.07 -2.92
CA GLY B 121 10.14 2.15 -3.10
C GLY B 121 11.25 2.35 -2.09
N GLN B 122 11.29 3.53 -1.48
CA GLN B 122 12.30 3.85 -0.49
C GLN B 122 11.77 3.64 0.93
N TYR B 123 10.62 2.98 1.04
CA TYR B 123 10.05 2.63 2.33
C TYR B 123 9.87 1.13 2.45
N VAL B 124 9.70 0.46 1.31
CA VAL B 124 9.63 -0.99 1.26
C VAL B 124 11.03 -1.60 1.21
N GLY B 125 12.04 -0.74 1.17
CA GLY B 125 13.42 -1.18 1.18
C GLY B 125 14.28 -0.18 1.90
N GLY A 1 21.57 -23.13 9.62
CA GLY A 1 20.52 -24.00 9.06
C GLY A 1 19.30 -24.07 9.96
N SER A 2 18.62 -25.20 9.93
CA SER A 2 17.42 -25.41 10.74
C SER A 2 17.78 -25.50 12.22
N GLY A 3 16.94 -24.93 13.07
CA GLY A 3 17.19 -24.98 14.50
C GLY A 3 15.99 -24.52 15.30
N ASN A 4 15.85 -25.06 16.49
CA ASN A 4 14.74 -24.71 17.37
C ASN A 4 15.05 -23.44 18.13
N SER A 5 15.21 -22.35 17.40
CA SER A 5 15.50 -21.05 17.98
C SER A 5 14.96 -19.96 17.06
N VAL A 6 14.28 -18.98 17.64
CA VAL A 6 13.65 -17.93 16.86
C VAL A 6 14.55 -16.70 16.75
N THR A 7 14.57 -16.12 15.56
CA THR A 7 15.31 -14.90 15.30
C THR A 7 14.47 -13.97 14.45
N SER A 8 14.94 -12.75 14.25
CA SER A 8 14.25 -11.80 13.41
C SER A 8 15.19 -11.21 12.36
N GLY A 9 15.66 -12.06 11.46
CA GLY A 9 16.57 -11.61 10.43
C GLY A 9 17.42 -12.74 9.89
N GLY A 10 18.60 -12.40 9.39
CA GLY A 10 19.48 -13.39 8.84
C GLY A 10 19.85 -13.08 7.40
N TYR A 11 20.75 -13.87 6.82
CA TYR A 11 21.19 -13.64 5.44
C TYR A 11 20.06 -13.94 4.46
N GLY A 12 19.00 -14.58 4.94
CA GLY A 12 17.85 -14.84 4.10
C GLY A 12 16.81 -13.74 4.25
N TYR A 13 17.04 -12.84 5.21
CA TYR A 13 16.12 -11.75 5.46
C TYR A 13 16.87 -10.43 5.59
N GLY A 14 17.68 -10.12 4.59
CA GLY A 14 18.41 -8.87 4.58
C GLY A 14 19.91 -9.09 4.54
N THR A 15 20.39 -9.77 3.51
CA THR A 15 21.81 -10.04 3.37
C THR A 15 22.53 -8.87 2.70
N SER A 16 21.79 -8.08 1.92
CA SER A 16 22.37 -6.95 1.20
C SER A 16 21.32 -5.89 0.92
N ALA A 17 21.77 -4.69 0.63
CA ALA A 17 20.89 -3.60 0.24
C ALA A 17 20.83 -3.49 -1.27
N ALA A 18 19.94 -2.63 -1.77
CA ALA A 18 19.75 -2.44 -3.20
C ALA A 18 19.38 -3.75 -3.90
N ALA A 19 18.74 -4.63 -3.16
CA ALA A 19 18.34 -5.92 -3.68
C ALA A 19 16.84 -6.10 -3.52
N GLY A 20 16.28 -7.10 -4.19
CA GLY A 20 14.85 -7.33 -4.13
C GLY A 20 14.49 -8.76 -4.43
N ALA A 21 13.19 -9.02 -4.53
CA ALA A 21 12.67 -10.36 -4.82
C ALA A 21 13.03 -11.34 -3.71
N GLY A 22 12.15 -11.43 -2.72
CA GLY A 22 12.40 -12.29 -1.57
C GLY A 22 13.56 -11.83 -0.72
N VAL A 23 13.56 -10.55 -0.39
CA VAL A 23 14.62 -9.99 0.45
C VAL A 23 14.29 -10.13 1.92
N ALA A 24 13.01 -9.98 2.27
CA ALA A 24 12.58 -10.05 3.65
C ALA A 24 11.24 -10.78 3.76
N ALA A 25 10.69 -10.81 4.96
CA ALA A 25 9.40 -11.47 5.19
C ALA A 25 8.28 -10.43 5.24
N GLY A 26 8.40 -9.41 4.41
CA GLY A 26 7.41 -8.35 4.40
C GLY A 26 7.75 -7.22 3.44
N SER A 27 9.02 -6.84 3.41
CA SER A 27 9.46 -5.75 2.55
C SER A 27 10.29 -6.28 1.39
N TYR A 28 10.05 -5.71 0.21
CA TYR A 28 10.77 -6.08 -1.00
C TYR A 28 10.82 -4.92 -1.97
N ALA A 29 12.01 -4.57 -2.42
CA ALA A 29 12.17 -3.52 -3.41
C ALA A 29 12.01 -4.08 -4.82
N GLY A 30 12.30 -5.36 -5.00
CA GLY A 30 12.19 -5.99 -6.30
C GLY A 30 10.78 -5.93 -6.86
N ALA A 31 9.80 -5.90 -5.96
CA ALA A 31 8.41 -5.84 -6.35
C ALA A 31 8.00 -4.41 -6.71
N VAL A 32 8.98 -3.53 -6.79
CA VAL A 32 8.72 -2.14 -7.12
C VAL A 32 9.40 -1.76 -8.44
N ASN A 33 10.64 -2.18 -8.61
CA ASN A 33 11.42 -1.79 -9.81
C ASN A 33 10.80 -2.37 -11.08
N ARG A 34 10.05 -3.45 -10.92
CA ARG A 34 9.46 -4.13 -12.06
C ARG A 34 8.10 -3.51 -12.43
N LEU A 35 7.74 -2.42 -11.76
CA LEU A 35 6.49 -1.74 -12.05
C LEU A 35 6.59 -0.94 -13.34
N SER A 36 7.81 -0.55 -13.70
CA SER A 36 8.05 0.21 -14.90
C SER A 36 8.03 -0.71 -16.13
N SER A 37 7.84 -1.99 -15.89
CA SER A 37 7.75 -2.96 -16.96
C SER A 37 6.32 -3.07 -17.45
N ALA A 38 6.12 -3.77 -18.56
CA ALA A 38 4.79 -3.93 -19.14
C ALA A 38 3.89 -4.73 -18.21
N GLU A 39 4.51 -5.40 -17.23
CA GLU A 39 3.79 -6.20 -16.26
C GLU A 39 2.69 -5.38 -15.59
N ALA A 40 3.11 -4.36 -14.84
CA ALA A 40 2.16 -3.52 -14.12
C ALA A 40 1.34 -2.69 -15.08
N ALA A 41 2.01 -2.07 -16.05
CA ALA A 41 1.35 -1.16 -16.98
C ALA A 41 0.17 -1.83 -17.70
N SER A 42 0.25 -3.14 -17.83
CA SER A 42 -0.82 -3.90 -18.50
C SER A 42 -1.95 -4.28 -17.53
N ARG A 43 -1.68 -4.26 -16.22
CA ARG A 43 -2.68 -4.64 -15.24
C ARG A 43 -3.34 -3.39 -14.67
N VAL A 44 -2.49 -2.44 -14.32
CA VAL A 44 -2.90 -1.18 -13.73
C VAL A 44 -3.85 -0.42 -14.66
N SER A 45 -3.51 -0.39 -15.94
CA SER A 45 -4.29 0.37 -16.92
C SER A 45 -5.65 -0.27 -17.16
N SER A 46 -5.78 -1.54 -16.79
CA SER A 46 -7.02 -2.27 -17.00
C SER A 46 -7.98 -2.00 -15.84
N ASN A 47 -7.50 -1.33 -14.80
CA ASN A 47 -8.29 -1.13 -13.60
C ASN A 47 -8.43 0.36 -13.28
N ILE A 48 -7.80 1.20 -14.10
CA ILE A 48 -7.91 2.65 -13.92
C ILE A 48 -9.36 3.10 -14.07
N ALA A 49 -10.04 2.52 -15.05
CA ALA A 49 -11.42 2.91 -15.34
C ALA A 49 -12.39 2.23 -14.38
N ALA A 50 -11.85 1.35 -13.55
CA ALA A 50 -12.65 0.66 -12.55
C ALA A 50 -12.70 1.49 -11.28
N ILE A 51 -11.54 1.89 -10.79
CA ILE A 51 -11.46 2.71 -9.58
C ILE A 51 -12.11 4.08 -9.82
N ALA A 52 -11.96 4.58 -11.03
CA ALA A 52 -12.54 5.86 -11.42
C ALA A 52 -14.07 5.82 -11.37
N SER A 53 -14.61 4.61 -11.33
CA SER A 53 -16.05 4.42 -11.34
C SER A 53 -16.56 3.96 -9.97
N GLY A 54 -15.66 3.76 -9.03
CA GLY A 54 -16.07 3.25 -7.73
C GLY A 54 -15.48 4.03 -6.56
N GLY A 55 -14.33 4.64 -6.76
CA GLY A 55 -13.66 5.37 -5.71
C GLY A 55 -13.05 4.43 -4.69
N ALA A 56 -13.89 3.92 -3.82
CA ALA A 56 -13.46 2.98 -2.79
C ALA A 56 -14.19 1.65 -2.95
N SER A 57 -15.32 1.68 -3.64
CA SER A 57 -16.11 0.47 -3.87
C SER A 57 -15.44 -0.41 -4.92
N ALA A 58 -14.42 0.13 -5.57
CA ALA A 58 -13.68 -0.60 -6.58
C ALA A 58 -12.44 -1.25 -6.00
N LEU A 59 -12.06 -0.81 -4.80
CA LEU A 59 -10.85 -1.29 -4.16
C LEU A 59 -10.83 -2.82 -4.02
N PRO A 60 -11.83 -3.42 -3.33
CA PRO A 60 -11.85 -4.87 -3.11
C PRO A 60 -11.98 -5.65 -4.42
N SER A 61 -12.50 -5.00 -5.45
CA SER A 61 -12.66 -5.63 -6.74
C SER A 61 -11.34 -5.59 -7.52
N VAL A 62 -10.66 -4.46 -7.45
CA VAL A 62 -9.46 -4.22 -8.25
C VAL A 62 -8.23 -4.82 -7.57
N ILE A 63 -8.16 -4.68 -6.26
CA ILE A 63 -7.06 -5.24 -5.49
C ILE A 63 -6.98 -6.75 -5.68
N SER A 64 -8.15 -7.39 -5.65
CA SER A 64 -8.24 -8.83 -5.81
C SER A 64 -7.89 -9.24 -7.25
N ASN A 65 -8.15 -8.32 -8.20
CA ASN A 65 -7.77 -8.55 -9.59
C ASN A 65 -6.26 -8.62 -9.72
N ILE A 66 -5.61 -7.54 -9.31
CA ILE A 66 -4.16 -7.41 -9.46
C ILE A 66 -3.44 -8.44 -8.60
N TYR A 67 -3.89 -8.60 -7.36
CA TYR A 67 -3.27 -9.55 -6.44
C TYR A 67 -3.24 -10.94 -7.06
N SER A 68 -4.40 -11.42 -7.51
CA SER A 68 -4.50 -12.73 -8.12
C SER A 68 -3.66 -12.81 -9.38
N GLY A 69 -3.51 -11.67 -10.05
CA GLY A 69 -2.71 -11.61 -11.26
C GLY A 69 -1.24 -11.86 -10.98
N VAL A 70 -0.73 -11.25 -9.92
CA VAL A 70 0.66 -11.40 -9.54
C VAL A 70 0.92 -12.77 -8.92
N VAL A 71 0.01 -13.21 -8.05
CA VAL A 71 0.14 -14.49 -7.37
C VAL A 71 0.23 -15.63 -8.37
N ALA A 72 -0.53 -15.52 -9.45
CA ALA A 72 -0.55 -16.53 -10.51
C ALA A 72 0.81 -16.65 -11.20
N SER A 73 1.67 -15.66 -10.99
CA SER A 73 2.98 -15.63 -11.61
C SER A 73 4.01 -16.37 -10.75
N GLY A 74 3.58 -16.83 -9.58
CA GLY A 74 4.47 -17.58 -8.71
C GLY A 74 5.26 -16.69 -7.77
N VAL A 75 4.67 -15.58 -7.39
CA VAL A 75 5.31 -14.65 -6.46
C VAL A 75 5.01 -15.06 -5.01
N SER A 76 5.79 -14.55 -4.07
CA SER A 76 5.55 -14.79 -2.66
C SER A 76 4.30 -14.05 -2.18
N SER A 77 3.68 -14.53 -1.11
CA SER A 77 2.42 -13.98 -0.63
C SER A 77 2.54 -12.49 -0.25
N ASN A 78 3.43 -12.18 0.68
CA ASN A 78 3.57 -10.80 1.17
C ASN A 78 4.18 -9.92 0.08
N GLU A 79 5.01 -10.53 -0.76
CA GLU A 79 5.62 -9.82 -1.88
C GLU A 79 4.56 -9.46 -2.91
N ALA A 80 3.59 -10.35 -3.07
CA ALA A 80 2.46 -10.11 -3.95
C ALA A 80 1.65 -8.93 -3.45
N LEU A 81 1.45 -8.86 -2.13
CA LEU A 81 0.72 -7.76 -1.51
C LEU A 81 1.38 -6.43 -1.88
N ILE A 82 2.70 -6.38 -1.77
CA ILE A 82 3.44 -5.19 -2.09
C ILE A 82 3.32 -4.86 -3.58
N GLN A 83 3.71 -5.80 -4.43
CA GLN A 83 3.63 -5.63 -5.88
C GLN A 83 2.23 -5.19 -6.30
N ALA A 84 1.22 -5.92 -5.85
CA ALA A 84 -0.16 -5.66 -6.22
C ALA A 84 -0.63 -4.31 -5.72
N LEU A 85 -0.22 -3.94 -4.52
CA LEU A 85 -0.62 -2.66 -3.96
C LEU A 85 0.06 -1.51 -4.70
N LEU A 86 1.32 -1.68 -5.04
CA LEU A 86 2.06 -0.64 -5.75
C LEU A 86 1.45 -0.43 -7.13
N GLU A 87 1.03 -1.52 -7.75
CA GLU A 87 0.27 -1.46 -8.99
C GLU A 87 -1.08 -0.76 -8.75
N LEU A 88 -1.72 -1.11 -7.64
CA LEU A 88 -3.02 -0.56 -7.27
C LEU A 88 -2.91 0.96 -7.08
N LEU A 89 -1.88 1.37 -6.36
CA LEU A 89 -1.66 2.78 -6.06
C LEU A 89 -1.20 3.55 -7.29
N SER A 90 -1.02 2.86 -8.39
CA SER A 90 -0.65 3.52 -9.63
C SER A 90 -1.88 3.81 -10.47
N ALA A 91 -2.84 2.90 -10.41
CA ALA A 91 -4.06 3.01 -11.21
C ALA A 91 -4.86 4.24 -10.81
N LEU A 92 -5.01 4.43 -9.50
CA LEU A 92 -5.89 5.45 -8.97
C LEU A 92 -5.27 6.85 -8.99
N VAL A 93 -3.95 6.95 -9.13
CA VAL A 93 -3.31 8.26 -9.23
C VAL A 93 -3.15 8.68 -10.68
N HIS A 94 -3.16 7.70 -11.57
CA HIS A 94 -3.09 7.99 -12.98
C HIS A 94 -4.38 8.67 -13.44
N VAL A 95 -5.50 8.23 -12.89
CA VAL A 95 -6.80 8.73 -13.33
C VAL A 95 -6.95 10.22 -13.05
N LEU A 96 -6.26 10.72 -12.04
CA LEU A 96 -6.31 12.13 -11.68
C LEU A 96 -5.74 13.01 -12.78
N SER A 97 -4.95 12.39 -13.67
CA SER A 97 -4.34 13.11 -14.79
C SER A 97 -5.42 13.69 -15.71
N SER A 98 -6.59 13.08 -15.73
CA SER A 98 -7.68 13.56 -16.56
C SER A 98 -8.94 13.75 -15.73
N ALA A 99 -8.78 13.65 -14.42
CA ALA A 99 -9.91 13.82 -13.51
C ALA A 99 -9.88 15.21 -12.91
N SER A 100 -10.67 16.10 -13.47
CA SER A 100 -10.74 17.47 -12.98
C SER A 100 -11.60 17.52 -11.71
N ILE A 101 -10.96 17.30 -10.57
CA ILE A 101 -11.65 17.28 -9.29
C ILE A 101 -12.23 18.64 -8.92
N GLY A 102 -13.33 18.62 -8.19
CA GLY A 102 -13.93 19.85 -7.71
C GLY A 102 -13.51 20.17 -6.29
N ASN A 103 -14.47 20.23 -5.39
CA ASN A 103 -14.20 20.51 -3.99
C ASN A 103 -14.28 19.25 -3.16
N VAL A 104 -13.26 19.00 -2.36
CA VAL A 104 -13.27 17.87 -1.44
C VAL A 104 -12.99 18.34 -0.02
N SER A 105 -13.92 18.05 0.87
CA SER A 105 -13.79 18.45 2.26
C SER A 105 -13.38 17.28 3.14
N SER A 106 -12.96 17.58 4.36
CA SER A 106 -12.45 16.57 5.28
C SER A 106 -13.58 15.75 5.92
N VAL A 107 -14.81 16.21 5.74
CA VAL A 107 -15.96 15.58 6.37
C VAL A 107 -16.33 14.28 5.66
N GLY A 108 -15.94 13.16 6.26
CA GLY A 108 -16.31 11.86 5.73
C GLY A 108 -15.12 10.94 5.55
N VAL A 109 -13.92 11.49 5.59
CA VAL A 109 -12.69 10.70 5.48
C VAL A 109 -12.65 9.65 6.59
N ASP A 110 -13.19 10.03 7.74
CA ASP A 110 -13.26 9.15 8.91
C ASP A 110 -14.00 7.86 8.53
N SER A 111 -15.08 8.01 7.78
CA SER A 111 -15.89 6.87 7.36
C SER A 111 -15.23 6.09 6.22
N THR A 112 -14.62 6.81 5.28
CA THR A 112 -13.94 6.17 4.16
C THR A 112 -12.86 5.19 4.65
N LEU A 113 -12.21 5.58 5.74
CA LEU A 113 -11.18 4.77 6.36
C LEU A 113 -11.72 3.42 6.83
N ASN A 114 -13.02 3.36 7.09
CA ASN A 114 -13.64 2.11 7.54
C ASN A 114 -13.73 1.12 6.38
N VAL A 115 -13.78 1.64 5.16
CA VAL A 115 -13.94 0.82 3.96
C VAL A 115 -12.60 0.28 3.48
N VAL A 116 -11.56 1.11 3.59
CA VAL A 116 -10.22 0.71 3.15
C VAL A 116 -9.75 -0.54 3.92
N GLN A 117 -10.24 -0.65 5.15
CA GLN A 117 -9.89 -1.76 6.03
C GLN A 117 -10.42 -3.08 5.48
N ASP A 118 -11.43 -2.98 4.63
CA ASP A 118 -12.09 -4.17 4.08
C ASP A 118 -11.33 -4.71 2.90
N SER A 119 -10.77 -3.81 2.11
CA SER A 119 -10.17 -4.17 0.85
C SER A 119 -8.77 -4.75 1.03
N VAL A 120 -7.99 -4.15 1.91
CA VAL A 120 -6.59 -4.54 2.06
C VAL A 120 -6.34 -5.24 3.41
N GLY A 121 -7.25 -5.01 4.35
CA GLY A 121 -7.08 -5.57 5.69
C GLY A 121 -7.12 -7.08 5.72
N GLN A 122 -7.61 -7.69 4.63
CA GLN A 122 -7.68 -9.14 4.54
C GLN A 122 -6.46 -9.70 3.80
N TYR A 123 -5.54 -8.83 3.42
CA TYR A 123 -4.31 -9.27 2.78
C TYR A 123 -3.12 -9.05 3.69
N VAL A 124 -3.22 -8.03 4.53
CA VAL A 124 -2.18 -7.73 5.51
C VAL A 124 -2.36 -8.57 6.77
N GLY A 125 -3.45 -9.33 6.80
CA GLY A 125 -3.73 -10.18 7.94
C GLY A 125 -5.10 -10.83 7.82
N GLY B 1 22.01 -16.86 25.32
CA GLY B 1 20.88 -16.02 24.97
C GLY B 1 20.85 -15.69 23.50
N SER B 2 21.42 -16.57 22.68
CA SER B 2 21.45 -16.36 21.24
C SER B 2 21.46 -17.68 20.50
N GLY B 3 20.28 -18.08 20.03
CA GLY B 3 20.18 -19.26 19.19
C GLY B 3 20.15 -18.86 17.74
N ASN B 4 21.31 -18.59 17.18
CA ASN B 4 21.41 -18.05 15.84
C ASN B 4 21.02 -19.08 14.79
N SER B 5 19.73 -19.13 14.50
CA SER B 5 19.20 -19.93 13.41
C SER B 5 18.21 -19.07 12.63
N VAL B 6 18.47 -18.92 11.33
CA VAL B 6 17.66 -18.06 10.48
C VAL B 6 16.22 -18.57 10.39
N THR B 7 15.31 -17.84 11.03
CA THR B 7 13.91 -18.20 11.03
C THR B 7 13.04 -16.99 10.71
N SER B 8 11.74 -17.24 10.48
CA SER B 8 10.81 -16.18 10.14
C SER B 8 10.15 -15.59 11.39
N GLY B 9 10.78 -15.82 12.53
CA GLY B 9 10.22 -15.35 13.80
C GLY B 9 9.46 -16.44 14.53
N GLY B 10 8.78 -17.28 13.77
CA GLY B 10 8.06 -18.40 14.36
C GLY B 10 6.93 -17.95 15.24
N TYR B 11 6.89 -18.47 16.47
CA TYR B 11 5.86 -18.11 17.43
C TYR B 11 6.07 -16.69 17.96
N GLY B 12 7.23 -16.11 17.67
CA GLY B 12 7.48 -14.74 18.05
C GLY B 12 6.72 -13.77 17.16
N TYR B 13 6.47 -14.20 15.94
CA TYR B 13 5.71 -13.44 14.98
C TYR B 13 4.71 -14.34 14.27
N GLY B 14 3.71 -14.78 15.02
CA GLY B 14 2.66 -15.61 14.46
C GLY B 14 2.33 -16.80 15.33
N THR B 15 2.04 -16.53 16.60
CA THR B 15 1.70 -17.60 17.53
C THR B 15 0.21 -17.56 17.89
N SER B 16 -0.52 -16.67 17.23
CA SER B 16 -1.94 -16.51 17.50
C SER B 16 -2.68 -16.11 16.24
N ALA B 17 -3.90 -16.59 16.10
CA ALA B 17 -4.74 -16.24 14.98
C ALA B 17 -5.48 -14.94 15.26
N ALA B 18 -5.85 -14.22 14.19
CA ALA B 18 -6.52 -12.93 14.31
C ALA B 18 -5.72 -11.96 15.18
N ALA B 19 -4.48 -11.71 14.78
CA ALA B 19 -3.59 -10.86 15.56
C ALA B 19 -3.37 -9.52 14.86
N GLY B 20 -2.86 -8.55 15.62
CA GLY B 20 -2.60 -7.24 15.08
C GLY B 20 -1.53 -6.54 15.88
N ALA B 21 -0.75 -5.69 15.22
CA ALA B 21 0.36 -4.97 15.83
C ALA B 21 1.48 -5.93 16.25
N GLY B 22 2.55 -5.93 15.47
CA GLY B 22 3.64 -6.86 15.72
C GLY B 22 3.27 -8.28 15.31
N VAL B 23 2.68 -8.41 14.12
CA VAL B 23 2.27 -9.71 13.62
C VAL B 23 3.37 -10.33 12.76
N ALA B 24 3.71 -9.66 11.68
CA ALA B 24 4.69 -10.18 10.73
C ALA B 24 5.77 -9.14 10.46
N ALA B 25 6.54 -9.35 9.40
CA ALA B 25 7.60 -8.42 9.03
C ALA B 25 7.10 -7.40 8.01
N GLY B 26 5.95 -7.67 7.41
CA GLY B 26 5.35 -6.73 6.48
C GLY B 26 3.85 -6.87 6.40
N SER B 27 3.27 -7.55 7.37
CA SER B 27 1.84 -7.75 7.43
C SER B 27 1.33 -7.55 8.84
N TYR B 28 0.35 -6.67 8.99
CA TYR B 28 -0.24 -6.39 10.28
C TYR B 28 -1.67 -5.94 10.12
N ALA B 29 -2.60 -6.68 10.68
CA ALA B 29 -4.00 -6.31 10.62
C ALA B 29 -4.30 -5.20 11.62
N GLY B 30 -3.56 -5.18 12.72
CA GLY B 30 -3.80 -4.21 13.77
C GLY B 30 -3.64 -2.77 13.30
N ALA B 31 -2.79 -2.58 12.29
CA ALA B 31 -2.56 -1.26 11.73
C ALA B 31 -3.76 -0.80 10.93
N VAL B 32 -4.59 -1.75 10.52
CA VAL B 32 -5.76 -1.48 9.71
C VAL B 32 -6.96 -1.19 10.60
N ASN B 33 -7.08 -1.92 11.69
CA ASN B 33 -8.25 -1.79 12.57
C ASN B 33 -8.29 -0.44 13.28
N ARG B 34 -7.16 0.26 13.31
CA ARG B 34 -7.09 1.54 14.01
C ARG B 34 -7.29 2.71 13.05
N LEU B 35 -7.72 2.40 11.83
CA LEU B 35 -7.94 3.43 10.82
C LEU B 35 -9.28 4.11 11.03
N SER B 36 -10.19 3.39 11.68
CA SER B 36 -11.51 3.91 12.01
C SER B 36 -11.42 4.89 13.16
N SER B 37 -10.21 5.04 13.69
CA SER B 37 -9.93 5.94 14.78
C SER B 37 -9.66 7.34 14.24
N ALA B 38 -9.92 8.35 15.07
CA ALA B 38 -9.73 9.75 14.68
C ALA B 38 -8.28 10.02 14.30
N GLU B 39 -7.39 9.17 14.80
CA GLU B 39 -5.96 9.25 14.53
C GLU B 39 -5.69 9.38 13.04
N ALA B 40 -6.18 8.41 12.29
CA ALA B 40 -6.02 8.40 10.84
C ALA B 40 -6.74 9.58 10.22
N ALA B 41 -8.02 9.70 10.53
CA ALA B 41 -8.88 10.72 9.93
C ALA B 41 -8.26 12.12 9.98
N SER B 42 -7.53 12.39 11.05
CA SER B 42 -6.91 13.70 11.24
C SER B 42 -5.70 13.91 10.33
N ARG B 43 -5.12 12.82 9.84
CA ARG B 43 -3.94 12.89 8.98
C ARG B 43 -4.38 12.78 7.52
N VAL B 44 -5.27 11.83 7.29
CA VAL B 44 -5.74 11.51 5.96
C VAL B 44 -6.47 12.70 5.33
N SER B 45 -7.32 13.37 6.11
CA SER B 45 -8.07 14.51 5.62
C SER B 45 -7.14 15.70 5.37
N SER B 46 -5.97 15.65 5.99
CA SER B 46 -4.99 16.71 5.85
C SER B 46 -4.23 16.58 4.54
N ASN B 47 -4.43 15.46 3.86
CA ASN B 47 -3.67 15.19 2.65
C ASN B 47 -4.60 14.91 1.47
N ILE B 48 -5.90 14.92 1.71
CA ILE B 48 -6.87 14.71 0.63
C ILE B 48 -6.76 15.82 -0.40
N ALA B 49 -6.59 17.05 0.06
CA ALA B 49 -6.53 18.20 -0.84
C ALA B 49 -5.16 18.31 -1.49
N ALA B 50 -4.21 17.53 -0.99
CA ALA B 50 -2.86 17.53 -1.52
C ALA B 50 -2.78 16.62 -2.73
N ILE B 51 -3.21 15.37 -2.55
CA ILE B 51 -3.19 14.40 -3.64
C ILE B 51 -4.13 14.83 -4.76
N ALA B 52 -5.23 15.45 -4.37
CA ALA B 52 -6.23 15.92 -5.34
C ALA B 52 -5.67 17.02 -6.23
N SER B 53 -4.59 17.65 -5.77
CA SER B 53 -4.03 18.79 -6.48
C SER B 53 -2.86 18.37 -7.37
N GLY B 54 -2.16 17.30 -6.98
CA GLY B 54 -0.97 16.90 -7.71
C GLY B 54 -1.12 15.54 -8.39
N GLY B 55 -2.10 14.77 -7.96
CA GLY B 55 -2.34 13.46 -8.53
C GLY B 55 -1.32 12.45 -8.06
N ALA B 56 -0.17 12.49 -8.67
CA ALA B 56 0.94 11.60 -8.32
C ALA B 56 2.13 12.42 -7.85
N SER B 57 2.10 13.72 -8.14
CA SER B 57 3.18 14.62 -7.76
C SER B 57 3.16 14.84 -6.25
N ALA B 58 2.04 14.52 -5.62
CA ALA B 58 1.88 14.71 -4.19
C ALA B 58 2.23 13.45 -3.41
N LEU B 59 2.35 12.33 -4.12
CA LEU B 59 2.58 11.03 -3.48
C LEU B 59 3.82 11.06 -2.58
N PRO B 60 5.01 11.42 -3.11
CA PRO B 60 6.26 11.42 -2.33
C PRO B 60 6.18 12.35 -1.12
N SER B 61 5.34 13.36 -1.21
CA SER B 61 5.19 14.33 -0.14
C SER B 61 4.17 13.85 0.89
N VAL B 62 3.06 13.31 0.42
CA VAL B 62 1.95 12.93 1.28
C VAL B 62 2.29 11.67 2.05
N ILE B 63 2.95 10.74 1.38
CA ILE B 63 3.42 9.52 2.02
C ILE B 63 4.39 9.86 3.14
N SER B 64 5.26 10.85 2.89
CA SER B 64 6.23 11.27 3.88
C SER B 64 5.53 11.94 5.06
N ASN B 65 4.43 12.64 4.77
CA ASN B 65 3.65 13.31 5.80
C ASN B 65 3.03 12.28 6.75
N ILE B 66 2.33 11.33 6.17
CA ILE B 66 1.62 10.33 6.95
C ILE B 66 2.58 9.37 7.63
N TYR B 67 3.57 8.89 6.89
CA TYR B 67 4.54 7.93 7.41
C TYR B 67 5.19 8.45 8.68
N SER B 68 5.78 9.64 8.60
CA SER B 68 6.47 10.23 9.74
C SER B 68 5.49 10.47 10.88
N GLY B 69 4.24 10.76 10.53
CA GLY B 69 3.22 10.98 11.54
C GLY B 69 2.91 9.72 12.33
N VAL B 70 2.84 8.60 11.61
CA VAL B 70 2.61 7.32 12.24
C VAL B 70 3.83 6.89 13.05
N VAL B 71 5.02 7.11 12.49
CA VAL B 71 6.26 6.75 13.17
C VAL B 71 6.39 7.50 14.49
N ALA B 72 6.01 8.76 14.50
CA ALA B 72 6.09 9.59 15.70
C ALA B 72 5.02 9.21 16.72
N SER B 73 4.13 8.29 16.34
CA SER B 73 3.08 7.84 17.23
C SER B 73 3.57 6.70 18.11
N GLY B 74 4.70 6.10 17.74
CA GLY B 74 5.24 4.99 18.51
C GLY B 74 4.88 3.65 17.91
N VAL B 75 4.79 3.60 16.59
CA VAL B 75 4.48 2.36 15.88
C VAL B 75 5.78 1.59 15.60
N SER B 76 5.65 0.29 15.32
CA SER B 76 6.79 -0.51 14.91
C SER B 76 7.29 -0.03 13.55
N SER B 77 8.60 -0.13 13.33
CA SER B 77 9.26 0.45 12.16
C SER B 77 8.59 0.04 10.84
N ASN B 78 8.54 -1.25 10.55
CA ASN B 78 8.03 -1.71 9.26
C ASN B 78 6.50 -1.76 9.27
N GLU B 79 5.93 -1.68 10.47
CA GLU B 79 4.48 -1.63 10.61
C GLU B 79 3.98 -0.25 10.21
N ALA B 80 4.83 0.74 10.41
CA ALA B 80 4.54 2.11 10.03
C ALA B 80 4.25 2.20 8.54
N LEU B 81 4.96 1.41 7.75
CA LEU B 81 4.76 1.37 6.31
C LEU B 81 3.31 1.03 5.99
N ILE B 82 2.83 -0.06 6.58
CA ILE B 82 1.49 -0.53 6.31
C ILE B 82 0.45 0.49 6.74
N GLN B 83 0.52 0.93 8.00
CA GLN B 83 -0.43 1.91 8.49
C GLN B 83 -0.40 3.18 7.67
N ALA B 84 0.80 3.69 7.40
CA ALA B 84 0.97 4.90 6.61
C ALA B 84 0.36 4.72 5.24
N LEU B 85 0.58 3.54 4.65
CA LEU B 85 0.00 3.22 3.37
C LEU B 85 -1.52 3.19 3.46
N LEU B 86 -2.06 2.48 4.43
CA LEU B 86 -3.51 2.37 4.59
C LEU B 86 -4.16 3.76 4.68
N GLU B 87 -3.57 4.63 5.48
CA GLU B 87 -4.06 5.99 5.63
C GLU B 87 -3.89 6.77 4.31
N LEU B 88 -2.81 6.48 3.61
CA LEU B 88 -2.57 7.05 2.28
C LEU B 88 -3.65 6.58 1.30
N LEU B 89 -3.91 5.29 1.34
CA LEU B 89 -4.91 4.65 0.48
C LEU B 89 -6.31 5.20 0.73
N SER B 90 -6.47 5.90 1.83
CA SER B 90 -7.79 6.39 2.22
C SER B 90 -8.01 7.82 1.72
N ALA B 91 -6.94 8.61 1.68
CA ALA B 91 -7.04 10.01 1.30
C ALA B 91 -7.41 10.16 -0.17
N LEU B 92 -6.80 9.32 -1.00
CA LEU B 92 -6.92 9.46 -2.45
C LEU B 92 -8.19 8.80 -3.00
N VAL B 93 -8.81 7.91 -2.24
CA VAL B 93 -10.06 7.31 -2.69
C VAL B 93 -11.25 8.13 -2.24
N HIS B 94 -11.04 8.93 -1.20
CA HIS B 94 -12.09 9.81 -0.70
C HIS B 94 -12.31 10.96 -1.67
N VAL B 95 -11.25 11.45 -2.27
CA VAL B 95 -11.34 12.61 -3.15
C VAL B 95 -12.20 12.32 -4.38
N LEU B 96 -12.24 11.05 -4.79
CA LEU B 96 -13.03 10.65 -5.95
C LEU B 96 -14.52 10.81 -5.68
N SER B 97 -14.89 10.87 -4.40
CA SER B 97 -16.27 11.04 -4.00
C SER B 97 -16.83 12.40 -4.46
N SER B 98 -15.94 13.29 -4.86
CA SER B 98 -16.34 14.58 -5.39
C SER B 98 -15.40 15.00 -6.51
N ALA B 99 -14.74 14.02 -7.12
CA ALA B 99 -13.86 14.26 -8.25
C ALA B 99 -14.51 13.79 -9.52
N SER B 100 -15.11 14.71 -10.25
CA SER B 100 -15.74 14.42 -11.50
C SER B 100 -14.72 14.02 -12.56
N ILE B 101 -14.35 12.75 -12.58
CA ILE B 101 -13.44 12.26 -13.57
C ILE B 101 -14.11 12.16 -14.94
N GLY B 102 -13.37 12.53 -15.99
CA GLY B 102 -13.92 12.48 -17.33
C GLY B 102 -13.52 11.23 -18.09
N ASN B 103 -12.54 11.36 -18.97
CA ASN B 103 -12.13 10.25 -19.82
C ASN B 103 -10.69 9.86 -19.54
N VAL B 104 -10.50 8.70 -18.93
CA VAL B 104 -9.17 8.15 -18.72
C VAL B 104 -8.92 6.96 -19.63
N SER B 105 -7.67 6.76 -20.01
CA SER B 105 -7.31 5.67 -20.89
C SER B 105 -5.98 5.06 -20.45
N SER B 106 -5.64 3.91 -21.00
CA SER B 106 -4.46 3.17 -20.60
C SER B 106 -3.16 3.85 -21.02
N VAL B 107 -3.28 4.92 -21.79
CA VAL B 107 -2.10 5.60 -22.32
C VAL B 107 -1.43 6.46 -21.25
N GLY B 108 -0.28 5.98 -20.79
CA GLY B 108 0.55 6.78 -19.90
C GLY B 108 0.72 6.17 -18.53
N VAL B 109 -0.07 5.13 -18.23
CA VAL B 109 0.04 4.44 -16.94
C VAL B 109 1.45 3.91 -16.73
N ASP B 110 2.06 3.50 -17.83
CA ASP B 110 3.42 2.99 -17.84
C ASP B 110 4.37 4.00 -17.18
N SER B 111 4.12 5.28 -17.45
CA SER B 111 4.96 6.36 -16.97
C SER B 111 4.66 6.71 -15.51
N THR B 112 3.37 6.67 -15.15
CA THR B 112 2.95 6.96 -13.79
C THR B 112 3.59 5.98 -12.82
N LEU B 113 3.73 4.74 -13.27
CA LEU B 113 4.32 3.67 -12.47
C LEU B 113 5.78 3.97 -12.11
N ASN B 114 6.42 4.83 -12.89
CA ASN B 114 7.81 5.21 -12.62
C ASN B 114 7.88 6.08 -11.37
N VAL B 115 6.78 6.80 -11.10
CA VAL B 115 6.73 7.74 -10.00
C VAL B 115 6.36 7.04 -8.69
N VAL B 116 5.47 6.07 -8.78
CA VAL B 116 5.01 5.34 -7.59
C VAL B 116 6.19 4.63 -6.92
N GLN B 117 7.14 4.20 -7.75
CA GLN B 117 8.33 3.49 -7.27
C GLN B 117 9.20 4.42 -6.44
N ASP B 118 9.07 5.71 -6.71
CA ASP B 118 9.90 6.73 -6.09
C ASP B 118 9.40 7.07 -4.70
N SER B 119 8.09 7.00 -4.54
CA SER B 119 7.45 7.46 -3.32
C SER B 119 7.44 6.38 -2.23
N VAL B 120 7.26 5.13 -2.62
CA VAL B 120 7.11 4.05 -1.65
C VAL B 120 8.31 3.10 -1.68
N GLY B 121 9.05 3.11 -2.78
CA GLY B 121 10.15 2.18 -2.96
C GLY B 121 11.25 2.35 -1.93
N GLN B 122 11.33 3.53 -1.33
CA GLN B 122 12.37 3.81 -0.35
C GLN B 122 11.93 3.38 1.05
N TYR B 123 10.75 2.79 1.16
CA TYR B 123 10.25 2.31 2.44
C TYR B 123 10.13 0.79 2.45
N VAL B 124 9.82 0.23 1.28
CA VAL B 124 9.67 -1.22 1.14
C VAL B 124 11.03 -1.89 0.93
N GLY B 125 12.07 -1.10 0.88
CA GLY B 125 13.41 -1.63 0.74
C GLY B 125 14.43 -0.64 1.24
N GLY A 1 16.69 -32.89 25.56
CA GLY A 1 18.03 -33.49 25.32
C GLY A 1 18.97 -32.52 24.66
N SER A 2 19.90 -31.99 25.45
CA SER A 2 20.88 -31.00 24.98
C SER A 2 20.19 -29.78 24.39
N GLY A 3 19.75 -28.88 25.27
CA GLY A 3 19.05 -27.69 24.84
C GLY A 3 17.56 -27.82 24.99
N ASN A 4 16.82 -26.90 24.40
CA ASN A 4 15.36 -26.92 24.49
C ASN A 4 14.75 -26.44 23.19
N SER A 5 15.01 -25.20 22.83
CA SER A 5 14.52 -24.63 21.59
C SER A 5 15.65 -23.94 20.84
N VAL A 6 16.16 -24.59 19.80
CA VAL A 6 17.27 -24.04 19.02
C VAL A 6 16.81 -22.88 18.13
N THR A 7 17.18 -21.67 18.51
CA THR A 7 16.91 -20.50 17.71
C THR A 7 17.91 -19.40 18.05
N SER A 8 18.32 -18.63 17.06
CA SER A 8 19.33 -17.60 17.26
C SER A 8 19.07 -16.38 16.39
N GLY A 9 19.24 -16.54 15.09
CA GLY A 9 19.06 -15.43 14.17
C GLY A 9 19.70 -15.70 12.83
N GLY A 10 20.04 -14.63 12.11
CA GLY A 10 20.63 -14.78 10.80
C GLY A 10 19.64 -14.49 9.68
N TYR A 11 18.56 -13.79 10.03
CA TYR A 11 17.52 -13.46 9.06
C TYR A 11 16.98 -12.06 9.33
N GLY A 12 15.95 -11.67 8.61
CA GLY A 12 15.41 -10.33 8.75
C GLY A 12 15.62 -9.53 7.49
N TYR A 13 16.64 -8.69 7.49
CA TYR A 13 17.02 -7.94 6.29
C TYR A 13 18.19 -8.63 5.60
N GLY A 14 18.72 -9.66 6.24
CA GLY A 14 19.84 -10.37 5.70
C GLY A 14 19.52 -11.81 5.36
N THR A 15 18.25 -12.08 5.08
CA THR A 15 17.83 -13.42 4.71
C THR A 15 18.08 -13.66 3.23
N SER A 16 18.01 -12.59 2.44
CA SER A 16 18.37 -12.64 1.03
C SER A 16 18.76 -11.25 0.56
N ALA A 17 20.05 -11.02 0.41
CA ALA A 17 20.54 -9.72 -0.03
C ALA A 17 20.51 -9.61 -1.54
N ALA A 18 19.48 -8.95 -2.05
CA ALA A 18 19.31 -8.79 -3.50
C ALA A 18 18.56 -7.50 -3.80
N ALA A 19 18.10 -7.36 -5.03
CA ALA A 19 17.31 -6.19 -5.42
C ALA A 19 15.88 -6.28 -4.86
N GLY A 20 15.53 -7.45 -4.35
CA GLY A 20 14.21 -7.64 -3.78
C GLY A 20 13.82 -9.10 -3.77
N ALA A 21 12.51 -9.36 -3.81
CA ALA A 21 11.98 -10.72 -3.87
C ALA A 21 12.42 -11.56 -2.68
N GLY A 22 12.41 -10.95 -1.50
CA GLY A 22 12.79 -11.66 -0.30
C GLY A 22 13.93 -11.01 0.45
N VAL A 23 14.12 -9.71 0.23
CA VAL A 23 15.18 -8.96 0.92
C VAL A 23 14.95 -8.93 2.42
N ALA A 24 13.76 -8.51 2.82
CA ALA A 24 13.41 -8.44 4.23
C ALA A 24 12.25 -9.37 4.52
N ALA A 25 11.99 -9.59 5.80
CA ALA A 25 10.91 -10.46 6.22
C ALA A 25 9.55 -9.88 5.80
N GLY A 26 9.42 -8.56 5.91
CA GLY A 26 8.16 -7.93 5.60
C GLY A 26 8.31 -6.72 4.70
N SER A 27 9.41 -6.66 3.96
CA SER A 27 9.66 -5.58 3.03
C SER A 27 10.44 -6.07 1.83
N TYR A 28 10.04 -5.62 0.64
CA TYR A 28 10.67 -6.07 -0.58
C TYR A 28 10.61 -4.97 -1.63
N ALA A 29 11.73 -4.68 -2.26
CA ALA A 29 11.79 -3.66 -3.29
C ALA A 29 11.66 -4.26 -4.68
N GLY A 30 11.88 -5.56 -4.79
CA GLY A 30 11.84 -6.22 -6.10
C GLY A 30 10.50 -6.05 -6.78
N ALA A 31 9.45 -6.06 -5.96
CA ALA A 31 8.09 -5.87 -6.43
C ALA A 31 7.90 -4.48 -7.04
N VAL A 32 8.74 -3.54 -6.63
CA VAL A 32 8.57 -2.15 -6.99
C VAL A 32 9.33 -1.82 -8.27
N ASN A 33 10.56 -2.31 -8.38
CA ASN A 33 11.41 -1.97 -9.53
C ASN A 33 10.81 -2.49 -10.82
N ARG A 34 10.01 -3.55 -10.71
CA ARG A 34 9.45 -4.19 -11.89
C ARG A 34 8.13 -3.54 -12.32
N LEU A 35 7.73 -2.49 -11.62
CA LEU A 35 6.48 -1.80 -11.94
C LEU A 35 6.62 -0.97 -13.21
N SER A 36 7.85 -0.61 -13.54
CA SER A 36 8.12 0.20 -14.72
C SER A 36 8.15 -0.67 -15.98
N SER A 37 7.91 -1.96 -15.81
CA SER A 37 7.84 -2.89 -16.90
C SER A 37 6.41 -3.00 -17.42
N ALA A 38 6.24 -3.66 -18.56
CA ALA A 38 4.93 -3.84 -19.18
C ALA A 38 3.99 -4.64 -18.28
N GLU A 39 4.57 -5.37 -17.32
CA GLU A 39 3.80 -6.21 -16.40
C GLU A 39 2.71 -5.40 -15.70
N ALA A 40 3.12 -4.40 -14.95
CA ALA A 40 2.18 -3.57 -14.22
C ALA A 40 1.33 -2.73 -15.15
N ALA A 41 1.98 -2.06 -16.09
CA ALA A 41 1.30 -1.12 -16.99
C ALA A 41 0.09 -1.75 -17.67
N SER A 42 0.19 -3.04 -17.97
CA SER A 42 -0.87 -3.76 -18.67
C SER A 42 -2.02 -4.15 -17.72
N ARG A 43 -1.74 -4.21 -16.43
CA ARG A 43 -2.74 -4.61 -15.44
C ARG A 43 -3.39 -3.39 -14.85
N VAL A 44 -2.54 -2.43 -14.53
CA VAL A 44 -2.96 -1.20 -13.90
C VAL A 44 -3.89 -0.39 -14.82
N SER A 45 -3.61 -0.40 -16.12
CA SER A 45 -4.43 0.31 -17.09
C SER A 45 -5.79 -0.35 -17.24
N SER A 46 -5.88 -1.60 -16.84
CA SER A 46 -7.12 -2.35 -16.97
C SER A 46 -8.04 -2.10 -15.78
N ASN A 47 -7.52 -1.40 -14.77
CA ASN A 47 -8.26 -1.18 -13.54
C ASN A 47 -8.42 0.31 -13.24
N ILE A 48 -7.85 1.14 -14.09
CA ILE A 48 -7.98 2.59 -13.94
C ILE A 48 -9.43 3.03 -14.04
N ALA A 49 -10.15 2.46 -14.99
CA ALA A 49 -11.53 2.84 -15.24
C ALA A 49 -12.46 2.26 -14.18
N ALA A 50 -11.96 1.28 -13.46
CA ALA A 50 -12.75 0.61 -12.43
C ALA A 50 -12.77 1.45 -11.16
N ILE A 51 -11.59 1.82 -10.69
CA ILE A 51 -11.48 2.64 -9.49
C ILE A 51 -12.06 4.02 -9.73
N ALA A 52 -11.93 4.50 -10.97
CA ALA A 52 -12.47 5.80 -11.34
C ALA A 52 -13.99 5.83 -11.24
N SER A 53 -14.61 4.67 -11.36
CA SER A 53 -16.06 4.57 -11.33
C SER A 53 -16.56 4.32 -9.90
N GLY A 54 -15.82 3.50 -9.15
CA GLY A 54 -16.27 3.12 -7.81
C GLY A 54 -15.71 4.03 -6.72
N GLY A 55 -14.52 4.55 -6.93
CA GLY A 55 -13.87 5.37 -5.94
C GLY A 55 -13.24 4.53 -4.85
N ALA A 56 -14.08 3.95 -4.00
CA ALA A 56 -13.61 3.12 -2.91
C ALA A 56 -14.22 1.73 -2.98
N SER A 57 -15.39 1.63 -3.61
CA SER A 57 -16.10 0.37 -3.73
C SER A 57 -15.37 -0.57 -4.69
N ALA A 58 -14.47 0.00 -5.47
CA ALA A 58 -13.73 -0.76 -6.46
C ALA A 58 -12.47 -1.35 -5.86
N LEU A 59 -12.07 -0.83 -4.70
CA LEU A 59 -10.84 -1.27 -4.04
C LEU A 59 -10.84 -2.79 -3.81
N PRO A 60 -11.83 -3.35 -3.10
CA PRO A 60 -11.88 -4.79 -2.81
C PRO A 60 -11.93 -5.64 -4.08
N SER A 61 -12.43 -5.05 -5.17
CA SER A 61 -12.53 -5.77 -6.42
C SER A 61 -11.23 -5.69 -7.22
N VAL A 62 -10.63 -4.50 -7.27
CA VAL A 62 -9.48 -4.25 -8.11
C VAL A 62 -8.22 -4.84 -7.50
N ILE A 63 -8.13 -4.75 -6.17
CA ILE A 63 -7.01 -5.33 -5.46
C ILE A 63 -6.98 -6.84 -5.70
N SER A 64 -8.15 -7.46 -5.73
CA SER A 64 -8.26 -8.88 -5.96
C SER A 64 -7.85 -9.22 -7.40
N ASN A 65 -8.22 -8.34 -8.33
CA ASN A 65 -7.86 -8.52 -9.74
C ASN A 65 -6.35 -8.53 -9.91
N ILE A 66 -5.71 -7.49 -9.40
CA ILE A 66 -4.27 -7.33 -9.55
C ILE A 66 -3.51 -8.38 -8.76
N TYR A 67 -3.92 -8.60 -7.52
CA TYR A 67 -3.24 -9.55 -6.64
C TYR A 67 -3.15 -10.93 -7.29
N SER A 68 -4.27 -11.40 -7.81
CA SER A 68 -4.33 -12.69 -8.48
C SER A 68 -3.39 -12.73 -9.68
N GLY A 69 -3.25 -11.59 -10.34
CA GLY A 69 -2.39 -11.50 -11.50
C GLY A 69 -0.93 -11.57 -11.11
N VAL A 70 -0.60 -10.87 -10.02
CA VAL A 70 0.76 -10.85 -9.51
C VAL A 70 1.18 -12.24 -9.02
N VAL A 71 0.32 -12.87 -8.24
CA VAL A 71 0.59 -14.18 -7.69
C VAL A 71 0.79 -15.21 -8.81
N ALA A 72 -0.03 -15.12 -9.84
CA ALA A 72 0.04 -16.04 -10.98
C ALA A 72 1.36 -15.88 -11.75
N SER A 73 2.01 -14.73 -11.57
CA SER A 73 3.24 -14.43 -12.25
C SER A 73 4.42 -15.23 -11.67
N GLY A 74 4.30 -15.63 -10.41
CA GLY A 74 5.38 -16.34 -9.75
C GLY A 74 6.11 -15.46 -8.75
N VAL A 75 5.36 -14.62 -8.06
CA VAL A 75 5.91 -13.76 -7.03
C VAL A 75 5.87 -14.47 -5.68
N SER A 76 6.65 -13.98 -4.72
CA SER A 76 6.60 -14.49 -3.36
C SER A 76 5.25 -14.14 -2.72
N SER A 77 4.76 -15.03 -1.88
CA SER A 77 3.43 -14.90 -1.29
C SER A 77 3.21 -13.54 -0.61
N ASN A 78 4.17 -13.10 0.19
CA ASN A 78 3.99 -11.86 0.94
C ASN A 78 4.39 -10.65 0.09
N GLU A 79 5.32 -10.86 -0.85
CA GLU A 79 5.73 -9.78 -1.76
C GLU A 79 4.57 -9.45 -2.70
N ALA A 80 3.73 -10.44 -2.96
CA ALA A 80 2.55 -10.26 -3.78
C ALA A 80 1.67 -9.15 -3.24
N LEU A 81 1.56 -9.07 -1.92
CA LEU A 81 0.79 -8.02 -1.26
C LEU A 81 1.34 -6.66 -1.68
N ILE A 82 2.64 -6.51 -1.53
CA ILE A 82 3.31 -5.25 -1.83
C ILE A 82 3.14 -4.88 -3.29
N GLN A 83 3.49 -5.80 -4.19
CA GLN A 83 3.38 -5.54 -5.62
C GLN A 83 1.94 -5.22 -6.02
N ALA A 84 1.00 -6.01 -5.51
CA ALA A 84 -0.40 -5.82 -5.83
C ALA A 84 -0.87 -4.45 -5.35
N LEU A 85 -0.44 -4.07 -4.15
CA LEU A 85 -0.78 -2.77 -3.60
C LEU A 85 -0.14 -1.66 -4.42
N LEU A 86 1.11 -1.82 -4.81
CA LEU A 86 1.83 -0.78 -5.55
C LEU A 86 1.24 -0.57 -6.93
N GLU A 87 0.89 -1.66 -7.60
CA GLU A 87 0.19 -1.57 -8.88
C GLU A 87 -1.18 -0.95 -8.70
N LEU A 88 -1.82 -1.25 -7.57
CA LEU A 88 -3.09 -0.65 -7.19
C LEU A 88 -2.92 0.86 -7.02
N LEU A 89 -1.84 1.26 -6.36
CA LEU A 89 -1.57 2.67 -6.08
C LEU A 89 -1.34 3.45 -7.36
N SER A 90 -1.10 2.74 -8.45
CA SER A 90 -0.75 3.37 -9.70
C SER A 90 -2.00 3.65 -10.54
N ALA A 91 -2.98 2.76 -10.41
CA ALA A 91 -4.20 2.85 -11.21
C ALA A 91 -5.02 4.07 -10.81
N LEU A 92 -5.09 4.33 -9.51
CA LEU A 92 -5.97 5.35 -8.99
C LEU A 92 -5.34 6.75 -9.02
N VAL A 93 -4.03 6.84 -9.18
CA VAL A 93 -3.39 8.15 -9.30
C VAL A 93 -3.26 8.55 -10.76
N HIS A 94 -3.27 7.56 -11.65
CA HIS A 94 -3.21 7.81 -13.07
C HIS A 94 -4.51 8.47 -13.53
N VAL A 95 -5.62 8.07 -12.92
CA VAL A 95 -6.93 8.57 -13.32
C VAL A 95 -7.05 10.07 -13.06
N LEU A 96 -6.30 10.57 -12.07
CA LEU A 96 -6.33 11.98 -11.73
C LEU A 96 -5.82 12.84 -12.88
N SER A 97 -5.09 12.23 -13.79
CA SER A 97 -4.56 12.93 -14.95
C SER A 97 -5.68 13.41 -15.87
N SER A 98 -6.84 12.78 -15.77
CA SER A 98 -7.99 13.18 -16.58
C SER A 98 -9.24 13.29 -15.70
N ALA A 99 -9.01 13.32 -14.39
CA ALA A 99 -10.09 13.47 -13.46
C ALA A 99 -10.12 14.89 -12.93
N SER A 100 -10.96 15.71 -13.54
CA SER A 100 -11.08 17.09 -13.13
C SER A 100 -11.77 17.19 -11.78
N ILE A 101 -10.99 17.07 -10.71
CA ILE A 101 -11.52 17.16 -9.37
C ILE A 101 -11.97 18.58 -9.06
N GLY A 102 -13.14 18.70 -8.45
CA GLY A 102 -13.69 20.00 -8.12
C GLY A 102 -13.18 20.51 -6.79
N ASN A 103 -13.90 20.20 -5.72
CA ASN A 103 -13.51 20.62 -4.39
C ASN A 103 -13.83 19.53 -3.37
N VAL A 104 -12.82 19.12 -2.62
CA VAL A 104 -13.00 18.10 -1.61
C VAL A 104 -12.98 18.70 -0.21
N SER A 105 -13.81 18.16 0.67
CA SER A 105 -13.90 18.66 2.03
C SER A 105 -13.22 17.70 2.99
N SER A 106 -12.54 18.25 3.98
CA SER A 106 -11.80 17.46 4.94
C SER A 106 -12.71 16.92 6.04
N VAL A 107 -13.78 16.22 5.63
CA VAL A 107 -14.73 15.68 6.58
C VAL A 107 -15.37 14.41 6.03
N GLY A 108 -15.45 13.37 6.85
CA GLY A 108 -16.06 12.13 6.43
C GLY A 108 -15.05 11.08 6.05
N VAL A 109 -13.76 11.45 6.14
CA VAL A 109 -12.68 10.53 5.80
C VAL A 109 -12.67 9.35 6.76
N ASP A 110 -13.11 9.60 7.99
CA ASP A 110 -13.24 8.54 9.00
C ASP A 110 -14.01 7.35 8.42
N SER A 111 -15.11 7.66 7.75
CA SER A 111 -15.96 6.64 7.15
C SER A 111 -15.26 5.93 6.00
N THR A 112 -14.48 6.66 5.22
CA THR A 112 -13.73 6.07 4.11
C THR A 112 -12.71 5.08 4.62
N LEU A 113 -12.06 5.44 5.72
CA LEU A 113 -11.07 4.59 6.36
C LEU A 113 -11.69 3.27 6.81
N ASN A 114 -12.91 3.33 7.30
CA ASN A 114 -13.63 2.12 7.72
C ASN A 114 -13.81 1.14 6.55
N VAL A 115 -13.81 1.68 5.33
CA VAL A 115 -14.01 0.86 4.14
C VAL A 115 -12.68 0.30 3.62
N VAL A 116 -11.62 1.10 3.70
CA VAL A 116 -10.31 0.67 3.19
C VAL A 116 -9.80 -0.53 3.99
N GLN A 117 -10.30 -0.67 5.20
CA GLN A 117 -9.93 -1.78 6.07
C GLN A 117 -10.51 -3.09 5.57
N ASP A 118 -11.54 -2.99 4.73
CA ASP A 118 -12.25 -4.16 4.23
C ASP A 118 -11.55 -4.77 3.04
N SER A 119 -10.92 -3.93 2.25
CA SER A 119 -10.32 -4.35 0.99
C SER A 119 -8.95 -4.96 1.19
N VAL A 120 -8.12 -4.32 1.99
CA VAL A 120 -6.74 -4.76 2.17
C VAL A 120 -6.55 -5.47 3.50
N GLY A 121 -7.48 -5.24 4.41
CA GLY A 121 -7.40 -5.82 5.73
C GLY A 121 -7.41 -7.34 5.72
N GLN A 122 -7.93 -7.91 4.64
CA GLN A 122 -8.02 -9.36 4.51
C GLN A 122 -6.77 -9.94 3.84
N TYR A 123 -5.77 -9.08 3.62
CA TYR A 123 -4.50 -9.52 3.05
C TYR A 123 -3.38 -9.26 4.03
N VAL A 124 -3.51 -8.17 4.78
CA VAL A 124 -2.54 -7.82 5.80
C VAL A 124 -2.89 -8.49 7.13
N GLY A 125 -3.99 -9.21 7.13
CA GLY A 125 -4.42 -9.92 8.33
C GLY A 125 -5.55 -10.89 8.03
N GLY B 1 29.40 -26.09 25.60
CA GLY B 1 29.92 -25.10 24.66
C GLY B 1 29.78 -25.55 23.23
N SER B 2 28.99 -26.60 23.02
CA SER B 2 28.77 -27.12 21.69
C SER B 2 27.65 -26.34 20.99
N GLY B 3 28.05 -25.45 20.10
CA GLY B 3 27.09 -24.64 19.39
C GLY B 3 27.02 -25.00 17.92
N ASN B 4 25.96 -24.57 17.26
CA ASN B 4 25.78 -24.85 15.84
C ASN B 4 24.81 -23.83 15.24
N SER B 5 25.00 -23.50 13.98
CA SER B 5 24.21 -22.47 13.32
C SER B 5 22.85 -23.00 12.86
N VAL B 6 22.03 -23.41 13.81
CA VAL B 6 20.69 -23.87 13.52
C VAL B 6 19.67 -23.04 14.28
N THR B 7 18.84 -22.32 13.54
CA THR B 7 17.85 -21.45 14.13
C THR B 7 16.45 -21.79 13.63
N SER B 8 15.53 -22.03 14.55
CA SER B 8 14.15 -22.30 14.20
C SER B 8 13.43 -20.99 13.88
N GLY B 9 13.98 -19.89 14.37
CA GLY B 9 13.43 -18.58 14.07
C GLY B 9 12.34 -18.17 15.04
N GLY B 10 11.12 -18.57 14.72
CA GLY B 10 9.97 -18.13 15.51
C GLY B 10 9.38 -16.86 14.94
N TYR B 11 9.28 -16.81 13.61
CA TYR B 11 8.76 -15.64 12.92
C TYR B 11 7.67 -16.05 11.94
N GLY B 12 7.32 -15.15 11.03
CA GLY B 12 6.20 -15.39 10.14
C GLY B 12 4.91 -14.99 10.80
N TYR B 13 3.95 -15.90 10.86
CA TYR B 13 2.73 -15.66 11.59
C TYR B 13 2.90 -16.14 13.03
N GLY B 14 4.02 -16.82 13.28
CA GLY B 14 4.30 -17.33 14.61
C GLY B 14 5.11 -16.36 15.44
N THR B 15 4.97 -15.08 15.15
CA THR B 15 5.68 -14.05 15.88
C THR B 15 4.96 -13.72 17.18
N SER B 16 3.77 -13.16 17.06
CA SER B 16 2.95 -12.83 18.21
C SER B 16 1.47 -12.79 17.84
N ALA B 17 0.65 -13.54 18.58
CA ALA B 17 -0.76 -13.61 18.30
C ALA B 17 -1.51 -12.41 18.89
N ALA B 18 -2.30 -11.76 18.06
CA ALA B 18 -3.08 -10.60 18.46
C ALA B 18 -4.09 -10.26 17.37
N ALA B 19 -4.95 -9.28 17.62
CA ALA B 19 -5.91 -8.85 16.60
C ALA B 19 -5.20 -8.07 15.49
N GLY B 20 -3.97 -7.66 15.78
CA GLY B 20 -3.19 -6.95 14.79
C GLY B 20 -2.08 -6.14 15.42
N ALA B 21 -0.92 -6.75 15.55
CA ALA B 21 0.27 -6.07 16.06
C ALA B 21 1.46 -7.01 15.99
N GLY B 22 2.27 -6.87 14.94
CA GLY B 22 3.35 -7.80 14.71
C GLY B 22 2.86 -9.22 14.56
N VAL B 23 1.75 -9.39 13.85
CA VAL B 23 1.13 -10.70 13.67
C VAL B 23 1.82 -11.52 12.61
N ALA B 24 2.34 -10.84 11.60
CA ALA B 24 3.04 -11.51 10.52
C ALA B 24 4.32 -10.77 10.19
N ALA B 25 5.13 -11.36 9.33
CA ALA B 25 6.40 -10.76 8.96
C ALA B 25 6.20 -9.45 8.21
N GLY B 26 5.24 -9.44 7.30
CA GLY B 26 4.99 -8.26 6.50
C GLY B 26 3.53 -7.91 6.41
N SER B 27 2.77 -8.36 7.39
CA SER B 27 1.35 -8.11 7.44
C SER B 27 0.90 -7.86 8.87
N TYR B 28 0.15 -6.80 9.07
CA TYR B 28 -0.35 -6.46 10.39
C TYR B 28 -1.70 -5.80 10.28
N ALA B 29 -2.69 -6.38 10.92
CA ALA B 29 -4.05 -5.87 10.84
C ALA B 29 -4.25 -4.68 11.77
N GLY B 30 -3.39 -4.54 12.76
CA GLY B 30 -3.52 -3.43 13.69
C GLY B 30 -3.19 -2.10 13.05
N ALA B 31 -2.45 -2.18 11.94
CA ALA B 31 -2.14 -1.01 11.15
C ALA B 31 -3.31 -0.66 10.25
N VAL B 32 -4.39 -1.40 10.41
CA VAL B 32 -5.61 -1.21 9.64
C VAL B 32 -6.75 -0.83 10.57
N ASN B 33 -6.82 -1.52 11.69
CA ASN B 33 -7.92 -1.36 12.64
C ASN B 33 -7.86 0.00 13.34
N ARG B 34 -6.73 0.70 13.18
CA ARG B 34 -6.56 2.01 13.78
C ARG B 34 -6.97 3.10 12.79
N LEU B 35 -7.44 2.69 11.63
CA LEU B 35 -7.87 3.64 10.60
C LEU B 35 -9.27 4.16 10.93
N SER B 36 -10.06 3.33 11.60
CA SER B 36 -11.41 3.69 12.01
C SER B 36 -11.38 4.59 13.24
N SER B 37 -10.17 4.99 13.62
CA SER B 37 -9.97 5.93 14.68
C SER B 37 -9.93 7.34 14.13
N ALA B 38 -10.31 8.31 14.94
CA ALA B 38 -10.35 9.71 14.51
C ALA B 38 -8.94 10.22 14.20
N GLU B 39 -7.94 9.48 14.65
CA GLU B 39 -6.54 9.79 14.41
C GLU B 39 -6.26 9.87 12.91
N ALA B 40 -6.57 8.78 12.22
CA ALA B 40 -6.35 8.72 10.77
C ALA B 40 -7.10 9.83 10.07
N ALA B 41 -8.40 9.93 10.35
CA ALA B 41 -9.25 10.93 9.73
C ALA B 41 -8.66 12.33 9.85
N SER B 42 -7.93 12.56 10.94
CA SER B 42 -7.33 13.86 11.21
C SER B 42 -6.12 14.12 10.30
N ARG B 43 -5.45 13.05 9.86
CA ARG B 43 -4.24 13.18 9.04
C ARG B 43 -4.60 13.05 7.57
N VAL B 44 -5.43 12.06 7.29
CA VAL B 44 -5.82 11.72 5.94
C VAL B 44 -6.59 12.86 5.28
N SER B 45 -7.41 13.55 6.07
CA SER B 45 -8.23 14.65 5.55
C SER B 45 -7.36 15.88 5.26
N SER B 46 -6.14 15.87 5.73
CA SER B 46 -5.23 16.98 5.53
C SER B 46 -4.45 16.80 4.23
N ASN B 47 -4.46 15.60 3.71
CA ASN B 47 -3.66 15.27 2.55
C ASN B 47 -4.53 14.97 1.34
N ILE B 48 -5.85 14.96 1.56
CA ILE B 48 -6.80 14.74 0.48
C ILE B 48 -6.65 15.82 -0.60
N ALA B 49 -6.47 17.06 -0.17
CA ALA B 49 -6.39 18.17 -1.10
C ALA B 49 -5.02 18.25 -1.73
N ALA B 50 -4.07 17.51 -1.17
CA ALA B 50 -2.71 17.50 -1.67
C ALA B 50 -2.60 16.55 -2.86
N ILE B 51 -3.10 15.34 -2.68
CA ILE B 51 -3.09 14.35 -3.75
C ILE B 51 -3.99 14.81 -4.90
N ALA B 52 -5.08 15.46 -4.54
CA ALA B 52 -6.02 15.98 -5.54
C ALA B 52 -5.35 17.04 -6.42
N SER B 53 -4.31 17.66 -5.88
CA SER B 53 -3.62 18.74 -6.59
C SER B 53 -2.45 18.20 -7.42
N GLY B 54 -1.74 17.21 -6.90
CA GLY B 54 -0.56 16.70 -7.58
C GLY B 54 -0.82 15.43 -8.37
N GLY B 55 -1.88 14.71 -8.02
CA GLY B 55 -2.21 13.48 -8.70
C GLY B 55 -1.33 12.34 -8.26
N ALA B 56 -0.10 12.34 -8.75
CA ALA B 56 0.86 11.31 -8.42
C ALA B 56 2.11 11.93 -7.81
N SER B 57 2.39 13.17 -8.18
CA SER B 57 3.58 13.86 -7.72
C SER B 57 3.40 14.31 -6.27
N ALA B 58 2.22 14.06 -5.72
CA ALA B 58 1.94 14.40 -4.33
C ALA B 58 2.23 13.20 -3.43
N LEU B 59 2.31 12.02 -4.03
CA LEU B 59 2.52 10.78 -3.30
C LEU B 59 3.79 10.85 -2.43
N PRO B 60 4.97 11.14 -3.03
CA PRO B 60 6.24 11.17 -2.28
C PRO B 60 6.23 12.20 -1.14
N SER B 61 5.36 13.20 -1.27
CA SER B 61 5.26 14.24 -0.26
C SER B 61 4.25 13.85 0.82
N VAL B 62 3.15 13.23 0.39
CA VAL B 62 2.04 12.94 1.29
C VAL B 62 2.32 11.68 2.11
N ILE B 63 2.88 10.68 1.47
CA ILE B 63 3.27 9.46 2.15
C ILE B 63 4.28 9.78 3.25
N SER B 64 5.15 10.73 2.96
CA SER B 64 6.17 11.15 3.93
C SER B 64 5.52 11.87 5.10
N ASN B 65 4.50 12.67 4.80
CA ASN B 65 3.76 13.39 5.84
C ASN B 65 3.15 12.42 6.83
N ILE B 66 2.40 11.46 6.31
CA ILE B 66 1.68 10.51 7.13
C ILE B 66 2.63 9.54 7.83
N TYR B 67 3.62 9.05 7.09
CA TYR B 67 4.57 8.08 7.63
C TYR B 67 5.25 8.65 8.87
N SER B 68 5.74 9.87 8.76
CA SER B 68 6.40 10.54 9.87
C SER B 68 5.47 10.69 11.06
N GLY B 69 4.18 10.82 10.76
CA GLY B 69 3.19 10.95 11.82
C GLY B 69 2.94 9.65 12.53
N VAL B 70 2.85 8.57 11.75
CA VAL B 70 2.61 7.25 12.31
C VAL B 70 3.82 6.76 13.10
N VAL B 71 5.01 6.96 12.53
CA VAL B 71 6.24 6.55 13.20
C VAL B 71 6.41 7.27 14.54
N ALA B 72 5.99 8.53 14.58
CA ALA B 72 6.05 9.32 15.82
C ALA B 72 5.06 8.80 16.87
N SER B 73 4.24 7.84 16.49
CA SER B 73 3.29 7.23 17.41
C SER B 73 3.98 6.11 18.21
N GLY B 74 5.21 5.78 17.80
CA GLY B 74 5.97 4.77 18.51
C GLY B 74 5.74 3.38 17.95
N VAL B 75 5.47 3.32 16.66
CA VAL B 75 5.21 2.05 15.99
C VAL B 75 6.48 1.54 15.29
N SER B 76 6.54 0.25 15.02
CA SER B 76 7.64 -0.34 14.28
C SER B 76 7.62 0.14 12.83
N SER B 77 8.79 0.33 12.25
CA SER B 77 8.94 0.89 10.91
C SER B 77 8.15 0.10 9.86
N ASN B 78 8.27 -1.22 9.90
CA ASN B 78 7.65 -2.08 8.90
C ASN B 78 6.14 -2.05 9.05
N GLU B 79 5.66 -1.94 10.28
CA GLU B 79 4.24 -1.88 10.56
C GLU B 79 3.71 -0.48 10.24
N ALA B 80 4.57 0.51 10.44
CA ALA B 80 4.23 1.90 10.12
C ALA B 80 3.97 2.06 8.63
N LEU B 81 4.75 1.34 7.82
CA LEU B 81 4.58 1.38 6.37
C LEU B 81 3.15 1.02 6.00
N ILE B 82 2.62 -0.01 6.64
CA ILE B 82 1.26 -0.45 6.38
C ILE B 82 0.25 0.60 6.85
N GLN B 83 0.33 0.97 8.14
CA GLN B 83 -0.58 1.96 8.72
C GLN B 83 -0.58 3.25 7.90
N ALA B 84 0.61 3.76 7.62
CA ALA B 84 0.77 5.02 6.89
C ALA B 84 0.23 4.90 5.47
N LEU B 85 0.44 3.75 4.86
CA LEU B 85 -0.04 3.53 3.51
C LEU B 85 -1.55 3.41 3.49
N LEU B 86 -2.11 2.76 4.49
CA LEU B 86 -3.55 2.57 4.55
C LEU B 86 -4.25 3.90 4.83
N GLU B 87 -3.64 4.72 5.65
CA GLU B 87 -4.09 6.10 5.83
C GLU B 87 -3.98 6.86 4.51
N LEU B 88 -2.96 6.54 3.73
CA LEU B 88 -2.75 7.15 2.42
C LEU B 88 -3.84 6.68 1.45
N LEU B 89 -4.15 5.40 1.50
CA LEU B 89 -5.11 4.79 0.60
C LEU B 89 -6.53 5.30 0.84
N SER B 90 -6.73 6.06 1.89
CA SER B 90 -8.06 6.58 2.19
C SER B 90 -8.19 8.03 1.73
N ALA B 91 -7.06 8.70 1.61
CA ALA B 91 -7.06 10.11 1.22
C ALA B 91 -7.43 10.26 -0.25
N LEU B 92 -6.86 9.40 -1.07
CA LEU B 92 -6.98 9.51 -2.51
C LEU B 92 -8.29 8.92 -3.05
N VAL B 93 -8.93 8.04 -2.29
CA VAL B 93 -10.20 7.49 -2.73
C VAL B 93 -11.35 8.34 -2.20
N HIS B 94 -11.09 9.10 -1.15
CA HIS B 94 -12.08 9.99 -0.58
C HIS B 94 -12.36 11.13 -1.54
N VAL B 95 -11.31 11.61 -2.19
CA VAL B 95 -11.42 12.77 -3.07
C VAL B 95 -12.28 12.48 -4.29
N LEU B 96 -12.32 11.22 -4.70
CA LEU B 96 -13.12 10.82 -5.86
C LEU B 96 -14.59 11.08 -5.64
N SER B 97 -15.00 11.17 -4.38
CA SER B 97 -16.39 11.42 -4.04
C SER B 97 -16.83 12.80 -4.52
N SER B 98 -15.88 13.71 -4.64
CA SER B 98 -16.16 15.06 -5.09
C SER B 98 -15.42 15.35 -6.40
N ALA B 99 -14.80 14.31 -6.95
CA ALA B 99 -14.02 14.45 -8.16
C ALA B 99 -14.76 13.84 -9.35
N SER B 100 -15.32 14.69 -10.18
CA SER B 100 -16.02 14.24 -11.36
C SER B 100 -15.02 13.92 -12.47
N ILE B 101 -14.62 12.67 -12.55
CA ILE B 101 -13.69 12.24 -13.58
C ILE B 101 -14.34 12.27 -14.96
N GLY B 102 -13.56 12.59 -15.99
CA GLY B 102 -14.08 12.60 -17.34
C GLY B 102 -13.82 11.30 -18.07
N ASN B 103 -12.74 11.24 -18.82
CA ASN B 103 -12.38 10.04 -19.57
C ASN B 103 -10.89 9.76 -19.45
N VAL B 104 -10.54 8.64 -18.84
CA VAL B 104 -9.15 8.25 -18.65
C VAL B 104 -8.73 7.24 -19.71
N SER B 105 -7.59 7.51 -20.33
CA SER B 105 -7.03 6.62 -21.33
C SER B 105 -6.08 5.62 -20.67
N SER B 106 -5.93 4.46 -21.27
CA SER B 106 -5.07 3.42 -20.74
C SER B 106 -3.62 3.63 -21.16
N VAL B 107 -3.35 4.75 -21.80
CA VAL B 107 -2.04 5.05 -22.32
C VAL B 107 -1.33 6.06 -21.44
N GLY B 108 -0.22 5.64 -20.84
CA GLY B 108 0.57 6.53 -20.02
C GLY B 108 0.80 5.97 -18.63
N VAL B 109 0.08 4.91 -18.31
CA VAL B 109 0.21 4.25 -17.00
C VAL B 109 1.63 3.77 -16.80
N ASP B 110 2.26 3.39 -17.90
CA ASP B 110 3.66 2.96 -17.90
C ASP B 110 4.53 3.97 -17.15
N SER B 111 4.34 5.25 -17.47
CA SER B 111 5.13 6.32 -16.90
C SER B 111 4.71 6.61 -15.45
N THR B 112 3.41 6.53 -15.17
CA THR B 112 2.92 6.79 -13.83
C THR B 112 3.52 5.82 -12.83
N LEU B 113 3.76 4.60 -13.28
CA LEU B 113 4.35 3.56 -12.46
C LEU B 113 5.78 3.90 -12.07
N ASN B 114 6.42 4.77 -12.82
CA ASN B 114 7.78 5.20 -12.50
C ASN B 114 7.75 6.13 -11.29
N VAL B 115 6.60 6.75 -11.08
CA VAL B 115 6.44 7.71 -9.99
C VAL B 115 6.09 7.01 -8.69
N VAL B 116 5.23 5.99 -8.77
CA VAL B 116 4.78 5.26 -7.59
C VAL B 116 5.96 4.58 -6.89
N GLN B 117 6.94 4.16 -7.69
CA GLN B 117 8.13 3.49 -7.15
C GLN B 117 8.96 4.44 -6.32
N ASP B 118 8.88 5.71 -6.69
CA ASP B 118 9.70 6.75 -6.09
C ASP B 118 9.20 7.11 -4.70
N SER B 119 7.90 6.90 -4.50
CA SER B 119 7.25 7.33 -3.28
C SER B 119 7.35 6.27 -2.18
N VAL B 120 7.16 5.02 -2.55
CA VAL B 120 7.05 3.94 -1.57
C VAL B 120 8.31 3.05 -1.57
N GLY B 121 9.04 3.08 -2.67
CA GLY B 121 10.20 2.21 -2.81
C GLY B 121 11.29 2.45 -1.78
N GLN B 122 11.23 3.60 -1.13
CA GLN B 122 12.23 3.95 -0.12
C GLN B 122 11.78 3.52 1.27
N TYR B 123 10.60 2.93 1.36
CA TYR B 123 10.08 2.44 2.63
C TYR B 123 9.97 0.92 2.63
N VAL B 124 9.75 0.34 1.46
CA VAL B 124 9.62 -1.10 1.31
C VAL B 124 10.97 -1.77 1.07
N GLY B 125 12.01 -0.96 0.93
CA GLY B 125 13.33 -1.51 0.68
C GLY B 125 14.42 -0.60 1.17
N GLY A 1 22.00 -31.32 7.77
CA GLY A 1 21.68 -32.71 8.19
C GLY A 1 20.55 -32.76 9.20
N SER A 2 20.85 -32.41 10.43
CA SER A 2 19.84 -32.45 11.49
C SER A 2 18.98 -31.19 11.47
N GLY A 3 19.58 -30.06 11.85
CA GLY A 3 18.87 -28.80 11.83
C GLY A 3 18.20 -28.50 13.17
N ASN A 4 18.37 -27.28 13.64
CA ASN A 4 17.79 -26.85 14.91
C ASN A 4 17.39 -25.39 14.82
N SER A 5 16.09 -25.14 14.80
CA SER A 5 15.59 -23.77 14.72
C SER A 5 15.18 -23.29 16.11
N VAL A 6 16.03 -22.49 16.72
CA VAL A 6 15.76 -21.97 18.06
C VAL A 6 15.68 -20.44 18.04
N THR A 7 16.83 -19.77 18.13
CA THR A 7 16.87 -18.32 18.16
C THR A 7 17.91 -17.78 17.20
N SER A 8 17.55 -16.73 16.47
CA SER A 8 18.44 -16.13 15.48
C SER A 8 18.97 -14.78 15.98
N GLY A 9 19.55 -14.01 15.06
CA GLY A 9 20.11 -12.72 15.41
C GLY A 9 20.28 -11.83 14.20
N GLY A 10 21.44 -11.18 14.10
CA GLY A 10 21.69 -10.24 13.02
C GLY A 10 22.11 -10.92 11.73
N TYR A 11 21.29 -11.86 11.27
CA TYR A 11 21.56 -12.59 10.04
C TYR A 11 20.26 -13.16 9.48
N GLY A 12 20.38 -14.06 8.52
CA GLY A 12 19.21 -14.65 7.90
C GLY A 12 18.81 -13.92 6.64
N TYR A 13 18.14 -12.79 6.80
CA TYR A 13 17.81 -11.94 5.68
C TYR A 13 18.85 -10.84 5.54
N GLY A 14 19.03 -10.08 6.60
CA GLY A 14 19.90 -8.93 6.56
C GLY A 14 21.32 -9.27 6.99
N THR A 15 22.01 -10.04 6.17
CA THR A 15 23.39 -10.39 6.44
C THR A 15 24.33 -9.42 5.75
N SER A 16 23.93 -8.98 4.56
CA SER A 16 24.68 -8.03 3.76
C SER A 16 23.72 -7.32 2.81
N ALA A 17 24.26 -6.52 1.90
CA ALA A 17 23.43 -5.83 0.92
C ALA A 17 22.95 -6.80 -0.15
N ALA A 18 21.83 -7.45 0.11
CA ALA A 18 21.25 -8.39 -0.84
C ALA A 18 20.28 -7.68 -1.76
N ALA A 19 19.87 -8.36 -2.82
CA ALA A 19 18.92 -7.82 -3.77
C ALA A 19 17.52 -7.77 -3.16
N GLY A 20 16.77 -6.72 -3.48
CA GLY A 20 15.41 -6.56 -2.98
C GLY A 20 14.50 -7.73 -3.27
N ALA A 21 14.55 -8.73 -2.43
CA ALA A 21 13.72 -9.92 -2.55
C ALA A 21 13.81 -10.68 -1.24
N GLY A 22 12.90 -10.37 -0.33
CA GLY A 22 13.00 -10.88 1.03
C GLY A 22 14.09 -10.18 1.81
N VAL A 23 14.35 -8.91 1.44
CA VAL A 23 15.37 -8.10 2.10
C VAL A 23 14.98 -7.76 3.53
N ALA A 24 13.70 -7.50 3.73
CA ALA A 24 13.19 -7.18 5.04
C ALA A 24 12.00 -8.06 5.35
N ALA A 25 11.38 -7.83 6.49
CA ALA A 25 10.25 -8.64 6.93
C ALA A 25 9.02 -8.38 6.07
N GLY A 26 8.74 -7.11 5.83
CA GLY A 26 7.58 -6.73 5.05
C GLY A 26 7.90 -5.65 4.05
N SER A 27 9.16 -5.59 3.68
CA SER A 27 9.63 -4.61 2.72
C SER A 27 10.56 -5.24 1.71
N TYR A 28 10.23 -5.07 0.43
CA TYR A 28 11.03 -5.62 -0.64
C TYR A 28 10.97 -4.69 -1.85
N ALA A 29 12.11 -4.26 -2.31
CA ALA A 29 12.17 -3.29 -3.40
C ALA A 29 12.01 -3.97 -4.76
N GLY A 30 12.29 -5.27 -4.81
CA GLY A 30 12.19 -6.02 -6.06
C GLY A 30 10.81 -5.98 -6.66
N ALA A 31 9.81 -5.89 -5.79
CA ALA A 31 8.42 -5.81 -6.21
C ALA A 31 8.11 -4.47 -6.85
N VAL A 32 8.99 -3.51 -6.63
CA VAL A 32 8.77 -2.14 -7.09
C VAL A 32 9.44 -1.89 -8.44
N ASN A 33 10.65 -2.42 -8.61
CA ASN A 33 11.38 -2.19 -9.86
C ASN A 33 10.71 -2.92 -11.02
N ARG A 34 9.87 -3.88 -10.67
CA ARG A 34 9.20 -4.71 -11.67
C ARG A 34 8.01 -3.97 -12.28
N LEU A 35 7.68 -2.82 -11.72
CA LEU A 35 6.48 -2.08 -12.12
C LEU A 35 6.70 -1.33 -13.43
N SER A 36 7.95 -1.04 -13.76
CA SER A 36 8.26 -0.29 -14.97
C SER A 36 8.19 -1.20 -16.19
N SER A 37 7.86 -2.46 -15.95
CA SER A 37 7.69 -3.43 -17.02
C SER A 37 6.26 -3.38 -17.54
N ALA A 38 6.03 -4.00 -18.69
CA ALA A 38 4.71 -4.02 -19.30
C ALA A 38 3.71 -4.80 -18.45
N GLU A 39 4.24 -5.60 -17.52
CA GLU A 39 3.41 -6.39 -16.62
C GLU A 39 2.42 -5.51 -15.86
N ALA A 40 2.96 -4.55 -15.14
CA ALA A 40 2.13 -3.63 -14.36
C ALA A 40 1.18 -2.85 -15.26
N ALA A 41 1.73 -2.18 -16.26
CA ALA A 41 0.94 -1.33 -17.14
C ALA A 41 -0.23 -2.08 -17.77
N SER A 42 -0.06 -3.39 -17.94
CA SER A 42 -1.11 -4.23 -18.50
C SER A 42 -2.24 -4.51 -17.48
N ARG A 43 -1.96 -4.31 -16.21
CA ARG A 43 -2.95 -4.56 -15.16
C ARG A 43 -3.48 -3.23 -14.65
N VAL A 44 -2.55 -2.32 -14.37
CA VAL A 44 -2.86 -1.00 -13.84
C VAL A 44 -3.84 -0.26 -14.74
N SER A 45 -3.51 -0.21 -16.03
CA SER A 45 -4.33 0.51 -17.00
C SER A 45 -5.66 -0.19 -17.26
N SER A 46 -5.78 -1.42 -16.75
CA SER A 46 -6.99 -2.20 -16.93
C SER A 46 -7.95 -1.95 -15.76
N ASN A 47 -7.47 -1.26 -14.73
CA ASN A 47 -8.26 -1.03 -13.54
C ASN A 47 -8.43 0.46 -13.27
N ILE A 48 -7.83 1.29 -14.11
CA ILE A 48 -7.97 2.74 -13.99
C ILE A 48 -9.43 3.16 -14.10
N ALA A 49 -10.17 2.53 -15.00
CA ALA A 49 -11.56 2.88 -15.25
C ALA A 49 -12.47 2.30 -14.17
N ALA A 50 -11.92 1.38 -13.38
CA ALA A 50 -12.68 0.75 -12.31
C ALA A 50 -12.72 1.65 -11.08
N ILE A 51 -11.55 2.09 -10.65
CA ILE A 51 -11.44 2.96 -9.48
C ILE A 51 -12.09 4.30 -9.76
N ALA A 52 -12.01 4.74 -11.01
CA ALA A 52 -12.61 6.00 -11.44
C ALA A 52 -14.14 5.94 -11.34
N SER A 53 -14.67 4.74 -11.28
CA SER A 53 -16.11 4.53 -11.24
C SER A 53 -16.59 4.28 -9.80
N GLY A 54 -15.89 3.40 -9.09
CA GLY A 54 -16.31 3.02 -7.75
C GLY A 54 -15.70 3.91 -6.67
N GLY A 55 -14.58 4.54 -6.98
CA GLY A 55 -13.89 5.38 -6.01
C GLY A 55 -13.20 4.55 -4.95
N ALA A 56 -13.98 4.07 -4.01
CA ALA A 56 -13.48 3.25 -2.91
C ALA A 56 -14.04 1.85 -3.01
N SER A 57 -15.21 1.74 -3.62
CA SER A 57 -15.89 0.46 -3.75
C SER A 57 -15.17 -0.44 -4.77
N ALA A 58 -14.25 0.16 -5.51
CA ALA A 58 -13.50 -0.55 -6.52
C ALA A 58 -12.25 -1.18 -5.92
N LEU A 59 -11.85 -0.71 -4.74
CA LEU A 59 -10.65 -1.19 -4.07
C LEU A 59 -10.68 -2.72 -3.89
N PRO A 60 -11.71 -3.26 -3.22
CA PRO A 60 -11.80 -4.71 -2.97
C PRO A 60 -11.85 -5.53 -4.26
N SER A 61 -12.25 -4.89 -5.35
CA SER A 61 -12.32 -5.56 -6.63
C SER A 61 -10.98 -5.48 -7.36
N VAL A 62 -10.39 -4.31 -7.36
CA VAL A 62 -9.19 -4.04 -8.15
C VAL A 62 -7.97 -4.68 -7.51
N ILE A 63 -7.89 -4.55 -6.18
CA ILE A 63 -6.80 -5.15 -5.44
C ILE A 63 -6.78 -6.65 -5.65
N SER A 64 -7.94 -7.27 -5.68
CA SER A 64 -8.06 -8.70 -5.83
C SER A 64 -7.68 -9.10 -7.26
N ASN A 65 -8.03 -8.27 -8.23
CA ASN A 65 -7.68 -8.50 -9.63
C ASN A 65 -6.18 -8.55 -9.79
N ILE A 66 -5.50 -7.54 -9.27
CA ILE A 66 -4.06 -7.41 -9.40
C ILE A 66 -3.34 -8.43 -8.53
N TYR A 67 -3.80 -8.60 -7.30
CA TYR A 67 -3.18 -9.53 -6.36
C TYR A 67 -3.09 -10.93 -6.97
N SER A 68 -4.23 -11.44 -7.45
CA SER A 68 -4.29 -12.76 -8.06
C SER A 68 -3.34 -12.83 -9.25
N GLY A 69 -3.20 -11.72 -9.96
CA GLY A 69 -2.34 -11.68 -11.14
C GLY A 69 -0.88 -11.77 -10.77
N VAL A 70 -0.50 -11.11 -9.68
CA VAL A 70 0.88 -11.12 -9.22
C VAL A 70 1.24 -12.47 -8.59
N VAL A 71 0.35 -12.98 -7.74
CA VAL A 71 0.57 -14.25 -7.04
C VAL A 71 0.76 -15.40 -8.04
N ALA A 72 0.01 -15.35 -9.13
CA ALA A 72 0.07 -16.39 -10.15
C ALA A 72 1.46 -16.45 -10.80
N SER A 73 2.25 -15.40 -10.61
CA SER A 73 3.58 -15.33 -11.18
C SER A 73 4.57 -16.20 -10.38
N GLY A 74 4.21 -16.52 -9.15
CA GLY A 74 5.08 -17.31 -8.30
C GLY A 74 5.81 -16.46 -7.28
N VAL A 75 5.16 -15.40 -6.81
CA VAL A 75 5.74 -14.51 -5.82
C VAL A 75 5.24 -14.89 -4.42
N SER A 76 5.97 -14.46 -3.40
CA SER A 76 5.58 -14.72 -2.01
C SER A 76 4.32 -13.94 -1.65
N SER A 77 3.60 -14.41 -0.63
CA SER A 77 2.31 -13.84 -0.26
C SER A 77 2.40 -12.33 0.04
N ASN A 78 3.30 -11.95 0.93
CA ASN A 78 3.39 -10.54 1.33
C ASN A 78 4.07 -9.72 0.25
N GLU A 79 5.05 -10.30 -0.43
CA GLU A 79 5.73 -9.63 -1.52
C GLU A 79 4.74 -9.35 -2.65
N ALA A 80 3.76 -10.23 -2.79
CA ALA A 80 2.67 -10.04 -3.74
C ALA A 80 1.81 -8.86 -3.32
N LEU A 81 1.49 -8.80 -2.03
CA LEU A 81 0.70 -7.70 -1.47
C LEU A 81 1.35 -6.38 -1.83
N ILE A 82 2.65 -6.31 -1.63
CA ILE A 82 3.41 -5.11 -1.95
C ILE A 82 3.29 -4.76 -3.43
N GLN A 83 3.71 -5.69 -4.30
CA GLN A 83 3.67 -5.42 -5.74
C GLN A 83 2.26 -5.06 -6.21
N ALA A 84 1.29 -5.87 -5.81
CA ALA A 84 -0.09 -5.68 -6.20
C ALA A 84 -0.61 -4.33 -5.72
N LEU A 85 -0.13 -3.89 -4.56
CA LEU A 85 -0.49 -2.57 -4.07
C LEU A 85 0.20 -1.49 -4.89
N LEU A 86 1.44 -1.72 -5.26
CA LEU A 86 2.20 -0.78 -6.07
C LEU A 86 1.55 -0.62 -7.45
N GLU A 87 1.03 -1.73 -7.97
CA GLU A 87 0.31 -1.72 -9.24
C GLU A 87 -1.08 -1.10 -9.06
N LEU A 88 -1.52 -0.94 -7.81
CA LEU A 88 -2.77 -0.25 -7.54
C LEU A 88 -2.55 1.24 -7.40
N LEU A 89 -1.49 1.61 -6.68
CA LEU A 89 -1.17 3.00 -6.38
C LEU A 89 -0.79 3.77 -7.64
N SER A 90 -0.73 3.08 -8.76
CA SER A 90 -0.41 3.71 -10.03
C SER A 90 -1.67 3.93 -10.86
N ALA A 91 -2.67 3.07 -10.65
CA ALA A 91 -3.90 3.14 -11.42
C ALA A 91 -4.73 4.34 -10.99
N LEU A 92 -4.88 4.49 -9.69
CA LEU A 92 -5.77 5.50 -9.12
C LEU A 92 -5.17 6.91 -9.16
N VAL A 93 -3.86 7.02 -9.37
CA VAL A 93 -3.25 8.34 -9.47
C VAL A 93 -3.22 8.81 -10.91
N HIS A 94 -3.21 7.86 -11.84
CA HIS A 94 -3.20 8.18 -13.26
C HIS A 94 -4.53 8.80 -13.66
N VAL A 95 -5.61 8.32 -13.05
CA VAL A 95 -6.94 8.78 -13.42
C VAL A 95 -7.12 10.26 -13.07
N LEU A 96 -6.38 10.73 -12.08
CA LEU A 96 -6.47 12.13 -11.64
C LEU A 96 -5.99 13.08 -12.73
N SER A 97 -5.14 12.58 -13.62
CA SER A 97 -4.64 13.38 -14.73
C SER A 97 -5.79 13.84 -15.62
N SER A 98 -6.83 13.01 -15.70
CA SER A 98 -7.99 13.30 -16.51
C SER A 98 -9.17 13.71 -15.64
N ALA A 99 -9.14 13.27 -14.40
CA ALA A 99 -10.20 13.54 -13.44
C ALA A 99 -10.16 14.98 -12.98
N SER A 100 -11.06 15.77 -13.51
CA SER A 100 -11.20 17.13 -13.12
C SER A 100 -11.92 17.23 -11.77
N ILE A 101 -11.16 17.15 -10.70
CA ILE A 101 -11.73 17.23 -9.36
C ILE A 101 -12.22 18.64 -9.06
N GLY A 102 -13.28 18.73 -8.26
CA GLY A 102 -13.81 20.02 -7.89
C GLY A 102 -13.31 20.47 -6.53
N ASN A 103 -14.14 20.31 -5.50
CA ASN A 103 -13.76 20.68 -4.15
C ASN A 103 -14.06 19.54 -3.20
N VAL A 104 -13.05 19.12 -2.45
CA VAL A 104 -13.21 18.02 -1.52
C VAL A 104 -13.24 18.50 -0.08
N SER A 105 -14.22 18.02 0.67
CA SER A 105 -14.36 18.38 2.08
C SER A 105 -13.54 17.43 2.95
N SER A 106 -13.04 17.95 4.06
CA SER A 106 -12.26 17.16 5.00
C SER A 106 -13.18 16.40 5.97
N VAL A 107 -14.41 16.17 5.54
CA VAL A 107 -15.42 15.54 6.37
C VAL A 107 -15.85 14.23 5.74
N GLY A 108 -15.88 13.18 6.54
CA GLY A 108 -16.31 11.88 6.08
C GLY A 108 -15.16 10.93 5.83
N VAL A 109 -13.95 11.47 5.85
CA VAL A 109 -12.74 10.65 5.69
C VAL A 109 -12.71 9.58 6.77
N ASP A 110 -13.21 9.94 7.93
CA ASP A 110 -13.36 9.03 9.07
C ASP A 110 -14.04 7.73 8.63
N SER A 111 -15.13 7.88 7.91
CA SER A 111 -15.95 6.75 7.49
C SER A 111 -15.36 6.07 6.26
N THR A 112 -14.65 6.83 5.44
CA THR A 112 -13.96 6.26 4.28
C THR A 112 -12.92 5.25 4.73
N LEU A 113 -12.26 5.55 5.84
CA LEU A 113 -11.26 4.68 6.42
C LEU A 113 -11.85 3.33 6.82
N ASN A 114 -13.14 3.30 7.09
CA ASN A 114 -13.82 2.04 7.44
C ASN A 114 -13.87 1.12 6.23
N VAL A 115 -13.84 1.72 5.04
CA VAL A 115 -13.97 0.96 3.79
C VAL A 115 -12.62 0.42 3.33
N VAL A 116 -11.57 1.22 3.51
CA VAL A 116 -10.24 0.83 3.07
C VAL A 116 -9.77 -0.42 3.83
N GLN A 117 -10.30 -0.61 5.04
CA GLN A 117 -9.93 -1.73 5.89
C GLN A 117 -10.47 -3.05 5.32
N ASP A 118 -11.48 -2.94 4.49
CA ASP A 118 -12.18 -4.11 3.99
C ASP A 118 -11.47 -4.70 2.80
N SER A 119 -10.84 -3.84 2.03
CA SER A 119 -10.24 -4.24 0.76
C SER A 119 -8.88 -4.89 0.96
N VAL A 120 -8.03 -4.27 1.77
CA VAL A 120 -6.66 -4.72 1.91
C VAL A 120 -6.44 -5.45 3.24
N GLY A 121 -7.37 -5.25 4.17
CA GLY A 121 -7.27 -5.89 5.48
C GLY A 121 -7.18 -7.40 5.40
N GLN A 122 -7.72 -7.97 4.33
CA GLN A 122 -7.72 -9.43 4.16
C GLN A 122 -6.47 -9.91 3.45
N TYR A 123 -5.53 -9.00 3.18
CA TYR A 123 -4.27 -9.36 2.55
C TYR A 123 -3.12 -9.07 3.48
N VAL A 124 -3.31 -8.08 4.35
CA VAL A 124 -2.35 -7.78 5.39
C VAL A 124 -2.63 -8.61 6.63
N GLY A 125 -3.68 -9.42 6.56
CA GLY A 125 -4.04 -10.28 7.67
C GLY A 125 -4.76 -11.53 7.21
N GLY B 1 19.80 -18.20 28.09
CA GLY B 1 20.75 -19.27 27.85
C GLY B 1 22.14 -18.74 27.61
N SER B 2 23.05 -19.64 27.29
CA SER B 2 24.44 -19.26 27.04
C SER B 2 24.60 -18.72 25.62
N GLY B 3 23.70 -19.12 24.73
CA GLY B 3 23.73 -18.62 23.37
C GLY B 3 23.43 -19.71 22.35
N ASN B 4 22.16 -19.86 22.01
CA ASN B 4 21.75 -20.84 21.02
C ASN B 4 21.43 -20.12 19.71
N SER B 5 22.45 -19.57 19.08
CA SER B 5 22.27 -18.83 17.84
C SER B 5 22.24 -19.78 16.65
N VAL B 6 21.09 -19.80 15.97
CA VAL B 6 20.88 -20.64 14.80
C VAL B 6 19.84 -19.99 13.88
N THR B 7 19.40 -20.71 12.87
CA THR B 7 18.35 -20.23 11.99
C THR B 7 16.99 -20.37 12.65
N SER B 8 16.07 -19.49 12.28
CA SER B 8 14.73 -19.51 12.86
C SER B 8 13.68 -19.80 11.80
N GLY B 9 12.59 -20.44 12.22
CA GLY B 9 11.51 -20.77 11.31
C GLY B 9 10.31 -19.86 11.49
N GLY B 10 9.14 -20.34 11.09
CA GLY B 10 7.93 -19.54 11.16
C GLY B 10 7.31 -19.50 12.54
N TYR B 11 7.92 -18.74 13.45
CA TYR B 11 7.41 -18.58 14.80
C TYR B 11 7.87 -17.22 15.36
N GLY B 12 7.68 -17.03 16.66
CA GLY B 12 8.15 -15.82 17.30
C GLY B 12 7.10 -14.74 17.32
N TYR B 13 6.85 -14.12 16.18
CA TYR B 13 5.87 -13.05 16.07
C TYR B 13 4.47 -13.56 16.34
N GLY B 14 3.96 -14.38 15.44
CA GLY B 14 2.64 -14.92 15.58
C GLY B 14 2.61 -16.40 15.28
N THR B 15 2.96 -17.20 16.27
CA THR B 15 2.97 -18.65 16.13
C THR B 15 1.56 -19.17 15.86
N SER B 16 0.61 -18.63 16.60
CA SER B 16 -0.80 -18.89 16.38
C SER B 16 -1.45 -17.64 15.83
N ALA B 17 -2.67 -17.76 15.33
CA ALA B 17 -3.39 -16.59 14.83
C ALA B 17 -3.89 -15.74 16.00
N ALA B 18 -3.11 -14.74 16.36
CA ALA B 18 -3.46 -13.85 17.46
C ALA B 18 -3.87 -12.48 16.94
N ALA B 19 -4.01 -11.52 17.84
CA ALA B 19 -4.37 -10.15 17.46
C ALA B 19 -3.35 -9.59 16.47
N GLY B 20 -3.85 -9.20 15.30
CA GLY B 20 -2.98 -8.67 14.26
C GLY B 20 -2.17 -7.45 14.68
N ALA B 21 -1.01 -7.70 15.23
CA ALA B 21 -0.09 -6.65 15.61
C ALA B 21 1.30 -7.25 15.77
N GLY B 22 2.10 -7.15 14.72
CA GLY B 22 3.34 -7.89 14.67
C GLY B 22 3.08 -9.38 14.60
N VAL B 23 2.03 -9.75 13.85
CA VAL B 23 1.64 -11.15 13.70
C VAL B 23 2.48 -11.87 12.66
N ALA B 24 2.59 -11.25 11.49
CA ALA B 24 3.39 -11.82 10.42
C ALA B 24 4.61 -10.95 10.19
N ALA B 25 5.46 -11.37 9.28
CA ALA B 25 6.68 -10.64 8.98
C ALA B 25 6.36 -9.25 8.43
N GLY B 26 5.41 -9.20 7.50
CA GLY B 26 5.07 -7.92 6.87
C GLY B 26 3.58 -7.69 6.83
N SER B 27 2.85 -8.53 7.54
CA SER B 27 1.40 -8.43 7.54
C SER B 27 0.87 -8.24 8.94
N TYR B 28 0.10 -7.16 9.12
CA TYR B 28 -0.49 -6.85 10.41
C TYR B 28 -1.83 -6.15 10.20
N ALA B 29 -2.88 -6.66 10.83
CA ALA B 29 -4.22 -6.15 10.63
C ALA B 29 -4.56 -4.99 11.57
N GLY B 30 -3.81 -4.88 12.67
CA GLY B 30 -4.05 -3.83 13.64
C GLY B 30 -3.81 -2.46 13.06
N ALA B 31 -2.87 -2.40 12.12
CA ALA B 31 -2.56 -1.16 11.43
C ALA B 31 -3.74 -0.73 10.55
N VAL B 32 -4.61 -1.70 10.25
CA VAL B 32 -5.78 -1.46 9.43
C VAL B 32 -6.95 -1.06 10.32
N ASN B 33 -7.11 -1.80 11.41
CA ASN B 33 -8.23 -1.60 12.31
C ASN B 33 -8.13 -0.24 13.00
N ARG B 34 -6.90 0.24 13.13
CA ARG B 34 -6.63 1.51 13.79
C ARG B 34 -7.04 2.69 12.91
N LEU B 35 -7.38 2.40 11.66
CA LEU B 35 -7.76 3.44 10.71
C LEU B 35 -9.11 4.04 11.07
N SER B 36 -9.90 3.30 11.83
CA SER B 36 -11.22 3.74 12.24
C SER B 36 -11.10 4.79 13.35
N SER B 37 -9.90 4.94 13.88
CA SER B 37 -9.64 5.91 14.91
C SER B 37 -9.51 7.32 14.31
N ALA B 38 -9.84 8.32 15.13
CA ALA B 38 -9.75 9.72 14.70
C ALA B 38 -8.32 10.09 14.32
N GLU B 39 -7.37 9.28 14.80
CA GLU B 39 -5.95 9.47 14.50
C GLU B 39 -5.75 9.59 12.99
N ALA B 40 -6.19 8.56 12.28
CA ALA B 40 -6.05 8.54 10.82
C ALA B 40 -6.81 9.70 10.19
N ALA B 41 -8.10 9.80 10.50
CA ALA B 41 -8.96 10.81 9.89
C ALA B 41 -8.36 12.20 9.97
N SER B 42 -7.67 12.48 11.06
CA SER B 42 -7.08 13.80 11.29
C SER B 42 -5.86 14.05 10.40
N ARG B 43 -5.30 12.99 9.85
CA ARG B 43 -4.15 13.10 8.95
C ARG B 43 -4.63 13.01 7.52
N VAL B 44 -5.38 11.96 7.26
CA VAL B 44 -5.86 11.62 5.93
C VAL B 44 -6.66 12.77 5.31
N SER B 45 -7.46 13.47 6.12
CA SER B 45 -8.27 14.56 5.62
C SER B 45 -7.43 15.81 5.31
N SER B 46 -6.17 15.76 5.70
CA SER B 46 -5.25 16.85 5.42
C SER B 46 -4.41 16.50 4.19
N ASN B 47 -4.58 15.28 3.72
CA ASN B 47 -3.80 14.76 2.60
C ASN B 47 -4.64 14.79 1.33
N ILE B 48 -5.96 14.74 1.53
CA ILE B 48 -6.91 14.67 0.43
C ILE B 48 -6.71 15.79 -0.60
N ALA B 49 -6.52 17.01 -0.12
CA ALA B 49 -6.45 18.17 -1.01
C ALA B 49 -5.08 18.26 -1.67
N ALA B 50 -4.12 17.50 -1.14
CA ALA B 50 -2.77 17.50 -1.68
C ALA B 50 -2.68 16.55 -2.86
N ILE B 51 -3.17 15.33 -2.66
CA ILE B 51 -3.16 14.33 -3.70
C ILE B 51 -4.09 14.74 -4.84
N ALA B 52 -5.18 15.40 -4.49
CA ALA B 52 -6.16 15.85 -5.47
C ALA B 52 -5.55 16.90 -6.42
N SER B 53 -4.54 17.59 -5.94
CA SER B 53 -3.93 18.66 -6.72
C SER B 53 -2.77 18.15 -7.57
N GLY B 54 -2.00 17.20 -7.04
CA GLY B 54 -0.81 16.73 -7.73
C GLY B 54 -0.98 15.39 -8.40
N GLY B 55 -1.98 14.63 -7.98
CA GLY B 55 -2.25 13.33 -8.55
C GLY B 55 -1.26 12.29 -8.06
N ALA B 56 -0.10 12.32 -8.67
CA ALA B 56 0.97 11.40 -8.31
C ALA B 56 2.17 12.17 -7.78
N SER B 57 2.20 13.46 -8.07
CA SER B 57 3.31 14.32 -7.66
C SER B 57 3.21 14.67 -6.17
N ALA B 58 2.11 14.27 -5.55
CA ALA B 58 1.89 14.54 -4.14
C ALA B 58 2.29 13.33 -3.29
N LEU B 59 2.38 12.18 -3.94
CA LEU B 59 2.68 10.92 -3.25
C LEU B 59 3.95 11.02 -2.40
N PRO B 60 5.11 11.39 -3.00
CA PRO B 60 6.39 11.42 -2.27
C PRO B 60 6.41 12.45 -1.14
N SER B 61 5.39 13.32 -1.10
CA SER B 61 5.28 14.30 -0.04
C SER B 61 4.28 13.86 1.03
N VAL B 62 3.17 13.30 0.59
CA VAL B 62 2.07 12.95 1.48
C VAL B 62 2.40 11.69 2.26
N ILE B 63 3.01 10.74 1.57
CA ILE B 63 3.45 9.51 2.21
C ILE B 63 4.45 9.82 3.31
N SER B 64 5.32 10.79 3.05
CA SER B 64 6.33 11.18 4.00
C SER B 64 5.69 11.86 5.22
N ASN B 65 4.62 12.60 4.96
CA ASN B 65 3.86 13.27 6.02
C ASN B 65 3.25 12.25 6.95
N ILE B 66 2.57 11.28 6.37
CA ILE B 66 1.85 10.27 7.15
C ILE B 66 2.81 9.31 7.84
N TYR B 67 3.79 8.82 7.09
CA TYR B 67 4.73 7.82 7.62
C TYR B 67 5.41 8.32 8.88
N SER B 68 6.01 9.50 8.81
CA SER B 68 6.67 10.11 9.95
C SER B 68 5.69 10.28 11.11
N GLY B 69 4.42 10.56 10.77
CA GLY B 69 3.40 10.73 11.78
C GLY B 69 3.10 9.44 12.52
N VAL B 70 3.05 8.35 11.75
CA VAL B 70 2.77 7.04 12.31
C VAL B 70 3.97 6.51 13.11
N VAL B 71 5.16 6.68 12.56
CA VAL B 71 6.38 6.19 13.21
C VAL B 71 6.58 6.86 14.57
N ALA B 72 6.36 8.17 14.63
CA ALA B 72 6.51 8.93 15.87
C ALA B 72 5.41 8.59 16.88
N SER B 73 4.43 7.81 16.44
CA SER B 73 3.33 7.42 17.31
C SER B 73 3.73 6.25 18.21
N GLY B 74 4.68 5.44 17.74
CA GLY B 74 5.07 4.26 18.51
C GLY B 74 4.60 2.98 17.85
N VAL B 75 4.49 3.00 16.54
CA VAL B 75 4.12 1.82 15.77
C VAL B 75 5.36 0.94 15.58
N SER B 76 5.15 -0.34 15.28
CA SER B 76 6.27 -1.22 14.97
C SER B 76 6.91 -0.77 13.65
N SER B 77 8.20 -1.03 13.51
CA SER B 77 9.00 -0.47 12.41
C SER B 77 8.40 -0.79 11.03
N ASN B 78 8.37 -2.06 10.66
CA ASN B 78 7.91 -2.44 9.33
C ASN B 78 6.38 -2.32 9.25
N GLU B 79 5.75 -2.30 10.41
CA GLU B 79 4.31 -2.14 10.50
C GLU B 79 3.89 -0.72 10.14
N ALA B 80 4.79 0.22 10.39
CA ALA B 80 4.57 1.62 10.07
C ALA B 80 4.25 1.82 8.59
N LEU B 81 4.94 1.05 7.75
CA LEU B 81 4.72 1.11 6.30
C LEU B 81 3.27 0.82 5.98
N ILE B 82 2.74 -0.21 6.60
CA ILE B 82 1.38 -0.65 6.36
C ILE B 82 0.37 0.42 6.76
N GLN B 83 0.40 0.84 8.02
CA GLN B 83 -0.53 1.86 8.50
C GLN B 83 -0.40 3.15 7.71
N ALA B 84 0.84 3.58 7.47
CA ALA B 84 1.09 4.80 6.71
C ALA B 84 0.49 4.72 5.32
N LEU B 85 0.61 3.55 4.70
CA LEU B 85 0.06 3.35 3.37
C LEU B 85 -1.46 3.26 3.42
N LEU B 86 -1.98 2.58 4.43
CA LEU B 86 -3.43 2.43 4.58
C LEU B 86 -4.10 3.79 4.74
N GLU B 87 -3.48 4.67 5.51
CA GLU B 87 -3.96 6.03 5.66
C GLU B 87 -3.81 6.81 4.36
N LEU B 88 -2.78 6.48 3.59
CA LEU B 88 -2.55 7.11 2.30
C LEU B 88 -3.63 6.70 1.31
N LEU B 89 -3.94 5.40 1.31
CA LEU B 89 -4.94 4.83 0.41
C LEU B 89 -6.35 5.33 0.74
N SER B 90 -6.50 6.00 1.86
CA SER B 90 -7.80 6.46 2.29
C SER B 90 -8.06 7.89 1.81
N ALA B 91 -6.99 8.66 1.67
CA ALA B 91 -7.11 10.05 1.28
C ALA B 91 -7.49 10.17 -0.19
N LEU B 92 -6.84 9.37 -1.01
CA LEU B 92 -6.97 9.49 -2.46
C LEU B 92 -8.28 8.87 -2.99
N VAL B 93 -8.91 8.00 -2.22
CA VAL B 93 -10.19 7.45 -2.65
C VAL B 93 -11.34 8.31 -2.16
N HIS B 94 -11.07 9.10 -1.13
CA HIS B 94 -12.07 10.00 -0.60
C HIS B 94 -12.31 11.17 -1.56
N VAL B 95 -11.24 11.59 -2.23
CA VAL B 95 -11.32 12.75 -3.11
C VAL B 95 -12.23 12.48 -4.31
N LEU B 96 -12.35 11.21 -4.68
CA LEU B 96 -13.19 10.81 -5.81
C LEU B 96 -14.66 11.05 -5.50
N SER B 97 -14.97 11.14 -4.21
CA SER B 97 -16.35 11.38 -3.78
C SER B 97 -16.82 12.75 -4.25
N SER B 98 -15.90 13.67 -4.48
CA SER B 98 -16.22 14.99 -4.96
C SER B 98 -15.49 15.30 -6.26
N ALA B 99 -14.93 14.26 -6.87
CA ALA B 99 -14.18 14.42 -8.10
C ALA B 99 -14.92 13.80 -9.27
N SER B 100 -15.67 14.62 -9.98
CA SER B 100 -16.36 14.19 -11.17
C SER B 100 -15.36 13.96 -12.29
N ILE B 101 -14.87 12.72 -12.39
CA ILE B 101 -13.88 12.37 -13.40
C ILE B 101 -14.46 12.43 -14.81
N GLY B 102 -13.63 12.89 -15.75
CA GLY B 102 -14.06 12.98 -17.13
C GLY B 102 -13.77 11.71 -17.90
N ASN B 103 -12.74 11.73 -18.73
CA ASN B 103 -12.38 10.59 -19.56
C ASN B 103 -10.91 10.22 -19.39
N VAL B 104 -10.66 9.05 -18.81
CA VAL B 104 -9.31 8.55 -18.66
C VAL B 104 -8.98 7.57 -19.77
N SER B 105 -7.70 7.43 -20.08
CA SER B 105 -7.27 6.52 -21.12
C SER B 105 -6.16 5.63 -20.58
N SER B 106 -6.05 4.43 -21.13
CA SER B 106 -5.06 3.47 -20.69
C SER B 106 -3.71 3.71 -21.38
N VAL B 107 -3.52 4.93 -21.86
CA VAL B 107 -2.32 5.29 -22.59
C VAL B 107 -1.43 6.22 -21.77
N GLY B 108 -0.28 5.73 -21.37
CA GLY B 108 0.66 6.55 -20.63
C GLY B 108 0.84 6.08 -19.20
N VAL B 109 0.02 5.13 -18.77
CA VAL B 109 0.11 4.59 -17.42
C VAL B 109 1.48 3.98 -17.18
N ASP B 110 2.06 3.41 -18.24
CA ASP B 110 3.40 2.80 -18.18
C ASP B 110 4.39 3.76 -17.50
N SER B 111 4.27 5.05 -17.83
CA SER B 111 5.15 6.08 -17.28
C SER B 111 4.81 6.36 -15.81
N THR B 112 3.54 6.20 -15.44
CA THR B 112 3.09 6.53 -14.09
C THR B 112 3.64 5.52 -13.09
N LEU B 113 3.83 4.29 -13.57
CA LEU B 113 4.45 3.23 -12.76
C LEU B 113 5.82 3.66 -12.26
N ASN B 114 6.54 4.43 -13.07
CA ASN B 114 7.88 4.88 -12.73
C ASN B 114 7.84 5.88 -11.58
N VAL B 115 6.70 6.53 -11.40
CA VAL B 115 6.56 7.53 -10.36
C VAL B 115 6.19 6.89 -9.03
N VAL B 116 5.33 5.87 -9.08
CA VAL B 116 4.89 5.18 -7.88
C VAL B 116 6.08 4.49 -7.21
N GLN B 117 7.05 4.07 -8.03
CA GLN B 117 8.26 3.42 -7.53
C GLN B 117 9.12 4.38 -6.74
N ASP B 118 8.94 5.66 -7.03
CA ASP B 118 9.75 6.71 -6.43
C ASP B 118 9.23 7.09 -5.06
N SER B 119 7.91 7.05 -4.92
CA SER B 119 7.26 7.54 -3.72
C SER B 119 7.34 6.52 -2.58
N VAL B 120 7.08 5.26 -2.90
CA VAL B 120 6.99 4.23 -1.87
C VAL B 120 8.20 3.29 -1.92
N GLY B 121 8.91 3.31 -3.04
CA GLY B 121 10.06 2.43 -3.22
C GLY B 121 11.16 2.69 -2.22
N GLN B 122 11.16 3.87 -1.62
CA GLN B 122 12.17 4.24 -0.65
C GLN B 122 11.71 3.94 0.78
N TYR B 123 10.57 3.27 0.90
CA TYR B 123 10.06 2.86 2.21
C TYR B 123 9.96 1.33 2.27
N VAL B 124 9.79 0.71 1.11
CA VAL B 124 9.78 -0.74 1.01
C VAL B 124 11.19 -1.27 0.72
N GLY B 125 12.13 -0.36 0.59
CA GLY B 125 13.50 -0.76 0.35
C GLY B 125 14.48 0.33 0.74
N GLY A 1 34.55 15.27 -10.85
CA GLY A 1 35.96 15.71 -10.91
C GLY A 1 36.63 15.25 -12.18
N SER A 2 37.96 15.22 -12.18
CA SER A 2 38.71 14.75 -13.34
C SER A 2 38.65 13.23 -13.43
N GLY A 3 37.65 12.75 -14.14
CA GLY A 3 37.42 11.33 -14.23
C GLY A 3 36.50 10.85 -13.13
N ASN A 4 35.23 10.70 -13.46
CA ASN A 4 34.24 10.28 -12.47
C ASN A 4 34.26 8.77 -12.30
N SER A 5 34.89 8.33 -11.23
CA SER A 5 34.95 6.91 -10.92
C SER A 5 33.73 6.47 -10.13
N VAL A 6 32.70 6.07 -10.85
CA VAL A 6 31.46 5.63 -10.24
C VAL A 6 31.53 4.13 -9.94
N THR A 7 31.53 3.79 -8.66
CA THR A 7 31.60 2.40 -8.24
C THR A 7 30.77 2.20 -6.98
N SER A 8 30.26 0.98 -6.79
CA SER A 8 29.38 0.69 -5.68
C SER A 8 29.36 -0.82 -5.44
N GLY A 9 28.94 -1.23 -4.25
CA GLY A 9 28.90 -2.64 -3.92
C GLY A 9 28.72 -2.86 -2.43
N GLY A 10 28.31 -4.06 -2.06
CA GLY A 10 28.11 -4.38 -0.67
C GLY A 10 27.04 -5.43 -0.48
N TYR A 11 26.68 -5.70 0.77
CA TYR A 11 25.65 -6.68 1.07
C TYR A 11 24.86 -6.28 2.32
N GLY A 12 23.91 -7.13 2.68
CA GLY A 12 23.02 -6.85 3.80
C GLY A 12 21.70 -7.55 3.57
N TYR A 13 20.63 -6.77 3.40
CA TYR A 13 19.38 -7.34 2.90
C TYR A 13 19.50 -7.50 1.40
N GLY A 14 20.02 -6.48 0.75
CA GLY A 14 20.41 -6.57 -0.64
C GLY A 14 21.86 -6.99 -0.75
N THR A 15 22.09 -8.27 -0.98
CA THR A 15 23.43 -8.83 -0.94
C THR A 15 24.13 -8.72 -2.28
N SER A 16 23.47 -8.09 -3.24
CA SER A 16 24.00 -7.96 -4.58
C SER A 16 23.38 -6.72 -5.26
N ALA A 17 23.59 -6.58 -6.55
CA ALA A 17 23.08 -5.42 -7.27
C ALA A 17 21.58 -5.52 -7.49
N ALA A 18 21.06 -6.73 -7.32
CA ALA A 18 19.63 -6.96 -7.41
C ALA A 18 18.95 -6.51 -6.12
N ALA A 19 18.48 -5.27 -6.12
CA ALA A 19 17.88 -4.69 -4.93
C ALA A 19 16.41 -5.06 -4.83
N GLY A 20 16.15 -6.22 -4.24
CA GLY A 20 14.79 -6.65 -4.00
C GLY A 20 14.59 -8.12 -4.28
N ALA A 21 13.33 -8.54 -4.30
CA ALA A 21 12.96 -9.93 -4.52
C ALA A 21 13.54 -10.84 -3.45
N GLY A 22 12.85 -10.92 -2.33
CA GLY A 22 13.32 -11.70 -1.21
C GLY A 22 14.50 -11.06 -0.52
N VAL A 23 14.38 -9.77 -0.21
CA VAL A 23 15.41 -9.07 0.53
C VAL A 23 15.16 -9.14 2.03
N ALA A 24 14.08 -8.52 2.46
CA ALA A 24 13.70 -8.54 3.86
C ALA A 24 12.53 -9.49 4.05
N ALA A 25 12.13 -9.70 5.29
CA ALA A 25 11.05 -10.63 5.60
C ALA A 25 9.70 -10.03 5.22
N GLY A 26 9.58 -8.72 5.36
CA GLY A 26 8.32 -8.06 5.05
C GLY A 26 8.47 -6.85 4.14
N SER A 27 9.68 -6.60 3.67
CA SER A 27 9.94 -5.47 2.79
C SER A 27 10.76 -5.89 1.59
N TYR A 28 10.40 -5.36 0.42
CA TYR A 28 11.06 -5.72 -0.83
C TYR A 28 10.96 -4.59 -1.83
N ALA A 29 12.10 -4.12 -2.33
CA ALA A 29 12.11 -3.10 -3.34
C ALA A 29 11.99 -3.69 -4.74
N GLY A 30 12.30 -4.98 -4.85
CA GLY A 30 12.27 -5.66 -6.14
C GLY A 30 10.88 -5.65 -6.75
N ALA A 31 9.88 -5.68 -5.89
CA ALA A 31 8.49 -5.64 -6.32
C ALA A 31 8.16 -4.27 -6.90
N VAL A 32 8.98 -3.29 -6.56
CA VAL A 32 8.76 -1.92 -6.98
C VAL A 32 9.46 -1.66 -8.31
N ASN A 33 10.68 -2.16 -8.44
CA ASN A 33 11.43 -1.96 -9.69
C ASN A 33 10.72 -2.65 -10.84
N ARG A 34 10.06 -3.76 -10.52
CA ARG A 34 9.37 -4.56 -11.53
C ARG A 34 8.19 -3.80 -12.13
N LEU A 35 7.73 -2.76 -11.44
CA LEU A 35 6.57 -1.98 -11.86
C LEU A 35 6.80 -1.29 -13.20
N SER A 36 8.06 -1.00 -13.48
CA SER A 36 8.42 -0.31 -14.72
C SER A 36 8.30 -1.24 -15.93
N SER A 37 8.04 -2.52 -15.66
CA SER A 37 7.83 -3.47 -16.71
C SER A 37 6.40 -3.39 -17.22
N ALA A 38 6.17 -3.86 -18.44
CA ALA A 38 4.86 -3.76 -19.06
C ALA A 38 3.80 -4.55 -18.31
N GLU A 39 4.25 -5.48 -17.47
CA GLU A 39 3.35 -6.31 -16.67
C GLU A 39 2.37 -5.44 -15.87
N ALA A 40 2.92 -4.56 -15.06
CA ALA A 40 2.11 -3.66 -14.24
C ALA A 40 1.20 -2.82 -15.12
N ALA A 41 1.79 -2.08 -16.04
CA ALA A 41 1.05 -1.17 -16.90
C ALA A 41 -0.15 -1.85 -17.56
N SER A 42 0.03 -3.12 -17.92
CA SER A 42 -1.01 -3.89 -18.60
C SER A 42 -2.19 -4.22 -17.67
N ARG A 43 -1.93 -4.21 -16.36
CA ARG A 43 -2.95 -4.52 -15.36
C ARG A 43 -3.54 -3.22 -14.85
N VAL A 44 -2.64 -2.33 -14.47
CA VAL A 44 -2.98 -1.04 -13.89
C VAL A 44 -3.89 -0.23 -14.80
N SER A 45 -3.65 -0.30 -16.11
CA SER A 45 -4.45 0.43 -17.08
C SER A 45 -5.84 -0.19 -17.26
N SER A 46 -6.07 -1.32 -16.61
CA SER A 46 -7.37 -1.98 -16.64
C SER A 46 -8.13 -1.66 -15.35
N ASN A 47 -7.41 -1.09 -14.40
CA ASN A 47 -7.97 -0.82 -13.08
C ASN A 47 -8.44 0.62 -13.02
N ILE A 48 -7.83 1.44 -13.85
CA ILE A 48 -8.10 2.87 -13.88
C ILE A 48 -9.57 3.16 -14.14
N ALA A 49 -10.20 2.39 -15.04
CA ALA A 49 -11.58 2.65 -15.43
C ALA A 49 -12.57 2.07 -14.42
N ALA A 50 -12.05 1.44 -13.38
CA ALA A 50 -12.88 0.88 -12.34
C ALA A 50 -12.84 1.75 -11.10
N ILE A 51 -11.63 2.07 -10.65
CA ILE A 51 -11.44 2.86 -9.45
C ILE A 51 -11.99 4.28 -9.64
N ALA A 52 -11.86 4.78 -10.85
CA ALA A 52 -12.31 6.13 -11.18
C ALA A 52 -13.82 6.29 -11.00
N SER A 53 -14.53 5.18 -11.07
CA SER A 53 -15.99 5.21 -11.02
C SER A 53 -16.52 5.07 -9.58
N GLY A 54 -15.82 4.31 -8.74
CA GLY A 54 -16.32 4.04 -7.40
C GLY A 54 -15.48 4.68 -6.31
N GLY A 55 -14.24 5.01 -6.63
CA GLY A 55 -13.33 5.59 -5.67
C GLY A 55 -12.81 4.54 -4.72
N ALA A 56 -13.60 4.25 -3.71
CA ALA A 56 -13.22 3.27 -2.69
C ALA A 56 -14.03 2.00 -2.86
N SER A 57 -15.17 2.12 -3.53
CA SER A 57 -16.07 0.99 -3.72
C SER A 57 -15.49 -0.01 -4.74
N ALA A 58 -14.41 0.39 -5.39
CA ALA A 58 -13.78 -0.43 -6.40
C ALA A 58 -12.50 -1.05 -5.86
N LEU A 59 -12.07 -0.61 -4.69
CA LEU A 59 -10.80 -1.07 -4.12
C LEU A 59 -10.78 -2.58 -3.95
N PRO A 60 -11.72 -3.17 -3.18
CA PRO A 60 -11.73 -4.61 -2.93
C PRO A 60 -11.89 -5.43 -4.22
N SER A 61 -12.58 -4.85 -5.19
CA SER A 61 -12.84 -5.53 -6.45
C SER A 61 -11.60 -5.53 -7.34
N VAL A 62 -10.81 -4.48 -7.23
CA VAL A 62 -9.66 -4.30 -8.10
C VAL A 62 -8.41 -4.91 -7.46
N ILE A 63 -8.27 -4.74 -6.15
CA ILE A 63 -7.14 -5.34 -5.43
C ILE A 63 -7.15 -6.85 -5.57
N SER A 64 -8.35 -7.43 -5.58
CA SER A 64 -8.50 -8.87 -5.74
C SER A 64 -7.98 -9.30 -7.10
N ASN A 65 -8.29 -8.50 -8.12
CA ASN A 65 -7.86 -8.76 -9.48
C ASN A 65 -6.34 -8.74 -9.59
N ILE A 66 -5.74 -7.66 -9.12
CA ILE A 66 -4.29 -7.51 -9.20
C ILE A 66 -3.56 -8.55 -8.36
N TYR A 67 -4.00 -8.74 -7.12
CA TYR A 67 -3.33 -9.66 -6.21
C TYR A 67 -3.28 -11.06 -6.82
N SER A 68 -4.42 -11.55 -7.29
CA SER A 68 -4.50 -12.86 -7.90
C SER A 68 -3.63 -12.93 -9.16
N GLY A 69 -3.48 -11.79 -9.82
CA GLY A 69 -2.65 -11.72 -11.02
C GLY A 69 -1.18 -11.81 -10.69
N VAL A 70 -0.78 -11.10 -9.63
CA VAL A 70 0.60 -11.08 -9.20
C VAL A 70 1.03 -12.43 -8.63
N VAL A 71 0.17 -13.01 -7.79
CA VAL A 71 0.46 -14.30 -7.16
C VAL A 71 0.66 -15.38 -8.21
N ALA A 72 -0.18 -15.37 -9.24
CA ALA A 72 -0.11 -16.36 -10.32
C ALA A 72 1.23 -16.29 -11.06
N SER A 73 1.93 -15.18 -10.92
CA SER A 73 3.21 -14.97 -11.58
C SER A 73 4.31 -15.84 -10.96
N GLY A 74 4.09 -16.24 -9.71
CA GLY A 74 5.10 -17.02 -9.01
C GLY A 74 5.95 -16.13 -8.12
N VAL A 75 5.31 -15.18 -7.48
CA VAL A 75 5.97 -14.26 -6.56
C VAL A 75 5.85 -14.78 -5.12
N SER A 76 6.66 -14.24 -4.22
CA SER A 76 6.58 -14.61 -2.80
C SER A 76 5.26 -14.13 -2.20
N SER A 77 4.92 -14.65 -1.03
CA SER A 77 3.63 -14.39 -0.40
C SER A 77 3.43 -12.92 -0.05
N ASN A 78 4.18 -12.44 0.93
CA ASN A 78 4.05 -11.06 1.39
C ASN A 78 4.54 -10.08 0.32
N GLU A 79 5.43 -10.58 -0.54
CA GLU A 79 5.98 -9.76 -1.63
C GLU A 79 4.88 -9.48 -2.65
N ALA A 80 3.97 -10.44 -2.81
CA ALA A 80 2.83 -10.28 -3.70
C ALA A 80 1.95 -9.13 -3.22
N LEU A 81 1.78 -9.03 -1.91
CA LEU A 81 0.99 -7.95 -1.31
C LEU A 81 1.56 -6.61 -1.74
N ILE A 82 2.86 -6.47 -1.57
CA ILE A 82 3.55 -5.24 -1.90
C ILE A 82 3.39 -4.89 -3.38
N GLN A 83 3.78 -5.82 -4.26
CA GLN A 83 3.67 -5.59 -5.70
C GLN A 83 2.23 -5.28 -6.10
N ALA A 84 1.29 -6.06 -5.59
CA ALA A 84 -0.12 -5.86 -5.90
C ALA A 84 -0.58 -4.48 -5.46
N LEU A 85 -0.12 -4.06 -4.29
CA LEU A 85 -0.45 -2.74 -3.78
C LEU A 85 0.20 -1.64 -4.63
N LEU A 86 1.46 -1.85 -5.00
CA LEU A 86 2.19 -0.86 -5.80
C LEU A 86 1.49 -0.61 -7.13
N GLU A 87 1.08 -1.68 -7.80
CA GLU A 87 0.36 -1.58 -9.06
C GLU A 87 -0.99 -0.90 -8.84
N LEU A 88 -1.65 -1.26 -7.74
CA LEU A 88 -2.93 -0.65 -7.36
C LEU A 88 -2.75 0.85 -7.15
N LEU A 89 -1.68 1.22 -6.46
CA LEU A 89 -1.38 2.61 -6.14
C LEU A 89 -1.06 3.43 -7.38
N SER A 90 -0.90 2.78 -8.51
CA SER A 90 -0.57 3.47 -9.74
C SER A 90 -1.81 3.77 -10.56
N ALA A 91 -2.80 2.90 -10.45
CA ALA A 91 -4.04 3.03 -11.22
C ALA A 91 -4.84 4.25 -10.77
N LEU A 92 -4.94 4.41 -9.46
CA LEU A 92 -5.81 5.41 -8.88
C LEU A 92 -5.20 6.82 -8.90
N VAL A 93 -3.89 6.93 -9.06
CA VAL A 93 -3.26 8.24 -9.18
C VAL A 93 -3.17 8.66 -10.63
N HIS A 94 -3.26 7.69 -11.53
CA HIS A 94 -3.25 7.97 -12.96
C HIS A 94 -4.55 8.62 -13.38
N VAL A 95 -5.65 8.21 -12.74
CA VAL A 95 -6.97 8.69 -13.14
C VAL A 95 -7.11 10.18 -12.87
N LEU A 96 -6.38 10.69 -11.88
CA LEU A 96 -6.41 12.11 -11.52
C LEU A 96 -5.84 12.97 -12.64
N SER A 97 -5.08 12.34 -13.53
CA SER A 97 -4.51 13.03 -14.68
C SER A 97 -5.60 13.54 -15.62
N SER A 98 -6.75 12.89 -15.59
CA SER A 98 -7.87 13.25 -16.43
C SER A 98 -9.09 13.61 -15.60
N ALA A 99 -9.06 13.20 -14.33
CA ALA A 99 -10.15 13.48 -13.42
C ALA A 99 -10.10 14.91 -12.92
N SER A 100 -10.87 15.75 -13.56
CA SER A 100 -10.99 17.13 -13.20
C SER A 100 -11.76 17.28 -11.88
N ILE A 101 -11.04 17.23 -10.77
CA ILE A 101 -11.67 17.34 -9.48
C ILE A 101 -12.30 18.71 -9.27
N GLY A 102 -13.45 18.74 -8.61
CA GLY A 102 -14.12 20.00 -8.34
C GLY A 102 -13.69 20.58 -7.00
N ASN A 103 -14.34 20.12 -5.93
CA ASN A 103 -14.00 20.57 -4.58
C ASN A 103 -14.29 19.49 -3.58
N VAL A 104 -13.27 19.12 -2.80
CA VAL A 104 -13.42 18.09 -1.78
C VAL A 104 -13.50 18.71 -0.40
N SER A 105 -14.25 18.09 0.49
CA SER A 105 -14.40 18.56 1.85
C SER A 105 -13.73 17.59 2.82
N SER A 106 -13.10 18.14 3.85
CA SER A 106 -12.41 17.34 4.85
C SER A 106 -13.38 16.78 5.90
N VAL A 107 -14.57 16.38 5.46
CA VAL A 107 -15.60 15.87 6.36
C VAL A 107 -16.15 14.55 5.84
N GLY A 108 -16.04 13.51 6.65
CA GLY A 108 -16.58 12.22 6.26
C GLY A 108 -15.50 11.25 5.83
N VAL A 109 -14.24 11.70 5.85
CA VAL A 109 -13.11 10.86 5.48
C VAL A 109 -13.03 9.66 6.40
N ASP A 110 -13.42 9.86 7.66
CA ASP A 110 -13.41 8.79 8.67
C ASP A 110 -14.15 7.55 8.17
N SER A 111 -15.28 7.77 7.52
CA SER A 111 -16.09 6.69 6.98
C SER A 111 -15.37 5.96 5.85
N THR A 112 -14.47 6.67 5.17
CA THR A 112 -13.70 6.08 4.09
C THR A 112 -12.60 5.20 4.66
N LEU A 113 -12.08 5.59 5.82
CA LEU A 113 -11.09 4.80 6.54
C LEU A 113 -11.64 3.43 6.89
N ASN A 114 -12.96 3.34 7.06
CA ASN A 114 -13.60 2.09 7.41
C ASN A 114 -13.63 1.14 6.23
N VAL A 115 -13.62 1.70 5.03
CA VAL A 115 -13.73 0.90 3.82
C VAL A 115 -12.36 0.36 3.39
N VAL A 116 -11.33 1.17 3.57
CA VAL A 116 -9.98 0.75 3.19
C VAL A 116 -9.56 -0.50 3.97
N GLN A 117 -10.10 -0.63 5.17
CA GLN A 117 -9.80 -1.76 6.04
C GLN A 117 -10.37 -3.04 5.44
N ASP A 118 -11.43 -2.88 4.68
CA ASP A 118 -12.13 -4.01 4.08
C ASP A 118 -11.40 -4.47 2.83
N SER A 119 -10.81 -3.51 2.13
CA SER A 119 -10.23 -3.75 0.83
C SER A 119 -8.90 -4.49 0.93
N VAL A 120 -8.07 -4.12 1.88
CA VAL A 120 -6.73 -4.66 1.97
C VAL A 120 -6.47 -5.36 3.31
N GLY A 121 -7.34 -5.10 4.29
CA GLY A 121 -7.18 -5.68 5.61
C GLY A 121 -7.15 -7.19 5.57
N GLN A 122 -7.87 -7.76 4.63
CA GLN A 122 -7.95 -9.21 4.48
C GLN A 122 -6.70 -9.79 3.81
N TYR A 123 -5.77 -8.93 3.40
CA TYR A 123 -4.55 -9.39 2.76
C TYR A 123 -3.34 -9.15 3.66
N VAL A 124 -3.43 -8.12 4.50
CA VAL A 124 -2.38 -7.85 5.48
C VAL A 124 -2.61 -8.65 6.76
N GLY A 125 -3.73 -9.37 6.79
CA GLY A 125 -4.04 -10.21 7.93
C GLY A 125 -4.77 -11.47 7.51
N GLY B 1 -31.04 -18.64 15.05
CA GLY B 1 -32.10 -18.79 16.01
C GLY B 1 -31.78 -19.84 17.06
N SER B 2 -31.06 -20.87 16.64
CA SER B 2 -30.69 -21.95 17.54
C SER B 2 -29.25 -21.78 18.04
N GLY B 3 -28.30 -21.81 17.11
CA GLY B 3 -26.91 -21.71 17.48
C GLY B 3 -26.24 -20.51 16.86
N ASN B 4 -26.20 -19.41 17.59
CA ASN B 4 -25.56 -18.19 17.12
C ASN B 4 -24.52 -17.72 18.14
N SER B 5 -23.98 -18.67 18.88
CA SER B 5 -22.98 -18.36 19.89
C SER B 5 -21.62 -18.14 19.23
N VAL B 6 -21.33 -16.89 18.87
CA VAL B 6 -20.07 -16.54 18.25
C VAL B 6 -18.94 -16.59 19.27
N THR B 7 -18.18 -17.67 19.21
CA THR B 7 -17.05 -17.86 20.10
C THR B 7 -15.75 -17.96 19.28
N SER B 8 -15.00 -16.87 19.24
CA SER B 8 -13.81 -16.80 18.43
C SER B 8 -12.56 -16.97 19.28
N GLY B 9 -11.55 -17.61 18.72
CA GLY B 9 -10.30 -17.83 19.42
C GLY B 9 -9.28 -18.52 18.56
N GLY B 10 -9.18 -18.07 17.32
CA GLY B 10 -8.25 -18.67 16.37
C GLY B 10 -6.81 -18.34 16.71
N TYR B 11 -6.10 -19.33 17.23
CA TYR B 11 -4.70 -19.15 17.59
C TYR B 11 -3.84 -19.06 16.34
N GLY B 12 -2.62 -18.56 16.50
CA GLY B 12 -1.72 -18.40 15.38
C GLY B 12 -1.00 -17.07 15.45
N TYR B 13 -1.55 -16.07 14.81
CA TYR B 13 -1.05 -14.70 14.92
C TYR B 13 -2.20 -13.76 15.21
N GLY B 14 -2.34 -13.40 16.48
CA GLY B 14 -3.46 -12.60 16.91
C GLY B 14 -4.43 -13.41 17.75
N THR B 15 -3.96 -13.85 18.91
CA THR B 15 -4.76 -14.71 19.77
C THR B 15 -5.81 -13.91 20.54
N SER B 16 -5.37 -12.80 21.11
CA SER B 16 -6.24 -11.94 21.88
C SER B 16 -7.19 -11.17 20.97
N ALA B 17 -8.06 -10.36 21.57
CA ALA B 17 -9.03 -9.56 20.82
C ALA B 17 -8.35 -8.39 20.10
N ALA B 18 -7.05 -8.30 20.26
CA ALA B 18 -6.25 -7.28 19.58
C ALA B 18 -5.43 -7.91 18.47
N ALA B 19 -6.11 -8.64 17.60
CA ALA B 19 -5.45 -9.35 16.50
C ALA B 19 -4.70 -8.38 15.60
N GLY B 20 -3.38 -8.49 15.63
CA GLY B 20 -2.54 -7.60 14.86
C GLY B 20 -1.37 -7.12 15.69
N ALA B 21 -0.65 -6.13 15.16
CA ALA B 21 0.47 -5.52 15.87
C ALA B 21 1.62 -6.53 16.09
N GLY B 22 2.58 -6.51 15.18
CA GLY B 22 3.72 -7.41 15.27
C GLY B 22 3.36 -8.87 15.00
N VAL B 23 2.23 -9.08 14.32
CA VAL B 23 1.77 -10.44 14.02
C VAL B 23 2.70 -11.16 13.05
N ALA B 24 2.91 -10.58 11.89
CA ALA B 24 3.75 -11.19 10.89
C ALA B 24 4.97 -10.31 10.60
N ALA B 25 5.72 -10.67 9.57
CA ALA B 25 6.95 -9.95 9.26
C ALA B 25 6.67 -8.66 8.51
N GLY B 26 5.72 -8.71 7.59
CA GLY B 26 5.36 -7.53 6.82
C GLY B 26 3.85 -7.40 6.67
N SER B 27 3.13 -8.13 7.49
CA SER B 27 1.68 -8.12 7.46
C SER B 27 1.12 -7.92 8.85
N TYR B 28 0.21 -6.97 8.99
CA TYR B 28 -0.40 -6.69 10.28
C TYR B 28 -1.80 -6.13 10.10
N ALA B 29 -2.77 -6.80 10.70
CA ALA B 29 -4.15 -6.34 10.63
C ALA B 29 -4.41 -5.23 11.65
N GLY B 30 -3.62 -5.22 12.72
CA GLY B 30 -3.81 -4.23 13.76
C GLY B 30 -3.59 -2.81 13.28
N ALA B 31 -2.75 -2.67 12.26
CA ALA B 31 -2.46 -1.37 11.67
C ALA B 31 -3.67 -0.87 10.88
N VAL B 32 -4.52 -1.81 10.50
CA VAL B 32 -5.70 -1.51 9.71
C VAL B 32 -6.87 -1.16 10.62
N ASN B 33 -6.95 -1.86 11.74
CA ASN B 33 -8.08 -1.72 12.65
C ASN B 33 -8.01 -0.41 13.42
N ARG B 34 -6.90 0.30 13.26
CA ARG B 34 -6.68 1.57 13.92
C ARG B 34 -7.04 2.72 12.98
N LEU B 35 -7.44 2.39 11.77
CA LEU B 35 -7.74 3.39 10.75
C LEU B 35 -9.07 4.06 11.00
N SER B 36 -9.99 3.34 11.63
CA SER B 36 -11.31 3.88 11.95
C SER B 36 -11.25 4.81 13.16
N SER B 37 -10.04 5.10 13.60
CA SER B 37 -9.81 6.03 14.68
C SER B 37 -9.76 7.46 14.16
N ALA B 38 -9.98 8.43 15.04
CA ALA B 38 -9.97 9.84 14.66
C ALA B 38 -8.57 10.27 14.22
N GLU B 39 -7.59 9.46 14.59
CA GLU B 39 -6.20 9.70 14.20
C GLU B 39 -6.09 9.79 12.69
N ALA B 40 -6.39 8.68 12.02
CA ALA B 40 -6.30 8.62 10.56
C ALA B 40 -7.16 9.68 9.91
N ALA B 41 -8.42 9.74 10.31
CA ALA B 41 -9.38 10.66 9.71
C ALA B 41 -8.91 12.12 9.80
N SER B 42 -8.03 12.41 10.75
CA SER B 42 -7.51 13.75 10.94
C SER B 42 -6.28 14.01 10.07
N ARG B 43 -5.62 12.94 9.63
CA ARG B 43 -4.41 13.05 8.80
C ARG B 43 -4.81 12.92 7.34
N VAL B 44 -5.59 11.88 7.08
CA VAL B 44 -6.05 11.55 5.75
C VAL B 44 -6.85 12.71 5.13
N SER B 45 -7.57 13.43 5.97
CA SER B 45 -8.37 14.57 5.51
C SER B 45 -7.49 15.78 5.17
N SER B 46 -6.23 15.70 5.53
CA SER B 46 -5.26 16.74 5.20
C SER B 46 -4.57 16.39 3.90
N ASN B 47 -4.69 15.13 3.53
CA ASN B 47 -3.98 14.58 2.38
C ASN B 47 -4.86 14.68 1.14
N ILE B 48 -6.16 14.66 1.38
CA ILE B 48 -7.14 14.74 0.30
C ILE B 48 -6.92 16.00 -0.55
N ALA B 49 -6.58 17.10 0.10
CA ALA B 49 -6.42 18.38 -0.58
C ALA B 49 -5.04 18.51 -1.23
N ALA B 50 -4.22 17.49 -1.05
CA ALA B 50 -2.88 17.49 -1.62
C ALA B 50 -2.82 16.57 -2.83
N ILE B 51 -3.26 15.33 -2.64
CA ILE B 51 -3.21 14.33 -3.71
C ILE B 51 -4.13 14.71 -4.85
N ALA B 52 -5.24 15.36 -4.51
CA ALA B 52 -6.20 15.80 -5.51
C ALA B 52 -5.57 16.79 -6.48
N SER B 53 -4.60 17.54 -5.99
CA SER B 53 -3.97 18.59 -6.76
C SER B 53 -2.75 18.09 -7.52
N GLY B 54 -2.01 17.15 -6.92
CA GLY B 54 -0.78 16.68 -7.53
C GLY B 54 -0.95 15.40 -8.32
N GLY B 55 -1.99 14.64 -8.00
CA GLY B 55 -2.25 13.39 -8.69
C GLY B 55 -1.32 12.29 -8.23
N ALA B 56 -0.08 12.36 -8.70
CA ALA B 56 0.93 11.40 -8.34
C ALA B 56 2.13 12.08 -7.73
N SER B 57 2.34 13.35 -8.10
CA SER B 57 3.47 14.11 -7.63
C SER B 57 3.30 14.47 -6.15
N ALA B 58 2.11 14.21 -5.63
CA ALA B 58 1.80 14.50 -4.24
C ALA B 58 2.11 13.29 -3.37
N LEU B 59 2.27 12.13 -4.01
CA LEU B 59 2.53 10.88 -3.29
C LEU B 59 3.76 11.01 -2.37
N PRO B 60 4.95 11.35 -2.91
CA PRO B 60 6.17 11.46 -2.10
C PRO B 60 6.06 12.56 -1.05
N SER B 61 5.21 13.53 -1.28
CA SER B 61 5.01 14.62 -0.33
C SER B 61 4.10 14.16 0.81
N VAL B 62 3.07 13.39 0.46
CA VAL B 62 2.03 13.02 1.40
C VAL B 62 2.44 11.77 2.18
N ILE B 63 3.04 10.81 1.50
CA ILE B 63 3.51 9.58 2.14
C ILE B 63 4.49 9.90 3.26
N SER B 64 5.41 10.80 2.97
CA SER B 64 6.44 11.18 3.91
C SER B 64 5.84 11.92 5.11
N ASN B 65 4.66 12.50 4.90
CA ASN B 65 3.95 13.19 5.98
C ASN B 65 3.27 12.19 6.89
N ILE B 66 2.45 11.32 6.30
CA ILE B 66 1.70 10.32 7.06
C ILE B 66 2.65 9.35 7.77
N TYR B 67 3.66 8.88 7.05
CA TYR B 67 4.60 7.90 7.58
C TYR B 67 5.23 8.41 8.87
N SER B 68 5.74 9.64 8.82
CA SER B 68 6.34 10.26 9.99
C SER B 68 5.34 10.36 11.13
N GLY B 69 4.07 10.56 10.77
CA GLY B 69 3.03 10.66 11.77
C GLY B 69 2.81 9.36 12.49
N VAL B 70 2.86 8.27 11.73
CA VAL B 70 2.67 6.94 12.29
C VAL B 70 3.88 6.51 13.11
N VAL B 71 5.07 6.74 12.57
CA VAL B 71 6.32 6.35 13.23
C VAL B 71 6.46 7.05 14.59
N ALA B 72 5.98 8.29 14.66
CA ALA B 72 6.06 9.06 15.89
C ALA B 72 5.10 8.53 16.96
N SER B 73 4.28 7.55 16.60
CA SER B 73 3.30 7.00 17.52
C SER B 73 3.88 5.83 18.33
N GLY B 74 5.03 5.33 17.92
CA GLY B 74 5.63 4.19 18.59
C GLY B 74 5.26 2.88 17.95
N VAL B 75 5.08 2.92 16.65
CA VAL B 75 4.73 1.73 15.86
C VAL B 75 5.99 0.97 15.47
N SER B 76 5.84 -0.29 15.07
CA SER B 76 6.96 -1.08 14.58
C SER B 76 7.40 -0.55 13.20
N SER B 77 8.65 -0.82 12.84
CA SER B 77 9.25 -0.26 11.64
C SER B 77 8.46 -0.63 10.37
N ASN B 78 8.40 -1.92 10.06
CA ASN B 78 7.75 -2.38 8.86
C ASN B 78 6.23 -2.24 8.99
N GLU B 79 5.75 -2.15 10.22
CA GLU B 79 4.33 -1.98 10.49
C GLU B 79 3.88 -0.56 10.17
N ALA B 80 4.80 0.38 10.39
CA ALA B 80 4.56 1.79 10.07
C ALA B 80 4.23 1.96 8.60
N LEU B 81 4.93 1.19 7.75
CA LEU B 81 4.71 1.22 6.32
C LEU B 81 3.26 0.93 6.00
N ILE B 82 2.73 -0.13 6.59
CA ILE B 82 1.38 -0.57 6.30
C ILE B 82 0.35 0.46 6.74
N GLN B 83 0.38 0.84 8.01
CA GLN B 83 -0.59 1.82 8.52
C GLN B 83 -0.52 3.12 7.72
N ALA B 84 0.70 3.60 7.49
CA ALA B 84 0.91 4.83 6.73
C ALA B 84 0.31 4.71 5.33
N LEU B 85 0.53 3.57 4.70
CA LEU B 85 -0.02 3.32 3.38
C LEU B 85 -1.54 3.26 3.42
N LEU B 86 -2.08 2.60 4.44
CA LEU B 86 -3.52 2.41 4.54
C LEU B 86 -4.25 3.73 4.75
N GLU B 87 -3.66 4.60 5.56
CA GLU B 87 -4.20 5.94 5.75
C GLU B 87 -4.15 6.72 4.43
N LEU B 88 -3.05 6.58 3.71
CA LEU B 88 -2.90 7.19 2.40
C LEU B 88 -3.98 6.72 1.43
N LEU B 89 -4.20 5.41 1.43
CA LEU B 89 -5.14 4.77 0.51
C LEU B 89 -6.58 5.21 0.76
N SER B 90 -6.79 5.99 1.81
CA SER B 90 -8.11 6.46 2.14
C SER B 90 -8.31 7.90 1.67
N ALA B 91 -7.21 8.63 1.53
CA ALA B 91 -7.28 10.04 1.16
C ALA B 91 -7.61 10.18 -0.31
N LEU B 92 -6.89 9.42 -1.13
CA LEU B 92 -6.96 9.55 -2.57
C LEU B 92 -8.22 8.91 -3.17
N VAL B 93 -8.91 8.08 -2.40
CA VAL B 93 -10.17 7.50 -2.88
C VAL B 93 -11.36 8.30 -2.39
N HIS B 94 -11.13 9.10 -1.36
CA HIS B 94 -12.17 9.96 -0.83
C HIS B 94 -12.40 11.13 -1.77
N VAL B 95 -11.33 11.59 -2.40
CA VAL B 95 -11.41 12.77 -3.26
C VAL B 95 -12.27 12.52 -4.49
N LEU B 96 -12.34 11.26 -4.91
CA LEU B 96 -13.12 10.89 -6.09
C LEU B 96 -14.61 11.12 -5.86
N SER B 97 -15.02 11.14 -4.61
CA SER B 97 -16.41 11.36 -4.24
C SER B 97 -16.85 12.75 -4.69
N SER B 98 -15.90 13.67 -4.77
CA SER B 98 -16.17 15.03 -5.18
C SER B 98 -15.37 15.38 -6.43
N ALA B 99 -14.80 14.37 -7.07
CA ALA B 99 -13.99 14.59 -8.24
C ALA B 99 -14.68 14.07 -9.49
N SER B 100 -15.32 14.98 -10.19
CA SER B 100 -15.99 14.69 -11.42
C SER B 100 -14.98 14.33 -12.52
N ILE B 101 -14.65 13.05 -12.62
CA ILE B 101 -13.70 12.61 -13.63
C ILE B 101 -14.28 12.72 -15.05
N GLY B 102 -13.46 13.16 -15.98
CA GLY B 102 -13.88 13.26 -17.36
C GLY B 102 -13.67 11.95 -18.11
N ASN B 103 -12.55 11.82 -18.79
CA ASN B 103 -12.23 10.62 -19.53
C ASN B 103 -10.76 10.25 -19.38
N VAL B 104 -10.50 9.14 -18.72
CA VAL B 104 -9.14 8.64 -18.57
C VAL B 104 -8.79 7.68 -19.69
N SER B 105 -7.58 7.81 -20.21
CA SER B 105 -7.10 6.93 -21.25
C SER B 105 -6.24 5.83 -20.63
N SER B 106 -6.32 4.62 -21.18
CA SER B 106 -5.55 3.50 -20.68
C SER B 106 -4.13 3.53 -21.27
N VAL B 107 -3.79 4.64 -21.89
CA VAL B 107 -2.50 4.80 -22.55
C VAL B 107 -1.65 5.81 -21.79
N GLY B 108 -0.49 5.37 -21.35
CA GLY B 108 0.41 6.25 -20.65
C GLY B 108 0.58 5.90 -19.19
N VAL B 109 -0.16 4.88 -18.73
CA VAL B 109 -0.06 4.43 -17.34
C VAL B 109 1.35 3.95 -17.02
N ASP B 110 2.04 3.44 -18.04
CA ASP B 110 3.42 2.97 -17.92
C ASP B 110 4.29 4.00 -17.19
N SER B 111 4.09 5.28 -17.54
CA SER B 111 4.85 6.37 -16.95
C SER B 111 4.57 6.51 -15.45
N THR B 112 3.33 6.22 -15.06
CA THR B 112 2.90 6.39 -13.68
C THR B 112 3.56 5.37 -12.77
N LEU B 113 3.75 4.16 -13.31
CA LEU B 113 4.42 3.09 -12.58
C LEU B 113 5.83 3.51 -12.19
N ASN B 114 6.48 4.26 -13.07
CA ASN B 114 7.85 4.71 -12.84
C ASN B 114 7.92 5.71 -11.69
N VAL B 115 6.82 6.41 -11.44
CA VAL B 115 6.77 7.44 -10.43
C VAL B 115 6.46 6.86 -9.06
N VAL B 116 5.54 5.89 -9.01
CA VAL B 116 5.13 5.27 -7.76
C VAL B 116 6.33 4.59 -7.08
N GLN B 117 7.30 4.19 -7.88
CA GLN B 117 8.50 3.53 -7.39
C GLN B 117 9.36 4.48 -6.58
N ASP B 118 9.16 5.77 -6.78
CA ASP B 118 9.96 6.79 -6.12
C ASP B 118 9.39 7.08 -4.74
N SER B 119 8.08 7.06 -4.66
CA SER B 119 7.38 7.50 -3.46
C SER B 119 7.45 6.46 -2.35
N VAL B 120 7.20 5.20 -2.69
CA VAL B 120 7.09 4.15 -1.69
C VAL B 120 8.30 3.20 -1.74
N GLY B 121 8.99 3.21 -2.86
CA GLY B 121 10.12 2.30 -3.05
C GLY B 121 11.22 2.48 -2.03
N GLN B 122 11.36 3.69 -1.52
CA GLN B 122 12.41 3.99 -0.56
C GLN B 122 12.01 3.58 0.87
N TYR B 123 10.75 3.19 1.03
CA TYR B 123 10.26 2.76 2.33
C TYR B 123 10.19 1.23 2.41
N VAL B 124 9.96 0.60 1.28
CA VAL B 124 9.89 -0.86 1.20
C VAL B 124 11.26 -1.47 0.93
N GLY B 125 12.26 -0.61 0.74
CA GLY B 125 13.61 -1.09 0.47
C GLY B 125 14.63 -0.47 1.39
N GLY A 1 34.10 -32.56 25.24
CA GLY A 1 34.30 -32.74 23.78
C GLY A 1 35.20 -31.68 23.21
N SER A 2 35.34 -31.68 21.89
CA SER A 2 36.21 -30.73 21.21
C SER A 2 35.52 -29.37 21.08
N GLY A 3 36.32 -28.33 20.89
CA GLY A 3 35.79 -27.00 20.73
C GLY A 3 35.68 -26.59 19.28
N ASN A 4 34.70 -25.74 18.97
CA ASN A 4 34.49 -25.28 17.62
C ASN A 4 35.19 -23.95 17.39
N SER A 5 36.33 -23.99 16.70
CA SER A 5 37.15 -22.80 16.50
C SER A 5 36.65 -21.95 15.33
N VAL A 6 35.45 -22.24 14.86
CA VAL A 6 34.88 -21.49 13.75
C VAL A 6 34.03 -20.32 14.25
N THR A 7 34.01 -19.24 13.49
CA THR A 7 33.26 -18.06 13.89
C THR A 7 32.80 -17.27 12.66
N SER A 8 31.50 -17.04 12.57
CA SER A 8 30.91 -16.25 11.51
C SER A 8 29.59 -15.66 11.98
N GLY A 9 29.23 -14.49 11.49
CA GLY A 9 27.99 -13.86 11.88
C GLY A 9 27.90 -12.39 11.51
N GLY A 10 28.28 -12.09 10.29
CA GLY A 10 28.21 -10.71 9.81
C GLY A 10 27.21 -10.56 8.68
N TYR A 11 26.48 -11.62 8.39
CA TYR A 11 25.52 -11.63 7.31
C TYR A 11 24.13 -11.24 7.81
N GLY A 12 23.15 -11.26 6.91
CA GLY A 12 21.81 -10.86 7.27
C GLY A 12 21.27 -9.80 6.33
N TYR A 13 20.69 -8.75 6.89
CA TYR A 13 20.14 -7.68 6.09
C TYR A 13 21.25 -6.84 5.47
N GLY A 14 22.31 -6.60 6.23
CA GLY A 14 23.42 -5.81 5.74
C GLY A 14 24.63 -6.66 5.41
N THR A 15 24.39 -7.77 4.72
CA THR A 15 25.44 -8.73 4.42
C THR A 15 26.33 -8.26 3.26
N SER A 16 25.71 -7.86 2.15
CA SER A 16 26.47 -7.55 0.94
C SER A 16 25.87 -6.37 0.19
N ALA A 17 24.69 -6.60 -0.36
CA ALA A 17 24.06 -5.60 -1.19
C ALA A 17 22.58 -5.47 -0.84
N ALA A 18 22.13 -4.25 -0.71
CA ALA A 18 20.74 -3.96 -0.45
C ALA A 18 19.93 -4.13 -1.72
N ALA A 19 19.39 -5.32 -1.91
CA ALA A 19 18.64 -5.65 -3.11
C ALA A 19 17.13 -5.65 -2.83
N GLY A 20 16.36 -6.26 -3.72
CA GLY A 20 14.93 -6.27 -3.57
C GLY A 20 14.29 -7.48 -4.20
N ALA A 21 14.25 -8.58 -3.45
CA ALA A 21 13.57 -9.81 -3.88
C ALA A 21 13.56 -10.79 -2.74
N GLY A 22 12.48 -10.78 -1.98
CA GLY A 22 12.43 -11.55 -0.73
C GLY A 22 13.55 -11.13 0.21
N VAL A 23 13.72 -9.83 0.37
CA VAL A 23 14.82 -9.29 1.16
C VAL A 23 14.47 -9.21 2.65
N ALA A 24 13.52 -8.38 2.99
CA ALA A 24 13.14 -8.20 4.39
C ALA A 24 11.88 -8.99 4.69
N ALA A 25 11.36 -8.83 5.90
CA ALA A 25 10.16 -9.52 6.32
C ALA A 25 8.94 -8.93 5.64
N GLY A 26 8.86 -7.60 5.64
CA GLY A 26 7.73 -6.93 5.06
C GLY A 26 8.15 -5.74 4.24
N SER A 27 9.21 -5.93 3.47
CA SER A 27 9.75 -4.88 2.64
C SER A 27 10.57 -5.48 1.50
N TYR A 28 10.22 -5.11 0.27
CA TYR A 28 10.92 -5.60 -0.90
C TYR A 28 10.85 -4.57 -2.01
N ALA A 29 12.01 -4.07 -2.42
CA ALA A 29 12.09 -3.02 -3.43
C ALA A 29 11.87 -3.57 -4.82
N GLY A 30 12.20 -4.85 -5.02
CA GLY A 30 12.06 -5.45 -6.33
C GLY A 30 10.65 -5.44 -6.83
N ALA A 31 9.71 -5.51 -5.89
CA ALA A 31 8.28 -5.48 -6.22
C ALA A 31 7.90 -4.11 -6.77
N VAL A 32 8.76 -3.14 -6.54
CA VAL A 32 8.54 -1.78 -7.00
C VAL A 32 9.22 -1.56 -8.35
N ASN A 33 10.45 -2.03 -8.49
CA ASN A 33 11.21 -1.82 -9.72
C ASN A 33 10.53 -2.49 -10.91
N ARG A 34 9.88 -3.62 -10.65
CA ARG A 34 9.25 -4.40 -11.70
C ARG A 34 7.97 -3.74 -12.22
N LEU A 35 7.62 -2.58 -11.64
CA LEU A 35 6.43 -1.85 -12.06
C LEU A 35 6.66 -1.17 -13.40
N SER A 36 7.92 -0.99 -13.76
CA SER A 36 8.28 -0.38 -15.03
C SER A 36 8.00 -1.34 -16.18
N SER A 37 7.73 -2.60 -15.83
CA SER A 37 7.44 -3.62 -16.81
C SER A 37 6.06 -3.38 -17.44
N ALA A 38 5.96 -3.62 -18.74
CA ALA A 38 4.71 -3.43 -19.46
C ALA A 38 3.59 -4.30 -18.89
N GLU A 39 3.99 -5.33 -18.14
CA GLU A 39 3.06 -6.22 -17.47
C GLU A 39 2.16 -5.43 -16.54
N ALA A 40 2.77 -4.62 -15.70
CA ALA A 40 2.02 -3.75 -14.79
C ALA A 40 1.14 -2.82 -15.59
N ALA A 41 1.74 -2.10 -16.54
CA ALA A 41 0.99 -1.15 -17.37
C ALA A 41 -0.24 -1.79 -17.99
N SER A 42 -0.13 -3.08 -18.27
CA SER A 42 -1.23 -3.85 -18.86
C SER A 42 -2.31 -4.19 -17.82
N ARG A 43 -1.93 -4.39 -16.56
CA ARG A 43 -2.87 -4.82 -15.53
C ARG A 43 -3.46 -3.59 -14.85
N VAL A 44 -2.61 -2.63 -14.62
CA VAL A 44 -2.97 -1.39 -13.96
C VAL A 44 -3.96 -0.59 -14.82
N SER A 45 -3.70 -0.53 -16.12
CA SER A 45 -4.58 0.21 -17.03
C SER A 45 -5.91 -0.51 -17.21
N SER A 46 -5.95 -1.78 -16.83
CA SER A 46 -7.16 -2.57 -16.94
C SER A 46 -8.10 -2.28 -15.77
N ASN A 47 -7.61 -1.52 -14.80
CA ASN A 47 -8.38 -1.24 -13.60
C ASN A 47 -8.50 0.27 -13.35
N ILE A 48 -7.85 1.07 -14.20
CA ILE A 48 -7.93 2.52 -14.08
C ILE A 48 -9.38 2.99 -14.21
N ALA A 49 -10.12 2.37 -15.12
CA ALA A 49 -11.49 2.76 -15.38
C ALA A 49 -12.43 2.17 -14.33
N ALA A 50 -11.90 1.24 -13.54
CA ALA A 50 -12.69 0.59 -12.50
C ALA A 50 -12.72 1.46 -11.25
N ILE A 51 -11.55 1.92 -10.83
CA ILE A 51 -11.45 2.80 -9.67
C ILE A 51 -12.09 4.15 -9.99
N ALA A 52 -12.01 4.56 -11.25
CA ALA A 52 -12.64 5.79 -11.72
C ALA A 52 -14.16 5.67 -11.74
N SER A 53 -14.65 4.50 -11.39
CA SER A 53 -16.08 4.25 -11.38
C SER A 53 -16.61 4.09 -9.95
N GLY A 54 -15.93 3.26 -9.16
CA GLY A 54 -16.38 2.98 -7.82
C GLY A 54 -15.73 3.88 -6.77
N GLY A 55 -14.59 4.45 -7.11
CA GLY A 55 -13.86 5.30 -6.20
C GLY A 55 -13.17 4.52 -5.11
N ALA A 56 -13.97 4.04 -4.16
CA ALA A 56 -13.47 3.25 -3.05
C ALA A 56 -14.06 1.85 -3.09
N SER A 57 -15.23 1.74 -3.69
CA SER A 57 -15.93 0.46 -3.78
C SER A 57 -15.23 -0.48 -4.74
N ALA A 58 -14.32 0.08 -5.53
CA ALA A 58 -13.60 -0.70 -6.53
C ALA A 58 -12.31 -1.26 -5.96
N LEU A 59 -11.88 -0.72 -4.82
CA LEU A 59 -10.62 -1.13 -4.21
C LEU A 59 -10.57 -2.63 -3.94
N PRO A 60 -11.51 -3.19 -3.14
CA PRO A 60 -11.50 -4.62 -2.79
C PRO A 60 -11.61 -5.51 -4.02
N SER A 61 -12.19 -4.97 -5.09
CA SER A 61 -12.36 -5.73 -6.31
C SER A 61 -11.10 -5.67 -7.17
N VAL A 62 -10.52 -4.48 -7.29
CA VAL A 62 -9.37 -4.25 -8.16
C VAL A 62 -8.13 -4.85 -7.53
N ILE A 63 -8.01 -4.72 -6.22
CA ILE A 63 -6.92 -5.31 -5.48
C ILE A 63 -6.94 -6.83 -5.65
N SER A 64 -8.13 -7.40 -5.69
CA SER A 64 -8.28 -8.84 -5.85
C SER A 64 -7.87 -9.25 -7.26
N ASN A 65 -8.18 -8.40 -8.23
CA ASN A 65 -7.82 -8.65 -9.62
C ASN A 65 -6.30 -8.67 -9.78
N ILE A 66 -5.64 -7.68 -9.24
CA ILE A 66 -4.20 -7.54 -9.36
C ILE A 66 -3.46 -8.54 -8.49
N TYR A 67 -3.85 -8.63 -7.22
CA TYR A 67 -3.17 -9.52 -6.27
C TYR A 67 -3.08 -10.95 -6.80
N SER A 68 -4.22 -11.50 -7.20
CA SER A 68 -4.26 -12.86 -7.71
C SER A 68 -3.41 -12.99 -8.97
N GLY A 69 -3.33 -11.90 -9.73
CA GLY A 69 -2.52 -11.90 -10.94
C GLY A 69 -1.04 -11.91 -10.61
N VAL A 70 -0.66 -11.14 -9.61
CA VAL A 70 0.71 -11.07 -9.14
C VAL A 70 1.14 -12.41 -8.54
N VAL A 71 0.30 -12.97 -7.68
CA VAL A 71 0.60 -14.23 -7.02
C VAL A 71 0.74 -15.37 -8.04
N ALA A 72 -0.04 -15.28 -9.11
CA ALA A 72 -0.01 -16.29 -10.17
C ALA A 72 1.30 -16.22 -10.97
N SER A 73 2.11 -15.20 -10.71
CA SER A 73 3.41 -15.07 -11.37
C SER A 73 4.43 -15.98 -10.69
N GLY A 74 4.16 -16.37 -9.45
CA GLY A 74 5.08 -17.21 -8.72
C GLY A 74 5.91 -16.42 -7.72
N VAL A 75 5.48 -15.19 -7.47
CA VAL A 75 6.14 -14.32 -6.51
C VAL A 75 5.89 -14.82 -5.08
N SER A 76 6.75 -14.44 -4.16
CA SER A 76 6.57 -14.77 -2.75
C SER A 76 5.24 -14.18 -2.26
N SER A 77 4.49 -14.97 -1.51
CA SER A 77 3.15 -14.61 -1.06
C SER A 77 3.08 -13.22 -0.43
N ASN A 78 4.02 -12.93 0.48
CA ASN A 78 3.98 -11.66 1.21
C ASN A 78 4.49 -10.52 0.34
N GLU A 79 5.42 -10.83 -0.57
CA GLU A 79 5.95 -9.82 -1.48
C GLU A 79 4.88 -9.41 -2.49
N ALA A 80 3.99 -10.35 -2.79
CA ALA A 80 2.90 -10.11 -3.72
C ALA A 80 1.99 -8.98 -3.22
N LEU A 81 1.82 -8.88 -1.91
CA LEU A 81 1.02 -7.82 -1.32
C LEU A 81 1.54 -6.47 -1.75
N ILE A 82 2.84 -6.27 -1.58
CA ILE A 82 3.47 -5.00 -1.89
C ILE A 82 3.30 -4.69 -3.38
N GLN A 83 3.72 -5.61 -4.24
CA GLN A 83 3.61 -5.41 -5.68
C GLN A 83 2.17 -5.15 -6.09
N ALA A 84 1.25 -5.96 -5.59
CA ALA A 84 -0.16 -5.82 -5.92
C ALA A 84 -0.68 -4.45 -5.48
N LEU A 85 -0.22 -4.00 -4.32
CA LEU A 85 -0.58 -2.67 -3.85
C LEU A 85 0.04 -1.59 -4.72
N LEU A 86 1.26 -1.82 -5.20
CA LEU A 86 1.95 -0.84 -6.02
C LEU A 86 1.30 -0.72 -7.41
N GLU A 87 0.87 -1.85 -7.95
CA GLU A 87 0.13 -1.86 -9.22
C GLU A 87 -1.29 -1.32 -9.01
N LEU A 88 -1.68 -1.18 -7.75
CA LEU A 88 -2.96 -0.59 -7.41
C LEU A 88 -2.80 0.92 -7.25
N LEU A 89 -1.74 1.31 -6.56
CA LEU A 89 -1.44 2.71 -6.28
C LEU A 89 -1.11 3.49 -7.55
N SER A 90 -0.88 2.77 -8.64
CA SER A 90 -0.51 3.41 -9.90
C SER A 90 -1.73 3.67 -10.77
N ALA A 91 -2.75 2.83 -10.62
CA ALA A 91 -3.96 2.95 -11.40
C ALA A 91 -4.74 4.20 -10.99
N LEU A 92 -4.90 4.37 -9.67
CA LEU A 92 -5.76 5.41 -9.13
C LEU A 92 -5.14 6.80 -9.22
N VAL A 93 -3.82 6.91 -9.26
CA VAL A 93 -3.18 8.22 -9.39
C VAL A 93 -3.09 8.64 -10.84
N HIS A 94 -3.12 7.65 -11.74
CA HIS A 94 -3.09 7.92 -13.16
C HIS A 94 -4.38 8.60 -13.59
N VAL A 95 -5.50 8.15 -13.04
CA VAL A 95 -6.81 8.63 -13.45
C VAL A 95 -7.00 10.10 -13.10
N LEU A 96 -6.30 10.56 -12.07
CA LEU A 96 -6.38 11.95 -11.64
C LEU A 96 -5.83 12.89 -12.69
N SER A 97 -5.02 12.36 -13.61
CA SER A 97 -4.42 13.15 -14.67
C SER A 97 -5.50 13.70 -15.61
N SER A 98 -6.63 13.02 -15.68
CA SER A 98 -7.72 13.45 -16.55
C SER A 98 -8.99 13.65 -15.73
N ALA A 99 -8.87 13.47 -14.42
CA ALA A 99 -9.99 13.68 -13.51
C ALA A 99 -9.95 15.08 -12.95
N SER A 100 -10.77 15.96 -13.50
CA SER A 100 -10.81 17.33 -13.03
C SER A 100 -11.59 17.41 -11.73
N ILE A 101 -10.89 17.26 -10.62
CA ILE A 101 -11.51 17.29 -9.31
C ILE A 101 -12.01 18.69 -8.95
N GLY A 102 -13.14 18.76 -8.27
CA GLY A 102 -13.68 20.04 -7.84
C GLY A 102 -13.23 20.42 -6.45
N ASN A 103 -14.16 20.45 -5.51
CA ASN A 103 -13.85 20.82 -4.14
C ASN A 103 -14.24 19.72 -3.18
N VAL A 104 -13.24 19.10 -2.57
CA VAL A 104 -13.46 18.03 -1.63
C VAL A 104 -13.59 18.57 -0.21
N SER A 105 -14.31 17.84 0.62
CA SER A 105 -14.49 18.21 2.01
C SER A 105 -13.79 17.18 2.90
N SER A 106 -13.38 17.60 4.09
CA SER A 106 -12.74 16.71 5.04
C SER A 106 -13.79 15.85 5.74
N VAL A 107 -15.05 16.19 5.54
CA VAL A 107 -16.16 15.51 6.20
C VAL A 107 -16.45 14.18 5.53
N GLY A 108 -16.01 13.10 6.17
CA GLY A 108 -16.32 11.78 5.68
C GLY A 108 -15.12 10.88 5.58
N VAL A 109 -13.93 11.47 5.66
CA VAL A 109 -12.69 10.69 5.64
C VAL A 109 -12.69 9.71 6.80
N ASP A 110 -13.27 10.13 7.91
CA ASP A 110 -13.41 9.31 9.10
C ASP A 110 -14.06 7.96 8.75
N SER A 111 -15.11 8.04 7.93
CA SER A 111 -15.85 6.86 7.53
C SER A 111 -15.21 6.18 6.32
N THR A 112 -14.51 6.95 5.50
CA THR A 112 -13.82 6.40 4.34
C THR A 112 -12.72 5.45 4.78
N LEU A 113 -12.11 5.78 5.93
CA LEU A 113 -11.11 4.93 6.54
C LEU A 113 -11.70 3.56 6.89
N ASN A 114 -12.99 3.53 7.18
CA ASN A 114 -13.67 2.28 7.52
C ASN A 114 -13.82 1.40 6.28
N VAL A 115 -13.65 2.00 5.11
CA VAL A 115 -13.79 1.27 3.84
C VAL A 115 -12.43 0.76 3.37
N VAL A 116 -11.38 1.55 3.58
CA VAL A 116 -10.04 1.15 3.15
C VAL A 116 -9.60 -0.10 3.92
N GLN A 117 -10.11 -0.24 5.14
CA GLN A 117 -9.80 -1.38 5.98
C GLN A 117 -10.39 -2.66 5.39
N ASP A 118 -11.39 -2.48 4.55
CA ASP A 118 -12.11 -3.60 3.94
C ASP A 118 -11.40 -4.05 2.66
N SER A 119 -10.58 -3.17 2.12
CA SER A 119 -9.97 -3.41 0.82
C SER A 119 -8.64 -4.15 0.96
N VAL A 120 -7.92 -3.90 2.04
CA VAL A 120 -6.58 -4.45 2.19
C VAL A 120 -6.45 -5.33 3.44
N GLY A 121 -7.36 -5.14 4.40
CA GLY A 121 -7.29 -5.85 5.66
C GLY A 121 -7.25 -7.37 5.49
N GLN A 122 -7.90 -7.86 4.46
CA GLN A 122 -7.96 -9.29 4.21
C GLN A 122 -6.70 -9.80 3.51
N TYR A 123 -5.80 -8.91 3.16
CA TYR A 123 -4.55 -9.32 2.52
C TYR A 123 -3.38 -9.15 3.48
N VAL A 124 -3.51 -8.17 4.38
CA VAL A 124 -2.53 -7.97 5.43
C VAL A 124 -2.87 -8.78 6.68
N GLY A 125 -3.98 -9.49 6.62
CA GLY A 125 -4.38 -10.34 7.72
C GLY A 125 -5.44 -11.35 7.31
N GLY B 1 24.41 -34.03 27.05
CA GLY B 1 25.02 -34.68 28.19
C GLY B 1 24.04 -34.88 29.33
N SER B 2 22.77 -34.66 29.03
CA SER B 2 21.71 -34.79 30.01
C SER B 2 20.43 -35.25 29.33
N GLY B 3 19.55 -35.89 30.09
CA GLY B 3 18.28 -36.34 29.54
C GLY B 3 17.28 -35.21 29.37
N ASN B 4 17.58 -34.31 28.44
CA ASN B 4 16.71 -33.17 28.15
C ASN B 4 15.33 -33.66 27.74
N SER B 5 14.37 -33.52 28.64
CA SER B 5 13.01 -33.96 28.38
C SER B 5 12.14 -32.78 27.95
N VAL B 6 12.80 -31.71 27.55
CA VAL B 6 12.11 -30.50 27.11
C VAL B 6 12.02 -30.44 25.59
N THR B 7 11.29 -29.47 25.07
CA THR B 7 11.13 -29.31 23.64
C THR B 7 10.75 -27.86 23.32
N SER B 8 10.57 -27.56 22.05
CA SER B 8 10.20 -26.22 21.62
C SER B 8 9.31 -26.30 20.38
N GLY B 9 8.01 -26.31 20.59
CA GLY B 9 7.07 -26.38 19.49
C GLY B 9 5.66 -26.09 19.94
N GLY B 10 5.00 -25.16 19.24
CA GLY B 10 3.65 -24.79 19.59
C GLY B 10 3.45 -23.30 19.56
N TYR B 11 4.05 -22.65 18.58
CA TYR B 11 3.94 -21.21 18.43
C TYR B 11 4.00 -20.81 16.96
N GLY B 12 4.10 -19.51 16.71
CA GLY B 12 4.15 -19.02 15.35
C GLY B 12 2.99 -18.12 15.03
N TYR B 13 2.61 -18.08 13.77
CA TYR B 13 1.45 -17.33 13.33
C TYR B 13 0.19 -17.92 13.95
N GLY B 14 0.18 -19.24 14.09
CA GLY B 14 -0.97 -19.92 14.64
C GLY B 14 -0.69 -20.47 16.02
N THR B 15 -0.35 -19.57 16.93
CA THR B 15 -0.03 -19.96 18.28
C THR B 15 -1.18 -19.66 19.24
N SER B 16 -2.07 -18.76 18.84
CA SER B 16 -3.17 -18.34 19.68
C SER B 16 -4.43 -18.15 18.85
N ALA B 17 -4.49 -17.01 18.17
CA ALA B 17 -5.64 -16.65 17.37
C ALA B 17 -5.25 -15.64 16.31
N ALA B 18 -6.06 -15.55 15.27
CA ALA B 18 -5.83 -14.60 14.20
C ALA B 18 -6.19 -13.19 14.67
N ALA B 19 -5.16 -12.38 14.88
CA ALA B 19 -5.35 -11.03 15.37
C ALA B 19 -4.58 -10.03 14.49
N GLY B 20 -4.28 -8.87 15.04
CA GLY B 20 -3.60 -7.85 14.27
C GLY B 20 -2.76 -6.93 15.13
N ALA B 21 -1.47 -7.23 15.21
CA ALA B 21 -0.50 -6.40 15.92
C ALA B 21 0.86 -7.07 15.87
N GLY B 22 1.66 -6.72 14.87
CA GLY B 22 2.91 -7.43 14.63
C GLY B 22 2.69 -8.94 14.49
N VAL B 23 1.72 -9.29 13.65
CA VAL B 23 1.29 -10.69 13.54
C VAL B 23 2.16 -11.49 12.59
N ALA B 24 2.20 -11.09 11.33
CA ALA B 24 2.96 -11.81 10.33
C ALA B 24 4.27 -11.09 10.03
N ALA B 25 5.01 -11.60 9.06
CA ALA B 25 6.29 -11.01 8.71
C ALA B 25 6.12 -9.65 8.06
N GLY B 26 5.20 -9.57 7.12
CA GLY B 26 4.96 -8.33 6.41
C GLY B 26 3.49 -8.06 6.25
N SER B 27 2.72 -8.53 7.22
CA SER B 27 1.29 -8.36 7.22
C SER B 27 0.77 -8.16 8.63
N TYR B 28 0.02 -7.08 8.82
CA TYR B 28 -0.52 -6.77 10.13
C TYR B 28 -1.86 -6.10 9.99
N ALA B 29 -2.89 -6.75 10.51
CA ALA B 29 -4.25 -6.24 10.39
C ALA B 29 -4.49 -5.11 11.38
N GLY B 30 -3.75 -5.10 12.47
CA GLY B 30 -3.95 -4.10 13.50
C GLY B 30 -3.61 -2.71 13.01
N ALA B 31 -2.71 -2.64 12.05
CA ALA B 31 -2.32 -1.36 11.45
C ALA B 31 -3.48 -0.81 10.64
N VAL B 32 -4.41 -1.68 10.29
CA VAL B 32 -5.58 -1.33 9.53
C VAL B 32 -6.74 -1.00 10.46
N ASN B 33 -6.86 -1.81 11.51
CA ASN B 33 -8.01 -1.73 12.41
C ASN B 33 -7.94 -0.50 13.32
N ARG B 34 -6.81 0.20 13.27
CA ARG B 34 -6.63 1.39 14.08
C ARG B 34 -6.90 2.65 13.27
N LEU B 35 -7.33 2.46 12.03
CA LEU B 35 -7.56 3.57 11.10
C LEU B 35 -8.90 4.24 11.38
N SER B 36 -9.73 3.58 12.19
CA SER B 36 -11.02 4.12 12.55
C SER B 36 -10.87 5.19 13.63
N SER B 37 -9.64 5.40 14.08
CA SER B 37 -9.35 6.43 15.05
C SER B 37 -9.32 7.79 14.38
N ALA B 38 -9.84 8.79 15.06
CA ALA B 38 -9.88 10.16 14.54
C ALA B 38 -8.49 10.68 14.23
N GLU B 39 -7.48 10.07 14.86
CA GLU B 39 -6.08 10.42 14.63
C GLU B 39 -5.74 10.29 13.16
N ALA B 40 -6.18 9.19 12.55
CA ALA B 40 -6.00 8.99 11.12
C ALA B 40 -6.76 10.05 10.35
N ALA B 41 -8.04 10.20 10.66
CA ALA B 41 -8.91 11.14 9.97
C ALA B 41 -8.31 12.54 9.93
N SER B 42 -7.65 12.93 11.01
CA SER B 42 -7.01 14.24 11.11
C SER B 42 -5.80 14.37 10.18
N ARG B 43 -5.23 13.24 9.80
CA ARG B 43 -4.07 13.21 8.91
C ARG B 43 -4.55 13.09 7.48
N VAL B 44 -5.36 12.07 7.29
CA VAL B 44 -5.87 11.69 5.99
C VAL B 44 -6.67 12.81 5.33
N SER B 45 -7.40 13.59 6.15
CA SER B 45 -8.19 14.69 5.62
C SER B 45 -7.30 15.87 5.23
N SER B 46 -6.04 15.79 5.61
CA SER B 46 -5.06 16.81 5.24
C SER B 46 -4.33 16.36 3.98
N ASN B 47 -4.58 15.13 3.59
CA ASN B 47 -3.91 14.54 2.45
C ASN B 47 -4.81 14.59 1.23
N ILE B 48 -6.12 14.64 1.49
CA ILE B 48 -7.11 14.65 0.43
C ILE B 48 -6.92 15.85 -0.49
N ALA B 49 -6.64 17.02 0.07
CA ALA B 49 -6.49 18.23 -0.72
C ALA B 49 -5.13 18.28 -1.40
N ALA B 50 -4.21 17.46 -0.93
CA ALA B 50 -2.87 17.40 -1.47
C ALA B 50 -2.82 16.50 -2.70
N ILE B 51 -3.30 15.28 -2.54
CA ILE B 51 -3.29 14.31 -3.63
C ILE B 51 -4.23 14.74 -4.76
N ALA B 52 -5.31 15.41 -4.38
CA ALA B 52 -6.27 15.92 -5.35
C ALA B 52 -5.62 16.95 -6.28
N SER B 53 -4.55 17.55 -5.81
CA SER B 53 -3.90 18.60 -6.55
C SER B 53 -2.69 18.08 -7.34
N GLY B 54 -1.92 17.18 -6.72
CA GLY B 54 -0.72 16.68 -7.36
C GLY B 54 -0.92 15.38 -8.10
N GLY B 55 -1.97 14.65 -7.74
CA GLY B 55 -2.26 13.36 -8.35
C GLY B 55 -1.27 12.31 -7.92
N ALA B 56 -0.10 12.35 -8.53
CA ALA B 56 0.98 11.44 -8.20
C ALA B 56 2.17 12.21 -7.65
N SER B 57 2.18 13.51 -7.93
CA SER B 57 3.28 14.38 -7.51
C SER B 57 3.23 14.62 -6.01
N ALA B 58 2.10 14.27 -5.40
CA ALA B 58 1.89 14.47 -3.98
C ALA B 58 2.23 13.23 -3.18
N LEU B 59 2.35 12.09 -3.88
CA LEU B 59 2.59 10.81 -3.24
C LEU B 59 3.83 10.86 -2.33
N PRO B 60 5.02 11.20 -2.87
CA PRO B 60 6.26 11.19 -2.10
C PRO B 60 6.23 12.19 -0.94
N SER B 61 5.38 13.21 -1.08
CA SER B 61 5.28 14.25 -0.07
C SER B 61 4.31 13.83 1.04
N VAL B 62 3.20 13.22 0.64
CA VAL B 62 2.14 12.87 1.56
C VAL B 62 2.51 11.62 2.35
N ILE B 63 3.14 10.67 1.66
CA ILE B 63 3.65 9.46 2.31
C ILE B 63 4.60 9.83 3.45
N SER B 64 5.45 10.83 3.19
CA SER B 64 6.44 11.26 4.16
C SER B 64 5.75 11.86 5.37
N ASN B 65 4.68 12.60 5.12
CA ASN B 65 3.89 13.21 6.18
C ASN B 65 3.27 12.15 7.07
N ILE B 66 2.53 11.24 6.44
CA ILE B 66 1.81 10.22 7.17
C ILE B 66 2.76 9.26 7.88
N TYR B 67 3.78 8.79 7.18
CA TYR B 67 4.72 7.82 7.73
C TYR B 67 5.36 8.37 9.00
N SER B 68 5.83 9.61 8.93
CA SER B 68 6.44 10.26 10.08
C SER B 68 5.43 10.39 11.22
N GLY B 69 4.17 10.56 10.86
CA GLY B 69 3.11 10.66 11.86
C GLY B 69 2.83 9.34 12.53
N VAL B 70 2.83 8.29 11.72
CA VAL B 70 2.60 6.94 12.19
C VAL B 70 3.74 6.47 13.10
N VAL B 71 4.97 6.70 12.66
CA VAL B 71 6.15 6.31 13.44
C VAL B 71 6.23 7.12 14.73
N ALA B 72 5.74 8.35 14.70
CA ALA B 72 5.72 9.21 15.88
C ALA B 72 4.63 8.76 16.87
N SER B 73 3.83 7.79 16.46
CA SER B 73 2.76 7.28 17.31
C SER B 73 3.27 6.12 18.16
N GLY B 74 4.47 5.64 17.85
CA GLY B 74 5.06 4.55 18.61
C GLY B 74 4.67 3.19 18.05
N VAL B 75 4.57 3.10 16.74
CA VAL B 75 4.25 1.86 16.06
C VAL B 75 5.52 1.05 15.79
N SER B 76 5.37 -0.24 15.49
CA SER B 76 6.50 -1.07 15.14
C SER B 76 7.07 -0.63 13.78
N SER B 77 8.38 -0.79 13.61
CA SER B 77 9.09 -0.28 12.44
C SER B 77 8.47 -0.72 11.11
N ASN B 78 8.31 -2.03 10.92
CA ASN B 78 7.83 -2.54 9.64
C ASN B 78 6.31 -2.37 9.53
N GLU B 79 5.64 -2.33 10.68
CA GLU B 79 4.19 -2.18 10.70
C GLU B 79 3.79 -0.75 10.31
N ALA B 80 4.70 0.18 10.56
CA ALA B 80 4.48 1.59 10.24
C ALA B 80 4.21 1.80 8.75
N LEU B 81 4.95 1.10 7.91
CA LEU B 81 4.80 1.21 6.46
C LEU B 81 3.36 0.91 6.06
N ILE B 82 2.83 -0.17 6.59
CA ILE B 82 1.47 -0.60 6.26
C ILE B 82 0.45 0.44 6.67
N GLN B 83 0.46 0.81 7.95
CA GLN B 83 -0.49 1.80 8.45
C GLN B 83 -0.35 3.12 7.69
N ALA B 84 0.89 3.55 7.48
CA ALA B 84 1.15 4.79 6.76
C ALA B 84 0.57 4.74 5.36
N LEU B 85 0.72 3.58 4.71
CA LEU B 85 0.17 3.39 3.39
C LEU B 85 -1.36 3.40 3.40
N LEU B 86 -1.94 2.85 4.45
CA LEU B 86 -3.38 2.71 4.54
C LEU B 86 -4.06 4.04 4.86
N GLU B 87 -3.39 4.85 5.66
CA GLU B 87 -3.86 6.21 5.91
C GLU B 87 -3.73 7.06 4.65
N LEU B 88 -2.93 6.58 3.71
CA LEU B 88 -2.83 7.23 2.41
C LEU B 88 -3.93 6.75 1.48
N LEU B 89 -4.15 5.44 1.48
CA LEU B 89 -5.13 4.81 0.60
C LEU B 89 -6.56 5.20 0.95
N SER B 90 -6.72 5.94 2.03
CA SER B 90 -8.03 6.41 2.44
C SER B 90 -8.25 7.86 2.01
N ALA B 91 -7.15 8.58 1.81
CA ALA B 91 -7.22 9.98 1.41
C ALA B 91 -7.56 10.11 -0.06
N LEU B 92 -6.83 9.35 -0.88
CA LEU B 92 -6.91 9.47 -2.32
C LEU B 92 -8.21 8.93 -2.91
N VAL B 93 -8.91 8.07 -2.17
CA VAL B 93 -10.20 7.57 -2.63
C VAL B 93 -11.33 8.44 -2.15
N HIS B 94 -11.08 9.21 -1.10
CA HIS B 94 -12.08 10.12 -0.57
C HIS B 94 -12.27 11.29 -1.52
N VAL B 95 -11.21 11.68 -2.21
CA VAL B 95 -11.26 12.82 -3.11
C VAL B 95 -12.20 12.56 -4.28
N LEU B 96 -12.36 11.27 -4.62
CA LEU B 96 -13.21 10.88 -5.73
C LEU B 96 -14.66 11.25 -5.45
N SER B 97 -15.00 11.37 -4.17
CA SER B 97 -16.35 11.75 -3.75
C SER B 97 -16.75 13.09 -4.36
N SER B 98 -15.77 13.95 -4.59
CA SER B 98 -16.03 15.25 -5.16
C SER B 98 -15.23 15.45 -6.45
N ALA B 99 -14.72 14.36 -6.98
CA ALA B 99 -13.94 14.41 -8.20
C ALA B 99 -14.69 13.74 -9.34
N SER B 100 -15.38 14.55 -10.11
CA SER B 100 -16.12 14.05 -11.26
C SER B 100 -15.15 13.75 -12.40
N ILE B 101 -14.62 12.55 -12.40
CA ILE B 101 -13.67 12.13 -13.42
C ILE B 101 -14.34 12.05 -14.79
N GLY B 102 -13.62 12.49 -15.81
CA GLY B 102 -14.18 12.51 -17.16
C GLY B 102 -13.85 11.26 -17.94
N ASN B 103 -12.72 11.28 -18.64
CA ASN B 103 -12.32 10.17 -19.48
C ASN B 103 -10.84 9.89 -19.33
N VAL B 104 -10.51 8.69 -18.88
CA VAL B 104 -9.12 8.28 -18.70
C VAL B 104 -8.73 7.24 -19.74
N SER B 105 -7.50 7.34 -20.22
CA SER B 105 -7.00 6.43 -21.22
C SER B 105 -5.97 5.51 -20.60
N SER B 106 -5.77 4.35 -21.21
CA SER B 106 -4.79 3.38 -20.75
C SER B 106 -3.38 3.81 -21.16
N VAL B 107 -3.31 4.81 -22.02
CA VAL B 107 -2.04 5.26 -22.58
C VAL B 107 -1.33 6.21 -21.62
N GLY B 108 -0.33 5.68 -20.92
CA GLY B 108 0.49 6.52 -20.06
C GLY B 108 0.69 5.94 -18.68
N VAL B 109 -0.05 4.87 -18.37
CA VAL B 109 0.10 4.18 -17.09
C VAL B 109 1.53 3.69 -16.95
N ASP B 110 2.12 3.32 -18.08
CA ASP B 110 3.52 2.93 -18.16
C ASP B 110 4.40 3.95 -17.43
N SER B 111 4.17 5.22 -17.76
CA SER B 111 4.95 6.33 -17.21
C SER B 111 4.58 6.58 -15.75
N THR B 112 3.30 6.47 -15.43
CA THR B 112 2.82 6.69 -14.07
C THR B 112 3.43 5.65 -13.11
N LEU B 113 3.72 4.48 -13.64
CA LEU B 113 4.35 3.42 -12.87
C LEU B 113 5.78 3.76 -12.51
N ASN B 114 6.39 4.65 -13.28
CA ASN B 114 7.77 5.05 -13.03
C ASN B 114 7.86 5.98 -11.82
N VAL B 115 6.80 6.76 -11.59
CA VAL B 115 6.81 7.74 -10.51
C VAL B 115 6.31 7.15 -9.19
N VAL B 116 5.41 6.15 -9.28
CA VAL B 116 4.90 5.50 -8.07
C VAL B 116 6.04 4.79 -7.33
N GLN B 117 7.02 4.33 -8.10
CA GLN B 117 8.18 3.64 -7.56
C GLN B 117 9.02 4.57 -6.68
N ASP B 118 8.94 5.85 -7.00
CA ASP B 118 9.80 6.85 -6.38
C ASP B 118 9.26 7.25 -5.00
N SER B 119 7.97 7.07 -4.82
CA SER B 119 7.30 7.55 -3.63
C SER B 119 7.37 6.57 -2.48
N VAL B 120 7.31 5.28 -2.78
CA VAL B 120 7.21 4.25 -1.75
C VAL B 120 8.35 3.23 -1.85
N GLY B 121 9.01 3.17 -2.99
CA GLY B 121 10.04 2.18 -3.23
C GLY B 121 11.20 2.29 -2.26
N GLN B 122 11.42 3.49 -1.73
CA GLN B 122 12.51 3.73 -0.81
C GLN B 122 12.10 3.46 0.63
N TYR B 123 10.82 3.18 0.84
CA TYR B 123 10.33 2.84 2.17
C TYR B 123 10.24 1.33 2.32
N VAL B 124 9.99 0.66 1.20
CA VAL B 124 9.92 -0.80 1.18
C VAL B 124 11.29 -1.42 0.90
N GLY B 125 12.29 -0.57 0.71
CA GLY B 125 13.63 -1.07 0.47
C GLY B 125 14.60 0.05 0.22
N GLY A 1 41.68 -8.88 14.92
CA GLY A 1 41.99 -9.86 13.85
C GLY A 1 41.51 -11.24 14.20
N SER A 2 41.46 -12.11 13.19
CA SER A 2 40.98 -13.49 13.37
C SER A 2 39.54 -13.51 13.86
N GLY A 3 38.61 -13.36 12.95
CA GLY A 3 37.21 -13.41 13.28
C GLY A 3 36.39 -13.91 12.10
N ASN A 4 36.91 -14.93 11.43
CA ASN A 4 36.26 -15.46 10.25
C ASN A 4 35.11 -16.38 10.62
N SER A 5 33.91 -15.83 10.59
CA SER A 5 32.69 -16.59 10.83
C SER A 5 31.56 -15.96 10.04
N VAL A 6 30.89 -16.76 9.23
CA VAL A 6 29.93 -16.24 8.27
C VAL A 6 28.62 -15.81 8.92
N THR A 7 28.25 -14.57 8.68
CA THR A 7 26.95 -14.07 9.05
C THR A 7 26.41 -13.17 7.93
N SER A 8 25.47 -13.69 7.16
CA SER A 8 24.93 -12.96 6.03
C SER A 8 23.73 -12.10 6.45
N GLY A 9 23.63 -11.84 7.75
CA GLY A 9 22.55 -11.02 8.26
C GLY A 9 22.72 -9.57 7.88
N GLY A 10 21.67 -8.98 7.32
CA GLY A 10 21.72 -7.58 6.94
C GLY A 10 22.21 -7.39 5.52
N TYR A 11 23.53 -7.28 5.36
CA TYR A 11 24.13 -7.00 4.07
C TYR A 11 23.92 -8.15 3.08
N GLY A 12 23.64 -9.34 3.62
CA GLY A 12 23.46 -10.51 2.79
C GLY A 12 22.04 -10.63 2.26
N TYR A 13 21.19 -9.68 2.66
CA TYR A 13 19.83 -9.66 2.19
C TYR A 13 19.58 -8.38 1.41
N GLY A 14 19.68 -7.24 2.08
CA GLY A 14 19.44 -5.97 1.44
C GLY A 14 20.23 -4.85 2.06
N THR A 15 21.34 -4.49 1.44
CA THR A 15 22.15 -3.38 1.92
C THR A 15 21.45 -2.05 1.67
N SER A 16 20.91 -1.91 0.47
CA SER A 16 20.20 -0.71 0.07
C SER A 16 19.15 -1.06 -0.98
N ALA A 17 18.50 -0.04 -1.54
CA ALA A 17 17.44 -0.25 -2.53
C ALA A 17 18.03 -0.58 -3.91
N ALA A 18 18.85 -1.63 -3.95
CA ALA A 18 19.42 -2.12 -5.20
C ALA A 18 19.03 -3.58 -5.40
N ALA A 19 18.23 -4.08 -4.46
CA ALA A 19 17.75 -5.44 -4.49
C ALA A 19 16.43 -5.51 -3.74
N GLY A 20 15.72 -6.62 -3.83
CA GLY A 20 14.46 -6.72 -3.14
C GLY A 20 13.60 -7.86 -3.63
N ALA A 21 14.10 -9.05 -3.48
CA ALA A 21 13.37 -10.24 -3.86
C ALA A 21 13.43 -11.26 -2.74
N GLY A 22 12.41 -11.25 -1.90
CA GLY A 22 12.45 -12.04 -0.69
C GLY A 22 13.57 -11.61 0.24
N VAL A 23 13.89 -10.32 0.22
CA VAL A 23 14.97 -9.78 1.05
C VAL A 23 14.56 -9.71 2.51
N ALA A 24 13.29 -9.42 2.73
CA ALA A 24 12.75 -9.33 4.08
C ALA A 24 11.36 -9.90 4.09
N ALA A 25 10.92 -10.42 5.23
CA ALA A 25 9.59 -10.98 5.34
C ALA A 25 8.55 -9.86 5.47
N GLY A 26 8.43 -9.06 4.42
CA GLY A 26 7.51 -7.93 4.44
C GLY A 26 8.00 -6.77 3.61
N SER A 27 9.30 -6.72 3.37
CA SER A 27 9.90 -5.65 2.60
C SER A 27 10.69 -6.17 1.41
N TYR A 28 10.42 -5.61 0.23
CA TYR A 28 11.11 -6.01 -1.00
C TYR A 28 11.05 -4.87 -2.00
N ALA A 29 12.20 -4.39 -2.43
CA ALA A 29 12.26 -3.30 -3.39
C ALA A 29 12.13 -3.81 -4.83
N GLY A 30 12.39 -5.09 -5.03
CA GLY A 30 12.36 -5.68 -6.36
C GLY A 30 10.96 -5.70 -6.93
N ALA A 31 9.98 -5.80 -6.05
CA ALA A 31 8.59 -5.80 -6.44
C ALA A 31 8.20 -4.41 -6.97
N VAL A 32 9.04 -3.43 -6.69
CA VAL A 32 8.77 -2.05 -7.07
C VAL A 32 9.44 -1.71 -8.40
N ASN A 33 10.69 -2.11 -8.57
CA ASN A 33 11.45 -1.76 -9.78
C ASN A 33 10.83 -2.39 -11.02
N ARG A 34 10.13 -3.49 -10.83
CA ARG A 34 9.59 -4.26 -11.96
C ARG A 34 8.28 -3.65 -12.45
N LEU A 35 7.87 -2.53 -11.86
CA LEU A 35 6.63 -1.88 -12.22
C LEU A 35 6.78 -1.04 -13.48
N SER A 36 8.01 -0.73 -13.84
CA SER A 36 8.29 0.09 -15.00
C SER A 36 8.19 -0.72 -16.29
N SER A 37 7.78 -1.97 -16.16
CA SER A 37 7.59 -2.84 -17.30
C SER A 37 6.12 -2.84 -17.72
N ALA A 38 5.86 -3.22 -18.97
CA ALA A 38 4.50 -3.26 -19.52
C ALA A 38 3.60 -4.19 -18.73
N GLU A 39 4.25 -5.10 -18.00
CA GLU A 39 3.58 -6.06 -17.14
C GLU A 39 2.56 -5.38 -16.24
N ALA A 40 3.05 -4.44 -15.46
CA ALA A 40 2.19 -3.69 -14.55
C ALA A 40 1.25 -2.78 -15.32
N ALA A 41 1.81 -2.00 -16.23
CA ALA A 41 1.03 -1.01 -16.99
C ALA A 41 -0.25 -1.61 -17.56
N SER A 42 -0.16 -2.85 -18.03
CA SER A 42 -1.30 -3.54 -18.63
C SER A 42 -2.35 -3.94 -17.58
N ARG A 43 -1.90 -4.14 -16.34
CA ARG A 43 -2.80 -4.59 -15.28
C ARG A 43 -3.36 -3.38 -14.56
N VAL A 44 -2.49 -2.42 -14.34
CA VAL A 44 -2.84 -1.18 -13.68
C VAL A 44 -3.86 -0.41 -14.52
N SER A 45 -3.60 -0.30 -15.82
CA SER A 45 -4.49 0.44 -16.71
C SER A 45 -5.76 -0.35 -17.00
N SER A 46 -5.79 -1.61 -16.60
CA SER A 46 -6.98 -2.43 -16.79
C SER A 46 -7.96 -2.17 -15.66
N ASN A 47 -7.52 -1.40 -14.66
CA ASN A 47 -8.35 -1.11 -13.51
C ASN A 47 -8.50 0.39 -13.28
N ILE A 48 -7.87 1.20 -14.15
CA ILE A 48 -7.99 2.66 -14.04
C ILE A 48 -9.44 3.10 -14.25
N ALA A 49 -10.12 2.44 -15.18
CA ALA A 49 -11.51 2.78 -15.48
C ALA A 49 -12.44 2.19 -14.43
N ALA A 50 -11.90 1.37 -13.54
CA ALA A 50 -12.69 0.73 -12.50
C ALA A 50 -12.73 1.58 -11.25
N ILE A 51 -11.56 1.93 -10.73
CA ILE A 51 -11.47 2.72 -9.51
C ILE A 51 -12.05 4.11 -9.73
N ALA A 52 -11.90 4.62 -10.95
CA ALA A 52 -12.40 5.94 -11.29
C ALA A 52 -13.93 6.02 -11.20
N SER A 53 -14.56 4.87 -11.31
CA SER A 53 -16.01 4.80 -11.30
C SER A 53 -16.53 4.41 -9.91
N GLY A 54 -15.69 3.73 -9.13
CA GLY A 54 -16.12 3.26 -7.83
C GLY A 54 -15.61 4.09 -6.67
N GLY A 55 -14.46 4.72 -6.87
CA GLY A 55 -13.84 5.51 -5.82
C GLY A 55 -13.20 4.62 -4.79
N ALA A 56 -14.03 4.06 -3.94
CA ALA A 56 -13.58 3.14 -2.91
C ALA A 56 -14.26 1.79 -3.05
N SER A 57 -15.41 1.79 -3.72
CA SER A 57 -16.20 0.58 -3.89
C SER A 57 -15.51 -0.38 -4.86
N ALA A 58 -14.50 0.12 -5.54
CA ALA A 58 -13.77 -0.67 -6.52
C ALA A 58 -12.51 -1.27 -5.90
N LEU A 59 -12.13 -0.76 -4.73
CA LEU A 59 -10.90 -1.21 -4.06
C LEU A 59 -10.87 -2.73 -3.87
N PRO A 60 -11.87 -3.32 -3.17
CA PRO A 60 -11.88 -4.76 -2.91
C PRO A 60 -11.94 -5.59 -4.19
N SER A 61 -12.44 -4.99 -5.25
CA SER A 61 -12.56 -5.67 -6.53
C SER A 61 -11.24 -5.60 -7.31
N VAL A 62 -10.64 -4.42 -7.31
CA VAL A 62 -9.46 -4.16 -8.11
C VAL A 62 -8.23 -4.79 -7.47
N ILE A 63 -8.16 -4.71 -6.15
CA ILE A 63 -7.09 -5.33 -5.41
C ILE A 63 -7.13 -6.84 -5.59
N SER A 64 -8.33 -7.40 -5.61
CA SER A 64 -8.49 -8.85 -5.79
C SER A 64 -8.08 -9.26 -7.21
N ASN A 65 -8.28 -8.34 -8.16
CA ASN A 65 -7.87 -8.57 -9.53
C ASN A 65 -6.35 -8.62 -9.64
N ILE A 66 -5.70 -7.57 -9.17
CA ILE A 66 -4.26 -7.42 -9.28
C ILE A 66 -3.51 -8.44 -8.43
N TYR A 67 -3.93 -8.58 -7.17
CA TYR A 67 -3.25 -9.48 -6.23
C TYR A 67 -3.18 -10.89 -6.81
N SER A 68 -4.34 -11.42 -7.18
CA SER A 68 -4.42 -12.77 -7.74
C SER A 68 -3.62 -12.87 -9.03
N GLY A 69 -3.56 -11.77 -9.78
CA GLY A 69 -2.81 -11.76 -11.02
C GLY A 69 -1.32 -11.83 -10.78
N VAL A 70 -0.87 -11.18 -9.71
CA VAL A 70 0.53 -11.21 -9.32
C VAL A 70 0.90 -12.56 -8.72
N VAL A 71 0.01 -13.09 -7.88
CA VAL A 71 0.25 -14.39 -7.24
C VAL A 71 0.40 -15.49 -8.28
N ALA A 72 -0.37 -15.39 -9.36
CA ALA A 72 -0.31 -16.37 -10.44
C ALA A 72 0.98 -16.25 -11.25
N SER A 73 1.82 -15.28 -10.90
CA SER A 73 3.09 -15.08 -11.60
C SER A 73 4.21 -15.86 -10.91
N GLY A 74 3.88 -16.54 -9.82
CA GLY A 74 4.88 -17.32 -9.10
C GLY A 74 5.69 -16.47 -8.14
N VAL A 75 5.06 -15.43 -7.63
CA VAL A 75 5.71 -14.50 -6.71
C VAL A 75 5.61 -15.03 -5.28
N SER A 76 6.45 -14.52 -4.39
CA SER A 76 6.38 -14.89 -2.99
C SER A 76 5.10 -14.34 -2.36
N SER A 77 4.56 -15.09 -1.40
CA SER A 77 3.25 -14.78 -0.80
C SER A 77 3.11 -13.33 -0.35
N ASN A 78 3.87 -12.93 0.67
CA ASN A 78 3.74 -11.58 1.22
C ASN A 78 4.35 -10.54 0.28
N GLU A 79 5.16 -11.01 -0.65
CA GLU A 79 5.77 -10.15 -1.65
C GLU A 79 4.71 -9.71 -2.66
N ALA A 80 3.75 -10.59 -2.89
CA ALA A 80 2.63 -10.31 -3.76
C ALA A 80 1.82 -9.15 -3.23
N LEU A 81 1.70 -9.07 -1.91
CA LEU A 81 0.99 -7.97 -1.25
C LEU A 81 1.58 -6.65 -1.68
N ILE A 82 2.89 -6.52 -1.51
CA ILE A 82 3.59 -5.30 -1.83
C ILE A 82 3.42 -4.95 -3.30
N GLN A 83 3.78 -5.87 -4.19
CA GLN A 83 3.68 -5.64 -5.63
C GLN A 83 2.26 -5.27 -6.04
N ALA A 84 1.28 -6.03 -5.54
CA ALA A 84 -0.11 -5.78 -5.86
C ALA A 84 -0.53 -4.39 -5.38
N LEU A 85 -0.07 -4.03 -4.19
CA LEU A 85 -0.35 -2.71 -3.64
C LEU A 85 0.29 -1.61 -4.48
N LEU A 86 1.51 -1.84 -4.93
CA LEU A 86 2.23 -0.86 -5.75
C LEU A 86 1.49 -0.60 -7.06
N GLU A 87 1.08 -1.68 -7.72
CA GLU A 87 0.33 -1.56 -8.97
C GLU A 87 -1.03 -0.92 -8.72
N LEU A 88 -1.63 -1.23 -7.59
CA LEU A 88 -2.89 -0.63 -7.19
C LEU A 88 -2.72 0.87 -7.01
N LEU A 89 -1.63 1.26 -6.36
CA LEU A 89 -1.33 2.66 -6.08
C LEU A 89 -1.02 3.45 -7.34
N SER A 90 -0.91 2.77 -8.46
CA SER A 90 -0.56 3.42 -9.71
C SER A 90 -1.80 3.73 -10.54
N ALA A 91 -2.80 2.88 -10.42
CA ALA A 91 -4.02 3.02 -11.21
C ALA A 91 -4.83 4.21 -10.76
N LEU A 92 -5.00 4.33 -9.45
CA LEU A 92 -5.90 5.33 -8.88
C LEU A 92 -5.31 6.74 -8.87
N VAL A 93 -4.00 6.87 -9.06
CA VAL A 93 -3.39 8.20 -9.13
C VAL A 93 -3.29 8.66 -10.57
N HIS A 94 -3.30 7.72 -11.51
CA HIS A 94 -3.25 8.06 -12.92
C HIS A 94 -4.58 8.69 -13.34
N VAL A 95 -5.67 8.23 -12.75
CA VAL A 95 -6.99 8.68 -13.15
C VAL A 95 -7.17 10.17 -12.86
N LEU A 96 -6.45 10.67 -11.85
CA LEU A 96 -6.53 12.07 -11.45
C LEU A 96 -6.03 12.98 -12.57
N SER A 97 -5.18 12.44 -13.44
CA SER A 97 -4.64 13.21 -14.57
C SER A 97 -5.77 13.69 -15.47
N SER A 98 -6.84 12.90 -15.54
CA SER A 98 -7.97 13.21 -16.41
C SER A 98 -9.20 13.55 -15.57
N ALA A 99 -9.09 13.30 -14.29
CA ALA A 99 -10.18 13.56 -13.36
C ALA A 99 -10.08 14.97 -12.81
N SER A 100 -10.72 15.88 -13.51
CA SER A 100 -10.80 17.25 -13.08
C SER A 100 -11.61 17.35 -11.79
N ILE A 101 -10.91 17.34 -10.67
CA ILE A 101 -11.55 17.34 -9.37
C ILE A 101 -12.08 18.73 -9.00
N GLY A 102 -13.18 18.76 -8.24
CA GLY A 102 -13.75 20.01 -7.80
C GLY A 102 -13.21 20.44 -6.46
N ASN A 103 -14.03 20.35 -5.43
CA ASN A 103 -13.62 20.72 -4.08
C ASN A 103 -13.99 19.63 -3.09
N VAL A 104 -12.98 18.98 -2.56
CA VAL A 104 -13.18 17.88 -1.63
C VAL A 104 -13.32 18.39 -0.21
N SER A 105 -14.25 17.81 0.52
CA SER A 105 -14.50 18.18 1.90
C SER A 105 -13.67 17.33 2.84
N SER A 106 -13.37 17.86 4.01
CA SER A 106 -12.58 17.14 5.00
C SER A 106 -13.49 16.25 5.87
N VAL A 107 -14.76 16.21 5.53
CA VAL A 107 -15.74 15.48 6.33
C VAL A 107 -16.16 14.20 5.63
N GLY A 108 -15.78 13.07 6.19
CA GLY A 108 -16.17 11.79 5.64
C GLY A 108 -15.00 10.85 5.48
N VAL A 109 -13.79 11.39 5.56
CA VAL A 109 -12.57 10.59 5.49
C VAL A 109 -12.57 9.56 6.61
N ASP A 110 -13.14 9.97 7.73
CA ASP A 110 -13.33 9.08 8.88
C ASP A 110 -14.00 7.78 8.46
N SER A 111 -15.03 7.91 7.62
CA SER A 111 -15.80 6.76 7.16
C SER A 111 -15.10 6.03 6.02
N THR A 112 -14.42 6.77 5.15
CA THR A 112 -13.70 6.18 4.04
C THR A 112 -12.61 5.25 4.55
N LEU A 113 -12.04 5.59 5.69
CA LEU A 113 -11.03 4.76 6.33
C LEU A 113 -11.60 3.41 6.76
N ASN A 114 -12.90 3.37 7.01
CA ASN A 114 -13.53 2.14 7.48
C ASN A 114 -13.64 1.12 6.35
N VAL A 115 -13.82 1.59 5.13
CA VAL A 115 -14.03 0.69 3.99
C VAL A 115 -12.69 0.24 3.38
N VAL A 116 -11.67 1.08 3.49
CA VAL A 116 -10.34 0.72 2.96
C VAL A 116 -9.80 -0.50 3.71
N GLN A 117 -10.22 -0.62 4.97
CA GLN A 117 -9.77 -1.69 5.85
C GLN A 117 -10.24 -3.05 5.35
N ASP A 118 -11.40 -3.06 4.72
CA ASP A 118 -12.02 -4.30 4.24
C ASP A 118 -11.25 -4.86 3.05
N SER A 119 -10.72 -3.96 2.23
CA SER A 119 -10.11 -4.33 0.97
C SER A 119 -8.71 -4.90 1.15
N VAL A 120 -7.97 -4.38 2.11
CA VAL A 120 -6.57 -4.75 2.27
C VAL A 120 -6.33 -5.53 3.56
N GLY A 121 -7.20 -5.32 4.55
CA GLY A 121 -7.03 -5.95 5.85
C GLY A 121 -7.03 -7.46 5.77
N GLN A 122 -7.68 -7.99 4.74
CA GLN A 122 -7.78 -9.43 4.55
C GLN A 122 -6.54 -10.00 3.88
N TYR A 123 -5.55 -9.16 3.61
CA TYR A 123 -4.31 -9.63 3.02
C TYR A 123 -3.14 -9.43 3.99
N VAL A 124 -3.21 -8.37 4.76
CA VAL A 124 -2.19 -8.06 5.75
C VAL A 124 -2.44 -8.83 7.06
N GLY A 125 -3.49 -9.61 7.08
CA GLY A 125 -3.80 -10.42 8.24
C GLY A 125 -4.65 -11.62 7.89
N GLY B 1 1.82 -38.18 21.98
CA GLY B 1 1.50 -39.03 23.11
C GLY B 1 2.39 -38.75 24.31
N SER B 2 3.68 -38.96 24.13
CA SER B 2 4.64 -38.67 25.18
C SER B 2 5.47 -37.47 24.80
N GLY B 3 5.15 -36.33 25.40
CA GLY B 3 5.84 -35.10 25.10
C GLY B 3 4.89 -34.02 24.64
N ASN B 4 4.17 -33.42 25.58
CA ASN B 4 3.25 -32.34 25.28
C ASN B 4 4.00 -31.20 24.61
N SER B 5 3.78 -31.06 23.30
CA SER B 5 4.60 -30.20 22.48
C SER B 5 4.14 -28.74 22.53
N VAL B 6 4.79 -27.97 23.38
CA VAL B 6 4.53 -26.55 23.46
C VAL B 6 5.45 -25.81 22.50
N THR B 7 4.87 -25.28 21.42
CA THR B 7 5.63 -24.54 20.44
C THR B 7 4.71 -23.61 19.65
N SER B 8 5.23 -22.46 19.26
CA SER B 8 4.44 -21.48 18.54
C SER B 8 4.31 -21.89 17.07
N GLY B 9 3.28 -22.65 16.77
CA GLY B 9 3.03 -23.05 15.41
C GLY B 9 2.00 -22.16 14.74
N GLY B 10 2.39 -20.92 14.44
CA GLY B 10 1.50 -20.01 13.77
C GLY B 10 0.52 -19.33 14.70
N TYR B 11 -0.23 -20.12 15.46
CA TYR B 11 -1.24 -19.62 16.39
C TYR B 11 -0.64 -18.69 17.45
N GLY B 12 0.66 -18.81 17.68
CA GLY B 12 1.32 -17.99 18.67
C GLY B 12 1.58 -16.58 18.18
N TYR B 13 1.45 -16.39 16.88
CA TYR B 13 1.65 -15.08 16.28
C TYR B 13 0.32 -14.53 15.76
N GLY B 14 -0.27 -15.25 14.82
CA GLY B 14 -1.52 -14.81 14.23
C GLY B 14 -2.43 -15.97 13.95
N THR B 15 -3.46 -16.10 14.75
CA THR B 15 -4.42 -17.18 14.61
C THR B 15 -5.35 -16.93 13.43
N SER B 16 -5.81 -15.69 13.30
CA SER B 16 -6.69 -15.29 12.22
C SER B 16 -6.58 -13.78 11.99
N ALA B 17 -7.34 -13.27 11.02
CA ALA B 17 -7.28 -11.86 10.64
C ALA B 17 -7.91 -10.95 11.70
N ALA B 18 -8.35 -11.55 12.81
CA ALA B 18 -8.96 -10.80 13.90
C ALA B 18 -7.90 -10.28 14.86
N ALA B 19 -6.64 -10.58 14.57
CA ALA B 19 -5.54 -10.14 15.40
C ALA B 19 -4.49 -9.43 14.56
N GLY B 20 -3.74 -8.52 15.17
CA GLY B 20 -2.76 -7.77 14.44
C GLY B 20 -2.09 -6.68 15.25
N ALA B 21 -0.88 -6.93 15.67
CA ALA B 21 -0.05 -5.96 16.36
C ALA B 21 1.35 -6.52 16.53
N GLY B 22 2.26 -6.14 15.64
CA GLY B 22 3.57 -6.75 15.62
C GLY B 22 3.50 -8.24 15.37
N VAL B 23 2.45 -8.68 14.66
CA VAL B 23 2.20 -10.11 14.46
C VAL B 23 3.15 -10.72 13.43
N ALA B 24 3.24 -10.10 12.27
CA ALA B 24 4.09 -10.59 11.20
C ALA B 24 4.89 -9.45 10.60
N ALA B 25 6.17 -9.67 10.37
CA ALA B 25 7.09 -8.61 9.94
C ALA B 25 6.62 -7.87 8.69
N GLY B 26 5.72 -8.47 7.93
CA GLY B 26 5.22 -7.84 6.73
C GLY B 26 3.71 -7.86 6.66
N SER B 27 3.07 -8.05 7.80
CA SER B 27 1.62 -8.15 7.85
C SER B 27 1.09 -7.88 9.25
N TYR B 28 0.21 -6.89 9.37
CA TYR B 28 -0.43 -6.60 10.63
C TYR B 28 -1.83 -6.06 10.37
N ALA B 29 -2.83 -6.74 10.92
CA ALA B 29 -4.21 -6.35 10.71
C ALA B 29 -4.57 -5.15 11.58
N GLY B 30 -3.94 -5.06 12.74
CA GLY B 30 -4.24 -3.99 13.68
C GLY B 30 -3.85 -2.63 13.16
N ALA B 31 -2.91 -2.60 12.23
CA ALA B 31 -2.50 -1.35 11.61
C ALA B 31 -3.58 -0.87 10.67
N VAL B 32 -4.52 -1.76 10.40
CA VAL B 32 -5.66 -1.45 9.55
C VAL B 32 -6.88 -1.11 10.40
N ASN B 33 -7.12 -1.90 11.45
CA ASN B 33 -8.29 -1.69 12.31
C ASN B 33 -8.24 -0.33 13.01
N ARG B 34 -7.04 0.19 13.22
CA ARG B 34 -6.86 1.46 13.92
C ARG B 34 -7.14 2.65 13.01
N LEU B 35 -7.50 2.37 11.75
CA LEU B 35 -7.79 3.42 10.78
C LEU B 35 -9.19 3.99 10.99
N SER B 36 -10.02 3.24 11.70
CA SER B 36 -11.39 3.68 11.97
C SER B 36 -11.40 4.75 13.04
N SER B 37 -10.23 5.06 13.57
CA SER B 37 -10.08 6.09 14.57
C SER B 37 -9.91 7.46 13.91
N ALA B 38 -10.37 8.50 14.59
CA ALA B 38 -10.31 9.86 14.06
C ALA B 38 -8.87 10.33 13.88
N GLU B 39 -7.94 9.61 14.51
CA GLU B 39 -6.52 9.91 14.38
C GLU B 39 -6.10 9.86 12.93
N ALA B 40 -6.48 8.78 12.26
CA ALA B 40 -6.19 8.63 10.84
C ALA B 40 -6.82 9.77 10.06
N ALA B 41 -8.11 9.98 10.26
CA ALA B 41 -8.86 11.00 9.53
C ALA B 41 -8.18 12.37 9.62
N SER B 42 -7.56 12.64 10.76
CA SER B 42 -6.90 13.93 10.99
C SER B 42 -5.64 14.07 10.14
N ARG B 43 -5.08 12.95 9.70
CA ARG B 43 -3.87 12.95 8.91
C ARG B 43 -4.23 12.80 7.45
N VAL B 44 -5.09 11.84 7.20
CA VAL B 44 -5.54 11.49 5.86
C VAL B 44 -6.24 12.68 5.20
N SER B 45 -7.08 13.39 5.96
CA SER B 45 -7.81 14.52 5.42
C SER B 45 -6.93 15.76 5.32
N SER B 46 -5.72 15.67 5.84
CA SER B 46 -4.77 16.77 5.75
C SER B 46 -4.05 16.70 4.41
N ASN B 47 -4.18 15.57 3.74
CA ASN B 47 -3.47 15.34 2.50
C ASN B 47 -4.44 15.04 1.35
N ILE B 48 -5.74 15.06 1.63
CA ILE B 48 -6.76 14.85 0.60
C ILE B 48 -6.66 15.94 -0.47
N ALA B 49 -6.38 17.16 -0.03
CA ALA B 49 -6.29 18.29 -0.95
C ALA B 49 -4.96 18.27 -1.71
N ALA B 50 -4.02 17.49 -1.21
CA ALA B 50 -2.70 17.42 -1.81
C ALA B 50 -2.67 16.46 -2.99
N ILE B 51 -3.13 15.24 -2.77
CA ILE B 51 -3.15 14.23 -3.82
C ILE B 51 -4.09 14.65 -4.94
N ALA B 52 -5.15 15.37 -4.57
CA ALA B 52 -6.10 15.88 -5.53
C ALA B 52 -5.43 16.90 -6.47
N SER B 53 -4.35 17.50 -6.00
CA SER B 53 -3.65 18.51 -6.76
C SER B 53 -2.52 17.89 -7.59
N GLY B 54 -1.68 17.09 -6.96
CA GLY B 54 -0.51 16.55 -7.64
C GLY B 54 -0.78 15.24 -8.36
N GLY B 55 -1.87 14.57 -7.99
CA GLY B 55 -2.22 13.31 -8.62
C GLY B 55 -1.33 12.18 -8.17
N ALA B 56 -0.16 12.13 -8.77
CA ALA B 56 0.83 11.11 -8.45
C ALA B 56 2.08 11.75 -7.89
N SER B 57 2.29 13.01 -8.23
CA SER B 57 3.49 13.73 -7.81
C SER B 57 3.36 14.11 -6.34
N ALA B 58 2.17 13.91 -5.80
CA ALA B 58 1.90 14.22 -4.40
C ALA B 58 2.16 13.01 -3.52
N LEU B 59 2.28 11.83 -4.14
CA LEU B 59 2.52 10.60 -3.40
C LEU B 59 3.75 10.70 -2.51
N PRO B 60 4.94 11.00 -3.07
CA PRO B 60 6.18 11.12 -2.28
C PRO B 60 6.09 12.22 -1.23
N SER B 61 5.29 13.23 -1.52
CA SER B 61 5.10 14.33 -0.58
C SER B 61 4.19 13.91 0.57
N VAL B 62 3.13 13.19 0.24
CA VAL B 62 2.07 12.86 1.18
C VAL B 62 2.40 11.61 1.99
N ILE B 63 2.92 10.59 1.33
CA ILE B 63 3.30 9.37 2.00
C ILE B 63 4.28 9.66 3.12
N SER B 64 5.25 10.51 2.84
CA SER B 64 6.26 10.88 3.80
C SER B 64 5.67 11.72 4.93
N ASN B 65 4.61 12.46 4.63
CA ASN B 65 3.89 13.25 5.63
C ASN B 65 3.20 12.34 6.63
N ILE B 66 2.42 11.41 6.11
CA ILE B 66 1.66 10.49 6.94
C ILE B 66 2.58 9.51 7.66
N TYR B 67 3.57 9.00 6.94
CA TYR B 67 4.50 8.02 7.50
C TYR B 67 5.15 8.57 8.77
N SER B 68 5.72 9.76 8.66
CA SER B 68 6.37 10.40 9.78
C SER B 68 5.37 10.66 10.92
N GLY B 69 4.13 10.93 10.54
CA GLY B 69 3.10 11.18 11.54
C GLY B 69 2.73 9.92 12.30
N VAL B 70 2.69 8.81 11.59
CA VAL B 70 2.39 7.51 12.18
C VAL B 70 3.55 7.01 13.04
N VAL B 71 4.75 7.07 12.49
CA VAL B 71 5.95 6.59 13.19
C VAL B 71 6.15 7.32 14.51
N ALA B 72 5.78 8.60 14.54
CA ALA B 72 5.90 9.42 15.74
C ALA B 72 4.99 8.92 16.87
N SER B 73 4.06 8.03 16.54
CA SER B 73 3.16 7.47 17.55
C SER B 73 3.84 6.37 18.34
N GLY B 74 5.00 5.92 17.86
CA GLY B 74 5.74 4.88 18.57
C GLY B 74 5.57 3.52 17.94
N VAL B 75 4.83 3.49 16.84
CA VAL B 75 4.59 2.25 16.11
C VAL B 75 5.90 1.72 15.50
N SER B 76 5.96 0.43 15.23
CA SER B 76 7.15 -0.17 14.64
C SER B 76 7.28 0.25 13.16
N SER B 77 8.49 0.24 12.66
CA SER B 77 8.80 0.75 11.32
C SER B 77 7.97 0.10 10.22
N ASN B 78 8.06 -1.21 10.07
CA ASN B 78 7.40 -1.89 8.97
C ASN B 78 5.89 -1.94 9.19
N GLU B 79 5.45 -1.89 10.44
CA GLU B 79 4.02 -1.80 10.74
C GLU B 79 3.51 -0.41 10.37
N ALA B 80 4.36 0.59 10.58
CA ALA B 80 4.04 1.96 10.20
C ALA B 80 3.86 2.07 8.70
N LEU B 81 4.69 1.34 7.95
CA LEU B 81 4.59 1.31 6.49
C LEU B 81 3.17 0.95 6.08
N ILE B 82 2.68 -0.14 6.64
CA ILE B 82 1.35 -0.63 6.32
C ILE B 82 0.28 0.40 6.70
N GLN B 83 0.29 0.81 7.97
CA GLN B 83 -0.69 1.78 8.46
C GLN B 83 -0.65 3.07 7.64
N ALA B 84 0.55 3.60 7.43
CA ALA B 84 0.72 4.85 6.70
C ALA B 84 0.25 4.69 5.27
N LEU B 85 0.55 3.56 4.66
CA LEU B 85 0.09 3.27 3.31
C LEU B 85 -1.43 3.23 3.27
N LEU B 86 -2.04 2.58 4.25
CA LEU B 86 -3.48 2.42 4.30
C LEU B 86 -4.18 3.76 4.55
N GLU B 87 -3.62 4.55 5.44
CA GLU B 87 -4.10 5.92 5.64
C GLU B 87 -3.95 6.72 4.35
N LEU B 88 -2.88 6.47 3.62
CA LEU B 88 -2.64 7.09 2.33
C LEU B 88 -3.73 6.67 1.34
N LEU B 89 -4.05 5.39 1.33
CA LEU B 89 -5.03 4.84 0.39
C LEU B 89 -6.41 5.43 0.63
N SER B 90 -6.59 6.02 1.79
CA SER B 90 -7.90 6.51 2.18
C SER B 90 -8.09 7.96 1.73
N ALA B 91 -6.99 8.68 1.62
CA ALA B 91 -7.04 10.08 1.24
C ALA B 91 -7.41 10.22 -0.23
N LEU B 92 -6.82 9.38 -1.06
CA LEU B 92 -6.94 9.51 -2.50
C LEU B 92 -8.23 8.91 -3.04
N VAL B 93 -8.84 7.97 -2.32
CA VAL B 93 -10.12 7.41 -2.77
C VAL B 93 -11.28 8.28 -2.29
N HIS B 94 -11.04 9.05 -1.25
CA HIS B 94 -12.06 9.94 -0.73
C HIS B 94 -12.28 11.11 -1.68
N VAL B 95 -11.20 11.58 -2.29
CA VAL B 95 -11.29 12.75 -3.16
C VAL B 95 -12.16 12.49 -4.39
N LEU B 96 -12.22 11.21 -4.80
CA LEU B 96 -13.01 10.84 -5.97
C LEU B 96 -14.49 11.08 -5.74
N SER B 97 -14.91 11.05 -4.48
CA SER B 97 -16.30 11.26 -4.13
C SER B 97 -16.77 12.66 -4.55
N SER B 98 -15.83 13.59 -4.61
CA SER B 98 -16.14 14.95 -5.03
C SER B 98 -15.38 15.29 -6.30
N ALA B 99 -14.81 14.29 -6.94
CA ALA B 99 -14.07 14.49 -8.17
C ALA B 99 -14.85 13.91 -9.35
N SER B 100 -15.55 14.77 -10.06
CA SER B 100 -16.33 14.33 -11.20
C SER B 100 -15.40 14.08 -12.39
N ILE B 101 -14.87 12.86 -12.45
CA ILE B 101 -13.94 12.48 -13.51
C ILE B 101 -14.59 12.56 -14.89
N GLY B 102 -13.78 12.87 -15.90
CA GLY B 102 -14.27 12.93 -17.26
C GLY B 102 -14.07 11.62 -18.00
N ASN B 103 -12.89 11.46 -18.59
CA ASN B 103 -12.55 10.23 -19.27
C ASN B 103 -11.05 9.98 -19.22
N VAL B 104 -10.65 8.83 -18.69
CA VAL B 104 -9.25 8.46 -18.58
C VAL B 104 -8.85 7.54 -19.72
N SER B 105 -7.56 7.57 -20.07
CA SER B 105 -7.03 6.73 -21.12
C SER B 105 -5.95 5.81 -20.57
N SER B 106 -5.64 4.77 -21.33
CA SER B 106 -4.64 3.79 -20.91
C SER B 106 -3.22 4.29 -21.16
N VAL B 107 -3.11 5.38 -21.89
CA VAL B 107 -1.82 5.91 -22.31
C VAL B 107 -1.19 6.77 -21.22
N GLY B 108 -0.17 6.23 -20.58
CA GLY B 108 0.60 7.00 -19.62
C GLY B 108 0.64 6.39 -18.25
N VAL B 109 -0.17 5.36 -18.03
CA VAL B 109 -0.15 4.63 -16.77
C VAL B 109 1.24 4.06 -16.53
N ASP B 110 1.87 3.64 -17.62
CA ASP B 110 3.23 3.13 -17.58
C ASP B 110 4.17 4.15 -16.95
N SER B 111 4.00 5.41 -17.35
CA SER B 111 4.82 6.50 -16.88
C SER B 111 4.54 6.81 -15.41
N THR B 112 3.28 6.70 -15.02
CA THR B 112 2.87 6.96 -13.65
C THR B 112 3.53 5.96 -12.70
N LEU B 113 3.69 4.73 -13.17
CA LEU B 113 4.34 3.68 -12.40
C LEU B 113 5.79 4.04 -12.07
N ASN B 114 6.39 4.90 -12.87
CA ASN B 114 7.77 5.33 -12.63
C ASN B 114 7.84 6.16 -11.35
N VAL B 115 6.75 6.83 -11.02
CA VAL B 115 6.71 7.73 -9.87
C VAL B 115 6.34 6.98 -8.60
N VAL B 116 5.47 5.99 -8.72
CA VAL B 116 5.04 5.23 -7.55
C VAL B 116 6.23 4.49 -6.93
N GLN B 117 7.20 4.14 -7.78
CA GLN B 117 8.38 3.40 -7.34
C GLN B 117 9.29 4.29 -6.50
N ASP B 118 9.16 5.59 -6.71
CA ASP B 118 10.04 6.58 -6.09
C ASP B 118 9.58 6.91 -4.69
N SER B 119 8.27 6.91 -4.50
CA SER B 119 7.68 7.37 -3.27
C SER B 119 7.65 6.28 -2.19
N VAL B 120 7.30 5.07 -2.58
CA VAL B 120 7.15 3.99 -1.60
C VAL B 120 8.33 3.02 -1.67
N GLY B 121 9.04 3.04 -2.81
CA GLY B 121 10.18 2.16 -2.99
C GLY B 121 11.28 2.41 -1.99
N GLN B 122 11.31 3.61 -1.44
CA GLN B 122 12.34 4.00 -0.47
C GLN B 122 11.92 3.64 0.95
N TYR B 123 10.79 2.96 1.10
CA TYR B 123 10.32 2.53 2.41
C TYR B 123 10.27 1.00 2.49
N VAL B 124 9.98 0.37 1.35
CA VAL B 124 9.93 -1.09 1.28
C VAL B 124 11.32 -1.69 1.14
N GLY B 125 12.32 -0.82 1.08
CA GLY B 125 13.69 -1.25 1.01
C GLY B 125 14.61 -0.22 1.63
N GLY A 1 10.48 -23.58 1.10
CA GLY A 1 10.58 -24.05 2.49
C GLY A 1 9.53 -25.10 2.81
N SER A 2 9.24 -25.27 4.08
CA SER A 2 8.25 -26.25 4.50
C SER A 2 7.36 -25.69 5.60
N GLY A 3 7.98 -25.29 6.71
CA GLY A 3 7.24 -24.73 7.81
C GLY A 3 8.13 -24.04 8.81
N ASN A 4 7.93 -22.75 8.99
CA ASN A 4 8.71 -21.96 9.94
C ASN A 4 7.98 -20.67 10.26
N SER A 5 7.60 -20.51 11.52
CA SER A 5 6.82 -19.37 11.95
C SER A 5 7.66 -18.37 12.75
N VAL A 6 8.52 -17.64 12.06
CA VAL A 6 9.30 -16.58 12.67
C VAL A 6 9.00 -15.26 11.97
N THR A 7 8.51 -14.29 12.72
CA THR A 7 8.08 -13.03 12.15
C THR A 7 9.01 -11.88 12.55
N SER A 8 8.67 -10.68 12.07
CA SER A 8 9.42 -9.45 12.34
C SER A 8 10.70 -9.38 11.49
N GLY A 9 11.24 -8.18 11.36
CA GLY A 9 12.42 -7.97 10.55
C GLY A 9 12.43 -6.59 9.93
N GLY A 10 13.40 -6.34 9.07
CA GLY A 10 13.51 -5.05 8.41
C GLY A 10 14.82 -4.90 7.67
N TYR A 11 15.67 -4.00 8.17
CA TYR A 11 16.99 -3.81 7.60
C TYR A 11 17.80 -5.12 7.68
N GLY A 12 18.56 -5.40 6.65
CA GLY A 12 19.34 -6.61 6.59
C GLY A 12 19.69 -6.95 5.17
N TYR A 13 18.81 -7.68 4.51
CA TYR A 13 18.92 -7.89 3.08
C TYR A 13 18.28 -6.70 2.37
N GLY A 14 17.19 -6.22 2.97
CA GLY A 14 16.51 -5.05 2.46
C GLY A 14 16.80 -3.82 3.29
N THR A 15 17.96 -3.26 3.08
CA THR A 15 18.36 -2.05 3.79
C THR A 15 19.13 -1.13 2.83
N SER A 16 18.94 -1.37 1.54
CA SER A 16 19.78 -0.75 0.52
C SER A 16 18.96 0.02 -0.52
N ALA A 17 17.66 -0.24 -0.54
CA ALA A 17 16.73 0.30 -1.55
C ALA A 17 16.97 -0.29 -2.94
N ALA A 18 18.22 -0.58 -3.25
CA ALA A 18 18.60 -1.19 -4.52
C ALA A 18 18.69 -2.71 -4.39
N ALA A 19 17.98 -3.23 -3.40
CA ALA A 19 17.94 -4.67 -3.15
C ALA A 19 16.53 -5.09 -2.75
N GLY A 20 15.88 -5.84 -3.60
CA GLY A 20 14.52 -6.23 -3.32
C GLY A 20 14.09 -7.50 -4.01
N ALA A 21 14.17 -8.61 -3.29
CA ALA A 21 13.66 -9.89 -3.76
C ALA A 21 13.63 -10.86 -2.59
N GLY A 22 12.54 -10.83 -1.84
CA GLY A 22 12.48 -11.55 -0.58
C GLY A 22 13.56 -11.08 0.38
N VAL A 23 13.79 -9.77 0.43
CA VAL A 23 14.87 -9.20 1.21
C VAL A 23 14.49 -9.01 2.67
N ALA A 24 13.41 -8.30 2.90
CA ALA A 24 12.98 -8.02 4.25
C ALA A 24 11.69 -8.77 4.55
N ALA A 25 11.17 -8.59 5.76
CA ALA A 25 9.97 -9.28 6.17
C ALA A 25 8.75 -8.80 5.41
N GLY A 26 8.63 -7.49 5.27
CA GLY A 26 7.52 -6.92 4.53
C GLY A 26 7.96 -5.83 3.59
N SER A 27 9.24 -5.85 3.25
CA SER A 27 9.80 -4.86 2.37
C SER A 27 10.61 -5.50 1.26
N TYR A 28 10.24 -5.18 0.03
CA TYR A 28 10.95 -5.68 -1.13
C TYR A 28 10.88 -4.65 -2.25
N ALA A 29 12.04 -4.17 -2.65
CA ALA A 29 12.12 -3.11 -3.65
C ALA A 29 11.94 -3.63 -5.06
N GLY A 30 12.22 -4.91 -5.27
CA GLY A 30 12.09 -5.50 -6.59
C GLY A 30 10.66 -5.48 -7.08
N ALA A 31 9.74 -5.58 -6.14
CA ALA A 31 8.31 -5.53 -6.43
C ALA A 31 7.93 -4.13 -6.89
N VAL A 32 8.82 -3.18 -6.66
CA VAL A 32 8.59 -1.79 -7.03
C VAL A 32 9.21 -1.50 -8.39
N ASN A 33 10.44 -1.97 -8.61
CA ASN A 33 11.11 -1.72 -9.89
C ASN A 33 10.35 -2.41 -11.02
N ARG A 34 9.74 -3.55 -10.69
CA ARG A 34 9.00 -4.34 -11.65
C ARG A 34 7.76 -3.59 -12.17
N LEU A 35 7.41 -2.49 -11.51
CA LEU A 35 6.26 -1.69 -11.90
C LEU A 35 6.49 -1.00 -13.22
N SER A 36 7.75 -0.73 -13.52
CA SER A 36 8.11 -0.05 -14.77
C SER A 36 8.16 -1.05 -15.92
N SER A 37 7.64 -2.24 -15.69
CA SER A 37 7.56 -3.25 -16.72
C SER A 37 6.19 -3.21 -17.39
N ALA A 38 6.09 -3.81 -18.57
CA ALA A 38 4.84 -3.86 -19.31
C ALA A 38 3.79 -4.66 -18.57
N GLU A 39 4.25 -5.51 -17.65
CA GLU A 39 3.35 -6.34 -16.84
C GLU A 39 2.33 -5.49 -16.12
N ALA A 40 2.82 -4.63 -15.24
CA ALA A 40 1.97 -3.75 -14.46
C ALA A 40 1.15 -2.85 -15.35
N ALA A 41 1.82 -2.18 -16.29
CA ALA A 41 1.14 -1.24 -17.18
C ALA A 41 -0.08 -1.87 -17.85
N SER A 42 0.04 -3.15 -18.18
CA SER A 42 -1.06 -3.89 -18.83
C SER A 42 -2.19 -4.25 -17.85
N ARG A 43 -1.89 -4.29 -16.56
CA ARG A 43 -2.89 -4.66 -15.56
C ARG A 43 -3.51 -3.41 -14.97
N VAL A 44 -2.64 -2.51 -14.57
CA VAL A 44 -3.02 -1.26 -13.94
C VAL A 44 -3.93 -0.43 -14.85
N SER A 45 -3.71 -0.53 -16.16
CA SER A 45 -4.50 0.21 -17.13
C SER A 45 -5.92 -0.34 -17.25
N SER A 46 -6.14 -1.51 -16.70
CA SER A 46 -7.46 -2.12 -16.69
C SER A 46 -8.18 -1.70 -15.42
N ASN A 47 -7.39 -1.25 -14.45
CA ASN A 47 -7.90 -0.93 -13.12
C ASN A 47 -8.31 0.53 -13.06
N ILE A 48 -7.66 1.34 -13.89
CA ILE A 48 -7.91 2.77 -13.93
C ILE A 48 -9.39 3.08 -14.19
N ALA A 49 -10.01 2.33 -15.10
CA ALA A 49 -11.39 2.58 -15.48
C ALA A 49 -12.35 2.00 -14.45
N ALA A 50 -11.81 1.20 -13.54
CA ALA A 50 -12.62 0.56 -12.51
C ALA A 50 -12.67 1.44 -11.27
N ILE A 51 -11.50 1.86 -10.80
CA ILE A 51 -11.43 2.69 -9.61
C ILE A 51 -12.04 4.07 -9.86
N ALA A 52 -11.89 4.56 -11.09
CA ALA A 52 -12.48 5.84 -11.48
C ALA A 52 -14.00 5.80 -11.36
N SER A 53 -14.55 4.59 -11.45
CA SER A 53 -15.98 4.38 -11.40
C SER A 53 -16.45 4.11 -9.97
N GLY A 54 -15.79 3.17 -9.29
CA GLY A 54 -16.21 2.76 -7.97
C GLY A 54 -15.70 3.66 -6.86
N GLY A 55 -14.59 4.35 -7.13
CA GLY A 55 -13.99 5.22 -6.13
C GLY A 55 -13.32 4.43 -5.03
N ALA A 56 -14.12 3.84 -4.17
CA ALA A 56 -13.63 3.03 -3.07
C ALA A 56 -14.17 1.61 -3.17
N SER A 57 -15.33 1.47 -3.80
CA SER A 57 -16.00 0.19 -3.92
C SER A 57 -15.25 -0.74 -4.88
N ALA A 58 -14.36 -0.15 -5.65
CA ALA A 58 -13.60 -0.91 -6.64
C ALA A 58 -12.36 -1.52 -6.01
N LEU A 59 -11.97 -0.99 -4.85
CA LEU A 59 -10.75 -1.42 -4.18
C LEU A 59 -10.74 -2.93 -3.93
N PRO A 60 -11.74 -3.49 -3.19
CA PRO A 60 -11.76 -4.92 -2.84
C PRO A 60 -11.81 -5.82 -4.07
N SER A 61 -12.26 -5.26 -5.19
CA SER A 61 -12.37 -6.01 -6.43
C SER A 61 -11.08 -5.95 -7.23
N VAL A 62 -10.50 -4.74 -7.32
CA VAL A 62 -9.34 -4.50 -8.16
C VAL A 62 -8.09 -5.06 -7.50
N ILE A 63 -8.01 -4.90 -6.18
CA ILE A 63 -6.91 -5.45 -5.42
C ILE A 63 -6.84 -6.96 -5.60
N SER A 64 -8.00 -7.62 -5.58
CA SER A 64 -8.08 -9.05 -5.77
C SER A 64 -7.63 -9.42 -7.19
N ASN A 65 -8.07 -8.62 -8.15
CA ASN A 65 -7.72 -8.81 -9.55
C ASN A 65 -6.21 -8.82 -9.75
N ILE A 66 -5.56 -7.80 -9.21
CA ILE A 66 -4.11 -7.67 -9.35
C ILE A 66 -3.39 -8.71 -8.50
N TYR A 67 -3.81 -8.86 -7.24
CA TYR A 67 -3.16 -9.77 -6.32
C TYR A 67 -3.10 -11.18 -6.88
N SER A 68 -4.26 -11.70 -7.26
CA SER A 68 -4.33 -13.05 -7.82
C SER A 68 -3.47 -13.15 -9.07
N GLY A 69 -3.41 -12.04 -9.82
CA GLY A 69 -2.61 -12.01 -11.04
C GLY A 69 -1.13 -12.09 -10.75
N VAL A 70 -0.69 -11.33 -9.75
CA VAL A 70 0.71 -11.32 -9.35
C VAL A 70 1.11 -12.65 -8.71
N VAL A 71 0.23 -13.20 -7.88
CA VAL A 71 0.50 -14.48 -7.22
C VAL A 71 0.64 -15.60 -8.25
N ALA A 72 -0.19 -15.54 -9.30
CA ALA A 72 -0.14 -16.54 -10.37
C ALA A 72 1.16 -16.43 -11.17
N SER A 73 1.88 -15.34 -10.97
CA SER A 73 3.15 -15.12 -11.65
C SER A 73 4.26 -15.95 -11.00
N GLY A 74 4.02 -16.41 -9.77
CA GLY A 74 5.00 -17.24 -9.09
C GLY A 74 5.80 -16.49 -8.04
N VAL A 75 5.22 -15.42 -7.52
CA VAL A 75 5.87 -14.60 -6.52
C VAL A 75 5.56 -15.12 -5.11
N SER A 76 6.34 -14.70 -4.13
CA SER A 76 6.07 -15.04 -2.74
C SER A 76 4.79 -14.32 -2.29
N SER A 77 4.05 -14.95 -1.38
CA SER A 77 2.76 -14.45 -0.94
C SER A 77 2.85 -13.03 -0.37
N ASN A 78 3.80 -12.82 0.55
CA ASN A 78 3.90 -11.54 1.24
C ASN A 78 4.48 -10.48 0.30
N GLU A 79 5.35 -10.90 -0.61
CA GLU A 79 5.94 -9.99 -1.58
C GLU A 79 4.89 -9.58 -2.61
N ALA A 80 3.95 -10.48 -2.87
CA ALA A 80 2.85 -10.21 -3.78
C ALA A 80 1.98 -9.07 -3.28
N LEU A 81 1.79 -9.01 -1.96
CA LEU A 81 0.99 -7.94 -1.34
C LEU A 81 1.55 -6.59 -1.74
N ILE A 82 2.86 -6.46 -1.66
CA ILE A 82 3.53 -5.22 -1.99
C ILE A 82 3.36 -4.87 -3.46
N GLN A 83 3.77 -5.78 -4.35
CA GLN A 83 3.65 -5.53 -5.78
C GLN A 83 2.19 -5.26 -6.18
N ALA A 84 1.28 -6.08 -5.70
CA ALA A 84 -0.13 -5.95 -6.02
C ALA A 84 -0.66 -4.60 -5.56
N LEU A 85 -0.18 -4.15 -4.41
CA LEU A 85 -0.59 -2.86 -3.90
C LEU A 85 0.06 -1.73 -4.68
N LEU A 86 1.33 -1.88 -5.01
CA LEU A 86 2.06 -0.89 -5.78
C LEU A 86 1.39 -0.67 -7.14
N GLU A 87 0.99 -1.76 -7.77
CA GLU A 87 0.25 -1.68 -9.02
C GLU A 87 -1.12 -1.04 -8.80
N LEU A 88 -1.72 -1.31 -7.64
CA LEU A 88 -3.01 -0.74 -7.28
C LEU A 88 -2.85 0.78 -7.09
N LEU A 89 -1.77 1.16 -6.44
CA LEU A 89 -1.45 2.55 -6.15
C LEU A 89 -1.15 3.32 -7.43
N SER A 90 -0.94 2.61 -8.51
CA SER A 90 -0.58 3.25 -9.77
C SER A 90 -1.82 3.56 -10.60
N ALA A 91 -2.83 2.72 -10.45
CA ALA A 91 -4.06 2.86 -11.22
C ALA A 91 -4.83 4.10 -10.78
N LEU A 92 -4.97 4.26 -9.47
CA LEU A 92 -5.83 5.29 -8.90
C LEU A 92 -5.21 6.69 -8.96
N VAL A 93 -3.88 6.77 -9.02
CA VAL A 93 -3.25 8.08 -9.14
C VAL A 93 -3.17 8.51 -10.60
N HIS A 94 -3.26 7.54 -11.49
CA HIS A 94 -3.23 7.81 -12.91
C HIS A 94 -4.54 8.46 -13.34
N VAL A 95 -5.64 8.03 -12.76
CA VAL A 95 -6.95 8.52 -13.17
C VAL A 95 -7.10 10.01 -12.90
N LEU A 96 -6.36 10.51 -11.91
CA LEU A 96 -6.39 11.92 -11.55
C LEU A 96 -5.81 12.78 -12.67
N SER A 97 -4.98 12.17 -13.52
CA SER A 97 -4.37 12.88 -14.62
C SER A 97 -5.43 13.46 -15.56
N SER A 98 -6.58 12.80 -15.63
CA SER A 98 -7.66 13.25 -16.50
C SER A 98 -8.94 13.47 -15.67
N ALA A 99 -8.77 13.50 -14.35
CA ALA A 99 -9.90 13.70 -13.46
C ALA A 99 -9.91 15.12 -12.95
N SER A 100 -10.71 15.96 -13.57
CA SER A 100 -10.86 17.33 -13.13
C SER A 100 -11.66 17.38 -11.84
N ILE A 101 -10.97 17.19 -10.73
CA ILE A 101 -11.61 17.23 -9.42
C ILE A 101 -12.08 18.64 -9.10
N GLY A 102 -13.23 18.74 -8.43
CA GLY A 102 -13.75 20.03 -8.05
C GLY A 102 -13.12 20.52 -6.77
N ASN A 103 -13.81 20.32 -5.65
CA ASN A 103 -13.27 20.67 -4.35
C ASN A 103 -13.71 19.67 -3.30
N VAL A 104 -12.74 19.11 -2.61
CA VAL A 104 -13.02 18.13 -1.58
C VAL A 104 -12.94 18.78 -0.20
N SER A 105 -13.69 18.22 0.74
CA SER A 105 -13.73 18.76 2.09
C SER A 105 -13.19 17.74 3.09
N SER A 106 -12.60 18.23 4.17
CA SER A 106 -11.99 17.38 5.18
C SER A 106 -13.04 16.80 6.14
N VAL A 107 -14.16 16.34 5.58
CA VAL A 107 -15.25 15.81 6.38
C VAL A 107 -15.78 14.52 5.77
N GLY A 108 -15.91 13.49 6.60
CA GLY A 108 -16.44 12.23 6.12
C GLY A 108 -15.34 11.20 5.89
N VAL A 109 -14.10 11.67 5.89
CA VAL A 109 -12.94 10.79 5.71
C VAL A 109 -12.93 9.70 6.77
N ASP A 110 -13.42 10.06 7.96
CA ASP A 110 -13.53 9.14 9.08
C ASP A 110 -14.25 7.86 8.65
N SER A 111 -15.32 8.03 7.87
CA SER A 111 -16.14 6.92 7.41
C SER A 111 -15.45 6.16 6.26
N THR A 112 -14.80 6.91 5.36
CA THR A 112 -14.11 6.30 4.22
C THR A 112 -13.02 5.35 4.70
N LEU A 113 -12.39 5.70 5.82
CA LEU A 113 -11.35 4.89 6.41
C LEU A 113 -11.86 3.51 6.83
N ASN A 114 -13.15 3.43 7.11
CA ASN A 114 -13.74 2.16 7.52
C ASN A 114 -13.84 1.21 6.32
N VAL A 115 -13.88 1.79 5.13
CA VAL A 115 -14.04 1.01 3.91
C VAL A 115 -12.70 0.48 3.41
N VAL A 116 -11.65 1.30 3.52
CA VAL A 116 -10.32 0.91 3.05
C VAL A 116 -9.84 -0.33 3.81
N GLN A 117 -10.30 -0.46 5.05
CA GLN A 117 -9.91 -1.57 5.92
C GLN A 117 -10.45 -2.90 5.40
N ASP A 118 -11.49 -2.82 4.59
CA ASP A 118 -12.19 -4.01 4.12
C ASP A 118 -11.51 -4.60 2.89
N SER A 119 -10.83 -3.72 2.16
CA SER A 119 -10.24 -4.09 0.88
C SER A 119 -8.88 -4.76 1.06
N VAL A 120 -8.05 -4.18 1.91
CA VAL A 120 -6.67 -4.63 2.06
C VAL A 120 -6.46 -5.36 3.39
N GLY A 121 -7.34 -5.11 4.33
CA GLY A 121 -7.23 -5.69 5.66
C GLY A 121 -7.20 -7.20 5.65
N GLN A 122 -7.84 -7.80 4.66
CA GLN A 122 -7.91 -9.25 4.56
C GLN A 122 -6.61 -9.83 4.00
N TYR A 123 -5.77 -8.98 3.43
CA TYR A 123 -4.52 -9.43 2.85
C TYR A 123 -3.39 -9.23 3.83
N VAL A 124 -3.46 -8.14 4.58
CA VAL A 124 -2.46 -7.83 5.58
C VAL A 124 -2.77 -8.51 6.92
N GLY A 125 -3.95 -9.10 7.00
CA GLY A 125 -4.35 -9.77 8.23
C GLY A 125 -3.84 -11.19 8.33
N GLY B 1 15.23 -5.90 17.59
CA GLY B 1 14.54 -6.54 18.70
C GLY B 1 15.41 -7.56 19.41
N SER B 2 15.79 -8.60 18.70
CA SER B 2 16.64 -9.63 19.27
C SER B 2 17.39 -10.37 18.17
N GLY B 3 17.44 -9.78 16.99
CA GLY B 3 18.09 -10.41 15.86
C GLY B 3 17.17 -11.34 15.11
N ASN B 4 15.89 -11.32 15.48
CA ASN B 4 14.90 -12.20 14.87
C ASN B 4 14.34 -11.59 13.58
N SER B 5 15.14 -11.66 12.53
CA SER B 5 14.71 -11.17 11.23
C SER B 5 14.75 -12.32 10.22
N VAL B 6 13.61 -12.97 10.05
CA VAL B 6 13.50 -14.12 9.16
C VAL B 6 12.40 -13.88 8.13
N THR B 7 12.71 -14.12 6.87
CA THR B 7 11.75 -13.92 5.80
C THR B 7 10.86 -15.15 5.65
N SER B 8 10.06 -15.42 6.68
CA SER B 8 9.19 -16.58 6.70
C SER B 8 7.98 -16.30 7.58
N GLY B 9 7.20 -17.32 7.86
CA GLY B 9 6.04 -17.17 8.71
C GLY B 9 4.83 -16.68 7.95
N GLY B 10 4.40 -15.47 8.26
CA GLY B 10 3.21 -14.93 7.63
C GLY B 10 1.96 -15.54 8.21
N TYR B 11 1.69 -16.77 7.83
CA TYR B 11 0.54 -17.51 8.35
C TYR B 11 0.80 -17.91 9.81
N GLY B 12 -0.13 -18.65 10.38
CA GLY B 12 0.01 -19.06 11.77
C GLY B 12 -0.37 -17.96 12.73
N TYR B 13 0.47 -16.93 12.81
CA TYR B 13 0.19 -15.79 13.67
C TYR B 13 -0.65 -14.75 12.93
N GLY B 14 -0.43 -14.64 11.62
CA GLY B 14 -1.16 -13.68 10.83
C GLY B 14 -1.92 -14.34 9.69
N THR B 15 -2.60 -15.43 9.99
CA THR B 15 -3.41 -16.12 8.99
C THR B 15 -4.89 -15.96 9.32
N SER B 16 -5.17 -15.35 10.46
CA SER B 16 -6.52 -15.30 10.99
C SER B 16 -7.38 -14.24 10.29
N ALA B 17 -6.73 -13.18 9.81
CA ALA B 17 -7.41 -12.05 9.16
C ALA B 17 -8.29 -11.29 10.15
N ALA B 18 -8.19 -11.65 11.43
CA ALA B 18 -8.97 -10.99 12.48
C ALA B 18 -8.03 -10.41 13.53
N ALA B 19 -6.85 -10.99 13.66
CA ALA B 19 -5.85 -10.50 14.59
C ALA B 19 -4.94 -9.50 13.89
N GLY B 20 -4.39 -8.56 14.64
CA GLY B 20 -3.60 -7.52 14.03
C GLY B 20 -2.73 -6.77 15.02
N ALA B 21 -1.47 -7.20 15.12
CA ALA B 21 -0.46 -6.52 15.92
C ALA B 21 0.83 -7.33 15.86
N GLY B 22 1.70 -7.00 14.90
CA GLY B 22 2.88 -7.81 14.66
C GLY B 22 2.52 -9.26 14.36
N VAL B 23 1.52 -9.46 13.52
CA VAL B 23 1.00 -10.79 13.24
C VAL B 23 1.86 -11.55 12.23
N ALA B 24 2.03 -11.00 11.05
CA ALA B 24 2.80 -11.65 10.02
C ALA B 24 4.14 -10.97 9.88
N ALA B 25 4.99 -11.51 9.01
CA ALA B 25 6.29 -10.95 8.80
C ALA B 25 6.19 -9.56 8.18
N GLY B 26 5.36 -9.45 7.15
CA GLY B 26 5.19 -8.19 6.46
C GLY B 26 3.74 -7.88 6.23
N SER B 27 2.92 -8.25 7.19
CA SER B 27 1.50 -8.01 7.14
C SER B 27 0.93 -7.88 8.53
N TYR B 28 0.15 -6.82 8.76
CA TYR B 28 -0.43 -6.59 10.07
C TYR B 28 -1.77 -5.90 9.93
N ALA B 29 -2.79 -6.49 10.54
CA ALA B 29 -4.13 -5.93 10.49
C ALA B 29 -4.32 -4.82 11.51
N GLY B 30 -3.40 -4.74 12.47
CA GLY B 30 -3.47 -3.71 13.50
C GLY B 30 -3.30 -2.33 12.91
N ALA B 31 -2.55 -2.25 11.83
CA ALA B 31 -2.31 -1.00 11.12
C ALA B 31 -3.52 -0.64 10.26
N VAL B 32 -4.53 -1.50 10.28
CA VAL B 32 -5.71 -1.28 9.46
C VAL B 32 -6.92 -0.92 10.32
N ASN B 33 -7.18 -1.69 11.38
CA ASN B 33 -8.35 -1.44 12.22
C ASN B 33 -8.15 -0.21 13.09
N ARG B 34 -6.99 0.43 12.95
CA ARG B 34 -6.69 1.66 13.65
C ARG B 34 -7.05 2.87 12.78
N LEU B 35 -7.45 2.58 11.54
CA LEU B 35 -7.78 3.63 10.58
C LEU B 35 -9.12 4.28 10.91
N SER B 36 -9.95 3.54 11.63
CA SER B 36 -11.26 4.02 12.03
C SER B 36 -11.15 4.93 13.25
N SER B 37 -9.92 5.22 13.63
CA SER B 37 -9.65 6.12 14.75
C SER B 37 -9.56 7.55 14.25
N ALA B 38 -9.79 8.50 15.15
CA ALA B 38 -9.75 9.92 14.81
C ALA B 38 -8.37 10.33 14.32
N GLU B 39 -7.36 9.53 14.68
CA GLU B 39 -5.98 9.75 14.27
C GLU B 39 -5.88 9.90 12.76
N ALA B 40 -6.23 8.84 12.05
CA ALA B 40 -6.16 8.82 10.60
C ALA B 40 -7.07 9.88 9.99
N ALA B 41 -8.30 9.96 10.48
CA ALA B 41 -9.28 10.89 9.94
C ALA B 41 -8.80 12.33 10.02
N SER B 42 -7.89 12.60 10.95
CA SER B 42 -7.34 13.94 11.13
C SER B 42 -6.10 14.17 10.25
N ARG B 43 -5.52 13.10 9.74
CA ARG B 43 -4.33 13.20 8.90
C ARG B 43 -4.72 13.05 7.44
N VAL B 44 -5.47 11.99 7.18
CA VAL B 44 -5.93 11.65 5.85
C VAL B 44 -6.73 12.78 5.21
N SER B 45 -7.44 13.54 6.04
CA SER B 45 -8.28 14.63 5.55
C SER B 45 -7.45 15.86 5.21
N SER B 46 -6.17 15.81 5.52
CA SER B 46 -5.24 16.87 5.15
C SER B 46 -4.58 16.50 3.84
N ASN B 47 -4.58 15.22 3.55
CA ASN B 47 -3.87 14.66 2.42
C ASN B 47 -4.72 14.74 1.17
N ILE B 48 -6.04 14.70 1.40
CA ILE B 48 -7.01 14.70 0.31
C ILE B 48 -6.83 15.90 -0.63
N ALA B 49 -6.57 17.07 -0.06
CA ALA B 49 -6.47 18.29 -0.86
C ALA B 49 -5.11 18.41 -1.54
N ALA B 50 -4.18 17.57 -1.11
CA ALA B 50 -2.84 17.58 -1.65
C ALA B 50 -2.76 16.63 -2.84
N ILE B 51 -3.22 15.41 -2.64
CA ILE B 51 -3.18 14.39 -3.68
C ILE B 51 -4.11 14.80 -4.83
N ALA B 52 -5.20 15.46 -4.50
CA ALA B 52 -6.16 15.91 -5.50
C ALA B 52 -5.55 16.96 -6.44
N SER B 53 -4.43 17.54 -6.02
CA SER B 53 -3.79 18.58 -6.80
C SER B 53 -2.62 18.03 -7.61
N GLY B 54 -1.86 17.11 -7.00
CA GLY B 54 -0.66 16.61 -7.64
C GLY B 54 -0.86 15.26 -8.32
N GLY B 55 -1.88 14.51 -7.88
CA GLY B 55 -2.14 13.20 -8.42
C GLY B 55 -1.17 12.18 -7.88
N ALA B 56 0.00 12.15 -8.48
CA ALA B 56 1.09 11.27 -8.04
C ALA B 56 2.25 12.10 -7.54
N SER B 57 2.28 13.35 -7.96
CA SER B 57 3.37 14.25 -7.61
C SER B 57 3.25 14.70 -6.16
N ALA B 58 2.15 14.34 -5.52
CA ALA B 58 1.91 14.69 -4.13
C ALA B 58 2.20 13.52 -3.21
N LEU B 59 2.39 12.34 -3.80
CA LEU B 59 2.63 11.12 -3.03
C LEU B 59 3.85 11.26 -2.11
N PRO B 60 5.03 11.59 -2.64
CA PRO B 60 6.24 11.71 -1.81
C PRO B 60 6.12 12.81 -0.76
N SER B 61 5.29 13.80 -1.02
CA SER B 61 5.07 14.87 -0.08
C SER B 61 4.14 14.43 1.05
N VAL B 62 3.16 13.62 0.69
CA VAL B 62 2.08 13.26 1.59
C VAL B 62 2.43 11.99 2.39
N ILE B 63 2.96 10.98 1.70
CA ILE B 63 3.31 9.72 2.34
C ILE B 63 4.29 9.95 3.49
N SER B 64 5.26 10.81 3.25
CA SER B 64 6.28 11.09 4.25
C SER B 64 5.69 11.85 5.44
N ASN B 65 4.64 12.61 5.18
CA ASN B 65 3.94 13.32 6.26
C ASN B 65 3.22 12.34 7.16
N ILE B 66 2.54 11.38 6.55
CA ILE B 66 1.82 10.36 7.28
C ILE B 66 2.77 9.39 7.96
N TYR B 67 3.78 8.93 7.22
CA TYR B 67 4.74 7.96 7.72
C TYR B 67 5.41 8.45 9.00
N SER B 68 5.93 9.67 8.95
CA SER B 68 6.58 10.27 10.10
C SER B 68 5.59 10.39 11.26
N GLY B 69 4.32 10.58 10.93
CA GLY B 69 3.29 10.70 11.94
C GLY B 69 3.03 9.39 12.64
N VAL B 70 2.95 8.33 11.85
CA VAL B 70 2.68 7.00 12.36
C VAL B 70 3.86 6.48 13.19
N VAL B 71 5.07 6.64 12.66
CA VAL B 71 6.28 6.18 13.34
C VAL B 71 6.45 6.86 14.70
N ALA B 72 6.10 8.13 14.76
CA ALA B 72 6.21 8.91 16.00
C ALA B 72 5.26 8.38 17.08
N SER B 73 4.29 7.56 16.68
CA SER B 73 3.35 6.98 17.61
C SER B 73 4.01 5.86 18.43
N GLY B 74 5.14 5.35 17.93
CA GLY B 74 5.83 4.28 18.61
C GLY B 74 5.47 2.92 18.06
N VAL B 75 5.24 2.86 16.76
CA VAL B 75 4.88 1.63 16.09
C VAL B 75 6.12 0.99 15.46
N SER B 76 6.05 -0.30 15.14
CA SER B 76 7.12 -0.98 14.44
C SER B 76 7.34 -0.35 13.06
N SER B 77 8.59 -0.30 12.62
CA SER B 77 8.93 0.35 11.36
C SER B 77 8.23 -0.29 10.17
N ASN B 78 8.27 -1.62 10.10
CA ASN B 78 7.67 -2.35 8.99
C ASN B 78 6.14 -2.28 9.08
N GLU B 79 5.62 -2.19 10.30
CA GLU B 79 4.19 -2.11 10.52
C GLU B 79 3.69 -0.71 10.21
N ALA B 80 4.54 0.28 10.46
CA ALA B 80 4.24 1.68 10.18
C ALA B 80 4.01 1.90 8.68
N LEU B 81 4.81 1.22 7.86
CA LEU B 81 4.67 1.31 6.41
C LEU B 81 3.25 0.99 5.99
N ILE B 82 2.66 0.00 6.64
CA ILE B 82 1.31 -0.44 6.31
C ILE B 82 0.28 0.61 6.72
N GLN B 83 0.29 1.01 7.99
CA GLN B 83 -0.65 2.01 8.47
C GLN B 83 -0.51 3.31 7.68
N ALA B 84 0.73 3.76 7.51
CA ALA B 84 1.01 5.00 6.80
C ALA B 84 0.49 4.94 5.37
N LEU B 85 0.58 3.76 4.77
CA LEU B 85 0.11 3.57 3.42
C LEU B 85 -1.41 3.48 3.38
N LEU B 86 -1.99 2.76 4.33
CA LEU B 86 -3.44 2.58 4.35
C LEU B 86 -4.16 3.90 4.61
N GLU B 87 -3.56 4.73 5.44
CA GLU B 87 -4.05 6.09 5.62
C GLU B 87 -3.92 6.88 4.31
N LEU B 88 -2.86 6.61 3.56
CA LEU B 88 -2.64 7.26 2.28
C LEU B 88 -3.71 6.79 1.29
N LEU B 89 -4.00 5.49 1.32
CA LEU B 89 -4.99 4.87 0.44
C LEU B 89 -6.40 5.37 0.74
N SER B 90 -6.56 6.04 1.86
CA SER B 90 -7.87 6.50 2.28
C SER B 90 -8.12 7.91 1.77
N ALA B 91 -7.06 8.68 1.66
CA ALA B 91 -7.17 10.07 1.26
C ALA B 91 -7.56 10.19 -0.21
N LEU B 92 -6.91 9.39 -1.04
CA LEU B 92 -7.05 9.51 -2.49
C LEU B 92 -8.35 8.88 -3.01
N VAL B 93 -8.99 8.03 -2.22
CA VAL B 93 -10.27 7.46 -2.65
C VAL B 93 -11.42 8.33 -2.17
N HIS B 94 -11.17 9.11 -1.13
CA HIS B 94 -12.17 10.02 -0.60
C HIS B 94 -12.40 11.17 -1.58
N VAL B 95 -11.34 11.60 -2.25
CA VAL B 95 -11.42 12.74 -3.15
C VAL B 95 -12.32 12.45 -4.34
N LEU B 96 -12.41 11.19 -4.73
CA LEU B 96 -13.23 10.77 -5.87
C LEU B 96 -14.71 11.07 -5.60
N SER B 97 -15.07 11.16 -4.32
CA SER B 97 -16.45 11.43 -3.95
C SER B 97 -16.87 12.84 -4.36
N SER B 98 -15.89 13.71 -4.58
CA SER B 98 -16.17 15.07 -5.04
C SER B 98 -15.41 15.34 -6.33
N ALA B 99 -14.88 14.29 -6.94
CA ALA B 99 -14.11 14.41 -8.16
C ALA B 99 -14.85 13.81 -9.33
N SER B 100 -15.46 14.65 -10.15
CA SER B 100 -16.15 14.19 -11.33
C SER B 100 -15.10 13.91 -12.42
N ILE B 101 -14.62 12.67 -12.45
CA ILE B 101 -13.61 12.27 -13.41
C ILE B 101 -14.19 12.26 -14.83
N GLY B 102 -13.36 12.64 -15.79
CA GLY B 102 -13.79 12.67 -17.18
C GLY B 102 -13.42 11.41 -17.92
N ASN B 103 -12.58 11.56 -18.94
CA ASN B 103 -12.20 10.44 -19.78
C ASN B 103 -10.74 10.09 -19.59
N VAL B 104 -10.49 9.02 -18.87
CA VAL B 104 -9.14 8.52 -18.67
C VAL B 104 -8.79 7.53 -19.78
N SER B 105 -7.51 7.26 -19.93
CA SER B 105 -7.05 6.33 -20.94
C SER B 105 -5.88 5.51 -20.41
N SER B 106 -5.67 4.35 -21.02
CA SER B 106 -4.62 3.44 -20.59
C SER B 106 -3.24 3.95 -21.00
N VAL B 107 -3.23 4.91 -21.90
CA VAL B 107 -1.99 5.44 -22.45
C VAL B 107 -1.32 6.39 -21.48
N GLY B 108 -0.31 5.89 -20.78
CA GLY B 108 0.45 6.72 -19.87
C GLY B 108 0.60 6.09 -18.51
N VAL B 109 -0.13 5.02 -18.24
CA VAL B 109 0.01 4.29 -17.00
C VAL B 109 1.44 3.78 -16.87
N ASP B 110 2.01 3.41 -18.01
CA ASP B 110 3.40 2.99 -18.10
C ASP B 110 4.32 4.00 -17.41
N SER B 111 4.02 5.28 -17.61
CA SER B 111 4.84 6.36 -17.08
C SER B 111 4.52 6.65 -15.61
N THR B 112 3.25 6.52 -15.25
CA THR B 112 2.81 6.77 -13.88
C THR B 112 3.47 5.78 -12.90
N LEU B 113 3.61 4.55 -13.35
CA LEU B 113 4.21 3.48 -12.55
C LEU B 113 5.64 3.84 -12.13
N ASN B 114 6.35 4.56 -12.97
CA ASN B 114 7.72 4.94 -12.68
C ASN B 114 7.78 5.96 -11.55
N VAL B 115 6.66 6.65 -11.31
CA VAL B 115 6.60 7.68 -10.28
C VAL B 115 6.23 7.09 -8.93
N VAL B 116 5.32 6.12 -8.93
CA VAL B 116 4.88 5.49 -7.69
C VAL B 116 6.06 4.81 -6.99
N GLN B 117 7.04 4.40 -7.78
CA GLN B 117 8.24 3.73 -7.29
C GLN B 117 9.09 4.67 -6.44
N ASP B 118 8.91 5.96 -6.66
CA ASP B 118 9.72 6.97 -5.99
C ASP B 118 9.23 7.21 -4.58
N SER B 119 7.92 7.20 -4.43
CA SER B 119 7.28 7.63 -3.19
C SER B 119 7.37 6.56 -2.11
N VAL B 120 7.15 5.30 -2.49
CA VAL B 120 7.07 4.22 -1.52
C VAL B 120 8.30 3.32 -1.59
N GLY B 121 9.01 3.38 -2.71
CA GLY B 121 10.17 2.54 -2.91
C GLY B 121 11.24 2.73 -1.85
N GLN B 122 11.26 3.91 -1.25
CA GLN B 122 12.26 4.24 -0.22
C GLN B 122 11.82 3.81 1.17
N TYR B 123 10.69 3.09 1.25
CA TYR B 123 10.22 2.57 2.53
C TYR B 123 10.13 1.05 2.48
N VAL B 124 9.91 0.53 1.28
CA VAL B 124 9.85 -0.90 1.07
C VAL B 124 11.23 -1.47 0.72
N GLY B 125 12.23 -0.62 0.70
CA GLY B 125 13.58 -1.06 0.39
C GLY B 125 14.62 -0.24 1.12
N GLY A 1 24.62 -31.72 24.09
CA GLY A 1 24.12 -30.35 23.82
C GLY A 1 22.86 -30.33 23.00
N SER A 2 21.78 -30.85 23.55
CA SER A 2 20.50 -30.85 22.87
C SER A 2 19.60 -29.77 23.45
N GLY A 3 19.46 -28.68 22.73
CA GLY A 3 18.62 -27.60 23.21
C GLY A 3 18.70 -26.37 22.32
N ASN A 4 18.50 -25.21 22.93
CA ASN A 4 18.40 -23.96 22.20
C ASN A 4 19.53 -23.01 22.60
N SER A 5 20.39 -22.68 21.65
CA SER A 5 21.51 -21.80 21.93
C SER A 5 21.36 -20.48 21.17
N VAL A 6 21.55 -20.53 19.85
CA VAL A 6 21.40 -19.33 19.02
C VAL A 6 20.32 -19.56 17.97
N THR A 7 20.01 -18.52 17.21
CA THR A 7 19.03 -18.63 16.14
C THR A 7 19.68 -18.36 14.79
N SER A 8 19.07 -18.88 13.73
CA SER A 8 19.62 -18.77 12.39
C SER A 8 19.26 -17.42 11.77
N GLY A 9 20.15 -16.91 10.92
CA GLY A 9 19.89 -15.64 10.25
C GLY A 9 20.92 -15.33 9.19
N GLY A 10 21.22 -14.06 9.03
CA GLY A 10 22.23 -13.64 8.08
C GLY A 10 21.70 -13.47 6.67
N TYR A 11 21.96 -14.46 5.83
CA TYR A 11 21.64 -14.37 4.39
C TYR A 11 20.14 -14.17 4.17
N GLY A 12 19.32 -14.69 5.08
CA GLY A 12 17.88 -14.63 4.90
C GLY A 12 17.35 -13.22 4.99
N TYR A 13 18.09 -12.35 5.67
CA TYR A 13 17.71 -10.94 5.78
C TYR A 13 18.91 -10.06 5.49
N GLY A 14 19.41 -10.16 4.27
CA GLY A 14 20.48 -9.29 3.84
C GLY A 14 21.65 -10.04 3.23
N THR A 15 21.35 -10.95 2.31
CA THR A 15 22.40 -11.65 1.58
C THR A 15 22.88 -10.77 0.42
N SER A 16 22.18 -9.67 0.21
CA SER A 16 22.51 -8.71 -0.83
C SER A 16 21.94 -7.35 -0.47
N ALA A 17 22.24 -6.34 -1.27
CA ALA A 17 21.68 -5.03 -1.08
C ALA A 17 20.19 -5.05 -1.42
N ALA A 18 19.48 -3.99 -1.06
CA ALA A 18 18.04 -3.92 -1.27
C ALA A 18 17.69 -3.70 -2.74
N ALA A 19 17.83 -4.75 -3.52
CA ALA A 19 17.37 -4.74 -4.90
C ALA A 19 15.93 -5.21 -4.95
N GLY A 20 15.62 -6.16 -4.08
CA GLY A 20 14.26 -6.65 -3.97
C GLY A 20 14.20 -8.15 -3.93
N ALA A 21 12.98 -8.68 -3.98
CA ALA A 21 12.74 -10.12 -3.99
C ALA A 21 13.22 -10.79 -2.70
N GLY A 22 12.38 -10.72 -1.68
CA GLY A 22 12.69 -11.33 -0.40
C GLY A 22 13.88 -10.69 0.29
N VAL A 23 13.87 -9.36 0.37
CA VAL A 23 14.97 -8.63 1.01
C VAL A 23 14.70 -8.37 2.48
N ALA A 24 13.43 -8.32 2.86
CA ALA A 24 13.06 -8.02 4.23
C ALA A 24 11.77 -8.73 4.59
N ALA A 25 11.32 -8.53 5.82
CA ALA A 25 10.13 -9.19 6.32
C ALA A 25 8.87 -8.64 5.66
N GLY A 26 8.78 -7.32 5.59
CA GLY A 26 7.62 -6.69 5.00
C GLY A 26 8.01 -5.52 4.13
N SER A 27 9.12 -5.69 3.42
CA SER A 27 9.62 -4.67 2.54
C SER A 27 10.43 -5.30 1.42
N TYR A 28 10.07 -4.98 0.19
CA TYR A 28 10.75 -5.51 -0.96
C TYR A 28 10.73 -4.50 -2.09
N ALA A 29 11.91 -4.06 -2.49
CA ALA A 29 12.01 -3.02 -3.50
C ALA A 29 11.85 -3.60 -4.92
N GLY A 30 12.12 -4.88 -5.07
CA GLY A 30 12.02 -5.51 -6.37
C GLY A 30 10.59 -5.53 -6.87
N ALA A 31 9.66 -5.58 -5.92
CA ALA A 31 8.24 -5.54 -6.24
C ALA A 31 7.86 -4.15 -6.72
N VAL A 32 8.79 -3.20 -6.60
CA VAL A 32 8.57 -1.84 -7.03
C VAL A 32 9.28 -1.58 -8.35
N ASN A 33 10.55 -1.99 -8.47
CA ASN A 33 11.30 -1.79 -9.70
C ASN A 33 10.63 -2.52 -10.86
N ARG A 34 9.98 -3.63 -10.52
CA ARG A 34 9.29 -4.46 -11.49
C ARG A 34 8.07 -3.74 -12.09
N LEU A 35 7.67 -2.65 -11.44
CA LEU A 35 6.49 -1.89 -11.87
C LEU A 35 6.71 -1.24 -13.23
N SER A 36 7.96 -0.97 -13.57
CA SER A 36 8.29 -0.33 -14.84
C SER A 36 8.30 -1.36 -15.97
N SER A 37 7.82 -2.56 -15.69
CA SER A 37 7.68 -3.60 -16.69
C SER A 37 6.28 -3.54 -17.28
N ALA A 38 6.12 -4.13 -18.47
CA ALA A 38 4.82 -4.15 -19.14
C ALA A 38 3.77 -4.88 -18.31
N GLU A 39 4.25 -5.72 -17.40
CA GLU A 39 3.38 -6.48 -16.51
C GLU A 39 2.39 -5.58 -15.79
N ALA A 40 2.93 -4.63 -15.03
CA ALA A 40 2.10 -3.69 -14.27
C ALA A 40 1.22 -2.87 -15.19
N ALA A 41 1.85 -2.15 -16.13
CA ALA A 41 1.13 -1.24 -17.03
C ALA A 41 -0.04 -1.95 -17.72
N SER A 42 0.09 -3.25 -17.95
CA SER A 42 -0.94 -4.03 -18.60
C SER A 42 -2.12 -4.32 -17.67
N ARG A 43 -1.87 -4.33 -16.37
CA ARG A 43 -2.91 -4.64 -15.38
C ARG A 43 -3.51 -3.35 -14.87
N VAL A 44 -2.62 -2.42 -14.54
CA VAL A 44 -2.98 -1.15 -13.96
C VAL A 44 -3.92 -0.37 -14.88
N SER A 45 -3.65 -0.41 -16.18
CA SER A 45 -4.45 0.33 -17.14
C SER A 45 -5.81 -0.33 -17.36
N SER A 46 -5.94 -1.56 -16.87
CA SER A 46 -7.19 -2.30 -17.00
C SER A 46 -8.11 -2.00 -15.82
N ASN A 47 -7.59 -1.31 -14.82
CA ASN A 47 -8.34 -1.07 -13.60
C ASN A 47 -8.51 0.42 -13.33
N ILE A 48 -7.90 1.24 -14.18
CA ILE A 48 -8.03 2.69 -14.06
C ILE A 48 -9.50 3.11 -14.16
N ALA A 49 -10.23 2.49 -15.07
CA ALA A 49 -11.62 2.86 -15.31
C ALA A 49 -12.51 2.28 -14.22
N ALA A 50 -11.97 1.36 -13.43
CA ALA A 50 -12.71 0.75 -12.35
C ALA A 50 -12.74 1.67 -11.15
N ILE A 51 -11.56 2.12 -10.73
CA ILE A 51 -11.44 3.01 -9.58
C ILE A 51 -12.07 4.36 -9.88
N ALA A 52 -11.97 4.78 -11.14
CA ALA A 52 -12.55 6.03 -11.58
C ALA A 52 -14.07 6.04 -11.42
N SER A 53 -14.65 4.85 -11.35
CA SER A 53 -16.09 4.71 -11.30
C SER A 53 -16.57 4.41 -9.87
N GLY A 54 -15.85 3.56 -9.17
CA GLY A 54 -16.27 3.16 -7.83
C GLY A 54 -15.65 4.00 -6.73
N GLY A 55 -14.49 4.59 -7.02
CA GLY A 55 -13.79 5.39 -6.04
C GLY A 55 -13.13 4.54 -4.99
N ALA A 56 -13.94 4.04 -4.07
CA ALA A 56 -13.46 3.19 -2.99
C ALA A 56 -14.05 1.80 -3.12
N SER A 57 -15.22 1.72 -3.73
CA SER A 57 -15.92 0.45 -3.92
C SER A 57 -15.20 -0.41 -4.96
N ALA A 58 -14.23 0.20 -5.64
CA ALA A 58 -13.46 -0.48 -6.65
C ALA A 58 -12.26 -1.17 -6.04
N LEU A 59 -11.87 -0.72 -4.85
CA LEU A 59 -10.68 -1.24 -4.17
C LEU A 59 -10.73 -2.77 -4.02
N PRO A 60 -11.79 -3.34 -3.40
CA PRO A 60 -11.89 -4.80 -3.20
C PRO A 60 -12.04 -5.56 -4.52
N SER A 61 -12.30 -4.84 -5.60
CA SER A 61 -12.39 -5.46 -6.91
C SER A 61 -11.03 -5.42 -7.62
N VAL A 62 -10.38 -4.26 -7.54
CA VAL A 62 -9.16 -4.01 -8.29
C VAL A 62 -7.98 -4.69 -7.63
N ILE A 63 -7.95 -4.64 -6.31
CA ILE A 63 -6.91 -5.30 -5.55
C ILE A 63 -6.93 -6.80 -5.83
N SER A 64 -8.12 -7.37 -5.80
CA SER A 64 -8.28 -8.79 -6.02
C SER A 64 -7.96 -9.17 -7.47
N ASN A 65 -8.16 -8.23 -8.38
CA ASN A 65 -7.79 -8.42 -9.78
C ASN A 65 -6.28 -8.55 -9.93
N ILE A 66 -5.58 -7.53 -9.44
CA ILE A 66 -4.14 -7.44 -9.60
C ILE A 66 -3.42 -8.50 -8.76
N TYR A 67 -3.87 -8.67 -7.52
CA TYR A 67 -3.23 -9.60 -6.59
C TYR A 67 -3.14 -11.00 -7.19
N SER A 68 -4.25 -11.48 -7.74
CA SER A 68 -4.30 -12.81 -8.34
C SER A 68 -3.37 -12.88 -9.55
N GLY A 69 -3.14 -11.75 -10.18
CA GLY A 69 -2.25 -11.69 -11.32
C GLY A 69 -0.79 -11.75 -10.89
N VAL A 70 -0.49 -11.09 -9.77
CA VAL A 70 0.85 -11.07 -9.23
C VAL A 70 1.22 -12.43 -8.63
N VAL A 71 0.31 -13.00 -7.85
CA VAL A 71 0.53 -14.29 -7.20
C VAL A 71 0.79 -15.38 -8.23
N ALA A 72 0.12 -15.27 -9.38
CA ALA A 72 0.29 -16.22 -10.47
C ALA A 72 1.72 -16.23 -11.02
N SER A 73 2.49 -15.20 -10.66
CA SER A 73 3.86 -15.07 -11.14
C SER A 73 4.82 -15.97 -10.35
N GLY A 74 4.37 -16.46 -9.20
CA GLY A 74 5.21 -17.28 -8.35
C GLY A 74 5.99 -16.46 -7.35
N VAL A 75 5.39 -15.37 -6.91
CA VAL A 75 6.01 -14.46 -5.96
C VAL A 75 5.66 -14.86 -4.52
N SER A 76 6.44 -14.38 -3.56
CA SER A 76 6.15 -14.63 -2.15
C SER A 76 4.80 -14.03 -1.77
N SER A 77 4.10 -14.69 -0.85
CA SER A 77 2.76 -14.27 -0.44
C SER A 77 2.74 -12.81 0.03
N ASN A 78 3.64 -12.50 0.95
CA ASN A 78 3.67 -11.17 1.56
C ASN A 78 4.25 -10.15 0.59
N GLU A 79 5.10 -10.62 -0.32
CA GLU A 79 5.71 -9.76 -1.32
C GLU A 79 4.70 -9.40 -2.41
N ALA A 80 3.82 -10.34 -2.70
CA ALA A 80 2.75 -10.12 -3.68
C ALA A 80 1.86 -8.95 -3.26
N LEU A 81 1.63 -8.84 -1.95
CA LEU A 81 0.83 -7.76 -1.40
C LEU A 81 1.39 -6.41 -1.81
N ILE A 82 2.72 -6.29 -1.72
CA ILE A 82 3.39 -5.04 -2.04
C ILE A 82 3.26 -4.70 -3.52
N GLN A 83 3.71 -5.62 -4.38
CA GLN A 83 3.63 -5.40 -5.82
C GLN A 83 2.21 -5.13 -6.28
N ALA A 84 1.28 -5.97 -5.81
CA ALA A 84 -0.12 -5.84 -6.20
C ALA A 84 -0.68 -4.49 -5.74
N LEU A 85 -0.24 -4.03 -4.58
CA LEU A 85 -0.68 -2.75 -4.07
C LEU A 85 -0.09 -1.61 -4.87
N LEU A 86 1.21 -1.68 -5.15
CA LEU A 86 1.89 -0.62 -5.88
C LEU A 86 1.32 -0.47 -7.28
N GLU A 87 0.95 -1.60 -7.88
CA GLU A 87 0.25 -1.59 -9.15
C GLU A 87 -1.13 -0.94 -9.00
N LEU A 88 -1.74 -1.09 -7.81
CA LEU A 88 -3.01 -0.43 -7.53
C LEU A 88 -2.82 1.07 -7.38
N LEU A 89 -1.81 1.46 -6.59
CA LEU A 89 -1.52 2.87 -6.34
C LEU A 89 -1.21 3.61 -7.62
N SER A 90 -0.95 2.87 -8.69
CA SER A 90 -0.62 3.49 -9.97
C SER A 90 -1.88 3.78 -10.78
N ALA A 91 -2.88 2.91 -10.65
CA ALA A 91 -4.09 3.02 -11.44
C ALA A 91 -4.90 4.24 -11.01
N LEU A 92 -4.97 4.43 -9.70
CA LEU A 92 -5.84 5.45 -9.13
C LEU A 92 -5.24 6.86 -9.23
N VAL A 93 -3.92 6.98 -9.29
CA VAL A 93 -3.32 8.30 -9.44
C VAL A 93 -3.23 8.70 -10.91
N HIS A 94 -3.25 7.70 -11.79
CA HIS A 94 -3.22 7.96 -13.22
C HIS A 94 -4.50 8.65 -13.66
N VAL A 95 -5.62 8.23 -13.08
CA VAL A 95 -6.92 8.73 -13.50
C VAL A 95 -7.09 10.21 -13.17
N LEU A 96 -6.40 10.67 -12.13
CA LEU A 96 -6.49 12.08 -11.71
C LEU A 96 -6.02 13.02 -12.82
N SER A 97 -5.19 12.50 -13.72
CA SER A 97 -4.66 13.28 -14.82
C SER A 97 -5.79 13.83 -15.70
N SER A 98 -6.88 13.07 -15.80
CA SER A 98 -8.01 13.47 -16.63
C SER A 98 -9.25 13.67 -15.74
N ALA A 99 -9.05 13.52 -14.45
CA ALA A 99 -10.13 13.68 -13.50
C ALA A 99 -10.16 15.10 -12.96
N SER A 100 -11.09 15.90 -13.47
CA SER A 100 -11.25 17.26 -13.01
C SER A 100 -11.90 17.27 -11.63
N ILE A 101 -11.07 17.22 -10.60
CA ILE A 101 -11.56 17.19 -9.24
C ILE A 101 -12.08 18.55 -8.79
N GLY A 102 -13.07 18.55 -7.92
CA GLY A 102 -13.60 19.78 -7.36
C GLY A 102 -12.85 20.20 -6.12
N ASN A 103 -13.59 20.53 -5.07
CA ASN A 103 -12.98 20.95 -3.83
C ASN A 103 -13.30 19.96 -2.72
N VAL A 104 -12.39 19.03 -2.51
CA VAL A 104 -12.57 18.01 -1.48
C VAL A 104 -12.36 18.62 -0.10
N SER A 105 -13.29 18.33 0.80
CA SER A 105 -13.24 18.89 2.14
C SER A 105 -12.78 17.84 3.14
N SER A 106 -12.17 18.28 4.22
CA SER A 106 -11.59 17.38 5.22
C SER A 106 -12.66 16.81 6.16
N VAL A 107 -13.90 16.70 5.67
CA VAL A 107 -15.01 16.23 6.49
C VAL A 107 -15.65 14.99 5.85
N GLY A 108 -15.65 13.89 6.60
CA GLY A 108 -16.27 12.68 6.11
C GLY A 108 -15.27 11.58 5.85
N VAL A 109 -13.99 11.92 5.88
CA VAL A 109 -12.92 10.97 5.61
C VAL A 109 -12.95 9.80 6.60
N ASP A 110 -13.42 10.07 7.81
CA ASP A 110 -13.52 9.06 8.86
C ASP A 110 -14.23 7.80 8.36
N SER A 111 -15.27 8.00 7.56
CA SER A 111 -16.06 6.90 7.03
C SER A 111 -15.27 6.11 5.98
N THR A 112 -14.36 6.80 5.28
CA THR A 112 -13.60 6.20 4.21
C THR A 112 -12.57 5.22 4.76
N LEU A 113 -12.00 5.55 5.91
CA LEU A 113 -11.03 4.71 6.59
C LEU A 113 -11.63 3.33 6.89
N ASN A 114 -12.92 3.32 7.21
CA ASN A 114 -13.60 2.08 7.56
C ASN A 114 -13.78 1.17 6.34
N VAL A 115 -13.64 1.74 5.15
CA VAL A 115 -13.82 0.98 3.92
C VAL A 115 -12.50 0.40 3.44
N VAL A 116 -11.43 1.17 3.56
CA VAL A 116 -10.11 0.72 3.11
C VAL A 116 -9.68 -0.54 3.84
N GLN A 117 -10.18 -0.69 5.07
CA GLN A 117 -9.86 -1.82 5.92
C GLN A 117 -10.40 -3.11 5.33
N ASP A 118 -11.45 -2.99 4.55
CA ASP A 118 -12.16 -4.16 4.01
C ASP A 118 -11.39 -4.74 2.83
N SER A 119 -10.76 -3.88 2.07
CA SER A 119 -10.15 -4.26 0.81
C SER A 119 -8.77 -4.89 1.01
N VAL A 120 -7.98 -4.31 1.90
CA VAL A 120 -6.59 -4.73 2.06
C VAL A 120 -6.40 -5.54 3.34
N GLY A 121 -7.34 -5.38 4.27
CA GLY A 121 -7.23 -6.05 5.56
C GLY A 121 -7.15 -7.55 5.45
N GLN A 122 -7.72 -8.11 4.39
CA GLN A 122 -7.74 -9.55 4.20
C GLN A 122 -6.46 -10.03 3.50
N TYR A 123 -5.57 -9.11 3.15
CA TYR A 123 -4.31 -9.48 2.53
C TYR A 123 -3.16 -9.20 3.48
N VAL A 124 -3.32 -8.20 4.33
CA VAL A 124 -2.34 -7.89 5.36
C VAL A 124 -2.62 -8.68 6.64
N GLY A 125 -3.70 -9.45 6.61
CA GLY A 125 -4.06 -10.27 7.75
C GLY A 125 -4.98 -11.41 7.35
N GLY B 1 23.37 -30.81 19.22
CA GLY B 1 24.80 -30.71 19.01
C GLY B 1 25.40 -29.57 19.82
N SER B 2 25.50 -28.41 19.19
CA SER B 2 26.02 -27.22 19.85
C SER B 2 25.85 -26.00 18.95
N GLY B 3 25.48 -24.88 19.53
CA GLY B 3 25.33 -23.65 18.78
C GLY B 3 23.96 -23.51 18.16
N ASN B 4 23.72 -24.26 17.09
CA ASN B 4 22.45 -24.16 16.38
C ASN B 4 21.83 -25.54 16.21
N SER B 5 21.04 -25.94 17.19
CA SER B 5 20.31 -27.19 17.13
C SER B 5 18.84 -26.91 16.81
N VAL B 6 18.14 -26.30 17.75
CA VAL B 6 16.76 -25.87 17.53
C VAL B 6 16.65 -24.37 17.78
N THR B 7 15.80 -23.71 17.03
CA THR B 7 15.68 -22.26 17.11
C THR B 7 14.31 -21.83 17.63
N SER B 8 14.28 -20.68 18.30
CA SER B 8 13.04 -20.15 18.85
C SER B 8 12.16 -19.56 17.75
N GLY B 9 11.15 -20.30 17.33
CA GLY B 9 10.25 -19.83 16.31
C GLY B 9 8.80 -20.12 16.66
N GLY B 10 7.91 -19.85 15.73
CA GLY B 10 6.50 -20.14 15.96
C GLY B 10 5.79 -19.04 16.72
N TYR B 11 6.08 -18.94 18.01
CA TYR B 11 5.39 -18.00 18.89
C TYR B 11 5.50 -16.55 18.41
N GLY B 12 6.63 -16.23 17.77
CA GLY B 12 6.86 -14.88 17.30
C GLY B 12 5.88 -14.44 16.23
N TYR B 13 5.27 -15.41 15.56
CA TYR B 13 4.30 -15.14 14.51
C TYR B 13 3.04 -15.94 14.75
N GLY B 14 2.83 -16.32 16.00
CA GLY B 14 1.68 -17.12 16.37
C GLY B 14 1.81 -17.67 17.77
N THR B 15 1.55 -16.83 18.76
CA THR B 15 1.60 -17.24 20.16
C THR B 15 0.21 -17.13 20.79
N SER B 16 -0.61 -16.25 20.23
CA SER B 16 -1.98 -16.05 20.69
C SER B 16 -2.83 -15.60 19.51
N ALA B 17 -4.14 -15.81 19.60
CA ALA B 17 -5.05 -15.36 18.56
C ALA B 17 -5.23 -13.84 18.66
N ALA B 18 -4.33 -13.11 18.01
CA ALA B 18 -4.37 -11.66 18.04
C ALA B 18 -5.00 -11.12 16.76
N ALA B 19 -5.61 -9.96 16.85
CA ALA B 19 -6.27 -9.34 15.71
C ALA B 19 -5.29 -8.50 14.90
N GLY B 20 -4.15 -8.15 15.50
CA GLY B 20 -3.16 -7.38 14.79
C GLY B 20 -2.07 -6.85 15.69
N ALA B 21 -1.28 -5.91 15.16
CA ALA B 21 -0.16 -5.32 15.87
C ALA B 21 0.93 -6.35 16.14
N GLY B 22 1.85 -6.47 15.18
CA GLY B 22 2.94 -7.42 15.30
C GLY B 22 2.48 -8.87 15.18
N VAL B 23 1.61 -9.15 14.21
CA VAL B 23 1.12 -10.50 13.99
C VAL B 23 2.07 -11.31 13.12
N ALA B 24 2.29 -10.86 11.90
CA ALA B 24 3.13 -11.59 10.97
C ALA B 24 4.45 -10.85 10.76
N ALA B 25 5.21 -11.29 9.77
CA ALA B 25 6.51 -10.70 9.49
C ALA B 25 6.36 -9.34 8.83
N GLY B 26 5.54 -9.29 7.79
CA GLY B 26 5.34 -8.05 7.06
C GLY B 26 3.87 -7.79 6.80
N SER B 27 3.04 -8.40 7.62
CA SER B 27 1.60 -8.25 7.52
C SER B 27 1.00 -8.05 8.88
N TYR B 28 0.16 -7.03 9.01
CA TYR B 28 -0.45 -6.72 10.29
C TYR B 28 -1.82 -6.11 10.08
N ALA B 29 -2.83 -6.80 10.58
CA ALA B 29 -4.19 -6.31 10.45
C ALA B 29 -4.47 -5.20 11.47
N GLY B 30 -3.68 -5.17 12.54
CA GLY B 30 -3.85 -4.18 13.57
C GLY B 30 -3.61 -2.77 13.08
N ALA B 31 -2.75 -2.64 12.08
CA ALA B 31 -2.45 -1.35 11.48
C ALA B 31 -3.64 -0.87 10.66
N VAL B 32 -4.50 -1.81 10.30
CA VAL B 32 -5.70 -1.52 9.53
C VAL B 32 -6.85 -1.21 10.46
N ASN B 33 -6.95 -1.99 11.52
CA ASN B 33 -8.07 -1.89 12.45
C ASN B 33 -8.03 -0.56 13.21
N ARG B 34 -6.86 0.05 13.28
CA ARG B 34 -6.71 1.32 13.99
C ARG B 34 -6.99 2.50 13.07
N LEU B 35 -7.39 2.20 11.84
CA LEU B 35 -7.67 3.23 10.86
C LEU B 35 -8.99 3.93 11.14
N SER B 36 -9.89 3.22 11.79
CA SER B 36 -11.18 3.79 12.16
C SER B 36 -11.06 4.69 13.38
N SER B 37 -9.84 4.83 13.86
CA SER B 37 -9.54 5.76 14.93
C SER B 37 -9.49 7.17 14.35
N ALA B 38 -9.81 8.16 15.18
CA ALA B 38 -9.85 9.55 14.74
C ALA B 38 -8.47 10.01 14.27
N GLU B 39 -7.44 9.26 14.64
CA GLU B 39 -6.07 9.54 14.25
C GLU B 39 -5.94 9.64 12.75
N ALA B 40 -6.25 8.53 12.08
CA ALA B 40 -6.18 8.47 10.62
C ALA B 40 -7.04 9.56 10.00
N ALA B 41 -8.30 9.61 10.42
CA ALA B 41 -9.27 10.55 9.86
C ALA B 41 -8.81 12.01 10.01
N SER B 42 -7.87 12.24 10.91
CA SER B 42 -7.31 13.57 11.13
C SER B 42 -6.11 13.84 10.22
N ARG B 43 -5.40 12.77 9.84
CA ARG B 43 -4.18 12.91 9.04
C ARG B 43 -4.53 12.81 7.57
N VAL B 44 -5.32 11.80 7.28
CA VAL B 44 -5.75 11.50 5.93
C VAL B 44 -6.48 12.68 5.31
N SER B 45 -7.32 13.33 6.12
CA SER B 45 -8.13 14.45 5.65
C SER B 45 -7.27 15.71 5.44
N SER B 46 -6.06 15.69 5.95
CA SER B 46 -5.16 16.83 5.84
C SER B 46 -4.32 16.73 4.58
N ASN B 47 -4.34 15.56 3.95
CA ASN B 47 -3.50 15.32 2.79
C ASN B 47 -4.34 15.04 1.54
N ILE B 48 -5.65 14.94 1.74
CA ILE B 48 -6.56 14.68 0.62
C ILE B 48 -6.43 15.74 -0.47
N ALA B 49 -6.33 17.00 -0.06
CA ALA B 49 -6.32 18.11 -1.00
C ALA B 49 -4.98 18.22 -1.71
N ALA B 50 -3.98 17.54 -1.17
CA ALA B 50 -2.66 17.55 -1.74
C ALA B 50 -2.61 16.60 -2.93
N ILE B 51 -3.06 15.36 -2.70
CA ILE B 51 -3.08 14.35 -3.74
C ILE B 51 -4.03 14.75 -4.85
N ALA B 52 -5.11 15.43 -4.48
CA ALA B 52 -6.10 15.89 -5.43
C ALA B 52 -5.51 16.91 -6.40
N SER B 53 -4.46 17.58 -5.97
CA SER B 53 -3.86 18.65 -6.76
C SER B 53 -2.60 18.16 -7.50
N GLY B 54 -1.87 17.24 -6.89
CA GLY B 54 -0.64 16.75 -7.49
C GLY B 54 -0.83 15.45 -8.24
N GLY B 55 -1.88 14.71 -7.89
CA GLY B 55 -2.16 13.43 -8.51
C GLY B 55 -1.22 12.36 -8.00
N ALA B 56 0.00 12.40 -8.52
CA ALA B 56 1.04 11.45 -8.13
C ALA B 56 2.26 12.18 -7.61
N SER B 57 2.34 13.47 -7.91
CA SER B 57 3.48 14.28 -7.52
C SER B 57 3.45 14.54 -6.01
N ALA B 58 2.27 14.40 -5.42
CA ALA B 58 2.09 14.69 -4.01
C ALA B 58 2.33 13.44 -3.18
N LEU B 59 2.39 12.30 -3.83
CA LEU B 59 2.56 11.01 -3.15
C LEU B 59 3.81 11.02 -2.25
N PRO B 60 5.03 11.27 -2.80
CA PRO B 60 6.26 11.23 -2.01
C PRO B 60 6.25 12.23 -0.86
N SER B 61 5.43 13.26 -0.98
CA SER B 61 5.32 14.28 0.04
C SER B 61 4.30 13.88 1.11
N VAL B 62 3.19 13.30 0.65
CA VAL B 62 2.07 12.98 1.51
C VAL B 62 2.34 11.72 2.30
N ILE B 63 2.97 10.75 1.65
CA ILE B 63 3.35 9.51 2.31
C ILE B 63 4.28 9.81 3.47
N SER B 64 5.17 10.77 3.26
CA SER B 64 6.14 11.14 4.26
C SER B 64 5.44 11.84 5.43
N ASN B 65 4.45 12.66 5.11
CA ASN B 65 3.68 13.38 6.12
C ASN B 65 2.98 12.41 7.06
N ILE B 66 2.34 11.41 6.47
CA ILE B 66 1.60 10.42 7.24
C ILE B 66 2.55 9.45 7.93
N TYR B 67 3.55 8.98 7.19
CA TYR B 67 4.52 8.02 7.73
C TYR B 67 5.20 8.57 8.97
N SER B 68 5.67 9.81 8.89
CA SER B 68 6.33 10.45 10.02
C SER B 68 5.35 10.56 11.20
N GLY B 69 4.07 10.70 10.89
CA GLY B 69 3.06 10.79 11.93
C GLY B 69 2.82 9.46 12.60
N VAL B 70 2.77 8.42 11.79
CA VAL B 70 2.57 7.07 12.27
C VAL B 70 3.77 6.60 13.10
N VAL B 71 4.96 6.83 12.58
CA VAL B 71 6.19 6.41 13.24
C VAL B 71 6.34 7.11 14.59
N ALA B 72 5.98 8.39 14.64
CA ALA B 72 6.07 9.18 15.87
C ALA B 72 5.01 8.77 16.89
N SER B 73 4.10 7.90 16.48
CA SER B 73 3.04 7.43 17.35
C SER B 73 3.52 6.24 18.19
N GLY B 74 4.65 5.65 17.79
CA GLY B 74 5.17 4.51 18.52
C GLY B 74 4.72 3.19 17.93
N VAL B 75 4.58 3.17 16.62
CA VAL B 75 4.19 1.97 15.90
C VAL B 75 5.42 1.07 15.66
N SER B 76 5.18 -0.20 15.36
CA SER B 76 6.27 -1.10 15.01
C SER B 76 6.90 -0.66 13.69
N SER B 77 8.20 -0.85 13.55
CA SER B 77 8.98 -0.30 12.44
C SER B 77 8.39 -0.65 11.08
N ASN B 78 8.20 -1.93 10.81
CA ASN B 78 7.72 -2.37 9.50
C ASN B 78 6.20 -2.18 9.40
N GLU B 79 5.53 -2.18 10.55
CA GLU B 79 4.09 -2.00 10.60
C GLU B 79 3.73 -0.56 10.22
N ALA B 80 4.65 0.35 10.48
CA ALA B 80 4.48 1.76 10.15
C ALA B 80 4.16 1.95 8.67
N LEU B 81 4.88 1.22 7.82
CA LEU B 81 4.67 1.29 6.38
C LEU B 81 3.24 0.95 6.01
N ILE B 82 2.72 -0.10 6.64
CA ILE B 82 1.37 -0.58 6.35
C ILE B 82 0.33 0.46 6.76
N GLN B 83 0.35 0.85 8.03
CA GLN B 83 -0.61 1.83 8.53
C GLN B 83 -0.53 3.14 7.75
N ALA B 84 0.69 3.63 7.55
CA ALA B 84 0.90 4.88 6.85
C ALA B 84 0.37 4.79 5.42
N LEU B 85 0.54 3.63 4.80
CA LEU B 85 0.04 3.43 3.46
C LEU B 85 -1.47 3.35 3.43
N LEU B 86 -2.04 2.61 4.37
CA LEU B 86 -3.48 2.42 4.40
C LEU B 86 -4.19 3.75 4.66
N GLU B 87 -3.57 4.57 5.49
CA GLU B 87 -4.05 5.93 5.68
C GLU B 87 -3.94 6.73 4.38
N LEU B 88 -2.90 6.44 3.59
CA LEU B 88 -2.74 7.10 2.30
C LEU B 88 -3.80 6.62 1.32
N LEU B 89 -4.01 5.30 1.29
CA LEU B 89 -4.99 4.70 0.40
C LEU B 89 -6.39 5.22 0.67
N SER B 90 -6.57 5.85 1.83
CA SER B 90 -7.85 6.39 2.20
C SER B 90 -7.99 7.84 1.73
N ALA B 91 -6.86 8.54 1.66
CA ALA B 91 -6.87 9.95 1.30
C ALA B 91 -7.21 10.11 -0.18
N LEU B 92 -6.59 9.28 -1.00
CA LEU B 92 -6.67 9.41 -2.45
C LEU B 92 -7.97 8.84 -3.03
N VAL B 93 -8.68 8.01 -2.26
CA VAL B 93 -9.97 7.50 -2.73
C VAL B 93 -11.10 8.40 -2.24
N HIS B 94 -10.85 9.09 -1.14
CA HIS B 94 -11.83 10.01 -0.59
C HIS B 94 -12.06 11.17 -1.55
N VAL B 95 -10.99 11.59 -2.21
CA VAL B 95 -11.07 12.75 -3.10
C VAL B 95 -11.96 12.48 -4.30
N LEU B 96 -12.09 11.21 -4.67
CA LEU B 96 -12.93 10.81 -5.80
C LEU B 96 -14.40 11.10 -5.53
N SER B 97 -14.74 11.23 -4.25
CA SER B 97 -16.13 11.52 -3.87
C SER B 97 -16.54 12.91 -4.33
N SER B 98 -15.57 13.79 -4.57
CA SER B 98 -15.84 15.12 -5.07
C SER B 98 -15.11 15.34 -6.39
N ALA B 99 -14.59 14.25 -6.94
CA ALA B 99 -13.86 14.33 -8.18
C ALA B 99 -14.67 13.71 -9.33
N SER B 100 -15.37 14.56 -10.06
CA SER B 100 -16.14 14.11 -11.19
C SER B 100 -15.21 13.84 -12.37
N ILE B 101 -14.67 12.62 -12.42
CA ILE B 101 -13.74 12.24 -13.48
C ILE B 101 -14.44 12.18 -14.83
N GLY B 102 -13.72 12.56 -15.88
CA GLY B 102 -14.29 12.55 -17.22
C GLY B 102 -14.01 11.25 -17.95
N ASN B 103 -12.98 11.25 -18.76
CA ASN B 103 -12.61 10.08 -19.55
C ASN B 103 -11.12 9.80 -19.44
N VAL B 104 -10.78 8.62 -18.92
CA VAL B 104 -9.40 8.21 -18.81
C VAL B 104 -9.12 7.05 -19.77
N SER B 105 -8.06 7.20 -20.57
CA SER B 105 -7.67 6.16 -21.52
C SER B 105 -6.59 5.27 -20.90
N SER B 106 -6.54 4.02 -21.34
CA SER B 106 -5.60 3.06 -20.80
C SER B 106 -4.19 3.21 -21.41
N VAL B 107 -4.01 4.26 -22.18
CA VAL B 107 -2.73 4.50 -22.85
C VAL B 107 -1.95 5.59 -22.12
N GLY B 108 -0.81 5.21 -21.57
CA GLY B 108 0.04 6.17 -20.90
C GLY B 108 0.33 5.81 -19.46
N VAL B 109 -0.35 4.78 -18.96
CA VAL B 109 -0.21 4.35 -17.58
C VAL B 109 1.21 3.90 -17.26
N ASP B 110 1.90 3.40 -18.29
CA ASP B 110 3.28 2.92 -18.15
C ASP B 110 4.17 3.90 -17.38
N SER B 111 4.04 5.18 -17.71
CA SER B 111 4.84 6.23 -17.09
C SER B 111 4.46 6.43 -15.63
N THR B 112 3.20 6.20 -15.30
CA THR B 112 2.72 6.40 -13.95
C THR B 112 3.29 5.33 -13.03
N LEU B 113 3.65 4.19 -13.60
CA LEU B 113 4.30 3.13 -12.85
C LEU B 113 5.70 3.55 -12.44
N ASN B 114 6.26 4.53 -13.14
CA ASN B 114 7.62 4.98 -12.87
C ASN B 114 7.65 5.89 -11.64
N VAL B 115 6.62 6.72 -11.51
CA VAL B 115 6.58 7.72 -10.44
C VAL B 115 6.11 7.11 -9.12
N VAL B 116 5.31 6.05 -9.19
CA VAL B 116 4.85 5.37 -7.98
C VAL B 116 6.03 4.73 -7.25
N GLN B 117 7.02 4.27 -8.03
CA GLN B 117 8.22 3.67 -7.49
C GLN B 117 9.01 4.67 -6.66
N ASP B 118 8.85 5.93 -7.02
CA ASP B 118 9.60 7.02 -6.42
C ASP B 118 9.04 7.38 -5.05
N SER B 119 7.75 7.15 -4.89
CA SER B 119 7.05 7.57 -3.69
C SER B 119 7.17 6.55 -2.56
N VAL B 120 7.04 5.26 -2.91
CA VAL B 120 6.97 4.21 -1.90
C VAL B 120 8.26 3.39 -1.85
N GLY B 121 9.03 3.43 -2.93
CA GLY B 121 10.23 2.64 -3.03
C GLY B 121 11.25 2.96 -1.96
N GLN B 122 11.15 4.17 -1.41
CA GLN B 122 12.09 4.63 -0.40
C GLN B 122 11.67 4.16 1.00
N TYR B 123 10.57 3.44 1.09
CA TYR B 123 10.11 2.90 2.36
C TYR B 123 10.16 1.38 2.34
N VAL B 124 9.82 0.80 1.20
CA VAL B 124 9.76 -0.66 1.05
C VAL B 124 11.14 -1.23 0.71
N GLY B 125 12.12 -0.36 0.58
CA GLY B 125 13.46 -0.80 0.29
C GLY B 125 14.49 -0.06 1.11
N GLY A 1 -4.49 19.53 17.92
CA GLY A 1 -3.38 18.71 17.39
C GLY A 1 -2.79 17.79 18.44
N SER A 2 -3.26 16.55 18.47
CA SER A 2 -2.73 15.55 19.40
C SER A 2 -1.67 14.70 18.72
N GLY A 3 -1.71 14.67 17.39
CA GLY A 3 -0.74 13.89 16.63
C GLY A 3 0.50 14.70 16.29
N ASN A 4 1.64 14.03 16.23
CA ASN A 4 2.91 14.69 15.97
C ASN A 4 3.72 13.88 14.95
N SER A 5 4.35 14.57 14.01
CA SER A 5 5.11 13.90 12.96
C SER A 5 6.60 14.21 13.08
N VAL A 6 7.41 13.16 13.18
CA VAL A 6 8.85 13.30 13.23
C VAL A 6 9.50 12.46 12.13
N THR A 7 10.16 13.12 11.19
CA THR A 7 10.76 12.42 10.07
C THR A 7 12.23 12.11 10.33
N SER A 8 12.59 10.84 10.23
CA SER A 8 13.96 10.39 10.41
C SER A 8 14.16 9.08 9.66
N GLY A 9 15.31 8.94 8.99
CA GLY A 9 15.58 7.72 8.25
C GLY A 9 17.04 7.59 7.87
N GLY A 10 17.32 7.74 6.58
CA GLY A 10 18.67 7.55 6.08
C GLY A 10 18.76 6.30 5.23
N TYR A 11 19.19 5.21 5.85
CA TYR A 11 19.27 3.92 5.17
C TYR A 11 19.04 2.80 6.18
N GLY A 12 19.18 1.56 5.74
CA GLY A 12 19.02 0.43 6.65
C GLY A 12 17.83 -0.42 6.29
N TYR A 13 16.70 -0.14 6.92
CA TYR A 13 15.48 -0.89 6.65
C TYR A 13 14.81 -0.37 5.38
N GLY A 14 15.10 0.88 5.07
CA GLY A 14 14.63 1.49 3.83
C GLY A 14 15.64 2.50 3.34
N THR A 15 15.73 2.67 2.03
CA THR A 15 16.75 3.54 1.47
C THR A 15 16.17 4.47 0.40
N SER A 16 16.00 3.94 -0.80
CA SER A 16 15.53 4.71 -1.94
C SER A 16 14.87 3.79 -2.95
N ALA A 17 15.62 2.78 -3.38
CA ALA A 17 15.12 1.77 -4.33
C ALA A 17 16.18 0.71 -4.59
N ALA A 18 16.23 -0.30 -3.74
CA ALA A 18 17.14 -1.42 -3.93
C ALA A 18 16.41 -2.60 -4.58
N ALA A 19 17.12 -3.70 -4.79
CA ALA A 19 16.51 -4.90 -5.32
C ALA A 19 15.93 -5.74 -4.20
N GLY A 20 14.97 -5.17 -3.50
CA GLY A 20 14.33 -5.84 -2.39
C GLY A 20 13.53 -7.05 -2.79
N ALA A 21 14.09 -8.22 -2.53
CA ALA A 21 13.43 -9.47 -2.79
C ALA A 21 13.58 -10.36 -1.57
N GLY A 22 12.58 -10.32 -0.70
CA GLY A 22 12.71 -10.93 0.60
C GLY A 22 13.80 -10.29 1.43
N VAL A 23 13.97 -8.98 1.26
CA VAL A 23 15.00 -8.24 1.97
C VAL A 23 14.60 -7.96 3.41
N ALA A 24 13.37 -7.50 3.59
CA ALA A 24 12.85 -7.23 4.92
C ALA A 24 11.64 -8.10 5.19
N ALA A 25 11.03 -7.92 6.34
CA ALA A 25 9.91 -8.76 6.75
C ALA A 25 8.68 -8.49 5.89
N GLY A 26 8.40 -7.22 5.65
CA GLY A 26 7.25 -6.85 4.83
C GLY A 26 7.60 -5.76 3.85
N SER A 27 8.89 -5.56 3.65
CA SER A 27 9.37 -4.54 2.73
C SER A 27 10.26 -5.15 1.66
N TYR A 28 9.90 -4.92 0.40
CA TYR A 28 10.67 -5.42 -0.72
C TYR A 28 10.52 -4.47 -1.90
N ALA A 29 11.59 -3.79 -2.23
CA ALA A 29 11.59 -2.80 -3.30
C ALA A 29 11.64 -3.46 -4.68
N GLY A 30 12.02 -4.73 -4.71
CA GLY A 30 12.09 -5.46 -5.96
C GLY A 30 10.73 -5.58 -6.62
N ALA A 31 9.71 -5.63 -5.78
CA ALA A 31 8.32 -5.68 -6.24
C ALA A 31 7.91 -4.33 -6.84
N VAL A 32 8.74 -3.33 -6.63
CA VAL A 32 8.46 -1.97 -7.07
C VAL A 32 9.15 -1.67 -8.40
N ASN A 33 10.42 -2.09 -8.52
CA ASN A 33 11.19 -1.82 -9.74
C ASN A 33 10.56 -2.48 -10.94
N ARG A 34 9.93 -3.63 -10.70
CA ARG A 34 9.29 -4.40 -11.77
C ARG A 34 8.06 -3.69 -12.35
N LEU A 35 7.59 -2.66 -11.65
CA LEU A 35 6.39 -1.95 -12.06
C LEU A 35 6.61 -1.16 -13.35
N SER A 36 7.87 -0.88 -13.66
CA SER A 36 8.21 -0.08 -14.82
C SER A 36 8.16 -0.94 -16.09
N SER A 37 7.90 -2.23 -15.93
CA SER A 37 7.76 -3.13 -17.05
C SER A 37 6.32 -3.11 -17.54
N ALA A 38 6.12 -3.50 -18.80
CA ALA A 38 4.80 -3.50 -19.42
C ALA A 38 3.83 -4.43 -18.70
N GLU A 39 4.39 -5.33 -17.88
CA GLU A 39 3.60 -6.27 -17.09
C GLU A 39 2.53 -5.53 -16.29
N ALA A 40 2.99 -4.64 -15.43
CA ALA A 40 2.10 -3.85 -14.60
C ALA A 40 1.21 -2.97 -15.48
N ALA A 41 1.84 -2.22 -16.37
CA ALA A 41 1.14 -1.27 -17.22
C ALA A 41 -0.08 -1.90 -17.89
N SER A 42 0.05 -3.16 -18.29
CA SER A 42 -1.04 -3.87 -18.98
C SER A 42 -2.17 -4.26 -18.02
N ARG A 43 -1.88 -4.32 -16.73
CA ARG A 43 -2.87 -4.72 -15.73
C ARG A 43 -3.46 -3.51 -15.07
N VAL A 44 -2.60 -2.55 -14.79
CA VAL A 44 -2.97 -1.32 -14.13
C VAL A 44 -3.91 -0.50 -15.01
N SER A 45 -3.65 -0.47 -16.31
CA SER A 45 -4.45 0.33 -17.24
C SER A 45 -5.78 -0.34 -17.57
N SER A 46 -5.99 -1.53 -17.05
CA SER A 46 -7.22 -2.26 -17.29
C SER A 46 -8.20 -2.00 -16.14
N ASN A 47 -7.67 -1.51 -15.03
CA ASN A 47 -8.46 -1.29 -13.83
C ASN A 47 -8.63 0.20 -13.55
N ILE A 48 -8.00 1.04 -14.37
CA ILE A 48 -8.16 2.48 -14.26
C ILE A 48 -9.60 2.89 -14.47
N ALA A 49 -10.28 2.16 -15.35
CA ALA A 49 -11.67 2.44 -15.70
C ALA A 49 -12.61 1.80 -14.69
N ALA A 50 -12.06 1.15 -13.68
CA ALA A 50 -12.85 0.55 -12.63
C ALA A 50 -12.87 1.45 -11.40
N ILE A 51 -11.69 1.86 -10.96
CA ILE A 51 -11.57 2.70 -9.77
C ILE A 51 -12.20 4.07 -10.02
N ALA A 52 -12.11 4.54 -11.25
CA ALA A 52 -12.67 5.84 -11.62
C ALA A 52 -14.20 5.81 -11.56
N SER A 53 -14.76 4.62 -11.48
CA SER A 53 -16.21 4.46 -11.46
C SER A 53 -16.73 4.27 -10.03
N GLY A 54 -16.02 3.46 -9.25
CA GLY A 54 -16.48 3.16 -7.90
C GLY A 54 -15.79 3.99 -6.83
N GLY A 55 -14.62 4.52 -7.15
CA GLY A 55 -13.85 5.31 -6.20
C GLY A 55 -13.23 4.43 -5.13
N ALA A 56 -14.06 4.01 -4.20
CA ALA A 56 -13.62 3.15 -3.11
C ALA A 56 -14.29 1.79 -3.22
N SER A 57 -15.42 1.75 -3.91
CA SER A 57 -16.18 0.53 -4.08
C SER A 57 -15.47 -0.41 -5.05
N ALA A 58 -14.47 0.13 -5.74
CA ALA A 58 -13.72 -0.63 -6.72
C ALA A 58 -12.51 -1.29 -6.08
N LEU A 59 -12.11 -0.79 -4.93
CA LEU A 59 -10.91 -1.28 -4.24
C LEU A 59 -10.95 -2.80 -4.03
N PRO A 60 -11.97 -3.34 -3.34
CA PRO A 60 -12.03 -4.79 -3.03
C PRO A 60 -12.21 -5.64 -4.29
N SER A 61 -12.46 -5.01 -5.42
CA SER A 61 -12.62 -5.72 -6.68
C SER A 61 -11.35 -5.65 -7.53
N VAL A 62 -10.71 -4.49 -7.51
CA VAL A 62 -9.53 -4.25 -8.35
C VAL A 62 -8.30 -4.87 -7.71
N ILE A 63 -8.19 -4.72 -6.39
CA ILE A 63 -7.10 -5.33 -5.64
C ILE A 63 -7.09 -6.84 -5.85
N SER A 64 -8.28 -7.42 -5.92
CA SER A 64 -8.43 -8.85 -6.10
C SER A 64 -7.94 -9.26 -7.50
N ASN A 65 -8.27 -8.43 -8.49
CA ASN A 65 -7.86 -8.66 -9.86
C ASN A 65 -6.34 -8.69 -9.99
N ILE A 66 -5.72 -7.63 -9.50
CA ILE A 66 -4.27 -7.46 -9.61
C ILE A 66 -3.53 -8.48 -8.75
N TYR A 67 -3.99 -8.68 -7.52
CA TYR A 67 -3.33 -9.59 -6.58
C TYR A 67 -3.21 -10.98 -7.20
N SER A 68 -4.32 -11.50 -7.70
CA SER A 68 -4.35 -12.83 -8.28
C SER A 68 -3.50 -12.90 -9.55
N GLY A 69 -3.27 -11.76 -10.16
CA GLY A 69 -2.42 -11.71 -11.34
C GLY A 69 -0.96 -11.76 -10.97
N VAL A 70 -0.61 -11.07 -9.89
CA VAL A 70 0.76 -11.01 -9.41
C VAL A 70 1.18 -12.33 -8.77
N VAL A 71 0.30 -12.90 -7.95
CA VAL A 71 0.59 -14.16 -7.27
C VAL A 71 0.86 -15.28 -8.26
N ALA A 72 0.13 -15.26 -9.37
CA ALA A 72 0.28 -16.27 -10.42
C ALA A 72 1.64 -16.16 -11.11
N SER A 73 2.38 -15.11 -10.82
CA SER A 73 3.68 -14.88 -11.42
C SER A 73 4.77 -15.66 -10.68
N GLY A 74 4.44 -16.18 -9.51
CA GLY A 74 5.40 -16.95 -8.74
C GLY A 74 6.10 -16.11 -7.69
N VAL A 75 5.38 -15.14 -7.14
CA VAL A 75 5.91 -14.28 -6.09
C VAL A 75 5.40 -14.73 -4.72
N SER A 76 6.14 -14.38 -3.67
CA SER A 76 5.72 -14.71 -2.31
C SER A 76 4.46 -13.94 -1.94
N SER A 77 3.67 -14.49 -1.02
CA SER A 77 2.37 -13.93 -0.66
C SER A 77 2.50 -12.50 -0.13
N ASN A 78 3.38 -12.30 0.85
CA ASN A 78 3.53 -11.00 1.48
C ASN A 78 4.19 -10.01 0.51
N GLU A 79 5.03 -10.54 -0.37
CA GLU A 79 5.70 -9.72 -1.36
C GLU A 79 4.72 -9.34 -2.48
N ALA A 80 3.80 -10.25 -2.77
CA ALA A 80 2.74 -10.01 -3.74
C ALA A 80 1.84 -8.86 -3.29
N LEU A 81 1.56 -8.81 -2.00
CA LEU A 81 0.75 -7.75 -1.41
C LEU A 81 1.31 -6.39 -1.80
N ILE A 82 2.63 -6.28 -1.73
CA ILE A 82 3.31 -5.05 -2.05
C ILE A 82 3.16 -4.71 -3.54
N GLN A 83 3.61 -5.61 -4.41
CA GLN A 83 3.52 -5.38 -5.85
C GLN A 83 2.08 -5.12 -6.28
N ALA A 84 1.16 -5.94 -5.79
CA ALA A 84 -0.26 -5.81 -6.14
C ALA A 84 -0.81 -4.47 -5.69
N LEU A 85 -0.39 -4.03 -4.51
CA LEU A 85 -0.82 -2.73 -4.01
C LEU A 85 -0.20 -1.60 -4.82
N LEU A 86 1.04 -1.77 -5.21
CA LEU A 86 1.74 -0.75 -5.99
C LEU A 86 1.15 -0.63 -7.39
N GLU A 87 0.70 -1.75 -7.93
CA GLU A 87 -0.02 -1.74 -9.20
C GLU A 87 -1.45 -1.21 -9.00
N LEU A 88 -1.88 -1.16 -7.75
CA LEU A 88 -3.18 -0.57 -7.42
C LEU A 88 -3.02 0.93 -7.24
N LEU A 89 -1.97 1.32 -6.55
CA LEU A 89 -1.68 2.72 -6.27
C LEU A 89 -1.30 3.49 -7.52
N SER A 90 -1.09 2.79 -8.62
CA SER A 90 -0.71 3.44 -9.87
C SER A 90 -1.93 3.69 -10.75
N ALA A 91 -2.90 2.78 -10.66
CA ALA A 91 -4.11 2.89 -11.47
C ALA A 91 -4.92 4.12 -11.07
N LEU A 92 -5.07 4.31 -9.77
CA LEU A 92 -5.95 5.35 -9.24
C LEU A 92 -5.33 6.74 -9.28
N VAL A 93 -4.00 6.83 -9.41
CA VAL A 93 -3.36 8.14 -9.54
C VAL A 93 -3.24 8.54 -10.99
N HIS A 94 -3.27 7.55 -11.89
CA HIS A 94 -3.23 7.84 -13.31
C HIS A 94 -4.53 8.48 -13.74
N VAL A 95 -5.63 8.06 -13.14
CA VAL A 95 -6.94 8.57 -13.52
C VAL A 95 -7.06 10.06 -13.20
N LEU A 96 -6.29 10.52 -12.23
CA LEU A 96 -6.27 11.94 -11.85
C LEU A 96 -5.76 12.81 -12.99
N SER A 97 -5.08 12.18 -13.94
CA SER A 97 -4.58 12.89 -15.12
C SER A 97 -5.73 13.41 -15.98
N SER A 98 -6.89 12.78 -15.85
CA SER A 98 -8.06 13.19 -16.62
C SER A 98 -9.25 13.40 -15.68
N ALA A 99 -8.95 13.42 -14.39
CA ALA A 99 -9.97 13.64 -13.38
C ALA A 99 -9.80 15.01 -12.76
N SER A 100 -10.44 16.00 -13.36
CA SER A 100 -10.36 17.36 -12.88
C SER A 100 -11.23 17.51 -11.63
N ILE A 101 -10.63 17.20 -10.49
CA ILE A 101 -11.33 17.23 -9.21
C ILE A 101 -11.74 18.65 -8.81
N GLY A 102 -12.86 18.76 -8.09
CA GLY A 102 -13.32 20.05 -7.65
C GLY A 102 -12.92 20.38 -6.24
N ASN A 103 -13.87 20.33 -5.32
CA ASN A 103 -13.61 20.63 -3.92
C ASN A 103 -14.04 19.47 -3.03
N VAL A 104 -13.09 18.87 -2.34
CA VAL A 104 -13.37 17.75 -1.46
C VAL A 104 -13.41 18.19 -0.01
N SER A 105 -14.33 17.61 0.75
CA SER A 105 -14.49 17.95 2.15
C SER A 105 -13.64 17.05 3.02
N SER A 106 -13.13 17.59 4.11
CA SER A 106 -12.36 16.81 5.07
C SER A 106 -13.29 16.07 6.02
N VAL A 107 -14.59 16.27 5.83
CA VAL A 107 -15.60 15.72 6.73
C VAL A 107 -16.12 14.38 6.19
N GLY A 108 -15.71 13.30 6.84
CA GLY A 108 -16.19 11.99 6.47
C GLY A 108 -15.07 11.04 6.11
N VAL A 109 -13.84 11.54 6.14
CA VAL A 109 -12.67 10.72 5.83
C VAL A 109 -12.57 9.54 6.79
N ASP A 110 -12.95 9.78 8.05
CA ASP A 110 -12.92 8.74 9.08
C ASP A 110 -13.73 7.53 8.61
N SER A 111 -14.88 7.81 7.99
CA SER A 111 -15.79 6.78 7.52
C SER A 111 -15.23 6.06 6.29
N THR A 112 -14.52 6.79 5.42
CA THR A 112 -13.90 6.17 4.25
C THR A 112 -12.84 5.18 4.69
N LEU A 113 -12.16 5.51 5.79
CA LEU A 113 -11.15 4.63 6.35
C LEU A 113 -11.75 3.30 6.78
N ASN A 114 -13.04 3.28 7.05
CA ASN A 114 -13.73 2.04 7.42
C ASN A 114 -13.76 1.07 6.24
N VAL A 115 -13.83 1.62 5.04
CA VAL A 115 -13.95 0.81 3.83
C VAL A 115 -12.60 0.29 3.39
N VAL A 116 -11.56 1.12 3.53
CA VAL A 116 -10.22 0.72 3.11
C VAL A 116 -9.76 -0.50 3.91
N GLN A 117 -10.25 -0.59 5.16
CA GLN A 117 -9.90 -1.68 6.06
C GLN A 117 -10.44 -3.00 5.55
N ASP A 118 -11.44 -2.91 4.69
CA ASP A 118 -12.13 -4.10 4.18
C ASP A 118 -11.42 -4.63 2.95
N SER A 119 -10.86 -3.72 2.18
CA SER A 119 -10.27 -4.06 0.90
C SER A 119 -8.87 -4.65 1.05
N VAL A 120 -8.06 -4.04 1.89
CA VAL A 120 -6.66 -4.44 2.03
C VAL A 120 -6.42 -5.17 3.35
N GLY A 121 -7.29 -4.93 4.33
CA GLY A 121 -7.13 -5.52 5.65
C GLY A 121 -7.12 -7.04 5.62
N GLN A 122 -7.79 -7.61 4.63
CA GLN A 122 -7.88 -9.06 4.50
C GLN A 122 -6.64 -9.64 3.82
N TYR A 123 -5.74 -8.78 3.36
CA TYR A 123 -4.50 -9.24 2.73
C TYR A 123 -3.32 -9.03 3.66
N VAL A 124 -3.42 -8.01 4.51
CA VAL A 124 -2.38 -7.72 5.49
C VAL A 124 -2.64 -8.47 6.80
N GLY A 125 -3.77 -9.17 6.87
CA GLY A 125 -4.10 -9.91 8.06
C GLY A 125 -4.25 -11.40 7.79
N GLY B 1 -4.57 -7.43 -20.90
CA GLY B 1 -5.56 -8.48 -20.70
C GLY B 1 -4.92 -9.85 -20.69
N SER B 2 -3.60 -9.88 -20.69
CA SER B 2 -2.86 -11.13 -20.66
C SER B 2 -2.44 -11.47 -19.24
N GLY B 3 -3.11 -12.44 -18.64
CA GLY B 3 -2.77 -12.87 -17.30
C GLY B 3 -3.93 -13.55 -16.61
N ASN B 4 -3.74 -14.83 -16.29
CA ASN B 4 -4.76 -15.60 -15.60
C ASN B 4 -4.69 -15.33 -14.10
N SER B 5 -5.81 -14.89 -13.53
CA SER B 5 -5.84 -14.55 -12.12
C SER B 5 -6.00 -15.79 -11.25
N VAL B 6 -4.91 -16.20 -10.61
CA VAL B 6 -4.94 -17.33 -9.69
C VAL B 6 -4.91 -16.80 -8.25
N THR B 7 -5.87 -17.23 -7.46
CA THR B 7 -6.00 -16.73 -6.10
C THR B 7 -5.70 -17.83 -5.09
N SER B 8 -5.78 -17.50 -3.81
CA SER B 8 -5.51 -18.45 -2.74
C SER B 8 -6.48 -18.23 -1.59
N GLY B 9 -7.56 -19.00 -1.57
CA GLY B 9 -8.55 -18.86 -0.53
C GLY B 9 -8.23 -19.73 0.66
N GLY B 10 -7.29 -19.29 1.48
CA GLY B 10 -6.87 -20.06 2.62
C GLY B 10 -7.01 -19.32 3.93
N TYR B 11 -6.12 -19.61 4.86
CA TYR B 11 -6.15 -19.01 6.18
C TYR B 11 -4.74 -19.01 6.78
N GLY B 12 -4.64 -18.72 8.07
CA GLY B 12 -3.36 -18.69 8.73
C GLY B 12 -2.69 -17.34 8.64
N TYR B 13 -1.85 -17.17 7.63
CA TYR B 13 -1.11 -15.92 7.44
C TYR B 13 -2.05 -14.84 6.91
N GLY B 14 -3.03 -15.25 6.12
CA GLY B 14 -3.99 -14.32 5.58
C GLY B 14 -5.40 -14.84 5.70
N THR B 15 -6.25 -14.11 6.40
CA THR B 15 -7.63 -14.54 6.63
C THR B 15 -8.60 -13.39 6.36
N SER B 16 -9.88 -13.65 6.57
CA SER B 16 -10.90 -12.63 6.44
C SER B 16 -10.70 -11.54 7.47
N ALA B 17 -10.52 -11.94 8.72
CA ALA B 17 -10.33 -11.00 9.81
C ALA B 17 -9.47 -11.62 10.90
N ALA B 18 -8.21 -11.25 10.93
CA ALA B 18 -7.29 -11.74 11.95
C ALA B 18 -6.96 -10.64 12.95
N ALA B 19 -6.17 -10.99 13.95
CA ALA B 19 -5.75 -10.03 14.96
C ALA B 19 -4.68 -9.08 14.39
N GLY B 20 -4.27 -8.10 15.17
CA GLY B 20 -3.30 -7.15 14.69
C GLY B 20 -2.31 -6.72 15.74
N ALA B 21 -1.50 -5.73 15.39
CA ALA B 21 -0.46 -5.18 16.26
C ALA B 21 0.65 -6.20 16.50
N GLY B 22 1.62 -6.21 15.60
CA GLY B 22 2.75 -7.12 15.70
C GLY B 22 2.33 -8.58 15.58
N VAL B 23 1.51 -8.89 14.59
CA VAL B 23 1.04 -10.27 14.40
C VAL B 23 2.01 -11.10 13.57
N ALA B 24 2.25 -10.68 12.35
CA ALA B 24 3.10 -11.45 11.45
C ALA B 24 4.40 -10.70 11.18
N ALA B 25 5.21 -11.25 10.29
CA ALA B 25 6.48 -10.63 9.95
C ALA B 25 6.29 -9.33 9.21
N GLY B 26 5.51 -9.39 8.13
CA GLY B 26 5.32 -8.21 7.30
C GLY B 26 3.85 -7.95 7.05
N SER B 27 3.02 -8.49 7.92
CA SER B 27 1.59 -8.33 7.81
C SER B 27 0.98 -8.04 9.17
N TYR B 28 0.14 -7.03 9.23
CA TYR B 28 -0.49 -6.64 10.47
C TYR B 28 -1.85 -6.03 10.20
N ALA B 29 -2.88 -6.63 10.75
CA ALA B 29 -4.24 -6.13 10.58
C ALA B 29 -4.56 -5.02 11.56
N GLY B 30 -3.79 -4.95 12.64
CA GLY B 30 -4.02 -3.95 13.66
C GLY B 30 -3.74 -2.55 13.17
N ALA B 31 -2.84 -2.45 12.21
CA ALA B 31 -2.53 -1.18 11.58
C ALA B 31 -3.69 -0.72 10.72
N VAL B 32 -4.61 -1.64 10.47
CA VAL B 32 -5.78 -1.37 9.64
C VAL B 32 -6.98 -1.01 10.52
N ASN B 33 -7.21 -1.78 11.57
CA ASN B 33 -8.38 -1.58 12.42
C ASN B 33 -8.35 -0.20 13.09
N ARG B 34 -7.16 0.36 13.23
CA ARG B 34 -6.99 1.61 13.94
C ARG B 34 -7.08 2.81 13.00
N LEU B 35 -7.47 2.54 11.76
CA LEU B 35 -7.61 3.57 10.75
C LEU B 35 -8.84 4.42 11.01
N SER B 36 -9.83 3.84 11.67
CA SER B 36 -11.05 4.56 12.03
C SER B 36 -10.84 5.34 13.32
N SER B 37 -9.59 5.58 13.66
CA SER B 37 -9.26 6.39 14.81
C SER B 37 -9.02 7.83 14.37
N ALA B 38 -9.30 8.78 15.26
CA ALA B 38 -9.15 10.20 14.96
C ALA B 38 -7.73 10.53 14.51
N GLU B 39 -6.76 9.70 14.89
CA GLU B 39 -5.38 9.88 14.50
C GLU B 39 -5.25 9.91 12.98
N ALA B 40 -5.75 8.85 12.34
CA ALA B 40 -5.70 8.75 10.88
C ALA B 40 -6.58 9.80 10.23
N ALA B 41 -7.85 9.82 10.62
CA ALA B 41 -8.83 10.72 10.01
C ALA B 41 -8.34 12.16 9.95
N SER B 42 -7.63 12.59 10.98
CA SER B 42 -7.11 13.95 11.05
C SER B 42 -5.84 14.15 10.22
N ARG B 43 -5.24 13.05 9.78
CA ARG B 43 -4.05 13.12 8.92
C ARG B 43 -4.45 12.93 7.48
N VAL B 44 -5.27 11.92 7.26
CA VAL B 44 -5.76 11.56 5.94
C VAL B 44 -6.55 12.71 5.31
N SER B 45 -7.31 13.43 6.14
CA SER B 45 -8.10 14.56 5.67
C SER B 45 -7.23 15.76 5.33
N SER B 46 -5.96 15.68 5.70
CA SER B 46 -5.00 16.72 5.39
C SER B 46 -4.30 16.39 4.07
N ASN B 47 -4.46 15.13 3.67
CA ASN B 47 -3.76 14.61 2.50
C ASN B 47 -4.67 14.69 1.28
N ILE B 48 -5.97 14.65 1.53
CA ILE B 48 -6.96 14.70 0.47
C ILE B 48 -6.80 15.95 -0.39
N ALA B 49 -6.51 17.08 0.24
CA ALA B 49 -6.40 18.35 -0.48
C ALA B 49 -5.03 18.49 -1.13
N ALA B 50 -4.14 17.57 -0.81
CA ALA B 50 -2.79 17.59 -1.35
C ALA B 50 -2.71 16.71 -2.58
N ILE B 51 -3.19 15.48 -2.44
CA ILE B 51 -3.18 14.52 -3.53
C ILE B 51 -4.08 15.00 -4.67
N ALA B 52 -5.17 15.66 -4.31
CA ALA B 52 -6.11 16.18 -5.29
C ALA B 52 -5.51 17.34 -6.09
N SER B 53 -4.33 17.78 -5.70
CA SER B 53 -3.69 18.92 -6.34
C SER B 53 -2.58 18.48 -7.29
N GLY B 54 -2.20 17.20 -7.24
CA GLY B 54 -1.10 16.72 -8.07
C GLY B 54 -1.34 15.34 -8.64
N GLY B 55 -2.13 14.54 -7.95
CA GLY B 55 -2.39 13.18 -8.39
C GLY B 55 -1.33 12.22 -7.91
N ALA B 56 -0.16 12.30 -8.50
CA ALA B 56 0.94 11.42 -8.14
C ALA B 56 2.12 12.22 -7.60
N SER B 57 2.18 13.49 -7.94
CA SER B 57 3.30 14.35 -7.55
C SER B 57 3.28 14.64 -6.05
N ALA B 58 2.12 14.46 -5.45
CA ALA B 58 1.94 14.76 -4.04
C ALA B 58 2.25 13.55 -3.18
N LEU B 59 2.34 12.38 -3.82
CA LEU B 59 2.54 11.12 -3.11
C LEU B 59 3.80 11.15 -2.23
N PRO B 60 5.00 11.42 -2.80
CA PRO B 60 6.24 11.41 -2.03
C PRO B 60 6.24 12.45 -0.91
N SER B 61 5.47 13.51 -1.07
CA SER B 61 5.41 14.58 -0.08
C SER B 61 4.37 14.27 1.00
N VAL B 62 3.39 13.44 0.65
CA VAL B 62 2.31 13.12 1.56
C VAL B 62 2.62 11.85 2.34
N ILE B 63 3.18 10.85 1.66
CA ILE B 63 3.53 9.60 2.31
C ILE B 63 4.57 9.83 3.41
N SER B 64 5.51 10.73 3.14
CA SER B 64 6.55 11.04 4.10
C SER B 64 5.93 11.70 5.34
N ASN B 65 4.91 12.53 5.12
CA ASN B 65 4.20 13.18 6.21
C ASN B 65 3.52 12.14 7.10
N ILE B 66 2.77 11.25 6.47
CA ILE B 66 2.02 10.23 7.20
C ILE B 66 2.95 9.26 7.89
N TYR B 67 3.96 8.77 7.17
CA TYR B 67 4.91 7.81 7.72
C TYR B 67 5.57 8.37 8.97
N SER B 68 6.05 9.60 8.87
CA SER B 68 6.71 10.27 10.00
C SER B 68 5.75 10.47 11.16
N GLY B 69 4.46 10.53 10.84
CA GLY B 69 3.45 10.64 11.87
C GLY B 69 3.19 9.30 12.54
N VAL B 70 3.10 8.27 11.72
CA VAL B 70 2.85 6.92 12.18
C VAL B 70 4.00 6.41 13.05
N VAL B 71 5.23 6.61 12.57
CA VAL B 71 6.40 6.17 13.30
C VAL B 71 6.51 6.87 14.66
N ALA B 72 6.19 8.16 14.68
CA ALA B 72 6.27 8.96 15.90
C ALA B 72 5.20 8.54 16.91
N SER B 73 4.21 7.77 16.45
CA SER B 73 3.15 7.29 17.29
C SER B 73 3.65 6.20 18.24
N GLY B 74 4.71 5.50 17.82
CA GLY B 74 5.22 4.40 18.61
C GLY B 74 4.83 3.05 18.02
N VAL B 75 4.87 2.97 16.71
CA VAL B 75 4.53 1.75 15.99
C VAL B 75 5.80 0.97 15.64
N SER B 76 5.66 -0.31 15.31
CA SER B 76 6.78 -1.12 14.85
C SER B 76 7.29 -0.60 13.50
N SER B 77 8.56 -0.84 13.22
CA SER B 77 9.21 -0.29 12.04
C SER B 77 8.50 -0.66 10.73
N ASN B 78 8.33 -1.95 10.48
CA ASN B 78 7.73 -2.40 9.24
C ASN B 78 6.21 -2.26 9.28
N GLU B 79 5.68 -2.24 10.49
CA GLU B 79 4.25 -2.08 10.72
C GLU B 79 3.82 -0.66 10.38
N ALA B 80 4.76 0.27 10.54
CA ALA B 80 4.54 1.67 10.20
C ALA B 80 4.24 1.82 8.72
N LEU B 81 4.96 1.06 7.89
CA LEU B 81 4.77 1.10 6.45
C LEU B 81 3.33 0.81 6.10
N ILE B 82 2.79 -0.23 6.71
CA ILE B 82 1.44 -0.67 6.44
C ILE B 82 0.44 0.41 6.83
N GLN B 83 0.45 0.84 8.09
CA GLN B 83 -0.47 1.87 8.56
C GLN B 83 -0.32 3.15 7.74
N ALA B 84 0.91 3.57 7.51
CA ALA B 84 1.17 4.80 6.76
C ALA B 84 0.60 4.70 5.36
N LEU B 85 0.71 3.53 4.74
CA LEU B 85 0.16 3.31 3.43
C LEU B 85 -1.36 3.25 3.46
N LEU B 86 -1.90 2.55 4.45
CA LEU B 86 -3.36 2.42 4.58
C LEU B 86 -4.03 3.78 4.71
N GLU B 87 -3.42 4.65 5.52
CA GLU B 87 -3.90 6.01 5.67
C GLU B 87 -3.78 6.78 4.34
N LEU B 88 -2.74 6.46 3.58
CA LEU B 88 -2.54 7.09 2.28
C LEU B 88 -3.62 6.60 1.31
N LEU B 89 -3.94 5.31 1.40
CA LEU B 89 -4.90 4.69 0.51
C LEU B 89 -6.30 5.27 0.73
N SER B 90 -6.49 5.93 1.85
CA SER B 90 -7.82 6.41 2.22
C SER B 90 -8.03 7.84 1.73
N ALA B 91 -6.94 8.60 1.69
CA ALA B 91 -7.02 10.00 1.30
C ALA B 91 -7.40 10.15 -0.16
N LEU B 92 -6.81 9.30 -1.00
CA LEU B 92 -6.95 9.44 -2.45
C LEU B 92 -8.24 8.82 -2.98
N VAL B 93 -8.86 7.91 -2.22
CA VAL B 93 -10.13 7.33 -2.67
C VAL B 93 -11.30 8.16 -2.17
N HIS B 94 -11.07 8.93 -1.11
CA HIS B 94 -12.09 9.82 -0.58
C HIS B 94 -12.34 10.96 -1.56
N VAL B 95 -11.27 11.45 -2.19
CA VAL B 95 -11.38 12.62 -3.05
C VAL B 95 -12.22 12.34 -4.30
N LEU B 96 -12.24 11.09 -4.75
CA LEU B 96 -13.01 10.71 -5.94
C LEU B 96 -14.50 10.95 -5.73
N SER B 97 -14.91 11.00 -4.47
CA SER B 97 -16.32 11.19 -4.13
C SER B 97 -16.82 12.56 -4.61
N SER B 98 -15.91 13.51 -4.79
CA SER B 98 -16.29 14.83 -5.27
C SER B 98 -15.45 15.19 -6.50
N ALA B 99 -14.76 14.20 -7.03
CA ALA B 99 -13.97 14.37 -8.24
C ALA B 99 -14.70 13.78 -9.43
N SER B 100 -15.38 14.62 -10.18
CA SER B 100 -16.10 14.18 -11.37
C SER B 100 -15.11 13.90 -12.50
N ILE B 101 -14.66 12.65 -12.57
CA ILE B 101 -13.70 12.25 -13.58
C ILE B 101 -14.32 12.16 -14.98
N GLY B 102 -13.52 12.51 -16.00
CA GLY B 102 -13.99 12.43 -17.36
C GLY B 102 -13.65 11.11 -18.01
N ASN B 103 -12.78 11.14 -19.01
CA ASN B 103 -12.39 9.93 -19.72
C ASN B 103 -10.90 9.69 -19.60
N VAL B 104 -10.55 8.58 -18.97
CA VAL B 104 -9.16 8.21 -18.81
C VAL B 104 -8.74 7.18 -19.85
N SER B 105 -7.47 7.17 -20.19
CA SER B 105 -6.97 6.29 -21.22
C SER B 105 -5.90 5.36 -20.64
N SER B 106 -5.62 4.27 -21.34
CA SER B 106 -4.63 3.30 -20.91
C SER B 106 -3.22 3.76 -21.29
N VAL B 107 -3.14 4.92 -21.94
CA VAL B 107 -1.88 5.43 -22.45
C VAL B 107 -1.19 6.32 -21.42
N GLY B 108 -0.08 5.83 -20.89
CA GLY B 108 0.74 6.64 -20.01
C GLY B 108 0.92 6.02 -18.63
N VAL B 109 0.13 5.00 -18.34
CA VAL B 109 0.20 4.29 -17.06
C VAL B 109 1.59 3.73 -16.87
N ASP B 110 2.22 3.32 -17.96
CA ASP B 110 3.57 2.78 -17.95
C ASP B 110 4.52 3.76 -17.26
N SER B 111 4.36 5.04 -17.58
CA SER B 111 5.20 6.10 -17.04
C SER B 111 4.76 6.49 -15.63
N THR B 112 3.44 6.46 -15.38
CA THR B 112 2.92 6.77 -14.06
C THR B 112 3.46 5.78 -13.03
N LEU B 113 3.66 4.55 -13.46
CA LEU B 113 4.23 3.51 -12.62
C LEU B 113 5.64 3.86 -12.19
N ASN B 114 6.34 4.64 -13.00
CA ASN B 114 7.70 5.07 -12.66
C ASN B 114 7.67 6.03 -11.47
N VAL B 115 6.54 6.70 -11.29
CA VAL B 115 6.39 7.70 -10.24
C VAL B 115 5.98 7.03 -8.92
N VAL B 116 5.10 6.03 -9.01
CA VAL B 116 4.62 5.35 -7.81
C VAL B 116 5.78 4.64 -7.10
N GLN B 117 6.78 4.25 -7.88
CA GLN B 117 7.95 3.56 -7.35
C GLN B 117 8.79 4.50 -6.49
N ASP B 118 8.75 5.77 -6.84
CA ASP B 118 9.57 6.78 -6.20
C ASP B 118 9.05 7.06 -4.79
N SER B 119 7.73 7.09 -4.67
CA SER B 119 7.08 7.56 -3.46
C SER B 119 7.19 6.56 -2.31
N VAL B 120 7.01 5.29 -2.61
CA VAL B 120 6.96 4.27 -1.56
C VAL B 120 8.16 3.32 -1.64
N GLY B 121 8.83 3.30 -2.78
CA GLY B 121 9.97 2.42 -2.97
C GLY B 121 11.04 2.60 -1.93
N GLN B 122 11.19 3.83 -1.44
CA GLN B 122 12.24 4.16 -0.48
C GLN B 122 11.85 3.75 0.95
N TYR B 123 10.65 3.19 1.11
CA TYR B 123 10.20 2.74 2.41
C TYR B 123 10.09 1.22 2.44
N VAL B 124 9.95 0.63 1.26
CA VAL B 124 9.94 -0.82 1.13
C VAL B 124 11.32 -1.36 0.77
N GLY B 125 12.27 -0.47 0.55
CA GLY B 125 13.62 -0.89 0.22
C GLY B 125 14.48 0.27 -0.27
N GLY A 1 15.25 -28.80 13.84
CA GLY A 1 16.40 -28.23 14.58
C GLY A 1 15.95 -27.30 15.69
N SER A 2 16.62 -26.17 15.82
CA SER A 2 16.26 -25.17 16.82
C SER A 2 15.48 -24.03 16.18
N GLY A 3 14.36 -23.64 16.81
CA GLY A 3 13.52 -22.61 16.25
C GLY A 3 14.05 -21.21 16.50
N ASN A 4 15.08 -21.11 17.34
CA ASN A 4 15.69 -19.83 17.66
C ASN A 4 16.24 -19.19 16.39
N SER A 5 15.87 -17.96 16.14
CA SER A 5 16.16 -17.31 14.88
C SER A 5 17.28 -16.28 15.01
N VAL A 6 18.16 -16.24 14.02
CA VAL A 6 19.23 -15.25 13.99
C VAL A 6 18.76 -14.00 13.25
N THR A 7 18.08 -14.21 12.14
CA THR A 7 17.47 -13.16 11.30
C THR A 7 18.48 -12.11 10.81
N SER A 8 18.74 -11.10 11.63
CA SER A 8 19.47 -9.92 11.19
C SER A 8 20.97 -10.15 11.12
N GLY A 9 21.62 -9.41 10.23
CA GLY A 9 23.06 -9.48 10.07
C GLY A 9 23.47 -9.19 8.65
N GLY A 10 24.78 -9.15 8.39
CA GLY A 10 25.26 -8.93 7.03
C GLY A 10 25.14 -10.17 6.15
N TYR A 11 24.18 -11.01 6.50
CA TYR A 11 23.93 -12.25 5.78
C TYR A 11 22.44 -12.60 5.82
N GLY A 12 21.63 -11.68 6.32
CA GLY A 12 20.23 -11.96 6.51
C GLY A 12 19.37 -11.28 5.48
N TYR A 13 18.70 -12.09 4.65
CA TYR A 13 17.83 -11.61 3.59
C TYR A 13 18.60 -10.72 2.60
N GLY A 14 19.91 -10.88 2.59
CA GLY A 14 20.76 -10.08 1.74
C GLY A 14 22.15 -9.95 2.34
N THR A 15 23.15 -10.49 1.65
CA THR A 15 24.50 -10.49 2.15
C THR A 15 25.26 -9.24 1.72
N SER A 16 25.83 -9.28 0.53
CA SER A 16 26.65 -8.20 0.01
C SER A 16 25.82 -6.98 -0.34
N ALA A 17 24.77 -7.20 -1.12
CA ALA A 17 23.96 -6.12 -1.60
C ALA A 17 22.49 -6.52 -1.65
N ALA A 18 21.71 -5.94 -0.75
CA ALA A 18 20.28 -6.15 -0.73
C ALA A 18 19.61 -5.43 -1.89
N ALA A 19 19.28 -6.18 -2.94
CA ALA A 19 18.67 -5.59 -4.13
C ALA A 19 17.18 -5.33 -3.91
N GLY A 20 16.43 -6.36 -3.56
CA GLY A 20 15.01 -6.18 -3.31
C GLY A 20 14.19 -7.40 -3.66
N ALA A 21 14.45 -8.50 -2.98
CA ALA A 21 13.70 -9.73 -3.19
C ALA A 21 13.78 -10.58 -1.94
N GLY A 22 12.76 -10.48 -1.11
CA GLY A 22 12.82 -11.07 0.21
C GLY A 22 13.91 -10.48 1.05
N VAL A 23 14.06 -9.15 0.97
CA VAL A 23 15.10 -8.44 1.69
C VAL A 23 14.65 -8.10 3.11
N ALA A 24 13.35 -8.02 3.29
CA ALA A 24 12.80 -7.76 4.60
C ALA A 24 11.51 -8.54 4.78
N ALA A 25 10.90 -8.41 5.94
CA ALA A 25 9.69 -9.14 6.25
C ALA A 25 8.52 -8.66 5.39
N GLY A 26 8.39 -7.34 5.25
CA GLY A 26 7.31 -6.78 4.47
C GLY A 26 7.78 -5.66 3.58
N SER A 27 9.08 -5.63 3.32
CA SER A 27 9.67 -4.60 2.48
C SER A 27 10.55 -5.22 1.41
N TYR A 28 10.24 -4.91 0.16
CA TYR A 28 11.00 -5.41 -0.97
C TYR A 28 10.90 -4.44 -2.13
N ALA A 29 12.03 -3.95 -2.59
CA ALA A 29 12.05 -2.96 -3.65
C ALA A 29 11.89 -3.59 -5.02
N GLY A 30 12.19 -4.89 -5.13
CA GLY A 30 12.06 -5.58 -6.40
C GLY A 30 10.63 -5.60 -6.90
N ALA A 31 9.69 -5.63 -5.96
CA ALA A 31 8.28 -5.62 -6.29
C ALA A 31 7.87 -4.26 -6.83
N VAL A 32 8.77 -3.29 -6.69
CA VAL A 32 8.51 -1.92 -7.12
C VAL A 32 9.12 -1.69 -8.50
N ASN A 33 10.33 -2.18 -8.73
CA ASN A 33 11.01 -1.97 -10.02
C ASN A 33 10.24 -2.66 -11.15
N ARG A 34 9.65 -3.80 -10.82
CA ARG A 34 8.88 -4.59 -11.77
C ARG A 34 7.70 -3.80 -12.36
N LEU A 35 7.32 -2.72 -11.68
CA LEU A 35 6.18 -1.91 -12.09
C LEU A 35 6.45 -1.18 -13.39
N SER A 36 7.71 -0.91 -13.66
CA SER A 36 8.08 -0.16 -14.85
C SER A 36 8.04 -1.05 -16.09
N SER A 37 7.75 -2.33 -15.89
CA SER A 37 7.59 -3.24 -17.00
C SER A 37 6.16 -3.16 -17.51
N ALA A 38 5.96 -3.52 -18.78
CA ALA A 38 4.65 -3.41 -19.42
C ALA A 38 3.62 -4.31 -18.75
N GLU A 39 4.10 -5.26 -17.96
CA GLU A 39 3.23 -6.18 -17.24
C GLU A 39 2.26 -5.43 -16.35
N ALA A 40 2.79 -4.59 -15.47
CA ALA A 40 1.94 -3.75 -14.61
C ALA A 40 1.08 -2.85 -15.46
N ALA A 41 1.69 -2.18 -16.43
CA ALA A 41 0.99 -1.25 -17.29
C ALA A 41 -0.19 -1.91 -18.02
N SER A 42 -0.20 -3.24 -18.04
CA SER A 42 -1.27 -3.99 -18.69
C SER A 42 -2.37 -4.41 -17.69
N ARG A 43 -2.06 -4.36 -16.40
CA ARG A 43 -3.05 -4.72 -15.38
C ARG A 43 -3.60 -3.46 -14.74
N VAL A 44 -2.70 -2.53 -14.47
CA VAL A 44 -3.04 -1.25 -13.86
C VAL A 44 -3.99 -0.45 -14.75
N SER A 45 -3.74 -0.47 -16.05
CA SER A 45 -4.55 0.28 -17.01
C SER A 45 -5.92 -0.38 -17.23
N SER A 46 -6.08 -1.58 -16.70
CA SER A 46 -7.34 -2.31 -16.84
C SER A 46 -8.26 -1.94 -15.69
N ASN A 47 -7.71 -1.36 -14.64
CA ASN A 47 -8.46 -1.09 -13.44
C ASN A 47 -8.56 0.41 -13.17
N ILE A 48 -7.93 1.21 -14.04
CA ILE A 48 -8.00 2.66 -13.92
C ILE A 48 -9.44 3.15 -13.99
N ALA A 49 -10.22 2.57 -14.90
CA ALA A 49 -11.60 2.99 -15.10
C ALA A 49 -12.50 2.45 -14.00
N ALA A 50 -12.00 1.47 -13.28
CA ALA A 50 -12.76 0.85 -12.20
C ALA A 50 -12.73 1.72 -10.97
N ILE A 51 -11.53 2.13 -10.56
CA ILE A 51 -11.36 2.98 -9.40
C ILE A 51 -11.93 4.37 -9.67
N ALA A 52 -11.87 4.78 -10.93
CA ALA A 52 -12.40 6.08 -11.34
C ALA A 52 -13.91 6.15 -11.11
N SER A 53 -14.56 4.99 -11.17
CA SER A 53 -16.00 4.92 -11.01
C SER A 53 -16.39 4.59 -9.57
N GLY A 54 -15.78 3.54 -9.02
CA GLY A 54 -16.15 3.09 -7.69
C GLY A 54 -15.52 3.91 -6.59
N GLY A 55 -14.39 4.53 -6.89
CA GLY A 55 -13.67 5.33 -5.91
C GLY A 55 -13.00 4.47 -4.87
N ALA A 56 -13.80 4.01 -3.92
CA ALA A 56 -13.31 3.17 -2.85
C ALA A 56 -13.96 1.79 -2.91
N SER A 57 -15.11 1.72 -3.57
CA SER A 57 -15.86 0.49 -3.68
C SER A 57 -15.19 -0.46 -4.68
N ALA A 58 -14.28 0.08 -5.47
CA ALA A 58 -13.57 -0.70 -6.46
C ALA A 58 -12.31 -1.30 -5.88
N LEU A 59 -11.87 -0.76 -4.74
CA LEU A 59 -10.62 -1.18 -4.11
C LEU A 59 -10.58 -2.69 -3.87
N PRO A 60 -11.56 -3.25 -3.12
CA PRO A 60 -11.55 -4.68 -2.77
C PRO A 60 -11.61 -5.58 -4.01
N SER A 61 -12.10 -5.03 -5.11
CA SER A 61 -12.20 -5.79 -6.34
C SER A 61 -10.92 -5.68 -7.16
N VAL A 62 -10.36 -4.48 -7.21
CA VAL A 62 -9.21 -4.20 -8.04
C VAL A 62 -7.94 -4.75 -7.39
N ILE A 63 -7.84 -4.58 -6.08
CA ILE A 63 -6.72 -5.12 -5.31
C ILE A 63 -6.64 -6.63 -5.50
N SER A 64 -7.79 -7.28 -5.51
CA SER A 64 -7.85 -8.73 -5.66
C SER A 64 -7.47 -9.12 -7.08
N ASN A 65 -7.93 -8.33 -8.06
CA ASN A 65 -7.61 -8.56 -9.46
C ASN A 65 -6.11 -8.55 -9.69
N ILE A 66 -5.46 -7.58 -9.10
CA ILE A 66 -4.02 -7.44 -9.24
C ILE A 66 -3.28 -8.46 -8.40
N TYR A 67 -3.68 -8.58 -7.13
CA TYR A 67 -3.05 -9.51 -6.20
C TYR A 67 -2.98 -10.92 -6.78
N SER A 68 -4.14 -11.43 -7.17
CA SER A 68 -4.23 -12.79 -7.68
C SER A 68 -3.44 -12.93 -8.97
N GLY A 69 -3.34 -11.83 -9.72
CA GLY A 69 -2.63 -11.84 -10.98
C GLY A 69 -1.13 -11.99 -10.79
N VAL A 70 -0.61 -11.41 -9.72
CA VAL A 70 0.81 -11.48 -9.43
C VAL A 70 1.15 -12.80 -8.73
N VAL A 71 0.27 -13.22 -7.81
CA VAL A 71 0.49 -14.47 -7.08
C VAL A 71 0.57 -15.66 -8.04
N ALA A 72 -0.23 -15.61 -9.11
CA ALA A 72 -0.24 -16.67 -10.12
C ALA A 72 1.12 -16.82 -10.80
N SER A 73 1.96 -15.81 -10.67
CA SER A 73 3.29 -15.84 -11.26
C SER A 73 4.24 -16.69 -10.43
N GLY A 74 3.92 -16.87 -9.16
CA GLY A 74 4.75 -17.69 -8.29
C GLY A 74 5.56 -16.86 -7.30
N VAL A 75 5.02 -15.73 -6.90
CA VAL A 75 5.68 -14.87 -5.92
C VAL A 75 5.14 -15.17 -4.52
N SER A 76 5.90 -14.83 -3.49
CA SER A 76 5.46 -14.99 -2.11
C SER A 76 4.27 -14.07 -1.85
N SER A 77 3.34 -14.53 -1.03
CA SER A 77 2.11 -13.77 -0.75
C SER A 77 2.40 -12.40 -0.14
N ASN A 78 3.36 -12.35 0.78
CA ASN A 78 3.68 -11.10 1.46
C ASN A 78 4.34 -10.12 0.50
N GLU A 79 5.15 -10.64 -0.42
CA GLU A 79 5.82 -9.81 -1.41
C GLU A 79 4.84 -9.43 -2.52
N ALA A 80 3.91 -10.33 -2.80
CA ALA A 80 2.83 -10.07 -3.75
C ALA A 80 1.98 -8.91 -3.27
N LEU A 81 1.74 -8.86 -1.96
CA LEU A 81 0.97 -7.78 -1.35
C LEU A 81 1.52 -6.43 -1.79
N ILE A 82 2.81 -6.26 -1.61
CA ILE A 82 3.48 -5.02 -1.94
C ILE A 82 3.30 -4.66 -3.41
N GLN A 83 3.72 -5.56 -4.31
CA GLN A 83 3.58 -5.31 -5.74
C GLN A 83 2.13 -5.05 -6.13
N ALA A 84 1.23 -5.87 -5.62
CA ALA A 84 -0.19 -5.72 -5.91
C ALA A 84 -0.70 -4.36 -5.45
N LEU A 85 -0.21 -3.90 -4.30
CA LEU A 85 -0.56 -2.59 -3.79
C LEU A 85 0.07 -1.50 -4.64
N LEU A 86 1.28 -1.72 -5.12
CA LEU A 86 1.97 -0.73 -5.93
C LEU A 86 1.30 -0.57 -7.29
N GLU A 87 0.83 -1.67 -7.85
CA GLU A 87 0.07 -1.63 -9.10
C GLU A 87 -1.32 -1.04 -8.86
N LEU A 88 -1.76 -1.06 -7.61
CA LEU A 88 -3.03 -0.46 -7.24
C LEU A 88 -2.86 1.05 -7.09
N LEU A 89 -1.80 1.45 -6.41
CA LEU A 89 -1.53 2.86 -6.14
C LEU A 89 -1.03 3.61 -7.38
N SER A 90 -0.92 2.92 -8.49
CA SER A 90 -0.50 3.55 -9.74
C SER A 90 -1.70 3.82 -10.64
N ALA A 91 -2.70 2.96 -10.54
CA ALA A 91 -3.92 3.10 -11.34
C ALA A 91 -4.68 4.35 -10.95
N LEU A 92 -4.86 4.54 -9.65
CA LEU A 92 -5.73 5.59 -9.13
C LEU A 92 -5.07 6.97 -9.17
N VAL A 93 -3.75 7.04 -9.32
CA VAL A 93 -3.09 8.33 -9.44
C VAL A 93 -2.97 8.76 -10.89
N HIS A 94 -3.08 7.78 -11.79
CA HIS A 94 -3.05 8.07 -13.22
C HIS A 94 -4.36 8.72 -13.63
N VAL A 95 -5.46 8.27 -13.04
CA VAL A 95 -6.78 8.74 -13.43
C VAL A 95 -6.97 10.22 -13.09
N LEU A 96 -6.24 10.70 -12.09
CA LEU A 96 -6.34 12.10 -11.67
C LEU A 96 -5.81 13.03 -12.75
N SER A 97 -5.01 12.49 -13.67
CA SER A 97 -4.43 13.29 -14.75
C SER A 97 -5.53 13.75 -15.71
N SER A 98 -6.68 13.11 -15.65
CA SER A 98 -7.81 13.50 -16.47
C SER A 98 -9.07 13.62 -15.61
N ALA A 99 -8.85 13.69 -14.31
CA ALA A 99 -9.95 13.85 -13.38
C ALA A 99 -9.97 15.25 -12.81
N SER A 100 -10.79 16.11 -13.41
CA SER A 100 -10.92 17.48 -12.96
C SER A 100 -11.67 17.53 -11.63
N ILE A 101 -10.92 17.38 -10.54
CA ILE A 101 -11.53 17.38 -9.22
C ILE A 101 -12.05 18.77 -8.82
N GLY A 102 -13.11 18.78 -8.02
CA GLY A 102 -13.69 20.03 -7.56
C GLY A 102 -13.28 20.36 -6.14
N ASN A 103 -14.25 20.38 -5.22
CA ASN A 103 -13.99 20.71 -3.83
C ASN A 103 -14.24 19.50 -2.95
N VAL A 104 -13.19 18.96 -2.38
CA VAL A 104 -13.30 17.80 -1.51
C VAL A 104 -13.38 18.21 -0.05
N SER A 105 -14.26 17.56 0.68
CA SER A 105 -14.48 17.86 2.08
C SER A 105 -13.52 17.07 2.97
N SER A 106 -13.00 17.73 3.99
CA SER A 106 -12.09 17.07 4.93
C SER A 106 -12.88 16.39 6.04
N VAL A 107 -14.07 15.91 5.70
CA VAL A 107 -14.94 15.26 6.67
C VAL A 107 -15.60 14.06 6.00
N GLY A 108 -15.76 12.99 6.77
CA GLY A 108 -16.33 11.76 6.22
C GLY A 108 -15.25 10.76 5.89
N VAL A 109 -14.00 11.21 5.93
CA VAL A 109 -12.85 10.34 5.68
C VAL A 109 -12.82 9.19 6.68
N ASP A 110 -13.29 9.46 7.89
CA ASP A 110 -13.38 8.45 8.94
C ASP A 110 -14.12 7.21 8.44
N SER A 111 -15.21 7.45 7.74
CA SER A 111 -16.05 6.39 7.19
C SER A 111 -15.35 5.70 6.02
N THR A 112 -14.62 6.48 5.21
CA THR A 112 -13.90 5.93 4.07
C THR A 112 -12.81 4.96 4.51
N LEU A 113 -12.17 5.27 5.63
CA LEU A 113 -11.12 4.43 6.18
C LEU A 113 -11.63 3.04 6.53
N ASN A 114 -12.88 2.96 6.97
CA ASN A 114 -13.50 1.67 7.26
C ASN A 114 -13.58 0.81 6.00
N VAL A 115 -13.64 1.45 4.85
CA VAL A 115 -13.75 0.74 3.59
C VAL A 115 -12.39 0.25 3.12
N VAL A 116 -11.35 1.06 3.35
CA VAL A 116 -10.00 0.69 2.94
C VAL A 116 -9.54 -0.54 3.72
N GLN A 117 -10.05 -0.66 4.96
CA GLN A 117 -9.72 -1.79 5.82
C GLN A 117 -10.30 -3.07 5.24
N ASP A 118 -11.36 -2.91 4.47
CA ASP A 118 -12.08 -4.03 3.87
C ASP A 118 -11.34 -4.53 2.65
N SER A 119 -10.69 -3.60 1.95
CA SER A 119 -10.10 -3.89 0.66
C SER A 119 -8.78 -4.62 0.78
N VAL A 120 -7.97 -4.23 1.76
CA VAL A 120 -6.61 -4.76 1.89
C VAL A 120 -6.38 -5.39 3.26
N GLY A 121 -7.28 -5.13 4.19
CA GLY A 121 -7.13 -5.64 5.54
C GLY A 121 -7.08 -7.15 5.59
N GLN A 122 -7.73 -7.80 4.63
CA GLN A 122 -7.76 -9.25 4.57
C GLN A 122 -6.55 -9.82 3.85
N TYR A 123 -5.65 -8.94 3.41
CA TYR A 123 -4.43 -9.36 2.74
C TYR A 123 -3.22 -9.07 3.61
N VAL A 124 -3.34 -8.06 4.48
CA VAL A 124 -2.32 -7.77 5.47
C VAL A 124 -2.60 -8.55 6.75
N GLY A 125 -3.69 -9.29 6.76
CA GLY A 125 -4.05 -10.11 7.90
C GLY A 125 -5.12 -11.13 7.56
N GLY B 1 25.69 -20.30 14.36
CA GLY B 1 25.07 -20.63 15.63
C GLY B 1 24.05 -21.74 15.50
N SER B 2 23.55 -22.22 16.62
CA SER B 2 22.55 -23.26 16.64
C SER B 2 21.15 -22.68 16.55
N GLY B 3 20.63 -22.54 15.33
CA GLY B 3 19.30 -21.97 15.16
C GLY B 3 18.91 -21.85 13.70
N ASN B 4 17.65 -21.48 13.48
CA ASN B 4 17.11 -21.30 12.14
C ASN B 4 16.03 -20.21 12.22
N SER B 5 16.05 -19.28 11.27
CA SER B 5 15.14 -18.15 11.31
C SER B 5 13.73 -18.56 10.85
N VAL B 6 12.93 -19.01 11.81
CA VAL B 6 11.55 -19.37 11.55
C VAL B 6 10.63 -18.25 12.01
N THR B 7 10.80 -17.84 13.27
CA THR B 7 10.06 -16.75 13.93
C THR B 7 8.56 -17.05 14.08
N SER B 8 7.89 -17.35 12.98
CA SER B 8 6.45 -17.56 13.00
C SER B 8 6.11 -18.97 13.49
N GLY B 9 5.47 -19.06 14.64
CA GLY B 9 5.09 -20.34 15.19
C GLY B 9 3.80 -20.24 15.99
N GLY B 10 3.36 -21.35 16.55
CA GLY B 10 2.10 -21.36 17.28
C GLY B 10 2.19 -20.73 18.65
N TYR B 11 3.35 -20.19 18.98
CA TYR B 11 3.57 -19.56 20.28
C TYR B 11 4.08 -18.13 20.12
N GLY B 12 4.05 -17.62 18.89
CA GLY B 12 4.54 -16.30 18.62
C GLY B 12 3.75 -15.63 17.52
N TYR B 13 3.69 -14.31 17.54
CA TYR B 13 2.88 -13.53 16.61
C TYR B 13 1.39 -13.79 16.80
N GLY B 14 0.96 -15.00 16.47
CA GLY B 14 -0.43 -15.38 16.63
C GLY B 14 -0.57 -16.64 17.47
N THR B 15 -0.51 -16.47 18.79
CA THR B 15 -0.62 -17.59 19.71
C THR B 15 -2.01 -18.25 19.61
N SER B 16 -3.03 -17.44 19.81
CA SER B 16 -4.41 -17.90 19.70
C SER B 16 -5.25 -16.87 18.98
N ALA B 17 -5.48 -15.76 19.66
CA ALA B 17 -6.29 -14.70 19.10
C ALA B 17 -5.51 -13.39 19.14
N ALA B 18 -5.41 -12.76 17.98
CA ALA B 18 -4.67 -11.52 17.86
C ALA B 18 -5.36 -10.61 16.84
N ALA B 19 -5.39 -9.32 17.15
CA ALA B 19 -6.06 -8.34 16.28
C ALA B 19 -5.06 -7.70 15.33
N GLY B 20 -3.83 -7.55 15.78
CA GLY B 20 -2.80 -6.96 14.95
C GLY B 20 -1.54 -6.67 15.73
N ALA B 21 -0.73 -5.74 15.21
CA ALA B 21 0.52 -5.35 15.84
C ALA B 21 1.45 -6.55 16.03
N GLY B 22 2.05 -6.99 14.93
CA GLY B 22 2.95 -8.12 14.98
C GLY B 22 2.23 -9.45 14.88
N VAL B 23 1.25 -9.54 14.00
CA VAL B 23 0.54 -10.80 13.75
C VAL B 23 1.32 -11.69 12.81
N ALA B 24 2.07 -11.07 11.91
CA ALA B 24 2.88 -11.80 10.96
C ALA B 24 4.21 -11.10 10.77
N ALA B 25 5.07 -11.69 9.96
CA ALA B 25 6.39 -11.12 9.69
C ALA B 25 6.27 -9.77 9.01
N GLY B 26 5.55 -9.73 7.90
CA GLY B 26 5.44 -8.51 7.12
C GLY B 26 4.00 -8.16 6.83
N SER B 27 3.12 -8.59 7.71
CA SER B 27 1.71 -8.31 7.58
C SER B 27 1.10 -8.08 8.94
N TYR B 28 0.30 -7.03 9.05
CA TYR B 28 -0.29 -6.67 10.33
C TYR B 28 -1.64 -6.02 10.13
N ALA B 29 -2.64 -6.55 10.80
CA ALA B 29 -3.99 -6.01 10.71
C ALA B 29 -4.20 -4.88 11.72
N GLY B 30 -3.31 -4.79 12.70
CA GLY B 30 -3.42 -3.78 13.74
C GLY B 30 -3.23 -2.38 13.19
N ALA B 31 -2.52 -2.29 12.08
CA ALA B 31 -2.30 -1.02 11.40
C ALA B 31 -3.55 -0.60 10.64
N VAL B 32 -4.42 -1.57 10.39
CA VAL B 32 -5.62 -1.35 9.59
C VAL B 32 -6.80 -1.00 10.48
N ASN B 33 -6.95 -1.75 11.56
CA ASN B 33 -8.11 -1.63 12.44
C ASN B 33 -8.18 -0.26 13.10
N ARG B 34 -7.02 0.39 13.22
CA ARG B 34 -6.94 1.67 13.90
C ARG B 34 -7.29 2.82 12.96
N LEU B 35 -7.61 2.50 11.72
CA LEU B 35 -7.95 3.51 10.72
C LEU B 35 -9.35 4.05 10.96
N SER B 36 -10.16 3.27 11.65
CA SER B 36 -11.53 3.66 11.96
C SER B 36 -11.55 4.62 13.16
N SER B 37 -10.38 5.13 13.52
CA SER B 37 -10.26 6.10 14.55
C SER B 37 -10.10 7.50 13.95
N ALA B 38 -10.56 8.51 14.68
CA ALA B 38 -10.47 9.88 14.22
C ALA B 38 -9.00 10.30 14.05
N GLU B 39 -8.11 9.55 14.69
CA GLU B 39 -6.67 9.75 14.56
C GLU B 39 -6.26 9.77 13.10
N ALA B 40 -6.58 8.69 12.39
CA ALA B 40 -6.31 8.61 10.96
C ALA B 40 -7.05 9.70 10.22
N ALA B 41 -8.36 9.76 10.44
CA ALA B 41 -9.23 10.71 9.75
C ALA B 41 -8.67 12.14 9.79
N SER B 42 -7.99 12.45 10.88
CA SER B 42 -7.41 13.79 11.06
C SER B 42 -6.19 14.01 10.16
N ARG B 43 -5.47 12.96 9.83
CA ARG B 43 -4.26 13.07 9.02
C ARG B 43 -4.59 12.85 7.57
N VAL B 44 -5.45 11.89 7.34
CA VAL B 44 -5.88 11.53 6.00
C VAL B 44 -6.64 12.69 5.34
N SER B 45 -7.50 13.35 6.10
CA SER B 45 -8.30 14.46 5.58
C SER B 45 -7.43 15.69 5.36
N SER B 46 -6.22 15.67 5.90
CA SER B 46 -5.31 16.80 5.77
C SER B 46 -4.49 16.65 4.49
N ASN B 47 -4.55 15.48 3.87
CA ASN B 47 -3.73 15.19 2.71
C ASN B 47 -4.60 14.95 1.47
N ILE B 48 -5.90 14.95 1.66
CA ILE B 48 -6.84 14.80 0.55
C ILE B 48 -6.64 15.90 -0.48
N ALA B 49 -6.45 17.13 0.01
CA ALA B 49 -6.33 18.29 -0.85
C ALA B 49 -4.92 18.40 -1.43
N ALA B 50 -4.05 17.53 -0.95
CA ALA B 50 -2.67 17.50 -1.43
C ALA B 50 -2.58 16.59 -2.66
N ILE B 51 -3.14 15.39 -2.54
CA ILE B 51 -3.14 14.45 -3.64
C ILE B 51 -4.04 14.93 -4.76
N ALA B 52 -5.13 15.59 -4.40
CA ALA B 52 -6.09 16.12 -5.37
C ALA B 52 -5.48 17.23 -6.22
N SER B 53 -4.29 17.66 -5.85
CA SER B 53 -3.61 18.74 -6.55
C SER B 53 -2.48 18.18 -7.42
N GLY B 54 -1.66 17.31 -6.85
CA GLY B 54 -0.49 16.82 -7.58
C GLY B 54 -0.72 15.46 -8.24
N GLY B 55 -1.77 14.77 -7.81
CA GLY B 55 -2.07 13.45 -8.35
C GLY B 55 -1.06 12.42 -7.91
N ALA B 56 0.05 12.40 -8.59
CA ALA B 56 1.12 11.44 -8.31
C ALA B 56 2.32 12.16 -7.69
N SER B 57 2.43 13.44 -8.00
CA SER B 57 3.55 14.24 -7.50
C SER B 57 3.37 14.54 -6.01
N ALA B 58 2.18 14.24 -5.50
CA ALA B 58 1.86 14.48 -4.11
C ALA B 58 2.22 13.26 -3.27
N LEU B 59 2.33 12.12 -3.92
CA LEU B 59 2.59 10.85 -3.24
C LEU B 59 3.83 10.94 -2.33
N PRO B 60 5.01 11.32 -2.86
CA PRO B 60 6.25 11.36 -2.07
C PRO B 60 6.16 12.37 -0.92
N SER B 61 5.22 13.30 -1.02
CA SER B 61 5.05 14.32 0.02
C SER B 61 4.02 13.87 1.06
N VAL B 62 2.97 13.19 0.60
CA VAL B 62 1.86 12.82 1.44
C VAL B 62 2.19 11.58 2.25
N ILE B 63 2.84 10.62 1.60
CA ILE B 63 3.28 9.41 2.26
C ILE B 63 4.21 9.76 3.42
N SER B 64 5.05 10.77 3.20
CA SER B 64 5.98 11.21 4.23
C SER B 64 5.23 11.89 5.37
N ASN B 65 4.22 12.69 5.03
CA ASN B 65 3.41 13.37 6.03
C ASN B 65 2.80 12.38 7.01
N ILE B 66 2.32 11.27 6.46
CA ILE B 66 1.68 10.25 7.26
C ILE B 66 2.70 9.32 7.92
N TYR B 67 3.67 8.84 7.13
CA TYR B 67 4.66 7.88 7.62
C TYR B 67 5.37 8.41 8.84
N SER B 68 5.89 9.63 8.75
CA SER B 68 6.60 10.26 9.85
C SER B 68 5.68 10.41 11.06
N GLY B 69 4.39 10.55 10.81
CA GLY B 69 3.42 10.66 11.89
C GLY B 69 3.21 9.33 12.59
N VAL B 70 3.09 8.28 11.79
CA VAL B 70 2.87 6.94 12.30
C VAL B 70 4.08 6.46 13.10
N VAL B 71 5.27 6.67 12.54
CA VAL B 71 6.51 6.25 13.19
C VAL B 71 6.68 6.94 14.54
N ALA B 72 6.32 8.22 14.60
CA ALA B 72 6.43 8.99 15.84
C ALA B 72 5.38 8.56 16.86
N SER B 73 4.50 7.65 16.47
CA SER B 73 3.47 7.15 17.36
C SER B 73 3.99 5.97 18.18
N GLY B 74 5.18 5.49 17.82
CA GLY B 74 5.75 4.34 18.51
C GLY B 74 5.24 3.03 17.94
N VAL B 75 5.08 3.01 16.63
CA VAL B 75 4.62 1.81 15.95
C VAL B 75 5.81 0.92 15.59
N SER B 76 5.55 -0.35 15.31
CA SER B 76 6.58 -1.24 14.82
C SER B 76 7.09 -0.71 13.48
N SER B 77 8.41 -0.72 13.31
CA SER B 77 9.07 -0.10 12.16
C SER B 77 8.46 -0.52 10.82
N ASN B 78 8.26 -1.81 10.62
CA ASN B 78 7.75 -2.29 9.34
C ASN B 78 6.23 -2.15 9.26
N GLU B 79 5.58 -2.16 10.42
CA GLU B 79 4.13 -1.98 10.49
C GLU B 79 3.76 -0.55 10.12
N ALA B 80 4.68 0.38 10.39
CA ALA B 80 4.49 1.78 10.07
C ALA B 80 4.21 1.98 8.58
N LEU B 81 4.92 1.22 7.75
CA LEU B 81 4.74 1.28 6.31
C LEU B 81 3.29 0.99 5.96
N ILE B 82 2.77 -0.07 6.54
CA ILE B 82 1.42 -0.52 6.24
C ILE B 82 0.39 0.55 6.62
N GLN B 83 0.41 0.99 7.88
CA GLN B 83 -0.53 2.02 8.32
C GLN B 83 -0.38 3.29 7.49
N ALA B 84 0.87 3.71 7.28
CA ALA B 84 1.14 4.91 6.52
C ALA B 84 0.56 4.80 5.12
N LEU B 85 0.67 3.62 4.53
CA LEU B 85 0.08 3.36 3.24
C LEU B 85 -1.44 3.35 3.32
N LEU B 86 -1.99 2.61 4.28
CA LEU B 86 -3.44 2.46 4.39
C LEU B 86 -4.13 3.83 4.52
N GLU B 87 -3.54 4.71 5.32
CA GLU B 87 -4.05 6.08 5.44
C GLU B 87 -3.91 6.82 4.12
N LEU B 88 -2.79 6.60 3.44
CA LEU B 88 -2.55 7.16 2.11
C LEU B 88 -3.64 6.69 1.14
N LEU B 89 -3.89 5.38 1.15
CA LEU B 89 -4.90 4.78 0.29
C LEU B 89 -6.29 5.33 0.56
N SER B 90 -6.47 5.98 1.70
CA SER B 90 -7.78 6.45 2.10
C SER B 90 -8.03 7.89 1.65
N ALA B 91 -6.97 8.68 1.64
CA ALA B 91 -7.07 10.08 1.27
C ALA B 91 -7.42 10.24 -0.19
N LEU B 92 -6.79 9.46 -1.04
CA LEU B 92 -6.90 9.62 -2.48
C LEU B 92 -8.16 8.98 -3.07
N VAL B 93 -8.83 8.13 -2.30
CA VAL B 93 -10.09 7.54 -2.78
C VAL B 93 -11.27 8.35 -2.29
N HIS B 94 -11.08 9.09 -1.21
CA HIS B 94 -12.12 9.96 -0.69
C HIS B 94 -12.31 11.14 -1.63
N VAL B 95 -11.24 11.59 -2.25
CA VAL B 95 -11.29 12.78 -3.10
C VAL B 95 -12.13 12.53 -4.35
N LEU B 96 -12.22 11.28 -4.76
CA LEU B 96 -13.00 10.92 -5.96
C LEU B 96 -14.48 11.18 -5.75
N SER B 97 -14.89 11.27 -4.48
CA SER B 97 -16.29 11.55 -4.15
C SER B 97 -16.72 12.89 -4.75
N SER B 98 -15.78 13.83 -4.85
CA SER B 98 -16.09 15.14 -5.40
C SER B 98 -15.22 15.40 -6.64
N ALA B 99 -14.65 14.33 -7.15
CA ALA B 99 -13.83 14.43 -8.35
C ALA B 99 -14.57 13.90 -9.55
N SER B 100 -15.18 14.79 -10.30
CA SER B 100 -15.88 14.43 -11.53
C SER B 100 -14.85 14.10 -12.60
N ILE B 101 -14.49 12.82 -12.68
CA ILE B 101 -13.51 12.38 -13.65
C ILE B 101 -14.09 12.34 -15.08
N GLY B 102 -13.26 12.69 -16.05
CA GLY B 102 -13.69 12.68 -17.43
C GLY B 102 -13.42 11.35 -18.10
N ASN B 103 -12.50 11.34 -19.06
CA ASN B 103 -12.17 10.14 -19.79
C ASN B 103 -10.69 9.82 -19.64
N VAL B 104 -10.38 8.79 -18.87
CA VAL B 104 -9.00 8.40 -18.63
C VAL B 104 -8.50 7.42 -19.68
N SER B 105 -7.30 7.68 -20.18
CA SER B 105 -6.69 6.83 -21.17
C SER B 105 -5.97 5.67 -20.51
N SER B 106 -6.04 4.50 -21.14
CA SER B 106 -5.33 3.33 -20.65
C SER B 106 -3.89 3.33 -21.16
N VAL B 107 -3.50 4.45 -21.75
CA VAL B 107 -2.19 4.60 -22.34
C VAL B 107 -1.39 5.64 -21.56
N GLY B 108 -0.20 5.26 -21.13
CA GLY B 108 0.66 6.16 -20.40
C GLY B 108 0.88 5.73 -18.97
N VAL B 109 0.12 4.73 -18.54
CA VAL B 109 0.23 4.20 -17.19
C VAL B 109 1.62 3.63 -16.96
N ASP B 110 2.22 3.11 -18.04
CA ASP B 110 3.56 2.56 -18.01
C ASP B 110 4.54 3.58 -17.40
N SER B 111 4.32 4.85 -17.72
CA SER B 111 5.18 5.93 -17.24
C SER B 111 4.77 6.37 -15.83
N THR B 112 3.47 6.36 -15.54
CA THR B 112 3.00 6.75 -14.21
C THR B 112 3.54 5.79 -13.16
N LEU B 113 3.71 4.54 -13.56
CA LEU B 113 4.29 3.52 -12.70
C LEU B 113 5.72 3.88 -12.29
N ASN B 114 6.38 4.72 -13.09
CA ASN B 114 7.72 5.20 -12.75
C ASN B 114 7.66 6.08 -11.49
N VAL B 115 6.56 6.81 -11.36
CA VAL B 115 6.41 7.77 -10.27
C VAL B 115 6.01 7.07 -8.97
N VAL B 116 5.22 6.00 -9.09
CA VAL B 116 4.77 5.27 -7.92
C VAL B 116 5.96 4.58 -7.24
N GLN B 117 6.98 4.27 -8.04
CA GLN B 117 8.18 3.61 -7.54
C GLN B 117 9.04 4.59 -6.76
N ASP B 118 8.85 5.86 -7.04
CA ASP B 118 9.66 6.92 -6.45
C ASP B 118 9.19 7.23 -5.04
N SER B 119 7.89 7.22 -4.87
CA SER B 119 7.27 7.70 -3.63
C SER B 119 7.32 6.66 -2.53
N VAL B 120 7.02 5.41 -2.86
CA VAL B 120 6.94 4.37 -1.85
C VAL B 120 8.14 3.44 -1.91
N GLY B 121 8.86 3.48 -3.02
CA GLY B 121 10.03 2.63 -3.20
C GLY B 121 11.12 2.93 -2.19
N GLN B 122 11.09 4.13 -1.63
CA GLN B 122 12.08 4.56 -0.65
C GLN B 122 11.70 4.13 0.76
N TYR B 123 10.53 3.52 0.91
CA TYR B 123 10.08 3.06 2.21
C TYR B 123 10.03 1.53 2.27
N VAL B 124 9.83 0.91 1.10
CA VAL B 124 9.84 -0.54 1.00
C VAL B 124 11.25 -1.05 0.70
N GLY B 125 12.17 -0.13 0.49
CA GLY B 125 13.54 -0.50 0.22
C GLY B 125 14.41 0.71 -0.04
N GLY A 1 18.06 -21.51 1.27
CA GLY A 1 16.64 -21.74 1.68
C GLY A 1 16.52 -22.59 2.92
N SER A 2 17.26 -23.69 2.96
CA SER A 2 17.21 -24.61 4.08
C SER A 2 17.81 -23.98 5.33
N GLY A 3 17.15 -24.16 6.46
CA GLY A 3 17.63 -23.62 7.71
C GLY A 3 16.69 -23.90 8.85
N ASN A 4 17.16 -23.65 10.07
CA ASN A 4 16.34 -23.87 11.24
C ASN A 4 15.74 -22.56 11.71
N SER A 5 14.57 -22.62 12.33
CA SER A 5 13.92 -21.42 12.81
C SER A 5 13.14 -21.71 14.09
N VAL A 6 13.76 -21.45 15.23
CA VAL A 6 13.09 -21.58 16.51
C VAL A 6 12.34 -20.31 16.85
N THR A 7 12.89 -19.19 16.39
CA THR A 7 12.30 -17.88 16.59
C THR A 7 12.61 -16.98 15.40
N SER A 8 11.76 -16.02 15.13
CA SER A 8 11.98 -15.07 14.04
C SER A 8 12.57 -13.78 14.60
N GLY A 9 13.81 -13.50 14.24
CA GLY A 9 14.48 -12.31 14.74
C GLY A 9 14.64 -11.26 13.67
N GLY A 10 15.36 -10.19 14.00
CA GLY A 10 15.60 -9.13 13.04
C GLY A 10 16.90 -9.30 12.29
N TYR A 11 17.35 -10.55 12.21
CA TYR A 11 18.59 -10.88 11.51
C TYR A 11 18.47 -12.25 10.87
N GLY A 12 19.56 -12.72 10.30
CA GLY A 12 19.55 -14.01 9.63
C GLY A 12 19.11 -13.90 8.19
N TYR A 13 17.86 -13.49 7.99
CA TYR A 13 17.31 -13.36 6.66
C TYR A 13 17.68 -12.01 6.05
N GLY A 14 17.38 -10.95 6.78
CA GLY A 14 17.67 -9.61 6.30
C GLY A 14 18.38 -8.77 7.35
N THR A 15 19.70 -8.89 7.40
CA THR A 15 20.48 -8.16 8.41
C THR A 15 20.85 -6.77 7.91
N SER A 16 20.78 -6.59 6.59
CA SER A 16 21.13 -5.33 5.98
C SER A 16 20.05 -4.92 4.98
N ALA A 17 19.88 -3.62 4.81
CA ALA A 17 18.87 -3.12 3.88
C ALA A 17 19.37 -3.17 2.45
N ALA A 18 18.93 -4.18 1.72
CA ALA A 18 19.20 -4.29 0.30
C ALA A 18 17.97 -3.84 -0.48
N ALA A 19 17.96 -4.06 -1.79
CA ALA A 19 16.85 -3.64 -2.62
C ALA A 19 15.62 -4.53 -2.40
N GLY A 20 15.56 -5.65 -3.10
CA GLY A 20 14.37 -6.47 -3.01
C GLY A 20 14.59 -7.90 -3.45
N ALA A 21 13.47 -8.57 -3.76
CA ALA A 21 13.48 -9.95 -4.23
C ALA A 21 14.02 -10.89 -3.14
N GLY A 22 13.27 -10.98 -2.04
CA GLY A 22 13.65 -11.87 -0.95
C GLY A 22 14.55 -11.20 0.07
N VAL A 23 14.45 -9.88 0.20
CA VAL A 23 15.27 -9.14 1.17
C VAL A 23 14.74 -9.32 2.58
N ALA A 24 13.43 -9.23 2.76
CA ALA A 24 12.83 -9.38 4.06
C ALA A 24 11.58 -10.23 3.98
N ALA A 25 11.01 -10.54 5.14
CA ALA A 25 9.78 -11.32 5.19
C ALA A 25 8.56 -10.41 5.23
N GLY A 26 8.64 -9.31 4.49
CA GLY A 26 7.56 -8.34 4.49
C GLY A 26 7.86 -7.14 3.62
N SER A 27 9.11 -6.70 3.64
CA SER A 27 9.54 -5.55 2.87
C SER A 27 10.43 -5.96 1.71
N TYR A 28 10.17 -5.38 0.54
CA TYR A 28 10.97 -5.62 -0.65
C TYR A 28 10.83 -4.47 -1.62
N ALA A 29 11.95 -3.98 -2.13
CA ALA A 29 11.91 -2.94 -3.16
C ALA A 29 11.89 -3.58 -4.54
N GLY A 30 12.12 -4.89 -4.58
CA GLY A 30 12.20 -5.60 -5.84
C GLY A 30 10.86 -5.65 -6.52
N ALA A 31 9.80 -5.66 -5.73
CA ALA A 31 8.45 -5.65 -6.24
C ALA A 31 8.14 -4.29 -6.85
N VAL A 32 8.97 -3.32 -6.54
CA VAL A 32 8.75 -1.96 -6.98
C VAL A 32 9.47 -1.70 -8.30
N ASN A 33 10.71 -2.18 -8.41
CA ASN A 33 11.50 -1.98 -9.63
C ASN A 33 10.82 -2.66 -10.82
N ARG A 34 10.17 -3.78 -10.53
CA ARG A 34 9.49 -4.59 -11.53
C ARG A 34 8.27 -3.87 -12.12
N LEU A 35 7.87 -2.78 -11.49
CA LEU A 35 6.69 -2.02 -11.92
C LEU A 35 6.92 -1.30 -13.24
N SER A 36 8.17 -1.02 -13.53
CA SER A 36 8.53 -0.22 -14.70
C SER A 36 8.26 -0.99 -16.00
N SER A 37 8.04 -2.29 -15.88
CA SER A 37 7.75 -3.14 -17.02
C SER A 37 6.36 -2.83 -17.56
N ALA A 38 6.17 -3.02 -18.85
CA ALA A 38 4.88 -2.73 -19.50
C ALA A 38 3.79 -3.66 -18.98
N GLU A 39 4.21 -4.69 -18.26
CA GLU A 39 3.30 -5.66 -17.68
C GLU A 39 2.36 -4.98 -16.69
N ALA A 40 2.94 -4.30 -15.72
CA ALA A 40 2.16 -3.51 -14.77
C ALA A 40 1.35 -2.47 -15.52
N ALA A 41 2.01 -1.77 -16.44
CA ALA A 41 1.36 -0.72 -17.22
C ALA A 41 0.12 -1.23 -17.96
N SER A 42 0.03 -2.55 -18.14
CA SER A 42 -1.09 -3.16 -18.81
C SER A 42 -2.17 -3.63 -17.82
N ARG A 43 -1.77 -3.90 -16.58
CA ARG A 43 -2.71 -4.37 -15.56
C ARG A 43 -3.29 -3.18 -14.81
N VAL A 44 -2.41 -2.25 -14.49
CA VAL A 44 -2.78 -1.03 -13.83
C VAL A 44 -3.76 -0.22 -14.67
N SER A 45 -3.53 -0.20 -15.98
CA SER A 45 -4.39 0.54 -16.90
C SER A 45 -5.70 -0.22 -17.15
N SER A 46 -5.77 -1.44 -16.65
CA SER A 46 -6.96 -2.27 -16.82
C SER A 46 -7.91 -2.06 -15.64
N ASN A 47 -7.44 -1.34 -14.62
CA ASN A 47 -8.23 -1.13 -13.42
C ASN A 47 -8.44 0.35 -13.15
N ILE A 48 -7.82 1.20 -13.96
CA ILE A 48 -7.97 2.64 -13.83
C ILE A 48 -9.42 3.07 -13.92
N ALA A 49 -10.15 2.49 -14.88
CA ALA A 49 -11.52 2.88 -15.13
C ALA A 49 -12.46 2.33 -14.07
N ALA A 50 -11.97 1.36 -13.30
CA ALA A 50 -12.76 0.73 -12.26
C ALA A 50 -12.79 1.60 -11.01
N ILE A 51 -11.60 1.98 -10.55
CA ILE A 51 -11.48 2.81 -9.37
C ILE A 51 -12.05 4.19 -9.62
N ALA A 52 -11.91 4.66 -10.84
CA ALA A 52 -12.43 5.96 -11.24
C ALA A 52 -13.94 6.03 -11.09
N SER A 53 -14.57 4.87 -11.17
CA SER A 53 -16.01 4.78 -11.11
C SER A 53 -16.51 4.48 -9.69
N GLY A 54 -15.82 3.55 -9.02
CA GLY A 54 -16.27 3.12 -7.70
C GLY A 54 -15.66 3.92 -6.56
N GLY A 55 -14.55 4.58 -6.83
CA GLY A 55 -13.87 5.38 -5.84
C GLY A 55 -13.17 4.53 -4.81
N ALA A 56 -13.95 3.98 -3.90
CA ALA A 56 -13.42 3.12 -2.85
C ALA A 56 -14.06 1.75 -2.91
N SER A 57 -15.24 1.69 -3.52
CA SER A 57 -15.98 0.44 -3.61
C SER A 57 -15.32 -0.50 -4.60
N ALA A 58 -14.42 0.05 -5.41
CA ALA A 58 -13.71 -0.72 -6.42
C ALA A 58 -12.46 -1.35 -5.84
N LEU A 59 -12.02 -0.85 -4.70
CA LEU A 59 -10.78 -1.31 -4.07
C LEU A 59 -10.77 -2.82 -3.85
N PRO A 60 -11.74 -3.38 -3.11
CA PRO A 60 -11.76 -4.81 -2.81
C PRO A 60 -11.79 -5.68 -4.07
N SER A 61 -12.28 -5.12 -5.16
CA SER A 61 -12.39 -5.86 -6.42
C SER A 61 -11.09 -5.70 -7.23
N VAL A 62 -10.54 -4.50 -7.22
CA VAL A 62 -9.36 -4.19 -8.03
C VAL A 62 -8.12 -4.78 -7.39
N ILE A 63 -8.08 -4.73 -6.07
CA ILE A 63 -7.00 -5.35 -5.33
C ILE A 63 -6.93 -6.84 -5.66
N SER A 64 -8.09 -7.48 -5.70
CA SER A 64 -8.16 -8.90 -5.98
C SER A 64 -7.72 -9.18 -7.42
N ASN A 65 -8.11 -8.29 -8.33
CA ASN A 65 -7.74 -8.42 -9.75
C ASN A 65 -6.24 -8.42 -9.92
N ILE A 66 -5.58 -7.45 -9.30
CA ILE A 66 -4.14 -7.32 -9.42
C ILE A 66 -3.42 -8.38 -8.59
N TYR A 67 -3.85 -8.55 -7.34
CA TYR A 67 -3.24 -9.50 -6.42
C TYR A 67 -3.20 -10.90 -7.04
N SER A 68 -4.35 -11.38 -7.49
CA SER A 68 -4.45 -12.71 -8.09
C SER A 68 -3.56 -12.81 -9.33
N GLY A 69 -3.39 -11.69 -10.02
CA GLY A 69 -2.57 -11.68 -11.22
C GLY A 69 -1.11 -11.91 -10.92
N VAL A 70 -0.64 -11.33 -9.83
CA VAL A 70 0.75 -11.45 -9.43
C VAL A 70 1.01 -12.79 -8.75
N VAL A 71 0.08 -13.20 -7.88
CA VAL A 71 0.22 -14.46 -7.16
C VAL A 71 0.30 -15.65 -8.11
N ALA A 72 -0.46 -15.58 -9.20
CA ALA A 72 -0.47 -16.65 -10.20
C ALA A 72 0.83 -16.70 -10.99
N SER A 73 1.70 -15.72 -10.75
CA SER A 73 2.99 -15.68 -11.44
C SER A 73 4.05 -16.44 -10.65
N GLY A 74 3.72 -16.79 -9.40
CA GLY A 74 4.65 -17.56 -8.58
C GLY A 74 5.47 -16.68 -7.66
N VAL A 75 4.89 -15.57 -7.23
CA VAL A 75 5.56 -14.66 -6.30
C VAL A 75 5.20 -15.04 -4.85
N SER A 76 6.02 -14.60 -3.91
CA SER A 76 5.74 -14.80 -2.50
C SER A 76 4.51 -13.99 -2.08
N SER A 77 3.74 -14.52 -1.14
CA SER A 77 2.48 -13.93 -0.74
C SER A 77 2.64 -12.48 -0.23
N ASN A 78 3.64 -12.25 0.60
CA ASN A 78 3.83 -10.92 1.20
C ASN A 78 4.35 -9.94 0.15
N GLU A 79 5.21 -10.42 -0.75
CA GLU A 79 5.70 -9.56 -1.83
C GLU A 79 4.58 -9.28 -2.82
N ALA A 80 3.70 -10.26 -3.01
CA ALA A 80 2.53 -10.09 -3.85
C ALA A 80 1.66 -8.95 -3.35
N LEU A 81 1.52 -8.86 -2.02
CA LEU A 81 0.78 -7.77 -1.40
C LEU A 81 1.38 -6.44 -1.84
N ILE A 82 2.68 -6.31 -1.62
CA ILE A 82 3.39 -5.10 -1.97
C ILE A 82 3.23 -4.77 -3.45
N GLN A 83 3.63 -5.72 -4.31
CA GLN A 83 3.55 -5.53 -5.76
C GLN A 83 2.13 -5.12 -6.18
N ALA A 84 1.13 -5.84 -5.69
CA ALA A 84 -0.25 -5.56 -6.03
C ALA A 84 -0.67 -4.18 -5.56
N LEU A 85 -0.22 -3.80 -4.37
CA LEU A 85 -0.52 -2.49 -3.83
C LEU A 85 0.18 -1.39 -4.62
N LEU A 86 1.40 -1.66 -5.06
CA LEU A 86 2.16 -0.70 -5.86
C LEU A 86 1.46 -0.44 -7.19
N GLU A 87 1.03 -1.51 -7.84
CA GLU A 87 0.27 -1.40 -9.08
C GLU A 87 -1.04 -0.64 -8.84
N LEU A 88 -1.70 -0.97 -7.74
CA LEU A 88 -2.94 -0.28 -7.37
C LEU A 88 -2.69 1.21 -7.19
N LEU A 89 -1.63 1.55 -6.48
CA LEU A 89 -1.30 2.94 -6.19
C LEU A 89 -0.86 3.68 -7.44
N SER A 90 -0.80 2.99 -8.56
CA SER A 90 -0.46 3.61 -9.82
C SER A 90 -1.72 3.83 -10.66
N ALA A 91 -2.73 3.00 -10.45
CA ALA A 91 -3.95 3.07 -11.23
C ALA A 91 -4.81 4.24 -10.79
N LEU A 92 -4.96 4.37 -9.48
CA LEU A 92 -5.88 5.35 -8.92
C LEU A 92 -5.32 6.78 -8.92
N VAL A 93 -4.02 6.92 -9.14
CA VAL A 93 -3.42 8.26 -9.22
C VAL A 93 -3.34 8.72 -10.66
N HIS A 94 -3.25 7.77 -11.59
CA HIS A 94 -3.19 8.11 -13.00
C HIS A 94 -4.51 8.73 -13.44
N VAL A 95 -5.61 8.28 -12.85
CA VAL A 95 -6.93 8.74 -13.24
C VAL A 95 -7.12 10.22 -12.94
N LEU A 96 -6.39 10.72 -11.93
CA LEU A 96 -6.47 12.11 -11.54
C LEU A 96 -5.91 13.03 -12.63
N SER A 97 -5.08 12.48 -13.50
CA SER A 97 -4.48 13.24 -14.58
C SER A 97 -5.53 13.61 -15.64
N SER A 98 -6.64 12.91 -15.63
CA SER A 98 -7.73 13.17 -16.56
C SER A 98 -9.00 13.55 -15.80
N ALA A 99 -8.95 13.38 -14.50
CA ALA A 99 -10.06 13.68 -13.62
C ALA A 99 -10.03 15.14 -13.16
N SER A 100 -10.89 15.96 -13.75
CA SER A 100 -11.00 17.34 -13.33
C SER A 100 -11.76 17.42 -12.01
N ILE A 101 -11.01 17.32 -10.92
CA ILE A 101 -11.62 17.33 -9.60
C ILE A 101 -12.15 18.71 -9.24
N GLY A 102 -13.27 18.73 -8.51
CA GLY A 102 -13.86 19.99 -8.10
C GLY A 102 -13.40 20.42 -6.73
N ASN A 103 -14.22 20.17 -5.72
CA ASN A 103 -13.89 20.57 -4.36
C ASN A 103 -14.13 19.44 -3.37
N VAL A 104 -13.04 18.93 -2.81
CA VAL A 104 -13.11 17.88 -1.82
C VAL A 104 -13.12 18.47 -0.41
N SER A 105 -13.71 17.76 0.53
CA SER A 105 -13.81 18.25 1.89
C SER A 105 -13.33 17.19 2.88
N SER A 106 -12.75 17.65 3.98
CA SER A 106 -12.17 16.77 4.99
C SER A 106 -13.26 16.08 5.82
N VAL A 107 -14.50 16.47 5.61
CA VAL A 107 -15.62 15.96 6.38
C VAL A 107 -16.17 14.68 5.76
N GLY A 108 -15.92 13.56 6.42
CA GLY A 108 -16.46 12.30 5.95
C GLY A 108 -15.40 11.25 5.73
N VAL A 109 -14.14 11.67 5.74
CA VAL A 109 -13.02 10.75 5.52
C VAL A 109 -13.00 9.65 6.57
N ASP A 110 -13.50 9.95 7.76
CA ASP A 110 -13.57 8.97 8.86
C ASP A 110 -14.19 7.66 8.37
N SER A 111 -15.29 7.78 7.63
CA SER A 111 -16.03 6.64 7.15
C SER A 111 -15.26 5.90 6.05
N THR A 112 -14.38 6.62 5.35
CA THR A 112 -13.62 6.03 4.26
C THR A 112 -12.55 5.08 4.81
N LEU A 113 -11.99 5.44 5.96
CA LEU A 113 -11.02 4.59 6.65
C LEU A 113 -11.66 3.25 6.98
N ASN A 114 -12.93 3.27 7.35
CA ASN A 114 -13.64 2.07 7.75
C ASN A 114 -13.83 1.11 6.57
N VAL A 115 -13.75 1.64 5.35
CA VAL A 115 -13.96 0.83 4.16
C VAL A 115 -12.64 0.27 3.64
N VAL A 116 -11.57 1.05 3.72
CA VAL A 116 -10.26 0.61 3.26
C VAL A 116 -9.80 -0.62 4.04
N GLN A 117 -10.27 -0.71 5.28
CA GLN A 117 -9.95 -1.83 6.15
C GLN A 117 -10.52 -3.12 5.59
N ASP A 118 -11.57 -2.99 4.81
CA ASP A 118 -12.26 -4.14 4.24
C ASP A 118 -11.53 -4.62 3.00
N SER A 119 -11.03 -3.68 2.23
CA SER A 119 -10.44 -3.96 0.94
C SER A 119 -9.06 -4.62 1.06
N VAL A 120 -8.25 -4.11 1.98
CA VAL A 120 -6.86 -4.56 2.06
C VAL A 120 -6.55 -5.22 3.41
N GLY A 121 -7.38 -4.97 4.41
CA GLY A 121 -7.15 -5.51 5.73
C GLY A 121 -7.16 -7.02 5.77
N GLN A 122 -7.80 -7.62 4.77
CA GLN A 122 -7.89 -9.07 4.68
C GLN A 122 -6.73 -9.65 3.87
N TYR A 123 -5.81 -8.80 3.45
CA TYR A 123 -4.64 -9.25 2.70
C TYR A 123 -3.38 -9.04 3.53
N VAL A 124 -3.43 -8.07 4.43
CA VAL A 124 -2.33 -7.80 5.37
C VAL A 124 -2.49 -8.63 6.64
N GLY A 125 -3.56 -9.41 6.69
CA GLY A 125 -3.82 -10.24 7.85
C GLY A 125 -4.62 -11.47 7.48
N GLY B 1 11.54 -10.66 24.05
CA GLY B 1 12.47 -9.56 24.25
C GLY B 1 13.86 -10.05 24.60
N SER B 2 13.98 -11.34 24.85
CA SER B 2 15.26 -11.94 25.17
C SER B 2 15.28 -13.40 24.72
N GLY B 3 16.43 -14.04 24.83
CA GLY B 3 16.56 -15.41 24.41
C GLY B 3 17.57 -15.57 23.30
N ASN B 4 17.19 -16.31 22.27
CA ASN B 4 18.07 -16.52 21.13
C ASN B 4 17.26 -16.62 19.85
N SER B 5 17.89 -16.30 18.73
CA SER B 5 17.27 -16.43 17.42
C SER B 5 18.34 -16.70 16.38
N VAL B 6 17.93 -17.07 15.18
CA VAL B 6 18.86 -17.43 14.12
C VAL B 6 18.42 -16.91 12.77
N THR B 7 17.13 -17.02 12.48
CA THR B 7 16.59 -16.66 11.19
C THR B 7 15.43 -15.68 11.33
N SER B 8 14.81 -15.34 10.21
CA SER B 8 13.69 -14.43 10.20
C SER B 8 12.67 -14.90 9.17
N GLY B 9 11.41 -14.96 9.57
CA GLY B 9 10.36 -15.41 8.69
C GLY B 9 8.99 -15.09 9.23
N GLY B 10 7.96 -15.70 8.65
CA GLY B 10 6.60 -15.46 9.09
C GLY B 10 6.34 -16.04 10.46
N TYR B 11 6.40 -17.36 10.58
CA TYR B 11 6.21 -18.01 11.87
C TYR B 11 7.39 -17.67 12.78
N GLY B 12 7.06 -17.24 13.98
CA GLY B 12 8.08 -16.79 14.92
C GLY B 12 7.60 -15.59 15.70
N TYR B 13 6.99 -14.64 14.98
CA TYR B 13 6.31 -13.52 15.63
C TYR B 13 4.88 -13.92 15.91
N GLY B 14 4.15 -14.19 14.83
CA GLY B 14 2.80 -14.67 14.93
C GLY B 14 2.62 -15.89 14.05
N THR B 15 2.84 -17.06 14.64
CA THR B 15 2.76 -18.31 13.90
C THR B 15 1.37 -18.50 13.29
N SER B 16 0.37 -18.16 14.09
CA SER B 16 -1.00 -18.12 13.62
C SER B 16 -1.40 -16.68 13.38
N ALA B 17 -2.18 -16.44 12.34
CA ALA B 17 -2.61 -15.09 12.01
C ALA B 17 -3.57 -14.55 13.07
N ALA B 18 -3.10 -13.57 13.83
CA ALA B 18 -3.88 -13.00 14.91
C ALA B 18 -4.50 -11.65 14.50
N ALA B 19 -4.99 -10.91 15.49
CA ALA B 19 -5.67 -9.63 15.23
C ALA B 19 -4.70 -8.58 14.69
N GLY B 20 -3.41 -8.78 14.92
CA GLY B 20 -2.43 -7.87 14.37
C GLY B 20 -1.48 -7.34 15.42
N ALA B 21 -0.88 -6.19 15.12
CA ALA B 21 0.09 -5.54 15.99
C ALA B 21 1.34 -6.40 16.16
N GLY B 22 2.33 -6.17 15.29
CA GLY B 22 3.56 -6.93 15.33
C GLY B 22 3.33 -8.43 15.12
N VAL B 23 2.59 -8.79 14.09
CA VAL B 23 2.32 -10.19 13.81
C VAL B 23 3.27 -10.76 12.76
N ALA B 24 3.67 -9.94 11.80
CA ALA B 24 4.57 -10.38 10.76
C ALA B 24 5.61 -9.32 10.46
N ALA B 25 6.38 -9.50 9.40
CA ALA B 25 7.40 -8.54 9.01
C ALA B 25 6.92 -7.62 7.90
N GLY B 26 5.74 -7.91 7.35
CA GLY B 26 5.17 -7.06 6.34
C GLY B 26 3.67 -7.23 6.24
N SER B 27 3.06 -7.67 7.33
CA SER B 27 1.64 -7.88 7.38
C SER B 27 1.13 -7.69 8.80
N TYR B 28 0.18 -6.78 8.97
CA TYR B 28 -0.43 -6.55 10.27
C TYR B 28 -1.84 -6.04 10.10
N ALA B 29 -2.80 -6.80 10.59
CA ALA B 29 -4.18 -6.39 10.53
C ALA B 29 -4.47 -5.30 11.56
N GLY B 30 -3.68 -5.30 12.64
CA GLY B 30 -3.85 -4.33 13.70
C GLY B 30 -3.62 -2.91 13.22
N ALA B 31 -2.77 -2.76 12.21
CA ALA B 31 -2.49 -1.46 11.62
C ALA B 31 -3.65 -1.02 10.73
N VAL B 32 -4.58 -1.92 10.52
CA VAL B 32 -5.76 -1.63 9.71
C VAL B 32 -6.93 -1.26 10.61
N ASN B 33 -7.10 -2.00 11.70
CA ASN B 33 -8.21 -1.75 12.62
C ASN B 33 -8.11 -0.35 13.22
N ARG B 34 -6.88 0.09 13.46
CA ARG B 34 -6.60 1.38 14.08
C ARG B 34 -7.03 2.55 13.18
N LEU B 35 -7.28 2.26 11.91
CA LEU B 35 -7.67 3.28 10.94
C LEU B 35 -9.01 3.91 11.28
N SER B 36 -9.84 3.17 12.00
CA SER B 36 -11.18 3.63 12.34
C SER B 36 -11.13 4.67 13.47
N SER B 37 -9.92 5.05 13.86
CA SER B 37 -9.73 6.05 14.89
C SER B 37 -9.54 7.43 14.27
N ALA B 38 -9.63 8.47 15.11
CA ALA B 38 -9.45 9.84 14.67
C ALA B 38 -8.01 10.07 14.20
N GLU B 39 -7.11 9.21 14.68
CA GLU B 39 -5.70 9.27 14.32
C GLU B 39 -5.53 9.37 12.81
N ALA B 40 -6.05 8.37 12.12
CA ALA B 40 -5.96 8.32 10.66
C ALA B 40 -6.76 9.45 10.04
N ALA B 41 -8.07 9.48 10.35
CA ALA B 41 -8.99 10.42 9.71
C ALA B 41 -8.47 11.85 9.71
N SER B 42 -7.77 12.24 10.76
CA SER B 42 -7.25 13.60 10.88
C SER B 42 -6.10 13.86 9.90
N ARG B 43 -5.33 12.83 9.56
CA ARG B 43 -4.16 12.98 8.70
C ARG B 43 -4.55 12.74 7.27
N VAL B 44 -5.38 11.73 7.09
CA VAL B 44 -5.89 11.36 5.79
C VAL B 44 -6.64 12.53 5.15
N SER B 45 -7.48 13.19 5.93
CA SER B 45 -8.28 14.30 5.42
C SER B 45 -7.45 15.57 5.29
N SER B 46 -6.21 15.53 5.76
CA SER B 46 -5.32 16.67 5.69
C SER B 46 -4.53 16.64 4.38
N ASN B 47 -4.47 15.46 3.77
CA ASN B 47 -3.65 15.27 2.59
C ASN B 47 -4.51 14.98 1.36
N ILE B 48 -5.83 14.96 1.56
CA ILE B 48 -6.76 14.73 0.45
C ILE B 48 -6.62 15.82 -0.61
N ALA B 49 -6.47 17.06 -0.17
CA ALA B 49 -6.40 18.19 -1.09
C ALA B 49 -5.03 18.27 -1.75
N ALA B 50 -4.09 17.50 -1.24
CA ALA B 50 -2.73 17.49 -1.77
C ALA B 50 -2.66 16.54 -2.97
N ILE B 51 -3.12 15.32 -2.77
CA ILE B 51 -3.09 14.32 -3.83
C ILE B 51 -4.02 14.73 -4.96
N ALA B 52 -5.13 15.34 -4.60
CA ALA B 52 -6.12 15.78 -5.58
C ALA B 52 -5.53 16.84 -6.52
N SER B 53 -4.52 17.54 -6.05
CA SER B 53 -3.93 18.63 -6.80
C SER B 53 -2.63 18.21 -7.50
N GLY B 54 -2.13 17.02 -7.18
CA GLY B 54 -0.87 16.58 -7.73
C GLY B 54 -0.99 15.29 -8.53
N GLY B 55 -1.95 14.46 -8.14
CA GLY B 55 -2.15 13.18 -8.80
C GLY B 55 -1.19 12.14 -8.29
N ALA B 56 0.04 12.20 -8.77
CA ALA B 56 1.07 11.25 -8.37
C ALA B 56 2.29 11.98 -7.80
N SER B 57 2.40 13.26 -8.14
CA SER B 57 3.53 14.08 -7.70
C SER B 57 3.44 14.34 -6.20
N ALA B 58 2.25 14.16 -5.65
CA ALA B 58 2.01 14.42 -4.24
C ALA B 58 2.29 13.18 -3.40
N LEU B 59 2.38 12.03 -4.06
CA LEU B 59 2.57 10.76 -3.37
C LEU B 59 3.80 10.78 -2.44
N PRO B 60 5.01 11.06 -2.97
CA PRO B 60 6.24 11.05 -2.17
C PRO B 60 6.19 12.06 -1.03
N SER B 61 5.40 13.10 -1.21
CA SER B 61 5.27 14.14 -0.20
C SER B 61 4.28 13.74 0.88
N VAL B 62 3.17 13.14 0.46
CA VAL B 62 2.07 12.81 1.36
C VAL B 62 2.42 11.57 2.17
N ILE B 63 3.07 10.62 1.51
CA ILE B 63 3.55 9.43 2.20
C ILE B 63 4.50 9.81 3.32
N SER B 64 5.37 10.79 3.05
CA SER B 64 6.35 11.23 4.02
C SER B 64 5.67 11.88 5.21
N ASN B 65 4.59 12.60 4.94
CA ASN B 65 3.82 13.27 5.97
C ASN B 65 3.18 12.26 6.91
N ILE B 66 2.51 11.28 6.33
CA ILE B 66 1.77 10.29 7.10
C ILE B 66 2.72 9.30 7.78
N TYR B 67 3.67 8.78 7.03
CA TYR B 67 4.61 7.77 7.55
C TYR B 67 5.31 8.28 8.81
N SER B 68 5.94 9.44 8.71
CA SER B 68 6.68 10.00 9.83
C SER B 68 5.74 10.31 10.99
N GLY B 69 4.49 10.63 10.65
CA GLY B 69 3.49 10.90 11.66
C GLY B 69 3.15 9.68 12.47
N VAL B 70 3.04 8.54 11.78
CA VAL B 70 2.74 7.28 12.44
C VAL B 70 3.94 6.80 13.25
N VAL B 71 5.13 6.96 12.70
CA VAL B 71 6.36 6.53 13.37
C VAL B 71 6.53 7.29 14.69
N ALA B 72 6.16 8.56 14.69
CA ALA B 72 6.26 9.40 15.89
C ALA B 72 5.29 8.94 16.99
N SER B 73 4.36 8.06 16.64
CA SER B 73 3.41 7.52 17.60
C SER B 73 4.06 6.42 18.43
N GLY B 74 5.18 5.90 17.94
CA GLY B 74 5.85 4.81 18.63
C GLY B 74 5.40 3.46 18.11
N VAL B 75 5.19 3.39 16.81
CA VAL B 75 4.77 2.15 16.15
C VAL B 75 6.01 1.36 15.69
N SER B 76 5.83 0.09 15.39
CA SER B 76 6.88 -0.71 14.81
C SER B 76 7.26 -0.11 13.45
N SER B 77 8.56 -0.03 13.19
CA SER B 77 9.07 0.66 12.00
C SER B 77 8.48 0.11 10.70
N ASN B 78 8.34 -1.20 10.60
CA ASN B 78 7.84 -1.82 9.37
C ASN B 78 6.32 -1.85 9.37
N GLU B 79 5.71 -1.79 10.56
CA GLU B 79 4.27 -1.73 10.68
C GLU B 79 3.76 -0.37 10.25
N ALA B 80 4.59 0.64 10.46
CA ALA B 80 4.27 2.01 10.09
C ALA B 80 4.03 2.13 8.59
N LEU B 81 4.73 1.30 7.81
CA LEU B 81 4.55 1.28 6.36
C LEU B 81 3.11 0.96 6.03
N ILE B 82 2.61 -0.12 6.58
CA ILE B 82 1.26 -0.57 6.33
C ILE B 82 0.25 0.46 6.81
N GLN B 83 0.35 0.85 8.07
CA GLN B 83 -0.56 1.85 8.66
C GLN B 83 -0.59 3.12 7.81
N ALA B 84 0.59 3.64 7.48
CA ALA B 84 0.69 4.86 6.70
C ALA B 84 0.12 4.67 5.30
N LEU B 85 0.38 3.52 4.71
CA LEU B 85 -0.15 3.20 3.40
C LEU B 85 -1.68 3.15 3.45
N LEU B 86 -2.22 2.49 4.46
CA LEU B 86 -3.67 2.35 4.59
C LEU B 86 -4.33 3.71 4.77
N GLU B 87 -3.68 4.60 5.53
CA GLU B 87 -4.15 5.97 5.67
C GLU B 87 -4.12 6.68 4.33
N LEU B 88 -3.03 6.50 3.59
CA LEU B 88 -2.89 7.08 2.26
C LEU B 88 -3.96 6.55 1.32
N LEU B 89 -4.18 5.25 1.37
CA LEU B 89 -5.16 4.57 0.51
C LEU B 89 -6.57 5.10 0.74
N SER B 90 -6.76 5.85 1.82
CA SER B 90 -8.07 6.37 2.16
C SER B 90 -8.22 7.82 1.70
N ALA B 91 -7.10 8.53 1.62
CA ALA B 91 -7.12 9.95 1.27
C ALA B 91 -7.43 10.11 -0.21
N LEU B 92 -6.78 9.30 -1.02
CA LEU B 92 -6.83 9.45 -2.47
C LEU B 92 -8.11 8.83 -3.08
N VAL B 93 -8.83 8.03 -2.31
CA VAL B 93 -10.09 7.47 -2.79
C VAL B 93 -11.26 8.33 -2.37
N HIS B 94 -11.09 9.06 -1.28
CA HIS B 94 -12.14 9.94 -0.79
C HIS B 94 -12.34 11.10 -1.76
N VAL B 95 -11.24 11.54 -2.36
CA VAL B 95 -11.27 12.70 -3.25
C VAL B 95 -12.11 12.41 -4.49
N LEU B 96 -12.20 11.15 -4.87
CA LEU B 96 -12.96 10.75 -6.06
C LEU B 96 -14.44 11.02 -5.88
N SER B 97 -14.89 11.06 -4.63
CA SER B 97 -16.30 11.32 -4.34
C SER B 97 -16.70 12.71 -4.84
N SER B 98 -15.74 13.63 -4.84
CA SER B 98 -15.98 14.99 -5.29
C SER B 98 -15.21 15.26 -6.58
N ALA B 99 -14.64 14.21 -7.15
CA ALA B 99 -13.89 14.34 -8.38
C ALA B 99 -14.67 13.75 -9.54
N SER B 100 -15.40 14.61 -10.23
CA SER B 100 -16.14 14.23 -11.39
C SER B 100 -15.19 13.90 -12.55
N ILE B 101 -14.70 12.68 -12.57
CA ILE B 101 -13.74 12.26 -13.56
C ILE B 101 -14.37 12.19 -14.95
N GLY B 102 -13.58 12.52 -15.96
CA GLY B 102 -14.06 12.45 -17.32
C GLY B 102 -13.65 11.16 -18.00
N ASN B 103 -12.73 11.28 -18.94
CA ASN B 103 -12.28 10.12 -19.72
C ASN B 103 -10.83 9.81 -19.44
N VAL B 104 -10.57 8.65 -18.85
CA VAL B 104 -9.21 8.22 -18.60
C VAL B 104 -8.80 7.15 -19.62
N SER B 105 -7.82 7.48 -20.44
CA SER B 105 -7.31 6.54 -21.42
C SER B 105 -6.26 5.64 -20.79
N SER B 106 -6.14 4.41 -21.28
CA SER B 106 -5.21 3.43 -20.75
C SER B 106 -3.79 3.68 -21.27
N VAL B 107 -3.52 4.91 -21.70
CA VAL B 107 -2.25 5.25 -22.29
C VAL B 107 -1.53 6.31 -21.45
N GLY B 108 -0.35 5.95 -20.96
CA GLY B 108 0.44 6.86 -20.16
C GLY B 108 0.69 6.33 -18.78
N VAL B 109 -0.03 5.27 -18.42
CA VAL B 109 0.10 4.66 -17.11
C VAL B 109 1.52 4.15 -16.89
N ASP B 110 2.17 3.76 -17.99
CA ASP B 110 3.54 3.25 -17.96
C ASP B 110 4.45 4.20 -17.17
N SER B 111 4.26 5.49 -17.42
CA SER B 111 5.05 6.52 -16.78
C SER B 111 4.70 6.67 -15.31
N THR B 112 3.46 6.34 -14.96
CA THR B 112 2.97 6.51 -13.61
C THR B 112 3.58 5.45 -12.69
N LEU B 113 3.81 4.26 -13.26
CA LEU B 113 4.47 3.19 -12.54
C LEU B 113 5.86 3.65 -12.10
N ASN B 114 6.47 4.52 -12.88
CA ASN B 114 7.81 5.01 -12.58
C ASN B 114 7.79 5.95 -11.39
N VAL B 115 6.63 6.55 -11.13
CA VAL B 115 6.49 7.53 -10.06
C VAL B 115 6.18 6.85 -8.74
N VAL B 116 5.35 5.81 -8.79
CA VAL B 116 5.00 5.08 -7.59
C VAL B 116 6.24 4.44 -6.96
N GLN B 117 7.19 4.05 -7.82
CA GLN B 117 8.44 3.46 -7.37
C GLN B 117 9.24 4.46 -6.56
N ASP B 118 9.06 5.72 -6.90
CA ASP B 118 9.79 6.82 -6.27
C ASP B 118 9.17 7.16 -4.92
N SER B 119 7.86 7.01 -4.87
CA SER B 119 7.10 7.44 -3.72
C SER B 119 7.19 6.45 -2.56
N VAL B 120 7.10 5.17 -2.86
CA VAL B 120 7.00 4.16 -1.81
C VAL B 120 8.18 3.19 -1.84
N GLY B 121 8.92 3.17 -2.94
CA GLY B 121 10.00 2.21 -3.10
C GLY B 121 11.13 2.39 -2.09
N GLN B 122 11.17 3.56 -1.47
CA GLN B 122 12.19 3.84 -0.46
C GLN B 122 11.67 3.54 0.94
N TYR B 123 10.40 3.16 1.04
CA TYR B 123 9.82 2.86 2.33
C TYR B 123 9.66 1.34 2.49
N VAL B 124 9.58 0.65 1.37
CA VAL B 124 9.56 -0.82 1.36
C VAL B 124 11.00 -1.37 1.39
N GLY B 125 11.96 -0.47 1.27
CA GLY B 125 13.35 -0.85 1.30
C GLY B 125 14.23 0.27 1.81
N GLY A 1 9.01 -25.51 -0.66
CA GLY A 1 9.92 -25.53 0.50
C GLY A 1 9.30 -26.27 1.67
N SER A 2 8.71 -25.51 2.59
CA SER A 2 8.04 -26.10 3.75
C SER A 2 7.14 -25.06 4.40
N GLY A 3 7.72 -23.89 4.69
CA GLY A 3 6.97 -22.84 5.33
C GLY A 3 7.67 -22.31 6.57
N ASN A 4 9.00 -22.29 6.52
CA ASN A 4 9.80 -21.79 7.63
C ASN A 4 9.43 -20.36 7.93
N SER A 5 8.82 -20.14 9.10
CA SER A 5 8.29 -18.83 9.42
C SER A 5 8.74 -18.38 10.80
N VAL A 6 9.44 -17.25 10.83
CA VAL A 6 9.85 -16.59 12.06
C VAL A 6 9.44 -15.13 11.99
N THR A 7 8.49 -14.74 12.84
CA THR A 7 7.93 -13.39 12.78
C THR A 7 8.92 -12.38 13.38
N SER A 8 9.85 -12.88 14.19
CA SER A 8 10.88 -12.02 14.76
C SER A 8 12.03 -11.84 13.78
N GLY A 9 11.79 -11.04 12.73
CA GLY A 9 12.81 -10.78 11.74
C GLY A 9 12.35 -9.74 10.74
N GLY A 10 12.71 -9.94 9.48
CA GLY A 10 12.30 -9.03 8.43
C GLY A 10 13.03 -7.70 8.49
N TYR A 11 12.46 -6.75 9.23
CA TYR A 11 13.03 -5.41 9.35
C TYR A 11 14.44 -5.45 9.96
N GLY A 12 14.75 -6.54 10.65
CA GLY A 12 16.03 -6.67 11.34
C GLY A 12 17.23 -6.71 10.40
N TYR A 13 17.01 -7.15 9.16
CA TYR A 13 18.08 -7.17 8.16
C TYR A 13 18.37 -5.75 7.69
N GLY A 14 17.37 -4.91 7.78
CA GLY A 14 17.45 -3.59 7.21
C GLY A 14 16.18 -3.27 6.46
N THR A 15 15.44 -2.28 6.92
CA THR A 15 14.13 -1.98 6.37
C THR A 15 14.24 -1.25 5.03
N SER A 16 15.48 -0.98 4.61
CA SER A 16 15.72 -0.30 3.36
C SER A 16 16.95 -0.90 2.67
N ALA A 17 16.72 -1.48 1.50
CA ALA A 17 17.78 -2.08 0.72
C ALA A 17 17.39 -2.06 -0.75
N ALA A 18 18.30 -1.60 -1.60
CA ALA A 18 18.03 -1.44 -3.03
C ALA A 18 18.02 -2.78 -3.76
N ALA A 19 17.08 -3.64 -3.39
CA ALA A 19 16.90 -4.94 -4.02
C ALA A 19 15.56 -5.52 -3.60
N GLY A 20 15.18 -6.65 -4.16
CA GLY A 20 13.89 -7.21 -3.85
C GLY A 20 13.88 -8.71 -3.78
N ALA A 21 12.68 -9.28 -3.86
CA ALA A 21 12.51 -10.73 -3.91
C ALA A 21 13.09 -11.41 -2.68
N GLY A 22 12.47 -11.17 -1.53
CA GLY A 22 12.88 -11.81 -0.30
C GLY A 22 14.05 -11.12 0.40
N VAL A 23 14.29 -9.85 0.07
CA VAL A 23 15.36 -9.09 0.73
C VAL A 23 15.12 -8.96 2.23
N ALA A 24 13.92 -8.53 2.57
CA ALA A 24 13.49 -8.42 3.95
C ALA A 24 12.09 -8.96 4.05
N ALA A 25 11.82 -9.77 5.06
CA ALA A 25 10.53 -10.43 5.19
C ALA A 25 9.37 -9.44 5.26
N GLY A 26 9.66 -8.17 5.53
CA GLY A 26 8.61 -7.17 5.61
C GLY A 26 8.81 -6.00 4.67
N SER A 27 9.75 -6.14 3.74
CA SER A 27 10.06 -5.07 2.80
C SER A 27 10.82 -5.60 1.59
N TYR A 28 10.38 -5.20 0.40
CA TYR A 28 10.99 -5.68 -0.84
C TYR A 28 10.82 -4.65 -1.93
N ALA A 29 11.89 -4.35 -2.64
CA ALA A 29 11.83 -3.40 -3.73
C ALA A 29 11.66 -4.08 -5.08
N GLY A 30 11.83 -5.39 -5.12
CA GLY A 30 11.69 -6.12 -6.37
C GLY A 30 10.28 -6.05 -6.89
N ALA A 31 9.33 -6.03 -5.97
CA ALA A 31 7.92 -5.87 -6.28
C ALA A 31 7.66 -4.48 -6.87
N VAL A 32 8.64 -3.59 -6.71
CA VAL A 32 8.51 -2.22 -7.17
C VAL A 32 9.20 -2.01 -8.51
N ASN A 33 10.41 -2.55 -8.66
CA ASN A 33 11.17 -2.35 -9.90
C ASN A 33 10.44 -2.92 -11.10
N ARG A 34 9.81 -4.07 -10.90
CA ARG A 34 9.12 -4.77 -12.00
C ARG A 34 7.87 -4.02 -12.45
N LEU A 35 7.55 -2.93 -11.75
CA LEU A 35 6.39 -2.11 -12.11
C LEU A 35 6.62 -1.40 -13.43
N SER A 36 7.89 -1.15 -13.73
CA SER A 36 8.27 -0.46 -14.96
C SER A 36 8.15 -1.39 -16.16
N SER A 37 7.81 -2.64 -15.90
CA SER A 37 7.63 -3.63 -16.94
C SER A 37 6.21 -3.56 -17.47
N ALA A 38 5.96 -4.23 -18.59
CA ALA A 38 4.63 -4.25 -19.20
C ALA A 38 3.66 -5.01 -18.32
N GLU A 39 4.19 -5.70 -17.32
CA GLU A 39 3.38 -6.45 -16.37
C GLU A 39 2.35 -5.54 -15.71
N ALA A 40 2.83 -4.58 -14.95
CA ALA A 40 1.96 -3.64 -14.24
C ALA A 40 1.15 -2.80 -15.20
N ALA A 41 1.82 -2.18 -16.18
CA ALA A 41 1.16 -1.28 -17.13
C ALA A 41 0.07 -1.98 -17.94
N SER A 42 -0.01 -3.30 -17.83
CA SER A 42 -1.06 -4.06 -18.49
C SER A 42 -2.26 -4.25 -17.56
N ARG A 43 -2.00 -4.33 -16.25
CA ARG A 43 -3.04 -4.65 -15.28
C ARG A 43 -3.58 -3.38 -14.65
N VAL A 44 -2.67 -2.48 -14.34
CA VAL A 44 -3.00 -1.18 -13.77
C VAL A 44 -3.92 -0.41 -14.70
N SER A 45 -3.53 -0.34 -15.96
CA SER A 45 -4.26 0.42 -16.97
C SER A 45 -5.60 -0.23 -17.31
N SER A 46 -5.83 -1.42 -16.78
CA SER A 46 -7.08 -2.13 -17.03
C SER A 46 -8.09 -1.84 -15.92
N ASN A 47 -7.59 -1.33 -14.80
CA ASN A 47 -8.43 -1.11 -13.64
C ASN A 47 -8.57 0.38 -13.34
N ILE A 48 -7.93 1.21 -14.17
CA ILE A 48 -8.02 2.65 -14.02
C ILE A 48 -9.47 3.12 -14.12
N ALA A 49 -10.22 2.55 -15.06
CA ALA A 49 -11.60 2.97 -15.29
C ALA A 49 -12.52 2.37 -14.24
N ALA A 50 -12.01 1.41 -13.48
CA ALA A 50 -12.78 0.77 -12.43
C ALA A 50 -12.80 1.63 -11.18
N ILE A 51 -11.62 2.00 -10.71
CA ILE A 51 -11.50 2.82 -9.51
C ILE A 51 -12.11 4.19 -9.74
N ALA A 52 -11.95 4.70 -10.95
CA ALA A 52 -12.49 6.01 -11.32
C ALA A 52 -14.00 6.05 -11.14
N SER A 53 -14.63 4.89 -11.28
CA SER A 53 -16.08 4.80 -11.24
C SER A 53 -16.58 4.58 -9.81
N GLY A 54 -15.79 3.88 -9.00
CA GLY A 54 -16.20 3.59 -7.64
C GLY A 54 -15.58 4.53 -6.64
N GLY A 55 -14.26 4.58 -6.64
CA GLY A 55 -13.53 5.36 -5.65
C GLY A 55 -12.91 4.45 -4.62
N ALA A 56 -13.69 4.08 -3.64
CA ALA A 56 -13.25 3.17 -2.59
C ALA A 56 -13.94 1.83 -2.73
N SER A 57 -15.12 1.85 -3.37
CA SER A 57 -15.90 0.65 -3.57
C SER A 57 -15.26 -0.26 -4.62
N ALA A 58 -14.32 0.30 -5.36
CA ALA A 58 -13.62 -0.45 -6.40
C ALA A 58 -12.37 -1.11 -5.86
N LEU A 59 -11.92 -0.65 -4.69
CA LEU A 59 -10.68 -1.12 -4.11
C LEU A 59 -10.67 -2.64 -3.92
N PRO A 60 -11.62 -3.22 -3.15
CA PRO A 60 -11.63 -4.66 -2.86
C PRO A 60 -11.72 -5.50 -4.14
N SER A 61 -12.28 -4.91 -5.19
CA SER A 61 -12.45 -5.60 -6.45
C SER A 61 -11.17 -5.51 -7.29
N VAL A 62 -10.56 -4.33 -7.30
CA VAL A 62 -9.39 -4.07 -8.13
C VAL A 62 -8.15 -4.70 -7.51
N ILE A 63 -8.08 -4.64 -6.19
CA ILE A 63 -7.01 -5.30 -5.46
C ILE A 63 -7.00 -6.79 -5.74
N SER A 64 -8.20 -7.37 -5.84
CA SER A 64 -8.32 -8.79 -6.10
C SER A 64 -7.86 -9.10 -7.52
N ASN A 65 -8.21 -8.22 -8.45
CA ASN A 65 -7.83 -8.38 -9.85
C ASN A 65 -6.33 -8.39 -10.01
N ILE A 66 -5.66 -7.54 -9.24
CA ILE A 66 -4.22 -7.42 -9.32
C ILE A 66 -3.51 -8.47 -8.46
N TYR A 67 -3.91 -8.59 -7.21
CA TYR A 67 -3.25 -9.49 -6.25
C TYR A 67 -3.17 -10.91 -6.79
N SER A 68 -4.30 -11.44 -7.24
CA SER A 68 -4.34 -12.80 -7.76
C SER A 68 -3.45 -12.93 -8.99
N GLY A 69 -3.29 -11.83 -9.71
CA GLY A 69 -2.44 -11.81 -10.88
C GLY A 69 -0.98 -11.85 -10.50
N VAL A 70 -0.65 -11.08 -9.46
CA VAL A 70 0.70 -11.03 -8.92
C VAL A 70 1.11 -12.38 -8.35
N VAL A 71 0.24 -12.96 -7.55
CA VAL A 71 0.50 -14.26 -6.93
C VAL A 71 0.70 -15.34 -7.98
N ALA A 72 -0.06 -15.23 -9.08
CA ALA A 72 0.04 -16.18 -10.18
C ALA A 72 1.30 -15.97 -11.00
N SER A 73 2.08 -14.96 -10.65
CA SER A 73 3.33 -14.68 -11.34
C SER A 73 4.47 -15.48 -10.72
N GLY A 74 4.21 -16.10 -9.57
CA GLY A 74 5.24 -16.88 -8.91
C GLY A 74 6.06 -16.06 -7.95
N VAL A 75 5.43 -15.06 -7.36
CA VAL A 75 6.09 -14.18 -6.40
C VAL A 75 5.96 -14.73 -4.99
N SER A 76 6.81 -14.28 -4.09
CA SER A 76 6.69 -14.62 -2.68
C SER A 76 5.31 -14.23 -2.17
N SER A 77 4.73 -15.11 -1.34
CA SER A 77 3.36 -14.92 -0.87
C SER A 77 3.18 -13.58 -0.15
N ASN A 78 4.22 -13.11 0.54
CA ASN A 78 4.11 -11.87 1.30
C ASN A 78 4.51 -10.67 0.43
N GLU A 79 5.45 -10.88 -0.48
CA GLU A 79 5.92 -9.82 -1.37
C GLU A 79 4.83 -9.43 -2.36
N ALA A 80 3.93 -10.39 -2.63
CA ALA A 80 2.82 -10.17 -3.54
C ALA A 80 1.95 -9.00 -3.11
N LEU A 81 1.76 -8.87 -1.80
CA LEU A 81 0.96 -7.78 -1.24
C LEU A 81 1.50 -6.44 -1.71
N ILE A 82 2.82 -6.27 -1.59
CA ILE A 82 3.46 -5.01 -1.91
C ILE A 82 3.27 -4.66 -3.39
N GLN A 83 3.65 -5.57 -4.29
CA GLN A 83 3.48 -5.34 -5.72
C GLN A 83 2.03 -5.08 -6.07
N ALA A 84 1.15 -5.92 -5.54
CA ALA A 84 -0.28 -5.80 -5.81
C ALA A 84 -0.79 -4.43 -5.41
N LEU A 85 -0.29 -3.94 -4.28
CA LEU A 85 -0.62 -2.62 -3.81
C LEU A 85 -0.03 -1.55 -4.72
N LEU A 86 1.25 -1.68 -5.05
CA LEU A 86 1.96 -0.66 -5.80
C LEU A 86 1.37 -0.48 -7.20
N GLU A 87 0.97 -1.59 -7.82
CA GLU A 87 0.25 -1.53 -9.07
C GLU A 87 -1.06 -0.77 -8.89
N LEU A 88 -1.78 -1.06 -7.81
CA LEU A 88 -3.02 -0.36 -7.49
C LEU A 88 -2.75 1.14 -7.30
N LEU A 89 -1.68 1.44 -6.58
CA LEU A 89 -1.30 2.82 -6.28
C LEU A 89 -1.02 3.62 -7.54
N SER A 90 -0.89 2.93 -8.66
CA SER A 90 -0.60 3.59 -9.92
C SER A 90 -1.87 3.80 -10.72
N ALA A 91 -2.84 2.92 -10.54
CA ALA A 91 -4.08 2.98 -11.30
C ALA A 91 -4.91 4.18 -10.88
N LEU A 92 -4.95 4.43 -9.58
CA LEU A 92 -5.82 5.44 -9.02
C LEU A 92 -5.21 6.84 -9.05
N VAL A 93 -3.90 6.94 -9.27
CA VAL A 93 -3.27 8.25 -9.37
C VAL A 93 -3.24 8.73 -10.82
N HIS A 94 -3.17 7.78 -11.74
CA HIS A 94 -3.15 8.11 -13.16
C HIS A 94 -4.48 8.74 -13.57
N VAL A 95 -5.56 8.25 -12.98
CA VAL A 95 -6.89 8.72 -13.34
C VAL A 95 -7.07 10.21 -12.99
N LEU A 96 -6.32 10.67 -12.00
CA LEU A 96 -6.40 12.07 -11.55
C LEU A 96 -5.88 13.02 -12.63
N SER A 97 -5.08 12.51 -13.54
CA SER A 97 -4.54 13.32 -14.62
C SER A 97 -5.68 13.79 -15.53
N SER A 98 -6.74 12.98 -15.61
CA SER A 98 -7.87 13.27 -16.46
C SER A 98 -9.10 13.62 -15.61
N ALA A 99 -9.02 13.30 -14.34
CA ALA A 99 -10.10 13.58 -13.41
C ALA A 99 -9.99 15.01 -12.88
N SER A 100 -10.81 15.89 -13.44
CA SER A 100 -10.86 17.27 -12.97
C SER A 100 -11.65 17.33 -11.66
N ILE A 101 -10.93 17.25 -10.55
CA ILE A 101 -11.57 17.24 -9.24
C ILE A 101 -12.06 18.63 -8.84
N GLY A 102 -13.21 18.67 -8.17
CA GLY A 102 -13.79 19.94 -7.75
C GLY A 102 -13.45 20.30 -6.32
N ASN A 103 -14.42 20.17 -5.44
CA ASN A 103 -14.24 20.56 -4.04
C ASN A 103 -14.46 19.37 -3.12
N VAL A 104 -13.38 18.90 -2.51
CA VAL A 104 -13.44 17.81 -1.55
C VAL A 104 -13.53 18.33 -0.13
N SER A 105 -14.33 17.66 0.69
CA SER A 105 -14.51 18.06 2.06
C SER A 105 -13.64 17.23 2.98
N SER A 106 -13.25 17.80 4.12
CA SER A 106 -12.43 17.10 5.09
C SER A 106 -13.32 16.30 6.04
N VAL A 107 -14.62 16.30 5.78
CA VAL A 107 -15.57 15.59 6.60
C VAL A 107 -16.13 14.40 5.84
N GLY A 108 -16.16 13.27 6.50
CA GLY A 108 -16.65 12.06 5.88
C GLY A 108 -15.53 11.08 5.62
N VAL A 109 -14.29 11.57 5.66
CA VAL A 109 -13.12 10.73 5.47
C VAL A 109 -13.08 9.65 6.53
N ASP A 110 -13.58 9.99 7.72
CA ASP A 110 -13.65 9.07 8.85
C ASP A 110 -14.29 7.74 8.45
N SER A 111 -15.29 7.83 7.60
CA SER A 111 -16.03 6.66 7.14
C SER A 111 -15.28 5.94 6.01
N THR A 112 -14.48 6.69 5.26
CA THR A 112 -13.73 6.12 4.16
C THR A 112 -12.62 5.21 4.69
N LEU A 113 -12.09 5.58 5.85
CA LEU A 113 -11.10 4.76 6.54
C LEU A 113 -11.66 3.37 6.83
N ASN A 114 -12.98 3.29 6.96
CA ASN A 114 -13.63 2.01 7.27
C ASN A 114 -13.64 1.12 6.04
N VAL A 115 -13.64 1.74 4.87
CA VAL A 115 -13.72 1.00 3.61
C VAL A 115 -12.36 0.46 3.22
N VAL A 116 -11.32 1.24 3.49
CA VAL A 116 -9.97 0.82 3.16
C VAL A 116 -9.58 -0.41 3.97
N GLN A 117 -10.11 -0.51 5.19
CA GLN A 117 -9.84 -1.63 6.07
C GLN A 117 -10.44 -2.90 5.50
N ASP A 118 -11.46 -2.73 4.68
CA ASP A 118 -12.18 -3.85 4.09
C ASP A 118 -11.47 -4.30 2.82
N SER A 119 -10.88 -3.34 2.13
CA SER A 119 -10.29 -3.57 0.83
C SER A 119 -8.93 -4.26 0.94
N VAL A 120 -8.09 -3.76 1.83
CA VAL A 120 -6.72 -4.26 1.94
C VAL A 120 -6.49 -5.01 3.25
N GLY A 121 -7.35 -4.76 4.23
CA GLY A 121 -7.21 -5.39 5.54
C GLY A 121 -7.20 -6.90 5.47
N GLN A 122 -7.93 -7.44 4.50
CA GLN A 122 -8.03 -8.88 4.32
C GLN A 122 -6.84 -9.45 3.53
N TYR A 123 -5.96 -8.57 3.08
CA TYR A 123 -4.77 -8.99 2.36
C TYR A 123 -3.52 -8.81 3.22
N VAL A 124 -3.60 -7.86 4.16
CA VAL A 124 -2.52 -7.65 5.13
C VAL A 124 -2.77 -8.45 6.39
N GLY A 125 -3.93 -9.11 6.44
CA GLY A 125 -4.28 -9.91 7.59
C GLY A 125 -5.30 -10.96 7.24
N GLY B 1 13.30 -12.33 19.28
CA GLY B 1 13.16 -11.33 20.33
C GLY B 1 14.49 -10.68 20.65
N SER B 2 15.55 -11.18 20.05
CA SER B 2 16.89 -10.66 20.27
C SER B 2 17.32 -9.78 19.09
N GLY B 3 16.36 -9.39 18.27
CA GLY B 3 16.67 -8.63 17.08
C GLY B 3 17.23 -9.53 15.99
N ASN B 4 16.58 -10.67 15.81
CA ASN B 4 17.03 -11.68 14.86
C ASN B 4 17.06 -11.12 13.45
N SER B 5 18.19 -11.27 12.78
CA SER B 5 18.33 -10.84 11.40
C SER B 5 18.01 -12.01 10.46
N VAL B 6 16.73 -12.36 10.40
CA VAL B 6 16.28 -13.47 9.59
C VAL B 6 15.20 -13.02 8.61
N THR B 7 15.25 -13.52 7.38
CA THR B 7 14.25 -13.19 6.39
C THR B 7 13.32 -14.39 6.15
N SER B 8 12.31 -14.49 7.00
CA SER B 8 11.33 -15.57 6.93
C SER B 8 10.06 -15.15 7.67
N GLY B 9 9.04 -15.99 7.63
CA GLY B 9 7.84 -15.70 8.38
C GLY B 9 6.68 -15.28 7.51
N GLY B 10 5.75 -14.55 8.10
CA GLY B 10 4.63 -14.02 7.35
C GLY B 10 3.51 -15.03 7.17
N TYR B 11 3.40 -15.56 5.95
CA TYR B 11 2.29 -16.42 5.55
C TYR B 11 2.16 -17.66 6.44
N GLY B 12 3.27 -18.08 7.03
CA GLY B 12 3.28 -19.31 7.81
C GLY B 12 2.47 -19.22 9.08
N TYR B 13 2.34 -18.02 9.64
CA TYR B 13 1.60 -17.84 10.89
C TYR B 13 0.11 -17.72 10.61
N GLY B 14 -0.27 -17.86 9.35
CA GLY B 14 -1.63 -17.70 8.97
C GLY B 14 -1.84 -16.41 8.20
N THR B 15 -1.96 -16.53 6.89
CA THR B 15 -2.11 -15.37 6.02
C THR B 15 -3.33 -14.55 6.40
N SER B 16 -4.37 -15.24 6.82
CA SER B 16 -5.60 -14.60 7.26
C SER B 16 -5.64 -14.49 8.77
N ALA B 17 -4.98 -13.46 9.29
CA ALA B 17 -4.96 -13.22 10.73
C ALA B 17 -5.79 -11.99 11.08
N ALA B 18 -6.56 -12.10 12.16
CA ALA B 18 -7.40 -11.01 12.61
C ALA B 18 -6.68 -10.13 13.63
N ALA B 19 -5.38 -10.34 13.77
CA ALA B 19 -4.57 -9.57 14.70
C ALA B 19 -3.55 -8.74 13.94
N GLY B 20 -2.74 -7.97 14.66
CA GLY B 20 -1.78 -7.11 14.01
C GLY B 20 -0.52 -6.92 14.81
N ALA B 21 0.31 -5.98 14.36
CA ALA B 21 1.56 -5.61 15.03
C ALA B 21 2.62 -6.70 14.93
N GLY B 22 2.31 -7.86 15.48
CA GLY B 22 3.25 -8.95 15.48
C GLY B 22 2.63 -10.24 14.98
N VAL B 23 2.02 -10.16 13.80
CA VAL B 23 1.42 -11.35 13.18
C VAL B 23 2.30 -11.90 12.08
N ALA B 24 2.48 -11.13 11.02
CA ALA B 24 3.27 -11.55 9.89
C ALA B 24 4.41 -10.57 9.69
N ALA B 25 5.49 -11.03 9.09
CA ALA B 25 6.67 -10.21 8.93
C ALA B 25 6.41 -8.99 8.04
N GLY B 26 5.56 -9.16 7.04
CA GLY B 26 5.24 -8.07 6.14
C GLY B 26 3.76 -7.87 5.98
N SER B 27 3.00 -8.26 7.00
CA SER B 27 1.56 -8.10 6.98
C SER B 27 1.00 -8.01 8.40
N TYR B 28 0.20 -6.99 8.64
CA TYR B 28 -0.38 -6.77 9.96
C TYR B 28 -1.69 -6.03 9.82
N ALA B 29 -2.69 -6.47 10.55
CA ALA B 29 -4.01 -5.87 10.48
C ALA B 29 -4.20 -4.81 11.56
N GLY B 30 -3.30 -4.79 12.54
CA GLY B 30 -3.42 -3.85 13.65
C GLY B 30 -3.34 -2.42 13.16
N ALA B 31 -2.52 -2.21 12.15
CA ALA B 31 -2.38 -0.91 11.52
C ALA B 31 -3.67 -0.49 10.83
N VAL B 32 -4.46 -1.48 10.44
CA VAL B 32 -5.68 -1.25 9.68
C VAL B 32 -6.85 -0.97 10.61
N ASN B 33 -6.90 -1.71 11.71
CA ASN B 33 -8.02 -1.67 12.62
C ASN B 33 -8.10 -0.34 13.37
N ARG B 34 -7.01 0.40 13.37
CA ARG B 34 -6.96 1.68 14.08
C ARG B 34 -7.25 2.84 13.14
N LEU B 35 -7.62 2.52 11.91
CA LEU B 35 -7.90 3.54 10.91
C LEU B 35 -9.26 4.19 11.17
N SER B 36 -10.15 3.45 11.83
CA SER B 36 -11.47 3.96 12.16
C SER B 36 -11.39 4.98 13.30
N SER B 37 -10.19 5.17 13.80
CA SER B 37 -9.93 6.13 14.86
C SER B 37 -9.71 7.52 14.29
N ALA B 38 -9.92 8.54 15.12
CA ALA B 38 -9.75 9.93 14.70
C ALA B 38 -8.32 10.22 14.27
N GLU B 39 -7.39 9.41 14.78
CA GLU B 39 -5.97 9.53 14.45
C GLU B 39 -5.77 9.58 12.94
N ALA B 40 -6.24 8.55 12.26
CA ALA B 40 -6.11 8.48 10.81
C ALA B 40 -6.90 9.60 10.14
N ALA B 41 -8.21 9.61 10.36
CA ALA B 41 -9.11 10.55 9.70
C ALA B 41 -8.62 11.99 9.77
N SER B 42 -7.98 12.35 10.88
CA SER B 42 -7.50 13.71 11.09
C SER B 42 -6.32 14.03 10.16
N ARG B 43 -5.56 13.00 9.78
CA ARG B 43 -4.37 13.19 8.97
C ARG B 43 -4.72 12.96 7.50
N VAL B 44 -5.55 11.96 7.28
CA VAL B 44 -6.01 11.60 5.96
C VAL B 44 -6.77 12.75 5.32
N SER B 45 -7.62 13.41 6.10
CA SER B 45 -8.42 14.54 5.60
C SER B 45 -7.56 15.79 5.44
N SER B 46 -6.33 15.72 5.91
CA SER B 46 -5.40 16.84 5.81
C SER B 46 -4.60 16.76 4.52
N ASN B 47 -4.58 15.59 3.91
CA ASN B 47 -3.76 15.36 2.72
C ASN B 47 -4.64 15.09 1.50
N ILE B 48 -5.94 15.05 1.70
CA ILE B 48 -6.88 14.85 0.61
C ILE B 48 -6.72 15.92 -0.46
N ALA B 49 -6.55 17.16 -0.03
CA ALA B 49 -6.46 18.29 -0.94
C ALA B 49 -5.09 18.36 -1.61
N ALA B 50 -4.15 17.61 -1.06
CA ALA B 50 -2.79 17.59 -1.60
C ALA B 50 -2.71 16.64 -2.79
N ILE B 51 -3.19 15.42 -2.59
CA ILE B 51 -3.17 14.42 -3.66
C ILE B 51 -4.12 14.83 -4.77
N ALA B 52 -5.21 15.49 -4.40
CA ALA B 52 -6.21 15.97 -5.35
C ALA B 52 -5.63 17.04 -6.27
N SER B 53 -4.50 17.60 -5.88
CA SER B 53 -3.89 18.68 -6.64
C SER B 53 -2.64 18.20 -7.38
N GLY B 54 -1.94 17.23 -6.81
CA GLY B 54 -0.73 16.73 -7.43
C GLY B 54 -0.95 15.46 -8.24
N GLY B 55 -1.94 14.68 -7.84
CA GLY B 55 -2.23 13.43 -8.50
C GLY B 55 -1.25 12.35 -8.12
N ALA B 56 -0.04 12.46 -8.63
CA ALA B 56 1.01 11.49 -8.37
C ALA B 56 2.21 12.15 -7.71
N SER B 57 2.41 13.43 -8.01
CA SER B 57 3.58 14.15 -7.51
C SER B 57 3.44 14.47 -6.03
N ALA B 58 2.24 14.25 -5.49
CA ALA B 58 1.98 14.50 -4.09
C ALA B 58 2.29 13.27 -3.25
N LEU B 59 2.41 12.13 -3.92
CA LEU B 59 2.64 10.85 -3.24
C LEU B 59 3.89 10.90 -2.35
N PRO B 60 5.08 11.17 -2.93
CA PRO B 60 6.33 11.17 -2.16
C PRO B 60 6.30 12.14 -0.99
N SER B 61 5.47 13.17 -1.09
CA SER B 61 5.37 14.18 -0.06
C SER B 61 4.35 13.78 1.02
N VAL B 62 3.22 13.23 0.57
CA VAL B 62 2.12 12.91 1.47
C VAL B 62 2.41 11.63 2.23
N ILE B 63 3.03 10.67 1.55
CA ILE B 63 3.47 9.45 2.19
C ILE B 63 4.42 9.77 3.34
N SER B 64 5.26 10.77 3.14
CA SER B 64 6.21 11.19 4.15
C SER B 64 5.48 11.85 5.32
N ASN B 65 4.51 12.71 4.99
CA ASN B 65 3.72 13.41 6.00
C ASN B 65 3.06 12.43 6.95
N ILE B 66 2.43 11.41 6.38
CA ILE B 66 1.73 10.41 7.16
C ILE B 66 2.69 9.45 7.86
N TYR B 67 3.66 8.94 7.12
CA TYR B 67 4.62 7.96 7.66
C TYR B 67 5.27 8.48 8.93
N SER B 68 5.77 9.70 8.88
CA SER B 68 6.43 10.31 10.04
C SER B 68 5.45 10.42 11.21
N GLY B 69 4.18 10.59 10.90
CA GLY B 69 3.16 10.69 11.93
C GLY B 69 2.88 9.34 12.55
N VAL B 70 2.84 8.32 11.69
CA VAL B 70 2.61 6.95 12.12
C VAL B 70 3.74 6.47 13.02
N VAL B 71 4.98 6.71 12.59
CA VAL B 71 6.15 6.30 13.36
C VAL B 71 6.17 7.00 14.71
N ALA B 72 5.76 8.27 14.74
CA ALA B 72 5.71 9.04 15.97
C ALA B 72 4.59 8.57 16.89
N SER B 73 3.78 7.63 16.42
CA SER B 73 2.69 7.08 17.22
C SER B 73 3.17 5.87 18.03
N GLY B 74 4.41 5.46 17.80
CA GLY B 74 4.97 4.35 18.55
C GLY B 74 4.62 3.01 17.95
N VAL B 75 4.43 3.00 16.64
CA VAL B 75 4.08 1.79 15.91
C VAL B 75 5.32 0.92 15.68
N SER B 76 5.12 -0.33 15.31
CA SER B 76 6.23 -1.20 14.92
C SER B 76 6.91 -0.61 13.69
N SER B 77 8.24 -0.68 13.68
CA SER B 77 9.05 -0.04 12.64
C SER B 77 8.62 -0.46 11.23
N ASN B 78 8.25 -1.73 11.07
CA ASN B 78 7.90 -2.25 9.76
C ASN B 78 6.41 -2.06 9.49
N GLU B 79 5.61 -2.11 10.54
CA GLU B 79 4.15 -1.94 10.42
C GLU B 79 3.81 -0.50 10.05
N ALA B 80 4.72 0.42 10.40
CA ALA B 80 4.55 1.84 10.09
C ALA B 80 4.32 2.05 8.59
N LEU B 81 5.01 1.27 7.77
CA LEU B 81 4.85 1.33 6.33
C LEU B 81 3.39 1.07 5.97
N ILE B 82 2.86 0.01 6.55
CA ILE B 82 1.49 -0.42 6.25
C ILE B 82 0.48 0.63 6.66
N GLN B 83 0.50 1.03 7.93
CA GLN B 83 -0.44 2.05 8.41
C GLN B 83 -0.32 3.34 7.60
N ALA B 84 0.91 3.77 7.34
CA ALA B 84 1.15 4.96 6.55
C ALA B 84 0.52 4.83 5.17
N LEU B 85 0.68 3.66 4.57
CA LEU B 85 0.09 3.38 3.27
C LEU B 85 -1.43 3.28 3.37
N LEU B 86 -1.94 2.69 4.44
CA LEU B 86 -3.39 2.54 4.62
C LEU B 86 -4.06 3.91 4.67
N GLU B 87 -3.51 4.81 5.47
CA GLU B 87 -4.02 6.16 5.58
C GLU B 87 -3.87 6.91 4.24
N LEU B 88 -2.76 6.65 3.57
CA LEU B 88 -2.51 7.21 2.25
C LEU B 88 -3.58 6.75 1.27
N LEU B 89 -3.88 5.45 1.31
CA LEU B 89 -4.87 4.85 0.42
C LEU B 89 -6.28 5.32 0.74
N SER B 90 -6.43 6.04 1.83
CA SER B 90 -7.75 6.51 2.25
C SER B 90 -7.98 7.93 1.75
N ALA B 91 -6.94 8.72 1.72
CA ALA B 91 -7.04 10.12 1.33
C ALA B 91 -7.39 10.24 -0.15
N LEU B 92 -6.72 9.45 -0.98
CA LEU B 92 -6.84 9.60 -2.43
C LEU B 92 -8.10 8.96 -3.00
N VAL B 93 -8.75 8.09 -2.24
CA VAL B 93 -9.99 7.48 -2.71
C VAL B 93 -11.19 8.31 -2.27
N HIS B 94 -11.02 9.03 -1.16
CA HIS B 94 -12.07 9.89 -0.66
C HIS B 94 -12.31 11.05 -1.62
N VAL B 95 -11.22 11.54 -2.22
CA VAL B 95 -11.31 12.70 -3.08
C VAL B 95 -12.15 12.42 -4.32
N LEU B 96 -12.22 11.15 -4.72
CA LEU B 96 -12.99 10.75 -5.90
C LEU B 96 -14.49 10.92 -5.65
N SER B 97 -14.88 10.97 -4.38
CA SER B 97 -16.29 11.16 -4.02
C SER B 97 -16.78 12.51 -4.52
N SER B 98 -15.88 13.49 -4.56
CA SER B 98 -16.23 14.82 -5.02
C SER B 98 -15.47 15.16 -6.29
N ALA B 99 -14.88 14.15 -6.90
CA ALA B 99 -14.14 14.32 -8.13
C ALA B 99 -14.89 13.70 -9.30
N SER B 100 -15.59 14.55 -10.05
CA SER B 100 -16.30 14.09 -11.23
C SER B 100 -15.29 13.84 -12.35
N ILE B 101 -14.85 12.60 -12.46
CA ILE B 101 -13.85 12.24 -13.46
C ILE B 101 -14.43 12.25 -14.87
N GLY B 102 -13.61 12.65 -15.84
CA GLY B 102 -14.04 12.68 -17.22
C GLY B 102 -13.73 11.40 -17.95
N ASN B 103 -12.73 11.45 -18.82
CA ASN B 103 -12.36 10.28 -19.61
C ASN B 103 -10.87 9.98 -19.44
N VAL B 104 -10.57 8.88 -18.76
CA VAL B 104 -9.20 8.44 -18.60
C VAL B 104 -8.82 7.47 -19.71
N SER B 105 -7.54 7.23 -19.89
CA SER B 105 -7.07 6.32 -20.93
C SER B 105 -5.93 5.46 -20.41
N SER B 106 -5.75 4.30 -21.03
CA SER B 106 -4.74 3.34 -20.61
C SER B 106 -3.37 3.67 -21.20
N VAL B 107 -3.28 4.81 -21.87
CA VAL B 107 -2.04 5.22 -22.48
C VAL B 107 -1.31 6.22 -21.59
N GLY B 108 -0.16 5.80 -21.10
CA GLY B 108 0.67 6.66 -20.27
C GLY B 108 0.77 6.15 -18.85
N VAL B 109 -0.03 5.14 -18.51
CA VAL B 109 0.04 4.53 -17.19
C VAL B 109 1.40 3.90 -16.97
N ASP B 110 1.98 3.38 -18.04
CA ASP B 110 3.31 2.77 -18.01
C ASP B 110 4.31 3.71 -17.36
N SER B 111 4.22 4.98 -17.74
CA SER B 111 5.10 6.02 -17.23
C SER B 111 4.78 6.34 -15.76
N THR B 112 3.54 6.10 -15.36
CA THR B 112 3.11 6.40 -14.00
C THR B 112 3.68 5.38 -13.02
N LEU B 113 3.80 4.14 -13.49
CA LEU B 113 4.41 3.07 -12.69
C LEU B 113 5.83 3.44 -12.30
N ASN B 114 6.54 4.09 -13.21
CA ASN B 114 7.92 4.47 -12.97
C ASN B 114 8.03 5.50 -11.84
N VAL B 115 6.96 6.25 -11.63
CA VAL B 115 6.97 7.32 -10.62
C VAL B 115 6.59 6.77 -9.24
N VAL B 116 5.64 5.84 -9.22
CA VAL B 116 5.18 5.26 -7.95
C VAL B 116 6.35 4.53 -7.27
N GLN B 117 7.28 4.04 -8.08
CA GLN B 117 8.45 3.33 -7.58
C GLN B 117 9.33 4.27 -6.76
N ASP B 118 9.20 5.56 -7.02
CA ASP B 118 9.99 6.57 -6.32
C ASP B 118 9.39 6.87 -4.96
N SER B 119 8.07 6.90 -4.92
CA SER B 119 7.35 7.38 -3.75
C SER B 119 7.34 6.35 -2.62
N VAL B 120 7.23 5.08 -2.98
CA VAL B 120 7.14 4.03 -1.97
C VAL B 120 8.38 3.15 -1.96
N GLY B 121 9.10 3.14 -3.08
CA GLY B 121 10.28 2.29 -3.22
C GLY B 121 11.40 2.65 -2.25
N GLN B 122 11.32 3.84 -1.68
CA GLN B 122 12.30 4.30 -0.72
C GLN B 122 11.87 3.99 0.72
N TYR B 123 10.71 3.37 0.86
CA TYR B 123 10.22 2.97 2.16
C TYR B 123 10.18 1.45 2.28
N VAL B 124 9.98 0.78 1.14
CA VAL B 124 9.98 -0.68 1.10
C VAL B 124 11.37 -1.22 0.76
N GLY B 125 12.29 -0.31 0.51
CA GLY B 125 13.64 -0.69 0.15
C GLY B 125 14.54 0.53 0.09
N GLY A 1 34.08 -18.27 2.69
CA GLY A 1 34.49 -19.57 2.13
C GLY A 1 33.32 -20.51 1.97
N SER A 2 33.54 -21.78 2.23
CA SER A 2 32.48 -22.78 2.14
C SER A 2 31.58 -22.73 3.37
N GLY A 3 30.49 -21.99 3.26
CA GLY A 3 29.56 -21.86 4.36
C GLY A 3 28.65 -23.06 4.50
N ASN A 4 29.09 -24.03 5.27
CA ASN A 4 28.30 -25.23 5.52
C ASN A 4 27.36 -25.04 6.71
N SER A 5 27.67 -24.05 7.53
CA SER A 5 26.86 -23.77 8.71
C SER A 5 25.80 -22.70 8.40
N VAL A 6 24.64 -23.16 7.93
CA VAL A 6 23.53 -22.25 7.67
C VAL A 6 22.71 -22.05 8.93
N THR A 7 23.03 -20.99 9.65
CA THR A 7 22.40 -20.71 10.93
C THR A 7 21.18 -19.82 10.78
N SER A 8 20.58 -19.43 11.90
CA SER A 8 19.35 -18.63 11.89
C SER A 8 19.61 -17.21 11.40
N GLY A 9 20.88 -16.85 11.26
CA GLY A 9 21.22 -15.55 10.72
C GLY A 9 22.31 -15.63 9.67
N GLY A 10 22.68 -16.86 9.30
CA GLY A 10 23.78 -17.06 8.35
C GLY A 10 23.36 -16.87 6.92
N TYR A 11 22.75 -15.74 6.62
CA TYR A 11 22.27 -15.42 5.28
C TYR A 11 22.04 -13.93 5.13
N GLY A 12 21.65 -13.27 6.20
CA GLY A 12 21.43 -11.84 6.15
C GLY A 12 20.26 -11.48 5.27
N TYR A 13 19.16 -12.21 5.45
CA TYR A 13 17.97 -12.12 4.61
C TYR A 13 18.23 -12.62 3.19
N GLY A 14 19.30 -12.16 2.58
CA GLY A 14 19.62 -12.49 1.21
C GLY A 14 21.10 -12.69 1.05
N THR A 15 21.51 -13.94 0.97
CA THR A 15 22.92 -14.31 0.93
C THR A 15 23.66 -13.65 -0.24
N SER A 16 23.08 -13.76 -1.42
CA SER A 16 23.67 -13.20 -2.62
C SER A 16 23.48 -11.68 -2.68
N ALA A 17 22.44 -11.20 -1.99
CA ALA A 17 22.05 -9.79 -1.99
C ALA A 17 21.53 -9.36 -3.36
N ALA A 18 20.32 -8.82 -3.37
CA ALA A 18 19.66 -8.45 -4.62
C ALA A 18 19.04 -7.07 -4.52
N ALA A 19 18.35 -6.65 -5.58
CA ALA A 19 17.69 -5.35 -5.63
C ALA A 19 16.34 -5.38 -4.94
N GLY A 20 16.13 -6.41 -4.13
CA GLY A 20 14.88 -6.56 -3.42
C GLY A 20 14.10 -7.77 -3.91
N ALA A 21 14.12 -8.82 -3.12
CA ALA A 21 13.38 -10.04 -3.45
C ALA A 21 13.37 -10.94 -2.24
N GLY A 22 12.29 -10.86 -1.46
CA GLY A 22 12.24 -11.54 -0.18
C GLY A 22 13.31 -11.02 0.75
N VAL A 23 13.58 -9.72 0.66
CA VAL A 23 14.64 -9.09 1.45
C VAL A 23 14.23 -8.97 2.91
N ALA A 24 13.28 -8.11 3.20
CA ALA A 24 12.85 -7.89 4.56
C ALA A 24 11.60 -8.70 4.84
N ALA A 25 11.12 -8.64 6.07
CA ALA A 25 9.95 -9.40 6.46
C ALA A 25 8.72 -8.96 5.68
N GLY A 26 8.55 -7.65 5.56
CA GLY A 26 7.40 -7.12 4.85
C GLY A 26 7.77 -5.94 4.00
N SER A 27 9.02 -5.91 3.57
CA SER A 27 9.52 -4.85 2.74
C SER A 27 10.40 -5.42 1.63
N TYR A 28 10.07 -5.07 0.39
CA TYR A 28 10.80 -5.59 -0.74
C TYR A 28 10.78 -4.56 -1.87
N ALA A 29 11.97 -4.21 -2.35
CA ALA A 29 12.09 -3.19 -3.37
C ALA A 29 11.87 -3.76 -4.78
N GLY A 30 12.17 -5.04 -4.96
CA GLY A 30 12.00 -5.67 -6.25
C GLY A 30 10.57 -5.64 -6.73
N ALA A 31 9.65 -5.70 -5.77
CA ALA A 31 8.23 -5.64 -6.05
C ALA A 31 7.86 -4.26 -6.61
N VAL A 32 8.75 -3.31 -6.40
CA VAL A 32 8.54 -1.94 -6.86
C VAL A 32 9.23 -1.73 -8.21
N ASN A 33 10.46 -2.19 -8.33
CA ASN A 33 11.20 -2.02 -9.58
C ASN A 33 10.50 -2.75 -10.72
N ARG A 34 9.85 -3.86 -10.38
CA ARG A 34 9.16 -4.68 -11.37
C ARG A 34 7.93 -3.96 -11.94
N LEU A 35 7.60 -2.80 -11.38
CA LEU A 35 6.44 -2.03 -11.83
C LEU A 35 6.74 -1.31 -13.14
N SER A 36 8.02 -1.14 -13.45
CA SER A 36 8.43 -0.45 -14.65
C SER A 36 8.25 -1.35 -15.88
N SER A 37 7.97 -2.61 -15.63
CA SER A 37 7.75 -3.57 -16.70
C SER A 37 6.36 -3.39 -17.28
N ALA A 38 6.19 -3.82 -18.53
CA ALA A 38 4.91 -3.70 -19.22
C ALA A 38 3.84 -4.54 -18.55
N GLU A 39 4.26 -5.49 -17.73
CA GLU A 39 3.35 -6.37 -17.00
C GLU A 39 2.41 -5.55 -16.14
N ALA A 40 2.98 -4.66 -15.34
CA ALA A 40 2.19 -3.79 -14.48
C ALA A 40 1.28 -2.90 -15.32
N ALA A 41 1.89 -2.15 -16.24
CA ALA A 41 1.15 -1.20 -17.07
C ALA A 41 -0.06 -1.85 -17.73
N SER A 42 0.09 -3.11 -18.10
CA SER A 42 -0.98 -3.85 -18.77
C SER A 42 -2.12 -4.22 -17.81
N ARG A 43 -1.84 -4.23 -16.51
CA ARG A 43 -2.84 -4.58 -15.51
C ARG A 43 -3.42 -3.33 -14.89
N VAL A 44 -2.52 -2.47 -14.46
CA VAL A 44 -2.85 -1.23 -13.78
C VAL A 44 -3.78 -0.37 -14.63
N SER A 45 -3.52 -0.31 -15.92
CA SER A 45 -4.29 0.53 -16.82
C SER A 45 -5.63 -0.11 -17.19
N SER A 46 -5.84 -1.33 -16.73
CA SER A 46 -7.07 -2.04 -17.03
C SER A 46 -8.02 -1.95 -15.83
N ASN A 47 -7.52 -1.37 -14.75
CA ASN A 47 -8.32 -1.24 -13.53
C ASN A 47 -8.53 0.22 -13.19
N ILE A 48 -7.89 1.10 -13.95
CA ILE A 48 -8.00 2.54 -13.75
C ILE A 48 -9.46 3.01 -13.84
N ALA A 49 -10.18 2.50 -14.84
CA ALA A 49 -11.54 2.94 -15.11
C ALA A 49 -12.50 2.34 -14.09
N ALA A 50 -12.04 1.33 -13.37
CA ALA A 50 -12.85 0.69 -12.34
C ALA A 50 -12.85 1.54 -11.09
N ILE A 51 -11.68 1.95 -10.65
CA ILE A 51 -11.54 2.79 -9.47
C ILE A 51 -12.13 4.16 -9.74
N ALA A 52 -12.00 4.62 -10.96
CA ALA A 52 -12.54 5.92 -11.37
C ALA A 52 -14.05 5.96 -11.21
N SER A 53 -14.67 4.79 -11.28
CA SER A 53 -16.11 4.70 -11.24
C SER A 53 -16.62 4.34 -9.84
N GLY A 54 -15.85 3.56 -9.11
CA GLY A 54 -16.27 3.10 -7.80
C GLY A 54 -15.68 3.91 -6.65
N GLY A 55 -14.53 4.51 -6.89
CA GLY A 55 -13.86 5.29 -5.87
C GLY A 55 -13.23 4.41 -4.81
N ALA A 56 -14.07 3.88 -3.94
CA ALA A 56 -13.62 3.00 -2.87
C ALA A 56 -14.25 1.64 -3.01
N SER A 57 -15.39 1.59 -3.69
CA SER A 57 -16.13 0.34 -3.86
C SER A 57 -15.42 -0.59 -4.81
N ALA A 58 -14.45 -0.06 -5.56
CA ALA A 58 -13.73 -0.83 -6.53
C ALA A 58 -12.50 -1.47 -5.91
N LEU A 59 -12.09 -0.95 -4.76
CA LEU A 59 -10.86 -1.39 -4.09
C LEU A 59 -10.84 -2.91 -3.86
N PRO A 60 -11.85 -3.48 -3.17
CA PRO A 60 -11.86 -4.91 -2.84
C PRO A 60 -11.91 -5.81 -4.08
N SER A 61 -12.23 -5.23 -5.23
CA SER A 61 -12.29 -5.98 -6.47
C SER A 61 -11.03 -5.79 -7.29
N VAL A 62 -10.49 -4.58 -7.30
CA VAL A 62 -9.34 -4.25 -8.11
C VAL A 62 -8.08 -4.83 -7.49
N ILE A 63 -8.02 -4.78 -6.16
CA ILE A 63 -6.93 -5.41 -5.44
C ILE A 63 -6.90 -6.90 -5.76
N SER A 64 -8.07 -7.50 -5.88
CA SER A 64 -8.18 -8.92 -6.14
C SER A 64 -7.68 -9.24 -7.55
N ASN A 65 -8.01 -8.37 -8.50
CA ASN A 65 -7.58 -8.53 -9.88
C ASN A 65 -6.06 -8.49 -9.98
N ILE A 66 -5.47 -7.47 -9.37
CA ILE A 66 -4.04 -7.26 -9.46
C ILE A 66 -3.26 -8.27 -8.62
N TYR A 67 -3.70 -8.49 -7.38
CA TYR A 67 -3.03 -9.40 -6.47
C TYR A 67 -2.85 -10.78 -7.10
N SER A 68 -3.94 -11.37 -7.53
CA SER A 68 -3.92 -12.71 -8.13
C SER A 68 -3.09 -12.70 -9.42
N GLY A 69 -3.03 -11.55 -10.06
CA GLY A 69 -2.24 -11.41 -11.27
C GLY A 69 -0.75 -11.49 -11.00
N VAL A 70 -0.32 -10.84 -9.92
CA VAL A 70 1.08 -10.86 -9.53
C VAL A 70 1.47 -12.22 -8.94
N VAL A 71 0.57 -12.79 -8.16
CA VAL A 71 0.81 -14.09 -7.54
C VAL A 71 1.03 -15.16 -8.60
N ALA A 72 0.33 -15.01 -9.73
CA ALA A 72 0.46 -15.94 -10.87
C ALA A 72 1.88 -16.00 -11.40
N SER A 73 2.68 -14.97 -11.12
CA SER A 73 4.06 -14.91 -11.56
C SER A 73 4.94 -15.90 -10.80
N GLY A 74 4.50 -16.29 -9.61
CA GLY A 74 5.30 -17.16 -8.76
C GLY A 74 6.06 -16.39 -7.70
N VAL A 75 5.65 -15.15 -7.49
CA VAL A 75 6.25 -14.28 -6.49
C VAL A 75 5.92 -14.77 -5.08
N SER A 76 6.70 -14.34 -4.09
CA SER A 76 6.42 -14.66 -2.71
C SER A 76 5.05 -14.13 -2.31
N SER A 77 4.34 -14.88 -1.47
CA SER A 77 2.95 -14.56 -1.15
C SER A 77 2.83 -13.22 -0.43
N ASN A 78 3.80 -12.90 0.42
CA ASN A 78 3.75 -11.65 1.18
C ASN A 78 4.32 -10.51 0.33
N GLU A 79 5.29 -10.85 -0.53
CA GLU A 79 5.89 -9.86 -1.43
C GLU A 79 4.86 -9.43 -2.47
N ALA A 80 3.98 -10.36 -2.82
CA ALA A 80 2.92 -10.10 -3.78
C ALA A 80 2.02 -8.98 -3.31
N LEU A 81 1.77 -8.90 -2.00
CA LEU A 81 0.92 -7.86 -1.43
C LEU A 81 1.48 -6.48 -1.79
N ILE A 82 2.77 -6.33 -1.64
CA ILE A 82 3.43 -5.07 -1.90
C ILE A 82 3.29 -4.69 -3.37
N GLN A 83 3.73 -5.56 -4.26
CA GLN A 83 3.64 -5.28 -5.69
C GLN A 83 2.20 -5.05 -6.12
N ALA A 84 1.30 -5.90 -5.65
CA ALA A 84 -0.11 -5.78 -5.97
C ALA A 84 -0.67 -4.45 -5.52
N LEU A 85 -0.22 -3.99 -4.36
CA LEU A 85 -0.64 -2.70 -3.85
C LEU A 85 -0.01 -1.57 -4.66
N LEU A 86 1.24 -1.73 -5.03
CA LEU A 86 1.94 -0.70 -5.78
C LEU A 86 1.39 -0.59 -7.20
N GLU A 87 0.98 -1.72 -7.75
CA GLU A 87 0.27 -1.75 -9.03
C GLU A 87 -1.15 -1.16 -8.87
N LEU A 88 -1.59 -1.02 -7.63
CA LEU A 88 -2.87 -0.35 -7.36
C LEU A 88 -2.63 1.14 -7.18
N LEU A 89 -1.60 1.48 -6.44
CA LEU A 89 -1.25 2.86 -6.14
C LEU A 89 -0.87 3.64 -7.38
N SER A 90 -0.71 2.95 -8.50
CA SER A 90 -0.35 3.59 -9.74
C SER A 90 -1.56 3.75 -10.65
N ALA A 91 -2.61 2.99 -10.37
CA ALA A 91 -3.83 3.05 -11.18
C ALA A 91 -4.68 4.24 -10.75
N LEU A 92 -4.89 4.33 -9.45
CA LEU A 92 -5.82 5.32 -8.88
C LEU A 92 -5.27 6.75 -8.92
N VAL A 93 -3.95 6.90 -9.01
CA VAL A 93 -3.37 8.23 -9.10
C VAL A 93 -3.29 8.68 -10.55
N HIS A 94 -3.28 7.71 -11.46
CA HIS A 94 -3.23 8.01 -12.88
C HIS A 94 -4.54 8.63 -13.34
N VAL A 95 -5.64 8.16 -12.77
CA VAL A 95 -6.96 8.61 -13.20
C VAL A 95 -7.17 10.10 -12.89
N LEU A 96 -6.47 10.60 -11.87
CA LEU A 96 -6.59 11.99 -11.47
C LEU A 96 -6.08 12.92 -12.57
N SER A 97 -5.19 12.41 -13.41
CA SER A 97 -4.63 13.20 -14.50
C SER A 97 -5.73 13.62 -15.49
N SER A 98 -6.77 12.82 -15.58
CA SER A 98 -7.87 13.09 -16.50
C SER A 98 -9.16 13.36 -15.73
N ALA A 99 -9.05 13.31 -14.42
CA ALA A 99 -10.17 13.57 -13.54
C ALA A 99 -10.18 15.02 -13.09
N SER A 100 -11.19 15.76 -13.52
CA SER A 100 -11.31 17.15 -13.10
C SER A 100 -12.04 17.21 -11.76
N ILE A 101 -11.27 17.13 -10.68
CA ILE A 101 -11.82 17.18 -9.34
C ILE A 101 -12.36 18.58 -9.02
N GLY A 102 -13.55 18.64 -8.43
CA GLY A 102 -14.16 19.92 -8.13
C GLY A 102 -13.68 20.48 -6.81
N ASN A 103 -14.17 19.93 -5.71
CA ASN A 103 -13.74 20.33 -4.38
C ASN A 103 -13.96 19.18 -3.42
N VAL A 104 -13.00 18.97 -2.53
CA VAL A 104 -13.10 17.93 -1.55
C VAL A 104 -12.98 18.50 -0.14
N SER A 105 -13.79 17.99 0.75
CA SER A 105 -13.83 18.49 2.11
C SER A 105 -13.32 17.43 3.08
N SER A 106 -12.70 17.88 4.16
CA SER A 106 -12.12 16.99 5.15
C SER A 106 -13.18 16.27 5.97
N VAL A 107 -14.43 16.69 5.80
CA VAL A 107 -15.53 16.14 6.57
C VAL A 107 -16.07 14.86 5.95
N GLY A 108 -15.70 13.73 6.50
CA GLY A 108 -16.21 12.45 6.03
C GLY A 108 -15.13 11.42 5.79
N VAL A 109 -13.88 11.87 5.79
CA VAL A 109 -12.75 10.96 5.63
C VAL A 109 -12.75 9.88 6.69
N ASP A 110 -13.21 10.26 7.88
CA ASP A 110 -13.31 9.33 9.01
C ASP A 110 -14.09 8.07 8.61
N SER A 111 -15.15 8.29 7.82
CA SER A 111 -16.03 7.21 7.39
C SER A 111 -15.39 6.41 6.26
N THR A 112 -14.73 7.10 5.33
CA THR A 112 -14.05 6.43 4.21
C THR A 112 -12.99 5.46 4.72
N LEU A 113 -12.36 5.84 5.82
CA LEU A 113 -11.33 5.03 6.46
C LEU A 113 -11.88 3.68 6.90
N ASN A 114 -13.19 3.60 7.12
CA ASN A 114 -13.81 2.35 7.56
C ASN A 114 -13.97 1.40 6.37
N VAL A 115 -13.88 1.95 5.16
CA VAL A 115 -14.08 1.17 3.95
C VAL A 115 -12.76 0.59 3.44
N VAL A 116 -11.69 1.37 3.60
CA VAL A 116 -10.37 0.94 3.15
C VAL A 116 -9.90 -0.30 3.93
N GLN A 117 -10.43 -0.44 5.15
CA GLN A 117 -10.09 -1.57 6.01
C GLN A 117 -10.70 -2.86 5.48
N ASP A 118 -11.70 -2.70 4.63
CA ASP A 118 -12.44 -3.84 4.11
C ASP A 118 -11.73 -4.44 2.91
N SER A 119 -11.12 -3.58 2.12
CA SER A 119 -10.54 -3.99 0.85
C SER A 119 -9.20 -4.69 1.04
N VAL A 120 -8.34 -4.13 1.86
CA VAL A 120 -6.97 -4.63 2.00
C VAL A 120 -6.76 -5.36 3.32
N GLY A 121 -7.66 -5.10 4.28
CA GLY A 121 -7.54 -5.71 5.60
C GLY A 121 -7.55 -7.22 5.54
N GLN A 122 -8.18 -7.78 4.52
CA GLN A 122 -8.26 -9.23 4.37
C GLN A 122 -7.05 -9.79 3.62
N TYR A 123 -6.13 -8.93 3.23
CA TYR A 123 -4.91 -9.36 2.58
C TYR A 123 -3.71 -9.16 3.50
N VAL A 124 -3.81 -8.14 4.34
CA VAL A 124 -2.78 -7.86 5.34
C VAL A 124 -3.11 -8.59 6.65
N GLY A 125 -4.26 -9.25 6.69
CA GLY A 125 -4.66 -9.99 7.86
C GLY A 125 -5.76 -10.98 7.55
N GLY B 1 3.19 -24.46 28.78
CA GLY B 1 3.00 -23.07 29.12
C GLY B 1 4.31 -22.31 29.11
N SER B 2 5.30 -22.85 29.81
CA SER B 2 6.62 -22.24 29.85
C SER B 2 7.62 -23.10 29.10
N GLY B 3 8.73 -22.52 28.69
CA GLY B 3 9.72 -23.25 27.95
C GLY B 3 11.09 -23.19 28.61
N ASN B 4 11.98 -24.08 28.19
CA ASN B 4 13.34 -24.13 28.71
C ASN B 4 14.15 -22.97 28.13
N SER B 5 13.98 -22.73 26.85
CA SER B 5 14.69 -21.67 26.16
C SER B 5 13.75 -20.95 25.21
N VAL B 6 14.05 -19.68 24.92
CA VAL B 6 13.22 -18.90 24.02
C VAL B 6 13.61 -19.17 22.58
N THR B 7 12.87 -20.07 21.94
CA THR B 7 13.13 -20.43 20.55
C THR B 7 12.50 -19.40 19.61
N SER B 8 12.90 -19.43 18.35
CA SER B 8 12.37 -18.51 17.35
C SER B 8 10.87 -18.70 17.20
N GLY B 9 10.43 -19.95 17.23
CA GLY B 9 9.01 -20.25 17.11
C GLY B 9 8.25 -19.99 18.40
N GLY B 10 8.99 -19.61 19.45
CA GLY B 10 8.35 -19.27 20.71
C GLY B 10 7.71 -17.90 20.68
N TYR B 11 8.29 -17.01 19.88
CA TYR B 11 7.74 -15.67 19.72
C TYR B 11 7.21 -15.46 18.30
N GLY B 12 7.92 -15.97 17.33
CA GLY B 12 7.51 -15.84 15.95
C GLY B 12 7.56 -14.41 15.46
N TYR B 13 6.75 -14.10 14.46
CA TYR B 13 6.68 -12.73 13.96
C TYR B 13 5.86 -11.88 14.92
N GLY B 14 5.09 -12.57 15.75
CA GLY B 14 4.14 -11.90 16.62
C GLY B 14 3.86 -12.71 17.86
N THR B 15 4.22 -12.17 19.00
CA THR B 15 4.07 -12.86 20.26
C THR B 15 2.62 -12.83 20.74
N SER B 16 1.89 -11.84 20.26
CA SER B 16 0.53 -11.61 20.71
C SER B 16 -0.47 -11.91 19.60
N ALA B 17 -1.32 -12.89 19.82
CA ALA B 17 -2.33 -13.25 18.85
C ALA B 17 -3.55 -12.36 18.99
N ALA B 18 -3.59 -11.31 18.20
CA ALA B 18 -4.71 -10.38 18.18
C ALA B 18 -5.11 -10.10 16.74
N ALA B 19 -6.08 -9.22 16.55
CA ALA B 19 -6.56 -8.86 15.22
C ALA B 19 -5.59 -7.92 14.51
N GLY B 20 -4.32 -8.28 14.50
CA GLY B 20 -3.32 -7.47 13.86
C GLY B 20 -2.57 -6.58 14.82
N ALA B 21 -1.32 -6.94 15.09
CA ALA B 21 -0.42 -6.15 15.90
C ALA B 21 0.95 -6.79 15.89
N GLY B 22 1.73 -6.49 14.85
CA GLY B 22 2.96 -7.21 14.61
C GLY B 22 2.73 -8.70 14.50
N VAL B 23 1.80 -9.09 13.62
CA VAL B 23 1.37 -10.48 13.51
C VAL B 23 2.22 -11.29 12.55
N ALA B 24 2.22 -10.91 11.28
CA ALA B 24 2.94 -11.66 10.28
C ALA B 24 4.21 -10.92 9.89
N ALA B 25 4.97 -11.49 8.96
CA ALA B 25 6.21 -10.89 8.53
C ALA B 25 5.97 -9.53 7.88
N GLY B 26 5.02 -9.49 6.95
CA GLY B 26 4.72 -8.27 6.24
C GLY B 26 3.24 -8.07 6.08
N SER B 27 2.51 -8.42 7.11
CA SER B 27 1.07 -8.28 7.12
C SER B 27 0.57 -8.07 8.53
N TYR B 28 -0.15 -6.98 8.73
CA TYR B 28 -0.65 -6.63 10.04
C TYR B 28 -1.98 -5.90 9.91
N ALA B 29 -3.00 -6.44 10.55
CA ALA B 29 -4.33 -5.86 10.46
C ALA B 29 -4.50 -4.68 11.42
N GLY B 30 -3.61 -4.58 12.40
CA GLY B 30 -3.69 -3.49 13.35
C GLY B 30 -3.37 -2.15 12.71
N ALA B 31 -2.57 -2.21 11.66
CA ALA B 31 -2.23 -1.04 10.87
C ALA B 31 -3.40 -0.65 9.98
N VAL B 32 -4.48 -1.39 10.10
CA VAL B 32 -5.70 -1.14 9.36
C VAL B 32 -6.80 -0.69 10.30
N ASN B 33 -6.80 -1.27 11.48
CA ASN B 33 -7.87 -1.03 12.45
C ASN B 33 -7.71 0.32 13.13
N ARG B 34 -6.53 0.91 13.00
CA ARG B 34 -6.27 2.22 13.58
C ARG B 34 -6.81 3.32 12.66
N LEU B 35 -7.25 2.92 11.48
CA LEU B 35 -7.73 3.85 10.48
C LEU B 35 -9.10 4.43 10.87
N SER B 36 -9.88 3.64 11.59
CA SER B 36 -11.21 4.06 12.00
C SER B 36 -11.16 4.97 13.22
N SER B 37 -9.96 5.45 13.55
CA SER B 37 -9.79 6.36 14.66
C SER B 37 -9.63 7.79 14.15
N ALA B 38 -9.85 8.76 15.04
CA ALA B 38 -9.73 10.17 14.70
C ALA B 38 -8.29 10.52 14.35
N GLU B 39 -7.36 9.66 14.77
CA GLU B 39 -5.94 9.85 14.45
C GLU B 39 -5.74 9.95 12.95
N ALA B 40 -6.10 8.88 12.25
CA ALA B 40 -5.98 8.84 10.79
C ALA B 40 -6.81 9.92 10.15
N ALA B 41 -8.07 10.02 10.55
CA ALA B 41 -9.00 10.98 9.96
C ALA B 41 -8.42 12.40 9.95
N SER B 42 -7.67 12.74 10.98
CA SER B 42 -7.10 14.07 11.11
C SER B 42 -5.83 14.24 10.25
N ARG B 43 -5.24 13.12 9.82
CA ARG B 43 -4.03 13.17 9.00
C ARG B 43 -4.42 13.05 7.54
N VAL B 44 -5.24 12.05 7.28
CA VAL B 44 -5.69 11.71 5.95
C VAL B 44 -6.44 12.87 5.30
N SER B 45 -7.33 13.51 6.07
CA SER B 45 -8.15 14.60 5.55
C SER B 45 -7.32 15.87 5.35
N SER B 46 -6.09 15.85 5.83
CA SER B 46 -5.21 16.99 5.71
C SER B 46 -4.31 16.82 4.49
N ASN B 47 -4.44 15.70 3.80
CA ASN B 47 -3.64 15.42 2.62
C ASN B 47 -4.50 15.08 1.41
N ILE B 48 -5.82 15.10 1.62
CA ILE B 48 -6.76 14.83 0.55
C ILE B 48 -6.64 15.84 -0.58
N ALA B 49 -6.48 17.11 -0.22
CA ALA B 49 -6.45 18.19 -1.19
C ALA B 49 -5.11 18.23 -1.91
N ALA B 50 -4.12 17.56 -1.34
CA ALA B 50 -2.79 17.52 -1.92
C ALA B 50 -2.76 16.56 -3.09
N ILE B 51 -3.25 15.35 -2.84
CA ILE B 51 -3.29 14.32 -3.86
C ILE B 51 -4.27 14.71 -4.96
N ALA B 52 -5.33 15.42 -4.59
CA ALA B 52 -6.33 15.88 -5.52
C ALA B 52 -5.73 16.88 -6.53
N SER B 53 -4.67 17.56 -6.13
CA SER B 53 -4.07 18.58 -6.96
C SER B 53 -2.79 18.10 -7.64
N GLY B 54 -2.33 16.90 -7.28
CA GLY B 54 -1.08 16.40 -7.84
C GLY B 54 -1.24 15.04 -8.50
N GLY B 55 -2.13 14.22 -7.97
CA GLY B 55 -2.32 12.88 -8.49
C GLY B 55 -1.24 11.96 -8.00
N ALA B 56 -0.09 12.05 -8.62
CA ALA B 56 1.04 11.19 -8.28
C ALA B 56 2.22 12.02 -7.76
N SER B 57 2.22 13.30 -8.08
CA SER B 57 3.33 14.18 -7.71
C SER B 57 3.30 14.47 -6.21
N ALA B 58 2.16 14.20 -5.59
CA ALA B 58 1.99 14.48 -4.16
C ALA B 58 2.33 13.27 -3.32
N LEU B 59 2.42 12.11 -3.96
CA LEU B 59 2.65 10.84 -3.27
C LEU B 59 3.89 10.89 -2.36
N PRO B 60 5.10 11.20 -2.91
CA PRO B 60 6.34 11.20 -2.13
C PRO B 60 6.32 12.23 -1.01
N SER B 61 5.46 13.22 -1.13
CA SER B 61 5.37 14.29 -0.15
C SER B 61 4.34 13.95 0.93
N VAL B 62 3.29 13.24 0.55
CA VAL B 62 2.18 12.94 1.44
C VAL B 62 2.49 11.69 2.26
N ILE B 63 3.14 10.71 1.63
CA ILE B 63 3.56 9.51 2.33
C ILE B 63 4.47 9.87 3.50
N SER B 64 5.37 10.81 3.27
CA SER B 64 6.32 11.21 4.29
C SER B 64 5.61 11.90 5.46
N ASN B 65 4.53 12.61 5.13
CA ASN B 65 3.71 13.26 6.14
C ASN B 65 3.09 12.23 7.07
N ILE B 66 2.45 11.25 6.47
CA ILE B 66 1.74 10.23 7.23
C ILE B 66 2.69 9.25 7.90
N TYR B 67 3.67 8.77 7.15
CA TYR B 67 4.63 7.78 7.67
C TYR B 67 5.30 8.28 8.95
N SER B 68 5.80 9.52 8.91
CA SER B 68 6.45 10.12 10.06
C SER B 68 5.48 10.23 11.22
N GLY B 69 4.21 10.44 10.90
CA GLY B 69 3.19 10.57 11.93
C GLY B 69 2.90 9.24 12.60
N VAL B 70 3.00 8.17 11.82
CA VAL B 70 2.77 6.84 12.34
C VAL B 70 3.97 6.33 13.14
N VAL B 71 5.16 6.52 12.58
CA VAL B 71 6.39 6.06 13.24
C VAL B 71 6.56 6.74 14.59
N ALA B 72 6.06 7.97 14.71
CA ALA B 72 6.11 8.72 15.95
C ALA B 72 5.35 8.00 17.08
N SER B 73 4.48 7.05 16.73
CA SER B 73 3.73 6.29 17.70
C SER B 73 4.59 5.25 18.42
N GLY B 74 5.72 4.91 17.81
CA GLY B 74 6.56 3.84 18.36
C GLY B 74 6.19 2.49 17.79
N VAL B 75 5.45 2.53 16.69
CA VAL B 75 5.01 1.33 15.99
C VAL B 75 6.19 0.63 15.32
N SER B 76 6.02 -0.63 14.95
CA SER B 76 7.03 -1.34 14.18
C SER B 76 7.26 -0.61 12.86
N SER B 77 8.52 -0.51 12.45
CA SER B 77 8.87 0.24 11.26
C SER B 77 8.15 -0.31 10.03
N ASN B 78 8.11 -1.64 9.92
CA ASN B 78 7.50 -2.28 8.76
C ASN B 78 5.97 -2.24 8.86
N GLU B 79 5.46 -2.21 10.09
CA GLU B 79 4.02 -2.11 10.31
C GLU B 79 3.56 -0.69 10.02
N ALA B 80 4.44 0.27 10.30
CA ALA B 80 4.18 1.67 10.02
C ALA B 80 3.98 1.89 8.53
N LEU B 81 4.72 1.14 7.71
CA LEU B 81 4.57 1.20 6.27
C LEU B 81 3.13 0.94 5.89
N ILE B 82 2.57 -0.13 6.42
CA ILE B 82 1.21 -0.52 6.12
C ILE B 82 0.22 0.54 6.61
N GLN B 83 0.31 0.89 7.89
CA GLN B 83 -0.57 1.91 8.48
C GLN B 83 -0.52 3.21 7.67
N ALA B 84 0.69 3.66 7.39
CA ALA B 84 0.89 4.90 6.66
C ALA B 84 0.33 4.80 5.24
N LEU B 85 0.58 3.66 4.61
CA LEU B 85 0.04 3.40 3.29
C LEU B 85 -1.48 3.41 3.30
N LEU B 86 -2.07 2.73 4.27
CA LEU B 86 -3.51 2.60 4.34
C LEU B 86 -4.18 3.93 4.62
N GLU B 87 -3.56 4.74 5.48
CA GLU B 87 -4.02 6.10 5.70
C GLU B 87 -3.97 6.89 4.39
N LEU B 88 -2.91 6.68 3.62
CA LEU B 88 -2.78 7.30 2.31
C LEU B 88 -3.89 6.81 1.36
N LEU B 89 -4.10 5.51 1.36
CA LEU B 89 -5.11 4.87 0.51
C LEU B 89 -6.51 5.36 0.84
N SER B 90 -6.65 6.05 1.97
CA SER B 90 -7.93 6.56 2.38
C SER B 90 -8.13 7.99 1.89
N ALA B 91 -7.02 8.72 1.73
CA ALA B 91 -7.09 10.11 1.33
C ALA B 91 -7.46 10.23 -0.14
N LEU B 92 -6.83 9.38 -0.94
CA LEU B 92 -6.92 9.49 -2.39
C LEU B 92 -8.22 8.87 -2.95
N VAL B 93 -8.87 8.01 -2.19
CA VAL B 93 -10.14 7.44 -2.64
C VAL B 93 -11.31 8.31 -2.22
N HIS B 94 -11.12 9.04 -1.12
CA HIS B 94 -12.15 9.93 -0.61
C HIS B 94 -12.39 11.05 -1.60
N VAL B 95 -11.30 11.55 -2.21
CA VAL B 95 -11.41 12.70 -3.10
C VAL B 95 -12.26 12.39 -4.33
N LEU B 96 -12.31 11.12 -4.72
CA LEU B 96 -13.10 10.68 -5.87
C LEU B 96 -14.59 10.88 -5.62
N SER B 97 -14.98 10.94 -4.36
CA SER B 97 -16.38 11.10 -3.99
C SER B 97 -16.91 12.47 -4.43
N SER B 98 -16.00 13.41 -4.66
CA SER B 98 -16.38 14.73 -5.13
C SER B 98 -15.56 15.11 -6.36
N ALA B 99 -14.94 14.11 -6.97
CA ALA B 99 -14.18 14.32 -8.19
C ALA B 99 -14.92 13.74 -9.38
N SER B 100 -15.55 14.61 -10.17
CA SER B 100 -16.28 14.18 -11.34
C SER B 100 -15.30 13.87 -12.47
N ILE B 101 -14.75 12.67 -12.43
CA ILE B 101 -13.80 12.23 -13.44
C ILE B 101 -14.46 12.13 -14.82
N GLY B 102 -13.70 12.43 -15.87
CA GLY B 102 -14.22 12.30 -17.21
C GLY B 102 -13.97 10.91 -17.76
N ASN B 103 -12.98 10.79 -18.62
CA ASN B 103 -12.58 9.50 -19.15
C ASN B 103 -11.08 9.32 -19.03
N VAL B 104 -10.66 8.16 -18.58
CA VAL B 104 -9.26 7.85 -18.44
C VAL B 104 -8.85 6.74 -19.41
N SER B 105 -7.78 6.95 -20.14
CA SER B 105 -7.31 5.96 -21.09
C SER B 105 -6.14 5.16 -20.50
N SER B 106 -5.94 3.96 -21.02
CA SER B 106 -4.94 3.05 -20.48
C SER B 106 -3.51 3.41 -20.95
N VAL B 107 -3.31 4.67 -21.31
CA VAL B 107 -2.04 5.12 -21.85
C VAL B 107 -1.39 6.12 -20.91
N GLY B 108 -0.16 5.82 -20.52
CA GLY B 108 0.60 6.71 -19.66
C GLY B 108 0.87 6.11 -18.30
N VAL B 109 0.13 5.05 -17.99
CA VAL B 109 0.31 4.34 -16.72
C VAL B 109 1.72 3.80 -16.63
N ASP B 110 2.27 3.44 -17.78
CA ASP B 110 3.65 2.96 -17.87
C ASP B 110 4.60 3.93 -17.16
N SER B 111 4.34 5.23 -17.35
CA SER B 111 5.18 6.27 -16.78
C SER B 111 4.77 6.58 -15.34
N THR B 112 3.48 6.52 -15.06
CA THR B 112 2.99 6.77 -13.70
C THR B 112 3.55 5.74 -12.72
N LEU B 113 3.77 4.54 -13.22
CA LEU B 113 4.38 3.48 -12.43
C LEU B 113 5.78 3.86 -11.98
N ASN B 114 6.52 4.54 -12.86
CA ASN B 114 7.87 4.99 -12.53
C ASN B 114 7.85 5.99 -11.38
N VAL B 115 6.70 6.65 -11.21
CA VAL B 115 6.55 7.66 -10.16
C VAL B 115 6.20 7.00 -8.84
N VAL B 116 5.36 5.96 -8.89
CA VAL B 116 4.95 5.27 -7.68
C VAL B 116 6.14 4.56 -7.03
N GLN B 117 7.10 4.18 -7.86
CA GLN B 117 8.31 3.51 -7.39
C GLN B 117 9.20 4.47 -6.63
N ASP B 118 9.03 5.74 -6.92
CA ASP B 118 9.90 6.78 -6.37
C ASP B 118 9.44 7.18 -4.98
N SER B 119 8.15 7.06 -4.75
CA SER B 119 7.55 7.53 -3.51
C SER B 119 7.58 6.48 -2.41
N VAL B 120 7.29 5.22 -2.76
CA VAL B 120 7.16 4.17 -1.76
C VAL B 120 8.39 3.26 -1.77
N GLY B 121 9.12 3.27 -2.88
CA GLY B 121 10.26 2.39 -3.03
C GLY B 121 11.36 2.67 -2.02
N GLN B 122 11.33 3.86 -1.43
CA GLN B 122 12.31 4.25 -0.44
C GLN B 122 11.83 3.94 0.98
N TYR B 123 10.67 3.31 1.09
CA TYR B 123 10.13 2.91 2.38
C TYR B 123 10.04 1.40 2.49
N VAL B 124 9.84 0.74 1.35
CA VAL B 124 9.81 -0.71 1.28
C VAL B 124 11.20 -1.29 1.07
N GLY B 125 12.18 -0.40 0.97
CA GLY B 125 13.55 -0.82 0.78
C GLY B 125 14.48 0.36 0.68
N GLY A 1 14.37 -30.61 15.63
CA GLY A 1 14.16 -30.81 17.08
C GLY A 1 14.04 -29.50 17.83
N SER A 2 15.07 -29.16 18.58
CA SER A 2 15.08 -27.92 19.36
C SER A 2 16.51 -27.37 19.50
N GLY A 3 16.68 -26.10 19.15
CA GLY A 3 17.97 -25.46 19.29
C GLY A 3 18.12 -24.31 18.32
N ASN A 4 18.29 -23.11 18.84
CA ASN A 4 18.40 -21.93 17.99
C ASN A 4 19.36 -20.91 18.59
N SER A 5 20.38 -20.56 17.83
CA SER A 5 21.38 -19.59 18.26
C SER A 5 22.26 -19.22 17.07
N VAL A 6 22.48 -17.94 16.85
CA VAL A 6 23.28 -17.50 15.72
C VAL A 6 24.33 -16.48 16.15
N THR A 7 25.44 -16.46 15.42
CA THR A 7 26.48 -15.47 15.64
C THR A 7 26.16 -14.19 14.86
N SER A 8 25.49 -13.26 15.53
CA SER A 8 24.99 -12.06 14.87
C SER A 8 26.13 -11.10 14.51
N GLY A 9 25.99 -10.44 13.38
CA GLY A 9 27.00 -9.51 12.92
C GLY A 9 26.48 -8.59 11.85
N GLY A 10 27.27 -8.40 10.81
CA GLY A 10 26.85 -7.56 9.71
C GLY A 10 26.38 -8.37 8.51
N TYR A 11 25.35 -9.17 8.71
CA TYR A 11 24.80 -9.98 7.63
C TYR A 11 23.30 -10.11 7.77
N GLY A 12 22.69 -10.82 6.83
CA GLY A 12 21.25 -11.02 6.83
C GLY A 12 20.67 -10.84 5.45
N TYR A 13 19.41 -10.45 5.38
CA TYR A 13 18.76 -10.19 4.10
C TYR A 13 19.10 -8.78 3.63
N GLY A 14 19.47 -7.93 4.57
CA GLY A 14 19.85 -6.58 4.24
C GLY A 14 21.31 -6.32 4.54
N THR A 15 22.17 -7.14 3.95
CA THR A 15 23.61 -6.96 4.06
C THR A 15 24.00 -5.55 3.66
N SER A 16 23.62 -5.18 2.44
CA SER A 16 23.76 -3.82 1.97
C SER A 16 22.43 -3.37 1.40
N ALA A 17 21.94 -2.24 1.88
CA ALA A 17 20.65 -1.73 1.44
C ALA A 17 20.73 -1.16 0.03
N ALA A 18 20.67 -2.05 -0.94
CA ALA A 18 20.67 -1.66 -2.35
C ALA A 18 20.09 -2.80 -3.19
N ALA A 19 19.35 -3.68 -2.54
CA ALA A 19 18.76 -4.84 -3.20
C ALA A 19 17.24 -4.84 -3.04
N GLY A 20 16.60 -5.89 -3.53
CA GLY A 20 15.15 -5.96 -3.47
C GLY A 20 14.61 -7.34 -3.74
N ALA A 21 14.59 -8.16 -2.70
CA ALA A 21 14.00 -9.49 -2.76
C ALA A 21 14.06 -10.13 -1.38
N GLY A 22 12.99 -10.00 -0.62
CA GLY A 22 12.98 -10.48 0.75
C GLY A 22 14.01 -9.77 1.62
N VAL A 23 14.23 -8.48 1.34
CA VAL A 23 15.24 -7.69 2.04
C VAL A 23 14.84 -7.38 3.47
N ALA A 24 13.55 -7.22 3.70
CA ALA A 24 13.03 -6.94 5.03
C ALA A 24 11.84 -7.84 5.32
N ALA A 25 11.24 -7.64 6.48
CA ALA A 25 10.11 -8.46 6.91
C ALA A 25 8.89 -8.22 6.02
N GLY A 26 8.57 -6.96 5.81
CA GLY A 26 7.40 -6.61 5.02
C GLY A 26 7.72 -5.58 3.96
N SER A 27 9.00 -5.33 3.78
CA SER A 27 9.46 -4.37 2.80
C SER A 27 10.38 -5.02 1.79
N TYR A 28 10.07 -4.82 0.51
CA TYR A 28 10.87 -5.37 -0.56
C TYR A 28 10.86 -4.42 -1.75
N ALA A 29 12.03 -4.07 -2.24
CA ALA A 29 12.14 -3.12 -3.33
C ALA A 29 12.04 -3.81 -4.69
N GLY A 30 12.19 -5.13 -4.70
CA GLY A 30 12.14 -5.88 -5.94
C GLY A 30 10.76 -5.84 -6.57
N ALA A 31 9.75 -5.76 -5.73
CA ALA A 31 8.37 -5.71 -6.18
C ALA A 31 8.08 -4.36 -6.81
N VAL A 32 8.99 -3.41 -6.63
CA VAL A 32 8.76 -2.05 -7.04
C VAL A 32 9.39 -1.76 -8.40
N ASN A 33 10.65 -2.17 -8.57
CA ASN A 33 11.36 -1.83 -9.81
C ASN A 33 10.93 -2.73 -10.96
N ARG A 34 9.98 -3.61 -10.69
CA ARG A 34 9.41 -4.47 -11.71
C ARG A 34 8.22 -3.79 -12.38
N LEU A 35 7.75 -2.71 -11.75
CA LEU A 35 6.55 -2.02 -12.18
C LEU A 35 6.77 -1.28 -13.49
N SER A 36 8.02 -0.94 -13.76
CA SER A 36 8.37 -0.19 -14.97
C SER A 36 8.25 -1.09 -16.20
N SER A 37 8.03 -2.39 -15.95
CA SER A 37 7.83 -3.34 -17.01
C SER A 37 6.37 -3.32 -17.48
N ALA A 38 6.11 -3.82 -18.67
CA ALA A 38 4.78 -3.82 -19.25
C ALA A 38 3.80 -4.64 -18.41
N GLU A 39 4.34 -5.52 -17.57
CA GLU A 39 3.55 -6.37 -16.69
C GLU A 39 2.54 -5.55 -15.88
N ALA A 40 3.06 -4.62 -15.10
CA ALA A 40 2.23 -3.74 -14.28
C ALA A 40 1.30 -2.93 -15.16
N ALA A 41 1.87 -2.18 -16.09
CA ALA A 41 1.11 -1.27 -16.95
C ALA A 41 -0.07 -1.97 -17.61
N SER A 42 0.09 -3.26 -17.91
CA SER A 42 -0.95 -4.04 -18.57
C SER A 42 -2.10 -4.37 -17.61
N ARG A 43 -1.84 -4.31 -16.32
CA ARG A 43 -2.85 -4.63 -15.32
C ARG A 43 -3.42 -3.34 -14.76
N VAL A 44 -2.51 -2.43 -14.45
CA VAL A 44 -2.85 -1.14 -13.86
C VAL A 44 -3.80 -0.36 -14.76
N SER A 45 -3.51 -0.33 -16.05
CA SER A 45 -4.32 0.42 -17.01
C SER A 45 -5.66 -0.25 -17.26
N SER A 46 -5.78 -1.50 -16.83
CA SER A 46 -7.00 -2.26 -17.04
C SER A 46 -7.97 -2.05 -15.89
N ASN A 47 -7.52 -1.36 -14.86
CA ASN A 47 -8.32 -1.16 -13.66
C ASN A 47 -8.52 0.33 -13.36
N ILE A 48 -7.90 1.18 -14.17
CA ILE A 48 -8.04 2.62 -14.02
C ILE A 48 -9.49 3.07 -14.15
N ALA A 49 -10.21 2.46 -15.09
CA ALA A 49 -11.59 2.82 -15.35
C ALA A 49 -12.53 2.18 -14.34
N ALA A 50 -11.99 1.29 -13.52
CA ALA A 50 -12.78 0.63 -12.49
C ALA A 50 -12.80 1.47 -11.22
N ILE A 51 -11.62 1.89 -10.77
CA ILE A 51 -11.51 2.70 -9.58
C ILE A 51 -12.15 4.07 -9.80
N ALA A 52 -12.03 4.56 -11.03
CA ALA A 52 -12.61 5.86 -11.40
C ALA A 52 -14.13 5.85 -11.27
N SER A 53 -14.71 4.65 -11.23
CA SER A 53 -16.15 4.51 -11.15
C SER A 53 -16.61 4.36 -9.70
N GLY A 54 -15.94 3.50 -8.94
CA GLY A 54 -16.39 3.21 -7.59
C GLY A 54 -15.71 4.06 -6.53
N GLY A 55 -14.54 4.59 -6.86
CA GLY A 55 -13.77 5.38 -5.91
C GLY A 55 -13.11 4.51 -4.87
N ALA A 56 -13.91 4.03 -3.93
CA ALA A 56 -13.43 3.16 -2.87
C ALA A 56 -14.07 1.78 -2.98
N SER A 57 -15.27 1.75 -3.56
CA SER A 57 -16.01 0.50 -3.73
C SER A 57 -15.33 -0.40 -4.75
N ALA A 58 -14.38 0.18 -5.48
CA ALA A 58 -13.67 -0.53 -6.52
C ALA A 58 -12.44 -1.22 -5.95
N LEU A 59 -12.05 -0.81 -4.76
CA LEU A 59 -10.84 -1.34 -4.12
C LEU A 59 -10.91 -2.87 -3.94
N PRO A 60 -11.95 -3.42 -3.27
CA PRO A 60 -12.07 -4.86 -3.04
C PRO A 60 -12.30 -5.65 -4.32
N SER A 61 -12.47 -4.95 -5.42
CA SER A 61 -12.60 -5.58 -6.72
C SER A 61 -11.27 -5.55 -7.46
N VAL A 62 -10.66 -4.38 -7.48
CA VAL A 62 -9.47 -4.13 -8.27
C VAL A 62 -8.24 -4.74 -7.60
N ILE A 63 -8.16 -4.60 -6.28
CA ILE A 63 -7.08 -5.18 -5.51
C ILE A 63 -7.04 -6.69 -5.72
N SER A 64 -8.22 -7.29 -5.71
CA SER A 64 -8.35 -8.73 -5.85
C SER A 64 -8.06 -9.16 -7.29
N ASN A 65 -8.25 -8.24 -8.24
CA ASN A 65 -7.91 -8.48 -9.64
C ASN A 65 -6.40 -8.54 -9.81
N ILE A 66 -5.74 -7.49 -9.35
CA ILE A 66 -4.29 -7.35 -9.53
C ILE A 66 -3.51 -8.36 -8.69
N TYR A 67 -3.92 -8.53 -7.45
CA TYR A 67 -3.24 -9.44 -6.53
C TYR A 67 -3.15 -10.85 -7.12
N SER A 68 -4.27 -11.33 -7.65
CA SER A 68 -4.32 -12.65 -8.27
C SER A 68 -3.32 -12.72 -9.42
N GLY A 69 -3.17 -11.61 -10.13
CA GLY A 69 -2.30 -11.57 -11.29
C GLY A 69 -0.84 -11.64 -10.90
N VAL A 70 -0.52 -11.02 -9.78
CA VAL A 70 0.84 -11.00 -9.27
C VAL A 70 1.22 -12.34 -8.66
N VAL A 71 0.31 -12.92 -7.88
CA VAL A 71 0.57 -14.18 -7.20
C VAL A 71 0.81 -15.31 -8.20
N ALA A 72 0.00 -15.34 -9.26
CA ALA A 72 0.12 -16.38 -10.28
C ALA A 72 1.39 -16.22 -11.12
N SER A 73 2.15 -15.16 -10.85
CA SER A 73 3.38 -14.90 -11.57
C SER A 73 4.55 -15.64 -10.94
N GLY A 74 4.34 -16.18 -9.74
CA GLY A 74 5.40 -16.91 -9.07
C GLY A 74 6.23 -16.02 -8.19
N VAL A 75 5.57 -15.06 -7.55
CA VAL A 75 6.22 -14.16 -6.61
C VAL A 75 6.07 -14.70 -5.19
N SER A 76 6.91 -14.22 -4.27
CA SER A 76 6.82 -14.62 -2.87
C SER A 76 5.46 -14.19 -2.29
N SER A 77 4.96 -14.98 -1.35
CA SER A 77 3.63 -14.81 -0.80
C SER A 77 3.41 -13.39 -0.26
N ASN A 78 4.24 -12.97 0.68
CA ASN A 78 4.06 -11.67 1.33
C ASN A 78 4.51 -10.54 0.41
N GLU A 79 5.45 -10.86 -0.48
CA GLU A 79 5.98 -9.88 -1.42
C GLU A 79 4.93 -9.54 -2.47
N ALA A 80 4.05 -10.49 -2.74
CA ALA A 80 2.95 -10.30 -3.69
C ALA A 80 2.04 -9.16 -3.25
N LEU A 81 1.77 -9.09 -1.95
CA LEU A 81 0.95 -8.03 -1.39
C LEU A 81 1.51 -6.68 -1.81
N ILE A 82 2.81 -6.53 -1.64
CA ILE A 82 3.49 -5.28 -1.93
C ILE A 82 3.39 -4.93 -3.41
N GLN A 83 3.84 -5.84 -4.28
CA GLN A 83 3.81 -5.58 -5.71
C GLN A 83 2.40 -5.24 -6.17
N ALA A 84 1.44 -6.07 -5.77
CA ALA A 84 0.07 -5.88 -6.14
C ALA A 84 -0.47 -4.54 -5.65
N LEU A 85 -0.05 -4.14 -4.46
CA LEU A 85 -0.42 -2.84 -3.92
C LEU A 85 0.24 -1.71 -4.72
N LEU A 86 1.45 -1.94 -5.19
CA LEU A 86 2.18 -0.95 -5.97
C LEU A 86 1.52 -0.78 -7.35
N GLU A 87 1.03 -1.88 -7.90
CA GLU A 87 0.28 -1.86 -9.16
C GLU A 87 -1.12 -1.28 -8.94
N LEU A 88 -1.55 -1.25 -7.69
CA LEU A 88 -2.82 -0.66 -7.32
C LEU A 88 -2.67 0.85 -7.13
N LEU A 89 -1.58 1.23 -6.47
CA LEU A 89 -1.31 2.62 -6.13
C LEU A 89 -0.97 3.45 -7.37
N SER A 90 -0.89 2.81 -8.52
CA SER A 90 -0.57 3.51 -9.76
C SER A 90 -1.82 3.76 -10.58
N ALA A 91 -2.78 2.86 -10.50
CA ALA A 91 -4.00 2.96 -11.29
C ALA A 91 -4.83 4.16 -10.85
N LEU A 92 -4.95 4.33 -9.54
CA LEU A 92 -5.84 5.34 -8.98
C LEU A 92 -5.22 6.74 -9.02
N VAL A 93 -3.91 6.84 -9.12
CA VAL A 93 -3.27 8.15 -9.19
C VAL A 93 -3.19 8.62 -10.64
N HIS A 94 -3.17 7.68 -11.57
CA HIS A 94 -3.12 8.01 -12.98
C HIS A 94 -4.43 8.64 -13.43
N VAL A 95 -5.54 8.19 -12.86
CA VAL A 95 -6.85 8.67 -13.29
C VAL A 95 -7.05 10.13 -12.93
N LEU A 96 -6.38 10.59 -11.86
CA LEU A 96 -6.48 11.98 -11.43
C LEU A 96 -5.96 12.91 -12.52
N SER A 97 -5.03 12.41 -13.31
CA SER A 97 -4.42 13.18 -14.40
C SER A 97 -5.48 13.76 -15.33
N SER A 98 -6.58 13.04 -15.52
CA SER A 98 -7.65 13.49 -16.40
C SER A 98 -8.94 13.65 -15.59
N ALA A 99 -8.83 13.57 -14.28
CA ALA A 99 -9.96 13.75 -13.41
C ALA A 99 -9.98 15.16 -12.88
N SER A 100 -10.79 16.00 -13.50
CA SER A 100 -10.94 17.38 -13.07
C SER A 100 -11.71 17.42 -11.75
N ILE A 101 -10.99 17.29 -10.65
CA ILE A 101 -11.61 17.36 -9.34
C ILE A 101 -12.17 18.76 -9.07
N GLY A 102 -13.34 18.81 -8.45
CA GLY A 102 -13.98 20.07 -8.15
C GLY A 102 -13.49 20.67 -6.85
N ASN A 103 -14.17 20.33 -5.77
CA ASN A 103 -13.80 20.85 -4.45
C ASN A 103 -14.03 19.78 -3.38
N VAL A 104 -12.95 19.38 -2.73
CA VAL A 104 -13.03 18.40 -1.65
C VAL A 104 -12.83 19.06 -0.30
N SER A 105 -13.23 18.38 0.76
CA SER A 105 -13.11 18.91 2.10
C SER A 105 -12.92 17.77 3.09
N SER A 106 -12.42 18.09 4.27
CA SER A 106 -12.10 17.09 5.28
C SER A 106 -13.36 16.58 5.99
N VAL A 107 -14.41 16.36 5.22
CA VAL A 107 -15.70 15.96 5.77
C VAL A 107 -16.08 14.55 5.32
N GLY A 108 -16.10 13.62 6.27
CA GLY A 108 -16.54 12.27 5.97
C GLY A 108 -15.40 11.29 5.76
N VAL A 109 -14.16 11.76 5.89
CA VAL A 109 -12.99 10.90 5.70
C VAL A 109 -12.98 9.78 6.75
N ASP A 110 -13.51 10.07 7.93
CA ASP A 110 -13.62 9.09 9.01
C ASP A 110 -14.26 7.80 8.52
N SER A 111 -15.32 7.95 7.74
CA SER A 111 -16.06 6.81 7.22
C SER A 111 -15.29 6.11 6.10
N THR A 112 -14.43 6.86 5.41
CA THR A 112 -13.65 6.30 4.32
C THR A 112 -12.61 5.32 4.84
N LEU A 113 -12.02 5.67 5.99
CA LEU A 113 -11.04 4.83 6.65
C LEU A 113 -11.63 3.45 6.98
N ASN A 114 -12.92 3.44 7.29
CA ASN A 114 -13.60 2.21 7.65
C ASN A 114 -13.79 1.29 6.44
N VAL A 115 -13.78 1.87 5.24
CA VAL A 115 -14.01 1.11 4.02
C VAL A 115 -12.71 0.50 3.51
N VAL A 116 -11.61 1.25 3.66
CA VAL A 116 -10.32 0.80 3.17
C VAL A 116 -9.88 -0.47 3.92
N GLN A 117 -10.35 -0.59 5.17
CA GLN A 117 -10.02 -1.73 6.02
C GLN A 117 -10.62 -3.01 5.48
N ASP A 118 -11.64 -2.85 4.66
CA ASP A 118 -12.37 -3.99 4.11
C ASP A 118 -11.60 -4.59 2.94
N SER A 119 -11.01 -3.72 2.15
CA SER A 119 -10.41 -4.13 0.89
C SER A 119 -9.06 -4.82 1.09
N VAL A 120 -8.22 -4.24 1.95
CA VAL A 120 -6.86 -4.71 2.10
C VAL A 120 -6.68 -5.47 3.42
N GLY A 121 -7.60 -5.26 4.35
CA GLY A 121 -7.52 -5.87 5.66
C GLY A 121 -7.58 -7.39 5.62
N GLN A 122 -8.05 -7.94 4.50
CA GLN A 122 -8.15 -9.38 4.36
C GLN A 122 -6.90 -9.96 3.70
N TYR A 123 -5.93 -9.10 3.42
CA TYR A 123 -4.67 -9.55 2.82
C TYR A 123 -3.55 -9.34 3.79
N VAL A 124 -3.62 -8.25 4.54
CA VAL A 124 -2.63 -7.92 5.54
C VAL A 124 -2.93 -8.62 6.86
N GLY A 125 -4.04 -9.33 6.90
CA GLY A 125 -4.44 -10.05 8.09
C GLY A 125 -5.44 -11.14 7.78
N GLY B 1 28.60 -22.37 18.05
CA GLY B 1 27.56 -21.66 18.75
C GLY B 1 26.53 -21.08 17.82
N SER B 2 26.36 -21.71 16.67
CA SER B 2 25.36 -21.25 15.71
C SER B 2 24.63 -22.43 15.06
N GLY B 3 23.30 -22.38 15.10
CA GLY B 3 22.48 -23.43 14.55
C GLY B 3 21.02 -23.06 14.64
N ASN B 4 20.18 -23.66 13.80
CA ASN B 4 18.77 -23.29 13.76
C ASN B 4 17.88 -24.54 13.65
N SER B 5 16.95 -24.66 14.59
CA SER B 5 15.97 -25.73 14.56
C SER B 5 14.83 -25.44 15.54
N VAL B 6 13.71 -24.99 15.00
CA VAL B 6 12.54 -24.69 15.81
C VAL B 6 11.29 -25.37 15.23
N THR B 7 10.35 -25.71 16.09
CA THR B 7 9.14 -26.39 15.66
C THR B 7 7.98 -25.43 15.43
N SER B 8 7.97 -24.82 14.25
CA SER B 8 6.88 -23.93 13.87
C SER B 8 5.92 -24.66 12.94
N GLY B 9 4.74 -24.99 13.46
CA GLY B 9 3.76 -25.72 12.67
C GLY B 9 2.50 -24.91 12.45
N GLY B 10 1.40 -25.35 13.04
CA GLY B 10 0.14 -24.66 12.90
C GLY B 10 0.07 -23.40 13.74
N TYR B 11 1.10 -23.17 14.54
CA TYR B 11 1.19 -21.99 15.37
C TYR B 11 2.57 -21.36 15.22
N GLY B 12 2.62 -20.04 15.35
CA GLY B 12 3.88 -19.33 15.23
C GLY B 12 3.75 -17.90 15.66
N TYR B 13 4.13 -16.99 14.78
CA TYR B 13 4.05 -15.57 15.07
C TYR B 13 2.60 -15.14 15.10
N GLY B 14 1.84 -15.64 14.14
CA GLY B 14 0.42 -15.34 14.06
C GLY B 14 -0.41 -16.58 14.20
N THR B 15 -0.93 -16.83 15.40
CA THR B 15 -1.72 -18.03 15.65
C THR B 15 -3.17 -17.83 15.22
N SER B 16 -3.58 -16.57 15.11
CA SER B 16 -4.91 -16.22 14.67
C SER B 16 -4.85 -14.99 13.78
N ALA B 17 -5.63 -14.99 12.70
CA ALA B 17 -5.58 -13.92 11.72
C ALA B 17 -6.53 -12.78 12.08
N ALA B 18 -7.23 -12.95 13.19
CA ALA B 18 -8.13 -11.92 13.69
C ALA B 18 -7.37 -10.92 14.56
N ALA B 19 -6.12 -11.25 14.86
CA ALA B 19 -5.27 -10.37 15.66
C ALA B 19 -4.54 -9.38 14.77
N GLY B 20 -4.01 -8.31 15.36
CA GLY B 20 -3.36 -7.30 14.57
C GLY B 20 -2.46 -6.38 15.37
N ALA B 21 -1.17 -6.73 15.41
CA ALA B 21 -0.13 -5.92 16.03
C ALA B 21 1.18 -6.68 15.98
N GLY B 22 1.96 -6.46 14.92
CA GLY B 22 3.15 -7.25 14.70
C GLY B 22 2.85 -8.73 14.68
N VAL B 23 1.90 -9.12 13.84
CA VAL B 23 1.44 -10.51 13.79
C VAL B 23 2.26 -11.34 12.81
N ALA B 24 2.56 -10.78 11.66
CA ALA B 24 3.31 -11.48 10.64
C ALA B 24 4.51 -10.66 10.22
N ALA B 25 5.29 -11.19 9.29
CA ALA B 25 6.49 -10.50 8.81
C ALA B 25 6.12 -9.20 8.10
N GLY B 26 5.23 -9.30 7.13
CA GLY B 26 4.84 -8.13 6.36
C GLY B 26 3.34 -8.02 6.26
N SER B 27 2.67 -8.32 7.35
CA SER B 27 1.23 -8.27 7.41
C SER B 27 0.78 -7.99 8.82
N TYR B 28 -0.01 -6.95 8.99
CA TYR B 28 -0.51 -6.59 10.30
C TYR B 28 -1.88 -5.94 10.17
N ALA B 29 -2.87 -6.56 10.78
CA ALA B 29 -4.23 -6.03 10.74
C ALA B 29 -4.40 -4.90 11.74
N GLY B 30 -3.42 -4.74 12.63
CA GLY B 30 -3.44 -3.65 13.59
C GLY B 30 -3.30 -2.32 12.92
N ALA B 31 -2.52 -2.31 11.85
CA ALA B 31 -2.30 -1.10 11.07
C ALA B 31 -3.52 -0.78 10.21
N VAL B 32 -4.56 -1.60 10.33
CA VAL B 32 -5.76 -1.43 9.53
C VAL B 32 -6.95 -1.08 10.42
N ASN B 33 -7.16 -1.83 11.50
CA ASN B 33 -8.33 -1.60 12.34
C ASN B 33 -8.14 -0.34 13.20
N ARG B 34 -6.96 0.25 13.13
CA ARG B 34 -6.67 1.50 13.82
C ARG B 34 -6.99 2.68 12.90
N LEU B 35 -7.35 2.38 11.67
CA LEU B 35 -7.65 3.41 10.67
C LEU B 35 -8.94 4.15 11.01
N SER B 36 -9.89 3.43 11.59
CA SER B 36 -11.19 3.99 11.94
C SER B 36 -11.06 4.96 13.11
N SER B 37 -9.87 5.03 13.68
CA SER B 37 -9.59 5.95 14.76
C SER B 37 -9.39 7.37 14.21
N ALA B 38 -9.70 8.36 15.04
CA ALA B 38 -9.58 9.76 14.64
C ALA B 38 -8.14 10.10 14.24
N GLU B 39 -7.20 9.30 14.76
CA GLU B 39 -5.79 9.46 14.45
C GLU B 39 -5.56 9.58 12.95
N ALA B 40 -6.04 8.56 12.23
CA ALA B 40 -5.87 8.52 10.79
C ALA B 40 -6.69 9.61 10.12
N ALA B 41 -7.99 9.60 10.39
CA ALA B 41 -8.93 10.52 9.75
C ALA B 41 -8.44 11.97 9.78
N SER B 42 -7.86 12.37 10.90
CA SER B 42 -7.38 13.74 11.06
C SER B 42 -6.17 14.04 10.16
N ARG B 43 -5.40 13.01 9.83
CA ARG B 43 -4.19 13.20 9.03
C ARG B 43 -4.48 12.92 7.57
N VAL B 44 -5.29 11.91 7.34
CA VAL B 44 -5.74 11.54 6.00
C VAL B 44 -6.50 12.70 5.36
N SER B 45 -7.35 13.35 6.14
CA SER B 45 -8.17 14.44 5.64
C SER B 45 -7.35 15.73 5.46
N SER B 46 -6.12 15.72 5.94
CA SER B 46 -5.25 16.89 5.80
C SER B 46 -4.39 16.74 4.55
N ASN B 47 -4.48 15.58 3.92
CA ASN B 47 -3.67 15.29 2.74
C ASN B 47 -4.55 15.03 1.53
N ILE B 48 -5.87 15.02 1.75
CA ILE B 48 -6.83 14.84 0.67
C ILE B 48 -6.68 15.96 -0.37
N ALA B 49 -6.46 17.17 0.12
CA ALA B 49 -6.38 18.35 -0.74
C ALA B 49 -4.99 18.47 -1.36
N ALA B 50 -4.11 17.57 -0.96
CA ALA B 50 -2.75 17.56 -1.49
C ALA B 50 -2.67 16.63 -2.69
N ILE B 51 -3.12 15.39 -2.51
CA ILE B 51 -3.09 14.40 -3.58
C ILE B 51 -3.98 14.85 -4.73
N ALA B 52 -5.11 15.46 -4.40
CA ALA B 52 -6.06 15.93 -5.40
C ALA B 52 -5.44 16.96 -6.34
N SER B 53 -4.42 17.65 -5.84
CA SER B 53 -3.80 18.73 -6.58
C SER B 53 -2.53 18.25 -7.30
N GLY B 54 -2.12 17.02 -7.03
CA GLY B 54 -0.90 16.52 -7.64
C GLY B 54 -1.12 15.27 -8.47
N GLY B 55 -2.08 14.46 -8.05
CA GLY B 55 -2.36 13.22 -8.75
C GLY B 55 -1.41 12.12 -8.33
N ALA B 56 -0.15 12.24 -8.75
CA ALA B 56 0.86 11.24 -8.44
C ALA B 56 2.08 11.89 -7.80
N SER B 57 2.34 13.14 -8.13
CA SER B 57 3.51 13.85 -7.63
C SER B 57 3.33 14.23 -6.17
N ALA B 58 2.13 14.01 -5.65
CA ALA B 58 1.82 14.29 -4.26
C ALA B 58 2.13 13.09 -3.39
N LEU B 59 2.26 11.93 -4.02
CA LEU B 59 2.52 10.68 -3.28
C LEU B 59 3.78 10.77 -2.42
N PRO B 60 4.95 11.08 -3.01
CA PRO B 60 6.22 11.11 -2.25
C PRO B 60 6.21 12.16 -1.14
N SER B 61 5.25 13.08 -1.21
CA SER B 61 5.11 14.12 -0.21
C SER B 61 4.11 13.69 0.87
N VAL B 62 2.98 13.15 0.44
CA VAL B 62 1.89 12.82 1.34
C VAL B 62 2.20 11.54 2.10
N ILE B 63 2.78 10.58 1.42
CA ILE B 63 3.22 9.35 2.04
C ILE B 63 4.23 9.67 3.14
N SER B 64 5.04 10.68 2.88
CA SER B 64 6.06 11.11 3.80
C SER B 64 5.42 11.74 5.03
N ASN B 65 4.43 12.59 4.80
CA ASN B 65 3.70 13.26 5.88
C ASN B 65 3.08 12.25 6.83
N ILE B 66 2.37 11.30 6.24
CA ILE B 66 1.66 10.29 7.01
C ILE B 66 2.62 9.32 7.69
N TYR B 67 3.59 8.80 6.93
CA TYR B 67 4.55 7.82 7.47
C TYR B 67 5.23 8.35 8.72
N SER B 68 5.78 9.56 8.63
CA SER B 68 6.49 10.18 9.75
C SER B 68 5.55 10.32 10.94
N GLY B 69 4.28 10.57 10.65
CA GLY B 69 3.29 10.76 11.69
C GLY B 69 2.97 9.46 12.40
N VAL B 70 3.03 8.36 11.66
CA VAL B 70 2.74 7.04 12.22
C VAL B 70 3.94 6.54 13.03
N VAL B 71 5.14 6.72 12.48
CA VAL B 71 6.35 6.25 13.13
C VAL B 71 6.55 6.92 14.49
N ALA B 72 6.25 8.22 14.55
CA ALA B 72 6.39 8.97 15.79
C ALA B 72 5.39 8.51 16.85
N SER B 73 4.40 7.74 16.43
CA SER B 73 3.36 7.24 17.33
C SER B 73 3.88 6.09 18.19
N GLY B 74 4.98 5.47 17.76
CA GLY B 74 5.51 4.33 18.47
C GLY B 74 5.02 3.02 17.90
N VAL B 75 4.94 2.97 16.59
CA VAL B 75 4.56 1.75 15.88
C VAL B 75 5.80 0.97 15.49
N SER B 76 5.65 -0.32 15.17
CA SER B 76 6.76 -1.10 14.67
C SER B 76 7.24 -0.53 13.33
N SER B 77 8.54 -0.53 13.12
CA SER B 77 9.14 0.12 11.95
C SER B 77 8.51 -0.34 10.63
N ASN B 78 8.32 -1.64 10.48
CA ASN B 78 7.80 -2.19 9.23
C ASN B 78 6.28 -2.13 9.22
N GLU B 79 5.68 -2.10 10.41
CA GLU B 79 4.23 -2.02 10.53
C GLU B 79 3.75 -0.63 10.15
N ALA B 80 4.63 0.36 10.39
CA ALA B 80 4.37 1.74 10.03
C ALA B 80 4.08 1.89 8.54
N LEU B 81 4.80 1.13 7.73
CA LEU B 81 4.62 1.16 6.29
C LEU B 81 3.17 0.88 5.94
N ILE B 82 2.65 -0.21 6.49
CA ILE B 82 1.30 -0.66 6.18
C ILE B 82 0.27 0.39 6.61
N GLN B 83 0.34 0.81 7.86
CA GLN B 83 -0.60 1.81 8.37
C GLN B 83 -0.52 3.10 7.54
N ALA B 84 0.70 3.56 7.30
CA ALA B 84 0.91 4.79 6.54
C ALA B 84 0.32 4.67 5.15
N LEU B 85 0.51 3.50 4.52
CA LEU B 85 -0.03 3.25 3.21
C LEU B 85 -1.55 3.18 3.23
N LEU B 86 -2.12 2.52 4.22
CA LEU B 86 -3.56 2.33 4.31
C LEU B 86 -4.27 3.66 4.53
N GLU B 87 -3.70 4.48 5.42
CA GLU B 87 -4.21 5.83 5.64
C GLU B 87 -4.07 6.67 4.36
N LEU B 88 -2.98 6.43 3.65
CA LEU B 88 -2.74 7.07 2.35
C LEU B 88 -3.83 6.66 1.36
N LEU B 89 -4.15 5.37 1.34
CA LEU B 89 -5.14 4.83 0.41
C LEU B 89 -6.51 5.43 0.68
N SER B 90 -6.69 6.02 1.85
CA SER B 90 -7.98 6.54 2.24
C SER B 90 -8.14 7.99 1.80
N ALA B 91 -7.02 8.70 1.74
CA ALA B 91 -7.04 10.11 1.38
C ALA B 91 -7.42 10.28 -0.09
N LEU B 92 -6.85 9.43 -0.93
CA LEU B 92 -6.98 9.57 -2.37
C LEU B 92 -8.30 9.01 -2.90
N VAL B 93 -8.90 8.06 -2.21
CA VAL B 93 -10.20 7.54 -2.63
C VAL B 93 -11.33 8.42 -2.13
N HIS B 94 -11.04 9.18 -1.08
CA HIS B 94 -12.02 10.10 -0.52
C HIS B 94 -12.27 11.24 -1.49
N VAL B 95 -11.21 11.72 -2.13
CA VAL B 95 -11.33 12.88 -3.02
C VAL B 95 -12.25 12.59 -4.19
N LEU B 96 -12.36 11.32 -4.57
CA LEU B 96 -13.20 10.90 -5.68
C LEU B 96 -14.67 11.21 -5.40
N SER B 97 -15.00 11.31 -4.12
CA SER B 97 -16.37 11.62 -3.71
C SER B 97 -16.83 12.95 -4.30
N SER B 98 -15.89 13.86 -4.49
CA SER B 98 -16.20 15.16 -5.07
C SER B 98 -15.32 15.44 -6.30
N ALA B 99 -14.78 14.37 -6.86
CA ALA B 99 -13.96 14.49 -8.05
C ALA B 99 -14.67 13.89 -9.25
N SER B 100 -15.29 14.75 -10.06
CA SER B 100 -16.01 14.30 -11.24
C SER B 100 -15.02 13.95 -12.34
N ILE B 101 -14.51 12.72 -12.31
CA ILE B 101 -13.57 12.27 -13.32
C ILE B 101 -14.23 12.21 -14.70
N GLY B 102 -13.51 12.66 -15.71
CA GLY B 102 -14.07 12.69 -17.06
C GLY B 102 -13.92 11.37 -17.77
N ASN B 103 -12.79 11.18 -18.45
CA ASN B 103 -12.54 9.96 -19.20
C ASN B 103 -11.06 9.66 -19.28
N VAL B 104 -10.66 8.58 -18.64
CA VAL B 104 -9.25 8.19 -18.58
C VAL B 104 -8.93 7.06 -19.55
N SER B 105 -7.77 7.17 -20.18
CA SER B 105 -7.32 6.17 -21.14
C SER B 105 -6.15 5.37 -20.58
N SER B 106 -5.89 4.20 -21.14
CA SER B 106 -4.84 3.32 -20.67
C SER B 106 -3.46 3.72 -21.22
N VAL B 107 -3.42 4.85 -21.90
CA VAL B 107 -2.20 5.35 -22.49
C VAL B 107 -1.47 6.29 -21.53
N GLY B 108 -0.31 5.86 -21.08
CA GLY B 108 0.52 6.72 -20.25
C GLY B 108 0.68 6.18 -18.84
N VAL B 109 -0.05 5.12 -18.52
CA VAL B 109 0.04 4.50 -17.20
C VAL B 109 1.44 3.93 -16.98
N ASP B 110 2.04 3.46 -18.07
CA ASP B 110 3.39 2.89 -18.05
C ASP B 110 4.37 3.81 -17.32
N SER B 111 4.23 5.11 -17.58
CA SER B 111 5.10 6.11 -16.99
C SER B 111 4.75 6.36 -15.52
N THR B 112 3.49 6.15 -15.17
CA THR B 112 3.01 6.44 -13.83
C THR B 112 3.53 5.40 -12.84
N LEU B 113 3.75 4.18 -13.34
CA LEU B 113 4.35 3.12 -12.54
C LEU B 113 5.73 3.53 -12.05
N ASN B 114 6.48 4.19 -12.91
CA ASN B 114 7.84 4.61 -12.58
C ASN B 114 7.83 5.65 -11.46
N VAL B 115 6.72 6.38 -11.33
CA VAL B 115 6.61 7.42 -10.32
C VAL B 115 6.19 6.85 -8.98
N VAL B 116 5.32 5.82 -9.00
CA VAL B 116 4.87 5.20 -7.77
C VAL B 116 6.05 4.50 -7.08
N GLN B 117 7.00 4.04 -7.90
CA GLN B 117 8.20 3.39 -7.40
C GLN B 117 9.06 4.36 -6.61
N ASP B 118 8.94 5.63 -6.95
CA ASP B 118 9.75 6.68 -6.34
C ASP B 118 9.14 7.12 -5.02
N SER B 119 7.83 7.01 -4.95
CA SER B 119 7.08 7.51 -3.81
C SER B 119 7.15 6.56 -2.63
N VAL B 120 6.93 5.27 -2.89
CA VAL B 120 6.84 4.29 -1.82
C VAL B 120 8.06 3.36 -1.83
N GLY B 121 8.78 3.35 -2.94
CA GLY B 121 9.94 2.49 -3.09
C GLY B 121 11.01 2.76 -2.05
N GLN B 122 11.03 3.98 -1.54
CA GLN B 122 12.03 4.37 -0.55
C GLN B 122 11.55 4.07 0.87
N TYR B 123 10.40 3.41 0.99
CA TYR B 123 9.89 3.03 2.30
C TYR B 123 9.80 1.51 2.37
N VAL B 124 9.65 0.87 1.22
CA VAL B 124 9.69 -0.59 1.13
C VAL B 124 11.13 -1.05 0.92
N GLY B 125 12.03 -0.09 0.87
CA GLY B 125 13.44 -0.37 0.77
C GLY B 125 14.21 0.29 1.89
N GLY A 1 16.23 -21.92 3.89
CA GLY A 1 16.56 -22.03 5.33
C GLY A 1 15.46 -22.72 6.12
N SER A 2 15.66 -23.99 6.43
CA SER A 2 14.69 -24.74 7.19
C SER A 2 14.83 -24.48 8.69
N GLY A 3 13.70 -24.29 9.37
CA GLY A 3 13.74 -24.04 10.79
C GLY A 3 12.41 -23.52 11.30
N ASN A 4 12.42 -22.91 12.48
CA ASN A 4 11.20 -22.40 13.09
C ASN A 4 11.22 -20.88 13.13
N SER A 5 10.08 -20.29 13.45
CA SER A 5 9.95 -18.85 13.50
C SER A 5 10.67 -18.30 14.74
N VAL A 6 11.88 -17.82 14.53
CA VAL A 6 12.66 -17.19 15.60
C VAL A 6 13.36 -15.94 15.10
N THR A 7 12.96 -14.79 15.61
CA THR A 7 13.59 -13.54 15.27
C THR A 7 13.16 -12.44 16.22
N SER A 8 14.09 -11.54 16.52
CA SER A 8 13.80 -10.38 17.34
C SER A 8 13.67 -9.14 16.46
N GLY A 9 13.71 -9.36 15.14
CA GLY A 9 13.61 -8.28 14.20
C GLY A 9 14.96 -7.63 13.93
N GLY A 10 15.06 -6.91 12.82
CA GLY A 10 16.29 -6.19 12.51
C GLY A 10 17.22 -6.96 11.59
N TYR A 11 17.04 -8.27 11.51
CA TYR A 11 17.89 -9.10 10.68
C TYR A 11 17.09 -10.16 9.94
N GLY A 12 17.77 -10.86 9.03
CA GLY A 12 17.12 -11.85 8.20
C GLY A 12 17.80 -11.94 6.85
N TYR A 13 17.03 -11.76 5.78
CA TYR A 13 17.58 -11.76 4.43
C TYR A 13 18.23 -10.42 4.12
N GLY A 14 17.59 -9.36 4.60
CA GLY A 14 18.07 -8.02 4.36
C GLY A 14 17.89 -7.15 5.58
N THR A 15 18.99 -6.66 6.12
CA THR A 15 18.97 -5.88 7.34
C THR A 15 18.62 -4.42 7.05
N SER A 16 17.40 -4.20 6.56
CA SER A 16 16.93 -2.87 6.19
C SER A 16 17.84 -2.24 5.14
N ALA A 17 18.39 -3.09 4.30
CA ALA A 17 19.27 -2.66 3.25
C ALA A 17 18.46 -2.38 1.99
N ALA A 18 18.72 -1.25 1.35
CA ALA A 18 18.04 -0.85 0.13
C ALA A 18 18.21 -1.90 -0.97
N ALA A 19 17.30 -2.86 -0.99
CA ALA A 19 17.30 -3.95 -1.95
C ALA A 19 15.97 -4.66 -1.86
N GLY A 20 15.71 -5.62 -2.75
CA GLY A 20 14.44 -6.28 -2.70
C GLY A 20 14.39 -7.57 -3.48
N ALA A 21 14.20 -8.67 -2.75
CA ALA A 21 13.99 -9.99 -3.33
C ALA A 21 13.81 -10.98 -2.20
N GLY A 22 12.64 -10.97 -1.58
CA GLY A 22 12.42 -11.75 -0.38
C GLY A 22 13.35 -11.32 0.75
N VAL A 23 13.61 -10.02 0.83
CA VAL A 23 14.55 -9.48 1.81
C VAL A 23 13.94 -9.40 3.21
N ALA A 24 12.63 -9.27 3.26
CA ALA A 24 11.90 -9.22 4.51
C ALA A 24 10.60 -9.96 4.39
N ALA A 25 9.85 -10.07 5.48
CA ALA A 25 8.60 -10.79 5.47
C ALA A 25 7.49 -9.94 4.84
N GLY A 26 7.64 -8.62 4.91
CA GLY A 26 6.66 -7.73 4.29
C GLY A 26 7.30 -6.48 3.74
N SER A 27 8.53 -6.61 3.29
CA SER A 27 9.24 -5.51 2.69
C SER A 27 10.17 -6.01 1.60
N TYR A 28 9.97 -5.53 0.39
CA TYR A 28 10.74 -5.98 -0.76
C TYR A 28 10.73 -4.91 -1.84
N ALA A 29 11.90 -4.44 -2.21
CA ALA A 29 12.02 -3.41 -3.22
C ALA A 29 11.87 -4.00 -4.63
N GLY A 30 12.12 -5.30 -4.75
CA GLY A 30 12.04 -5.96 -6.05
C GLY A 30 10.65 -5.88 -6.62
N ALA A 31 9.65 -5.91 -5.74
CA ALA A 31 8.26 -5.84 -6.14
C ALA A 31 7.93 -4.45 -6.68
N VAL A 32 8.81 -3.51 -6.42
CA VAL A 32 8.62 -2.13 -6.83
C VAL A 32 9.32 -1.88 -8.17
N ASN A 33 10.54 -2.39 -8.32
CA ASN A 33 11.30 -2.14 -9.55
C ASN A 33 10.61 -2.77 -10.75
N ARG A 34 9.97 -3.91 -10.52
CA ARG A 34 9.29 -4.65 -11.58
C ARG A 34 8.14 -3.84 -12.18
N LEU A 35 7.68 -2.85 -11.44
CA LEU A 35 6.54 -2.04 -11.86
C LEU A 35 6.80 -1.29 -13.16
N SER A 36 8.06 -0.96 -13.41
CA SER A 36 8.41 -0.17 -14.59
C SER A 36 8.47 -1.04 -15.85
N SER A 37 8.08 -2.30 -15.71
CA SER A 37 7.97 -3.19 -16.83
C SER A 37 6.52 -3.21 -17.33
N ALA A 38 6.34 -3.65 -18.57
CA ALA A 38 5.02 -3.62 -19.21
C ALA A 38 3.99 -4.48 -18.47
N GLU A 39 4.46 -5.38 -17.61
CA GLU A 39 3.59 -6.26 -16.86
C GLU A 39 2.58 -5.47 -16.04
N ALA A 40 3.09 -4.65 -15.12
CA ALA A 40 2.24 -3.83 -14.27
C ALA A 40 1.33 -2.96 -15.10
N ALA A 41 1.93 -2.10 -15.93
CA ALA A 41 1.19 -1.13 -16.73
C ALA A 41 -0.01 -1.76 -17.44
N SER A 42 0.15 -3.01 -17.87
CA SER A 42 -0.90 -3.71 -18.60
C SER A 42 -2.12 -3.99 -17.71
N ARG A 43 -1.87 -4.22 -16.42
CA ARG A 43 -2.94 -4.56 -15.49
C ARG A 43 -3.44 -3.31 -14.79
N VAL A 44 -2.50 -2.42 -14.51
CA VAL A 44 -2.80 -1.15 -13.87
C VAL A 44 -3.75 -0.32 -14.72
N SER A 45 -3.46 -0.24 -16.02
CA SER A 45 -4.26 0.55 -16.94
C SER A 45 -5.59 -0.14 -17.25
N SER A 46 -5.75 -1.35 -16.78
CA SER A 46 -6.97 -2.11 -16.99
C SER A 46 -7.95 -1.90 -15.85
N ASN A 47 -7.48 -1.28 -14.76
CA ASN A 47 -8.30 -1.09 -13.58
C ASN A 47 -8.49 0.39 -13.28
N ILE A 48 -7.89 1.25 -14.11
CA ILE A 48 -8.03 2.69 -13.96
C ILE A 48 -9.49 3.12 -14.07
N ALA A 49 -10.21 2.51 -15.02
CA ALA A 49 -11.60 2.86 -15.27
C ALA A 49 -12.52 2.17 -14.27
N ALA A 50 -11.94 1.33 -13.42
CA ALA A 50 -12.69 0.66 -12.37
C ALA A 50 -12.74 1.55 -11.14
N ILE A 51 -11.58 2.00 -10.70
CA ILE A 51 -11.47 2.86 -9.54
C ILE A 51 -12.14 4.20 -9.80
N ALA A 52 -12.02 4.68 -11.03
CA ALA A 52 -12.61 5.96 -11.42
C ALA A 52 -14.13 5.94 -11.34
N SER A 53 -14.70 4.76 -11.23
CA SER A 53 -16.15 4.63 -11.19
C SER A 53 -16.64 4.37 -9.77
N GLY A 54 -15.80 3.74 -8.95
CA GLY A 54 -16.23 3.36 -7.61
C GLY A 54 -15.57 4.19 -6.53
N GLY A 55 -14.43 4.78 -6.84
CA GLY A 55 -13.70 5.57 -5.87
C GLY A 55 -12.99 4.69 -4.86
N ALA A 56 -13.76 4.24 -3.89
CA ALA A 56 -13.23 3.38 -2.84
C ALA A 56 -13.86 1.99 -2.92
N SER A 57 -15.04 1.94 -3.54
CA SER A 57 -15.78 0.69 -3.65
C SER A 57 -15.20 -0.20 -4.76
N ALA A 58 -14.12 0.27 -5.36
CA ALA A 58 -13.43 -0.48 -6.39
C ALA A 58 -12.18 -1.13 -5.82
N LEU A 59 -11.72 -0.60 -4.70
CA LEU A 59 -10.48 -1.05 -4.07
C LEU A 59 -10.47 -2.57 -3.86
N PRO A 60 -11.45 -3.14 -3.11
CA PRO A 60 -11.46 -4.56 -2.80
C PRO A 60 -11.54 -5.44 -4.05
N SER A 61 -12.07 -4.86 -5.13
CA SER A 61 -12.23 -5.60 -6.37
C SER A 61 -10.97 -5.52 -7.22
N VAL A 62 -10.33 -4.36 -7.22
CA VAL A 62 -9.17 -4.11 -8.05
C VAL A 62 -7.94 -4.75 -7.44
N ILE A 63 -7.83 -4.65 -6.11
CA ILE A 63 -6.78 -5.33 -5.38
C ILE A 63 -6.81 -6.82 -5.66
N SER A 64 -8.01 -7.38 -5.68
CA SER A 64 -8.18 -8.81 -5.89
C SER A 64 -7.81 -9.18 -7.32
N ASN A 65 -8.14 -8.30 -8.27
CA ASN A 65 -7.79 -8.50 -9.67
C ASN A 65 -6.29 -8.64 -9.82
N ILE A 66 -5.58 -7.63 -9.34
CA ILE A 66 -4.14 -7.58 -9.48
C ILE A 66 -3.45 -8.64 -8.63
N TYR A 67 -3.86 -8.76 -7.35
CA TYR A 67 -3.23 -9.70 -6.42
C TYR A 67 -3.18 -11.11 -7.00
N SER A 68 -4.35 -11.66 -7.33
CA SER A 68 -4.43 -13.02 -7.84
C SER A 68 -3.68 -13.15 -9.17
N GLY A 69 -3.58 -12.04 -9.89
CA GLY A 69 -2.84 -12.04 -11.13
C GLY A 69 -1.34 -12.14 -10.89
N VAL A 70 -0.86 -11.35 -9.94
CA VAL A 70 0.55 -11.33 -9.59
C VAL A 70 0.97 -12.65 -8.93
N VAL A 71 0.13 -13.18 -8.04
CA VAL A 71 0.43 -14.44 -7.38
C VAL A 71 0.60 -15.56 -8.40
N ALA A 72 -0.28 -15.58 -9.39
CA ALA A 72 -0.23 -16.58 -10.44
C ALA A 72 0.89 -16.27 -11.45
N SER A 73 1.60 -15.18 -11.21
CA SER A 73 2.71 -14.80 -12.05
C SER A 73 4.02 -15.41 -11.55
N GLY A 74 3.99 -15.96 -10.34
CA GLY A 74 5.17 -16.61 -9.81
C GLY A 74 5.88 -15.79 -8.74
N VAL A 75 5.15 -14.87 -8.12
CA VAL A 75 5.71 -14.07 -7.04
C VAL A 75 5.53 -14.80 -5.71
N SER A 76 6.26 -14.38 -4.69
CA SER A 76 6.07 -14.93 -3.35
C SER A 76 4.72 -14.45 -2.79
N SER A 77 4.15 -15.24 -1.89
CA SER A 77 2.78 -15.00 -1.41
C SER A 77 2.61 -13.60 -0.80
N ASN A 78 3.33 -13.32 0.27
CA ASN A 78 3.17 -12.04 0.95
C ASN A 78 3.77 -10.91 0.11
N GLU A 79 4.76 -11.24 -0.69
CA GLU A 79 5.42 -10.29 -1.56
C GLU A 79 4.45 -9.76 -2.61
N ALA A 80 3.48 -10.60 -2.95
CA ALA A 80 2.45 -10.23 -3.89
C ALA A 80 1.60 -9.07 -3.38
N LEU A 81 1.43 -9.00 -2.06
CA LEU A 81 0.64 -7.93 -1.45
C LEU A 81 1.26 -6.58 -1.81
N ILE A 82 2.57 -6.49 -1.64
CA ILE A 82 3.27 -5.26 -1.92
C ILE A 82 3.17 -4.90 -3.40
N GLN A 83 3.57 -5.81 -4.27
CA GLN A 83 3.50 -5.57 -5.71
C GLN A 83 2.07 -5.23 -6.15
N ALA A 84 1.10 -6.03 -5.71
CA ALA A 84 -0.29 -5.82 -6.07
C ALA A 84 -0.78 -4.45 -5.61
N LEU A 85 -0.34 -4.04 -4.43
CA LEU A 85 -0.68 -2.72 -3.93
C LEU A 85 0.00 -1.63 -4.74
N LEU A 86 1.28 -1.81 -5.05
CA LEU A 86 2.03 -0.84 -5.83
C LEU A 86 1.41 -0.66 -7.22
N GLU A 87 0.95 -1.77 -7.79
CA GLU A 87 0.24 -1.73 -9.07
C GLU A 87 -1.12 -1.05 -8.93
N LEU A 88 -1.67 -1.08 -7.73
CA LEU A 88 -2.92 -0.38 -7.48
C LEU A 88 -2.66 1.11 -7.30
N LEU A 89 -1.58 1.42 -6.60
CA LEU A 89 -1.23 2.80 -6.28
C LEU A 89 -0.95 3.61 -7.52
N SER A 90 -0.73 2.93 -8.63
CA SER A 90 -0.37 3.60 -9.87
C SER A 90 -1.61 3.81 -10.76
N ALA A 91 -2.63 2.98 -10.56
CA ALA A 91 -3.84 3.08 -11.35
C ALA A 91 -4.66 4.28 -10.92
N LEU A 92 -4.80 4.42 -9.60
CA LEU A 92 -5.68 5.43 -9.03
C LEU A 92 -5.09 6.83 -9.08
N VAL A 93 -3.77 6.95 -9.17
CA VAL A 93 -3.15 8.26 -9.26
C VAL A 93 -3.11 8.75 -10.70
N HIS A 94 -3.18 7.81 -11.64
CA HIS A 94 -3.18 8.16 -13.05
C HIS A 94 -4.50 8.81 -13.43
N VAL A 95 -5.58 8.31 -12.85
CA VAL A 95 -6.91 8.78 -13.23
C VAL A 95 -7.11 10.24 -12.86
N LEU A 96 -6.40 10.71 -11.85
CA LEU A 96 -6.48 12.09 -11.40
C LEU A 96 -5.95 13.04 -12.46
N SER A 97 -5.13 12.53 -13.37
CA SER A 97 -4.56 13.35 -14.45
C SER A 97 -5.66 13.80 -15.40
N SER A 98 -6.73 13.02 -15.48
CA SER A 98 -7.85 13.32 -16.36
C SER A 98 -9.06 13.77 -15.54
N ALA A 99 -9.01 13.44 -14.26
CA ALA A 99 -10.08 13.79 -13.35
C ALA A 99 -9.92 15.22 -12.82
N SER A 100 -10.68 16.14 -13.40
CA SER A 100 -10.65 17.52 -12.95
C SER A 100 -11.52 17.67 -11.70
N ILE A 101 -10.89 17.51 -10.54
CA ILE A 101 -11.58 17.58 -9.27
C ILE A 101 -12.15 18.97 -8.99
N GLY A 102 -13.29 19.01 -8.29
CA GLY A 102 -13.88 20.27 -7.89
C GLY A 102 -13.38 20.74 -6.54
N ASN A 103 -14.05 20.34 -5.47
CA ASN A 103 -13.68 20.78 -4.13
C ASN A 103 -13.98 19.69 -3.10
N VAL A 104 -12.94 19.06 -2.58
CA VAL A 104 -13.09 18.01 -1.58
C VAL A 104 -13.04 18.58 -0.17
N SER A 105 -13.78 17.96 0.73
CA SER A 105 -13.84 18.39 2.11
C SER A 105 -13.31 17.30 3.03
N SER A 106 -12.89 17.69 4.23
CA SER A 106 -12.36 16.77 5.20
C SER A 106 -13.48 15.96 5.87
N VAL A 107 -14.71 16.39 5.64
CA VAL A 107 -15.87 15.77 6.27
C VAL A 107 -16.29 14.52 5.53
N GLY A 108 -16.06 13.38 6.15
CA GLY A 108 -16.51 12.12 5.60
C GLY A 108 -15.39 11.13 5.40
N VAL A 109 -14.14 11.61 5.43
CA VAL A 109 -12.98 10.76 5.28
C VAL A 109 -12.97 9.67 6.34
N ASP A 110 -13.48 10.03 7.52
CA ASP A 110 -13.57 9.13 8.66
C ASP A 110 -14.19 7.78 8.26
N SER A 111 -15.27 7.86 7.49
CA SER A 111 -15.99 6.67 7.04
C SER A 111 -15.21 5.95 5.94
N THR A 112 -14.39 6.71 5.21
CA THR A 112 -13.62 6.14 4.11
C THR A 112 -12.52 5.24 4.66
N LEU A 113 -12.03 5.59 5.86
CA LEU A 113 -11.05 4.78 6.55
C LEU A 113 -11.62 3.40 6.88
N ASN A 114 -12.91 3.34 7.13
CA ASN A 114 -13.55 2.08 7.50
C ASN A 114 -13.60 1.14 6.29
N VAL A 115 -13.69 1.72 5.09
CA VAL A 115 -13.82 0.94 3.88
C VAL A 115 -12.47 0.41 3.42
N VAL A 116 -11.44 1.23 3.56
CA VAL A 116 -10.09 0.85 3.12
C VAL A 116 -9.61 -0.40 3.87
N GLN A 117 -10.09 -0.55 5.10
CA GLN A 117 -9.72 -1.68 5.94
C GLN A 117 -10.22 -2.98 5.34
N ASP A 118 -11.39 -2.90 4.72
CA ASP A 118 -12.07 -4.07 4.18
C ASP A 118 -11.28 -4.66 3.02
N SER A 119 -10.67 -3.78 2.24
CA SER A 119 -10.05 -4.15 0.99
C SER A 119 -8.69 -4.81 1.18
N VAL A 120 -7.95 -4.37 2.20
CA VAL A 120 -6.56 -4.78 2.34
C VAL A 120 -6.33 -5.65 3.58
N GLY A 121 -7.21 -5.51 4.57
CA GLY A 121 -7.04 -6.22 5.83
C GLY A 121 -6.91 -7.72 5.67
N GLN A 122 -7.55 -8.27 4.64
CA GLN A 122 -7.57 -9.70 4.44
C GLN A 122 -6.27 -10.20 3.79
N TYR A 123 -5.39 -9.28 3.43
CA TYR A 123 -4.11 -9.66 2.83
C TYR A 123 -2.96 -9.41 3.80
N VAL A 124 -3.10 -8.36 4.61
CA VAL A 124 -2.07 -8.00 5.58
C VAL A 124 -2.22 -8.79 6.88
N GLY A 125 -3.28 -9.57 6.97
CA GLY A 125 -3.52 -10.37 8.16
C GLY A 125 -3.93 -11.79 7.83
N GLY B 1 13.41 -14.69 21.10
CA GLY B 1 13.49 -14.58 19.65
C GLY B 1 14.86 -14.12 19.19
N SER B 2 15.66 -13.66 20.13
CA SER B 2 16.99 -13.15 19.84
C SER B 2 17.93 -14.30 19.45
N GLY B 3 18.80 -14.05 18.49
CA GLY B 3 19.73 -15.06 18.04
C GLY B 3 19.96 -14.98 16.55
N ASN B 4 19.31 -15.87 15.81
CA ASN B 4 19.40 -15.88 14.37
C ASN B 4 18.17 -16.52 13.75
N SER B 5 17.72 -15.97 12.63
CA SER B 5 16.52 -16.43 11.97
C SER B 5 16.83 -17.53 10.96
N VAL B 6 16.08 -18.61 11.03
CA VAL B 6 16.23 -19.72 10.10
C VAL B 6 14.92 -19.97 9.36
N THR B 7 14.20 -18.89 9.08
CA THR B 7 12.93 -18.98 8.39
C THR B 7 13.09 -18.70 6.90
N SER B 8 12.48 -19.52 6.07
CA SER B 8 12.50 -19.28 4.62
C SER B 8 11.41 -18.28 4.24
N GLY B 9 10.25 -18.41 4.88
CA GLY B 9 9.14 -17.52 4.59
C GLY B 9 7.85 -18.30 4.38
N GLY B 10 6.72 -17.61 4.46
CA GLY B 10 5.44 -18.25 4.23
C GLY B 10 4.75 -18.68 5.51
N TYR B 11 5.32 -18.31 6.65
CA TYR B 11 4.72 -18.63 7.94
C TYR B 11 5.01 -17.55 8.98
N GLY B 12 6.21 -17.53 9.52
CA GLY B 12 6.56 -16.54 10.52
C GLY B 12 5.70 -16.69 11.76
N TYR B 13 5.32 -15.57 12.36
CA TYR B 13 4.44 -15.58 13.52
C TYR B 13 3.02 -15.25 13.09
N GLY B 14 2.83 -15.06 11.79
CA GLY B 14 1.54 -14.68 11.26
C GLY B 14 1.12 -15.57 10.11
N THR B 15 0.71 -16.78 10.44
CA THR B 15 0.32 -17.77 9.45
C THR B 15 -1.12 -17.55 8.98
N SER B 16 -1.45 -16.29 8.69
CA SER B 16 -2.80 -15.89 8.33
C SER B 16 -3.77 -16.14 9.49
N ALA B 17 -3.99 -15.11 10.28
CA ALA B 17 -4.89 -15.20 11.42
C ALA B 17 -5.55 -13.86 11.65
N ALA B 18 -6.83 -13.91 12.00
CA ALA B 18 -7.57 -12.70 12.36
C ALA B 18 -7.01 -12.07 13.63
N ALA B 19 -5.89 -11.37 13.48
CA ALA B 19 -5.22 -10.67 14.57
C ALA B 19 -4.25 -9.67 13.98
N GLY B 20 -3.77 -8.73 14.78
CA GLY B 20 -2.89 -7.72 14.25
C GLY B 20 -2.35 -6.78 15.29
N ALA B 21 -1.10 -7.03 15.67
CA ALA B 21 -0.35 -6.14 16.56
C ALA B 21 1.06 -6.68 16.73
N GLY B 22 1.96 -6.29 15.83
CA GLY B 22 3.29 -6.88 15.80
C GLY B 22 3.24 -8.38 15.57
N VAL B 23 2.33 -8.80 14.68
CA VAL B 23 2.09 -10.22 14.41
C VAL B 23 3.18 -10.81 13.52
N ALA B 24 3.56 -10.07 12.50
CA ALA B 24 4.55 -10.54 11.56
C ALA B 24 5.41 -9.39 11.09
N ALA B 25 6.70 -9.62 10.94
CA ALA B 25 7.61 -8.57 10.48
C ALA B 25 7.38 -8.25 9.02
N GLY B 26 6.20 -7.71 8.72
CA GLY B 26 5.84 -7.39 7.37
C GLY B 26 4.34 -7.25 7.19
N SER B 27 3.59 -8.05 7.94
CA SER B 27 2.14 -8.05 7.85
C SER B 27 1.49 -7.87 9.20
N TYR B 28 0.53 -6.95 9.27
CA TYR B 28 -0.18 -6.68 10.50
C TYR B 28 -1.58 -6.17 10.17
N ALA B 29 -2.59 -6.76 10.80
CA ALA B 29 -3.96 -6.30 10.61
C ALA B 29 -4.28 -5.14 11.55
N GLY B 30 -3.53 -5.03 12.64
CA GLY B 30 -3.78 -3.98 13.61
C GLY B 30 -3.51 -2.61 13.05
N ALA B 31 -2.60 -2.54 12.09
CA ALA B 31 -2.28 -1.29 11.41
C ALA B 31 -3.46 -0.83 10.56
N VAL B 32 -4.37 -1.76 10.31
CA VAL B 32 -5.55 -1.49 9.53
C VAL B 32 -6.72 -1.14 10.44
N ASN B 33 -6.78 -1.82 11.57
CA ASN B 33 -7.89 -1.69 12.51
C ASN B 33 -7.78 -0.39 13.30
N ARG B 34 -6.64 0.27 13.20
CA ARG B 34 -6.42 1.53 13.90
C ARG B 34 -6.83 2.69 13.00
N LEU B 35 -7.25 2.38 11.78
CA LEU B 35 -7.60 3.38 10.79
C LEU B 35 -8.95 4.03 11.09
N SER B 36 -9.84 3.27 11.73
CA SER B 36 -11.17 3.76 12.06
C SER B 36 -11.11 4.80 13.18
N SER B 37 -9.95 4.94 13.78
CA SER B 37 -9.73 5.93 14.81
C SER B 37 -9.63 7.32 14.21
N ALA B 38 -9.94 8.34 15.02
CA ALA B 38 -9.86 9.72 14.59
C ALA B 38 -8.43 10.10 14.20
N GLU B 39 -7.48 9.31 14.70
CA GLU B 39 -6.07 9.48 14.37
C GLU B 39 -5.86 9.59 12.87
N ALA B 40 -6.24 8.55 12.16
CA ALA B 40 -6.09 8.51 10.72
C ALA B 40 -6.93 9.58 10.05
N ALA B 41 -8.23 9.59 10.35
CA ALA B 41 -9.17 10.50 9.74
C ALA B 41 -8.68 11.95 9.76
N SER B 42 -7.95 12.32 10.81
CA SER B 42 -7.44 13.69 10.94
C SER B 42 -6.23 13.95 10.04
N ARG B 43 -5.53 12.88 9.65
CA ARG B 43 -4.33 13.01 8.83
C ARG B 43 -4.68 12.80 7.37
N VAL B 44 -5.50 11.80 7.15
CA VAL B 44 -5.95 11.43 5.82
C VAL B 44 -6.69 12.60 5.16
N SER B 45 -7.54 13.27 5.93
CA SER B 45 -8.33 14.38 5.41
C SER B 45 -7.48 15.63 5.20
N SER B 46 -6.28 15.63 5.74
CA SER B 46 -5.40 16.78 5.63
C SER B 46 -4.57 16.69 4.35
N ASN B 47 -4.58 15.51 3.74
CA ASN B 47 -3.75 15.25 2.57
C ASN B 47 -4.59 14.98 1.34
N ILE B 48 -5.91 14.95 1.52
CA ILE B 48 -6.83 14.73 0.40
C ILE B 48 -6.68 15.82 -0.66
N ALA B 49 -6.57 17.07 -0.21
CA ALA B 49 -6.48 18.20 -1.12
C ALA B 49 -5.09 18.31 -1.73
N ALA B 50 -4.16 17.54 -1.18
CA ALA B 50 -2.79 17.54 -1.67
C ALA B 50 -2.66 16.60 -2.86
N ILE B 51 -3.10 15.36 -2.66
CA ILE B 51 -3.03 14.35 -3.72
C ILE B 51 -3.93 14.75 -4.87
N ALA B 52 -5.07 15.34 -4.56
CA ALA B 52 -6.03 15.75 -5.56
C ALA B 52 -5.46 16.80 -6.50
N SER B 53 -4.42 17.50 -6.05
CA SER B 53 -3.82 18.56 -6.83
C SER B 53 -2.64 18.04 -7.66
N GLY B 54 -1.84 17.17 -7.06
CA GLY B 54 -0.64 16.70 -7.73
C GLY B 54 -0.84 15.37 -8.45
N GLY B 55 -1.87 14.63 -8.05
CA GLY B 55 -2.14 13.33 -8.63
C GLY B 55 -1.13 12.29 -8.17
N ALA B 56 0.05 12.38 -8.72
CA ALA B 56 1.14 11.47 -8.38
C ALA B 56 2.31 12.24 -7.78
N SER B 57 2.38 13.53 -8.09
CA SER B 57 3.47 14.37 -7.63
C SER B 57 3.35 14.64 -6.13
N ALA B 58 2.19 14.35 -5.58
CA ALA B 58 1.93 14.60 -4.18
C ALA B 58 2.32 13.39 -3.34
N LEU B 59 2.46 12.25 -4.01
CA LEU B 59 2.75 10.99 -3.32
C LEU B 59 3.99 11.09 -2.43
N PRO B 60 5.17 11.46 -2.98
CA PRO B 60 6.41 11.51 -2.20
C PRO B 60 6.40 12.56 -1.10
N SER B 61 5.36 13.38 -1.07
CA SER B 61 5.22 14.39 -0.04
C SER B 61 4.17 13.96 0.99
N VAL B 62 3.11 13.32 0.52
CA VAL B 62 1.98 12.96 1.36
C VAL B 62 2.29 11.70 2.15
N ILE B 63 2.95 10.76 1.49
CA ILE B 63 3.36 9.52 2.12
C ILE B 63 4.29 9.81 3.29
N SER B 64 5.17 10.80 3.10
CA SER B 64 6.11 11.18 4.14
C SER B 64 5.38 11.81 5.32
N ASN B 65 4.36 12.62 5.01
CA ASN B 65 3.54 13.25 6.03
C ASN B 65 2.90 12.22 6.94
N ILE B 66 2.21 11.29 6.32
CA ILE B 66 1.46 10.27 7.04
C ILE B 66 2.41 9.28 7.72
N TYR B 67 3.41 8.80 6.99
CA TYR B 67 4.36 7.82 7.51
C TYR B 67 5.00 8.29 8.80
N SER B 68 5.67 9.44 8.73
CA SER B 68 6.38 9.98 9.88
C SER B 68 5.40 10.35 10.99
N GLY B 69 4.17 10.68 10.60
CA GLY B 69 3.14 11.00 11.56
C GLY B 69 2.78 9.80 12.40
N VAL B 70 2.65 8.64 11.76
CA VAL B 70 2.36 7.40 12.46
C VAL B 70 3.57 6.94 13.27
N VAL B 71 4.75 7.04 12.66
CA VAL B 71 6.00 6.63 13.31
C VAL B 71 6.21 7.40 14.62
N ALA B 72 5.76 8.65 14.65
CA ALA B 72 5.88 9.48 15.85
C ALA B 72 5.13 8.87 17.04
N SER B 73 4.14 8.02 16.76
CA SER B 73 3.34 7.39 17.80
C SER B 73 4.13 6.29 18.51
N GLY B 74 5.28 5.92 17.96
CA GLY B 74 6.12 4.91 18.59
C GLY B 74 5.86 3.52 18.03
N VAL B 75 5.39 3.48 16.80
CA VAL B 75 5.10 2.22 16.12
C VAL B 75 6.34 1.74 15.36
N SER B 76 6.43 0.43 15.14
CA SER B 76 7.50 -0.12 14.33
C SER B 76 7.44 0.46 12.93
N SER B 77 8.60 0.80 12.38
CA SER B 77 8.68 1.43 11.06
C SER B 77 7.97 0.60 9.99
N ASN B 78 8.13 -0.71 10.07
CA ASN B 78 7.54 -1.61 9.09
C ASN B 78 6.03 -1.69 9.25
N GLU B 79 5.56 -1.67 10.50
CA GLU B 79 4.13 -1.67 10.78
C GLU B 79 3.54 -0.30 10.41
N ALA B 80 4.34 0.74 10.63
CA ALA B 80 3.96 2.09 10.25
C ALA B 80 3.75 2.18 8.75
N LEU B 81 4.63 1.51 7.99
CA LEU B 81 4.54 1.46 6.54
C LEU B 81 3.13 1.06 6.12
N ILE B 82 2.68 -0.05 6.66
CA ILE B 82 1.37 -0.59 6.34
C ILE B 82 0.27 0.40 6.71
N GLN B 83 0.26 0.84 7.95
CA GLN B 83 -0.76 1.77 8.42
C GLN B 83 -0.77 3.05 7.58
N ALA B 84 0.42 3.61 7.39
CA ALA B 84 0.56 4.86 6.64
C ALA B 84 0.11 4.69 5.20
N LEU B 85 0.41 3.55 4.59
CA LEU B 85 -0.06 3.26 3.25
C LEU B 85 -1.58 3.19 3.22
N LEU B 86 -2.17 2.63 4.27
CA LEU B 86 -3.61 2.47 4.34
C LEU B 86 -4.30 3.80 4.63
N GLU B 87 -3.65 4.62 5.44
CA GLU B 87 -4.10 6.00 5.65
C GLU B 87 -3.96 6.81 4.36
N LEU B 88 -3.07 6.37 3.50
CA LEU B 88 -2.90 6.99 2.20
C LEU B 88 -3.98 6.53 1.24
N LEU B 89 -4.26 5.24 1.25
CA LEU B 89 -5.20 4.63 0.31
C LEU B 89 -6.62 5.13 0.55
N SER B 90 -6.81 5.85 1.64
CA SER B 90 -8.11 6.38 1.97
C SER B 90 -8.23 7.85 1.58
N ALA B 91 -7.10 8.54 1.53
CA ALA B 91 -7.08 9.96 1.19
C ALA B 91 -7.38 10.16 -0.29
N LEU B 92 -6.72 9.35 -1.10
CA LEU B 92 -6.77 9.51 -2.55
C LEU B 92 -8.04 8.92 -3.17
N VAL B 93 -8.79 8.14 -2.40
CA VAL B 93 -10.05 7.59 -2.89
C VAL B 93 -11.22 8.44 -2.42
N HIS B 94 -11.02 9.15 -1.31
CA HIS B 94 -12.05 10.03 -0.81
C HIS B 94 -12.23 11.21 -1.74
N VAL B 95 -11.14 11.61 -2.39
CA VAL B 95 -11.19 12.77 -3.27
C VAL B 95 -12.12 12.53 -4.46
N LEU B 96 -12.28 11.26 -4.83
CA LEU B 96 -13.15 10.88 -5.94
C LEU B 96 -14.61 11.17 -5.60
N SER B 97 -14.90 11.31 -4.31
CA SER B 97 -16.26 11.62 -3.85
C SER B 97 -16.71 12.98 -4.38
N SER B 98 -15.75 13.86 -4.65
CA SER B 98 -16.08 15.19 -5.17
C SER B 98 -15.26 15.50 -6.41
N ALA B 99 -14.61 14.47 -6.96
CA ALA B 99 -13.83 14.62 -8.16
C ALA B 99 -14.56 14.01 -9.34
N SER B 100 -15.32 14.84 -10.02
CA SER B 100 -16.02 14.44 -11.20
C SER B 100 -15.05 14.05 -12.31
N ILE B 101 -14.73 12.77 -12.39
CA ILE B 101 -13.80 12.30 -13.39
C ILE B 101 -14.49 12.18 -14.75
N GLY B 102 -13.72 12.42 -15.81
CA GLY B 102 -14.28 12.31 -17.15
C GLY B 102 -14.04 10.93 -17.73
N ASN B 103 -13.21 10.86 -18.75
CA ASN B 103 -12.92 9.58 -19.39
C ASN B 103 -11.42 9.34 -19.42
N VAL B 104 -10.95 8.47 -18.54
CA VAL B 104 -9.54 8.16 -18.47
C VAL B 104 -9.16 7.12 -19.52
N SER B 105 -7.99 7.29 -20.10
CA SER B 105 -7.51 6.40 -21.14
C SER B 105 -6.38 5.54 -20.61
N SER B 106 -6.17 4.38 -21.20
CA SER B 106 -5.13 3.47 -20.76
C SER B 106 -3.77 3.83 -21.37
N VAL B 107 -3.56 5.12 -21.61
CA VAL B 107 -2.33 5.60 -22.24
C VAL B 107 -1.59 6.54 -21.30
N GLY B 108 -0.39 6.14 -20.91
CA GLY B 108 0.45 6.98 -20.08
C GLY B 108 0.70 6.37 -18.72
N VAL B 109 -0.08 5.35 -18.38
CA VAL B 109 0.05 4.68 -17.09
C VAL B 109 1.45 4.08 -16.95
N ASP B 110 2.00 3.67 -18.09
CA ASP B 110 3.34 3.08 -18.15
C ASP B 110 4.36 3.99 -17.46
N SER B 111 4.25 5.28 -17.72
CA SER B 111 5.16 6.25 -17.14
C SER B 111 4.81 6.53 -15.69
N THR B 112 3.55 6.28 -15.32
CA THR B 112 3.09 6.53 -13.96
C THR B 112 3.67 5.50 -13.00
N LEU B 113 3.87 4.28 -13.50
CA LEU B 113 4.49 3.20 -12.71
C LEU B 113 5.88 3.59 -12.23
N ASN B 114 6.59 4.35 -13.06
CA ASN B 114 7.96 4.75 -12.74
C ASN B 114 7.99 5.76 -11.59
N VAL B 115 6.86 6.41 -11.34
CA VAL B 115 6.77 7.43 -10.30
C VAL B 115 6.37 6.80 -8.97
N VAL B 116 5.45 5.84 -9.02
CA VAL B 116 4.96 5.20 -7.81
C VAL B 116 6.10 4.51 -7.06
N GLN B 117 7.09 4.05 -7.81
CA GLN B 117 8.25 3.36 -7.25
C GLN B 117 9.06 4.32 -6.38
N ASP B 118 9.01 5.58 -6.74
CA ASP B 118 9.85 6.60 -6.12
C ASP B 118 9.29 7.00 -4.76
N SER B 119 7.98 6.95 -4.64
CA SER B 119 7.30 7.48 -3.47
C SER B 119 7.26 6.48 -2.32
N VAL B 120 7.08 5.20 -2.63
CA VAL B 120 6.91 4.18 -1.60
C VAL B 120 8.09 3.19 -1.56
N GLY B 121 8.81 3.11 -2.66
CA GLY B 121 9.89 2.14 -2.77
C GLY B 121 11.01 2.37 -1.76
N GLN B 122 11.08 3.59 -1.24
CA GLN B 122 12.12 3.95 -0.28
C GLN B 122 11.74 3.58 1.15
N TYR B 123 10.58 2.93 1.30
CA TYR B 123 10.14 2.49 2.62
C TYR B 123 10.14 0.97 2.70
N VAL B 124 9.82 0.33 1.58
CA VAL B 124 9.79 -1.12 1.50
C VAL B 124 11.20 -1.70 1.38
N GLY B 125 12.18 -0.81 1.27
CA GLY B 125 13.56 -1.20 1.19
C GLY B 125 14.46 -0.13 1.78
N GLY A 1 19.08 -27.14 11.57
CA GLY A 1 18.94 -25.66 11.67
C GLY A 1 18.17 -25.25 12.90
N SER A 2 17.78 -23.98 12.96
CA SER A 2 17.01 -23.47 14.08
C SER A 2 15.56 -23.93 13.96
N GLY A 3 15.25 -25.03 14.63
CA GLY A 3 13.92 -25.59 14.58
C GLY A 3 12.99 -24.99 15.62
N ASN A 4 12.88 -23.67 15.60
CA ASN A 4 12.03 -22.95 16.55
C ASN A 4 11.58 -21.63 15.95
N SER A 5 10.75 -20.90 16.68
CA SER A 5 10.23 -19.62 16.21
C SER A 5 10.46 -18.52 17.24
N VAL A 6 11.38 -18.78 18.17
CA VAL A 6 11.62 -17.86 19.28
C VAL A 6 12.55 -16.71 18.86
N THR A 7 12.99 -16.74 17.62
CA THR A 7 13.88 -15.71 17.11
C THR A 7 13.52 -15.38 15.67
N SER A 8 13.66 -14.10 15.30
CA SER A 8 13.35 -13.64 13.95
C SER A 8 14.15 -12.39 13.62
N GLY A 9 14.73 -12.36 12.43
CA GLY A 9 15.54 -11.21 12.04
C GLY A 9 15.21 -10.72 10.64
N GLY A 10 15.16 -11.64 9.68
CA GLY A 10 14.83 -11.27 8.32
C GLY A 10 16.00 -11.45 7.37
N TYR A 11 17.21 -11.25 7.89
CA TYR A 11 18.44 -11.36 7.08
C TYR A 11 18.64 -12.79 6.57
N GLY A 12 17.82 -13.72 7.07
CA GLY A 12 17.90 -15.09 6.63
C GLY A 12 17.25 -15.31 5.28
N TYR A 13 16.24 -14.49 4.96
CA TYR A 13 15.63 -14.52 3.64
C TYR A 13 16.53 -13.81 2.66
N GLY A 14 16.90 -12.61 3.06
CA GLY A 14 17.81 -11.80 2.31
C GLY A 14 18.24 -10.63 3.17
N THR A 15 19.07 -9.77 2.63
CA THR A 15 19.50 -8.62 3.40
C THR A 15 19.42 -7.36 2.54
N SER A 16 19.66 -6.20 3.16
CA SER A 16 19.58 -4.93 2.47
C SER A 16 20.52 -4.89 1.26
N ALA A 17 19.92 -4.97 0.06
CA ALA A 17 20.70 -4.99 -1.17
C ALA A 17 20.05 -4.14 -2.26
N ALA A 18 18.98 -3.42 -1.88
CA ALA A 18 18.26 -2.51 -2.78
C ALA A 18 17.52 -3.23 -3.92
N ALA A 19 17.92 -4.46 -4.25
CA ALA A 19 17.26 -5.23 -5.31
C ALA A 19 15.80 -5.53 -4.94
N GLY A 20 15.61 -6.43 -3.99
CA GLY A 20 14.30 -6.62 -3.42
C GLY A 20 13.60 -7.87 -3.90
N ALA A 21 14.00 -9.01 -3.39
CA ALA A 21 13.33 -10.26 -3.68
C ALA A 21 13.44 -11.16 -2.48
N GLY A 22 12.55 -10.96 -1.52
CA GLY A 22 12.68 -11.60 -0.23
C GLY A 22 13.87 -11.05 0.53
N VAL A 23 14.07 -9.74 0.45
CA VAL A 23 15.19 -9.08 1.13
C VAL A 23 14.91 -8.83 2.59
N ALA A 24 13.65 -8.80 2.95
CA ALA A 24 13.26 -8.58 4.32
C ALA A 24 11.94 -9.26 4.62
N ALA A 25 11.52 -9.17 5.87
CA ALA A 25 10.28 -9.82 6.31
C ALA A 25 9.06 -9.16 5.70
N GLY A 26 9.05 -7.84 5.69
CA GLY A 26 7.92 -7.10 5.17
C GLY A 26 8.34 -5.94 4.30
N SER A 27 9.41 -6.15 3.54
CA SER A 27 9.91 -5.13 2.64
C SER A 27 10.67 -5.76 1.48
N TYR A 28 10.29 -5.39 0.26
CA TYR A 28 10.93 -5.89 -0.94
C TYR A 28 10.82 -4.85 -2.04
N ALA A 29 11.95 -4.48 -2.62
CA ALA A 29 11.98 -3.43 -3.63
C ALA A 29 11.70 -3.96 -5.04
N GLY A 30 11.92 -5.25 -5.24
CA GLY A 30 11.72 -5.86 -6.56
C GLY A 30 10.27 -5.80 -6.98
N ALA A 31 9.40 -5.83 -5.98
CA ALA A 31 7.96 -5.70 -6.20
C ALA A 31 7.63 -4.30 -6.69
N VAL A 32 8.60 -3.40 -6.62
CA VAL A 32 8.42 -2.04 -7.05
C VAL A 32 9.06 -1.81 -8.41
N ASN A 33 10.26 -2.34 -8.62
CA ASN A 33 10.97 -2.14 -9.89
C ASN A 33 10.23 -2.79 -11.04
N ARG A 34 9.57 -3.91 -10.75
CA ARG A 34 8.85 -4.68 -11.77
C ARG A 34 7.63 -3.90 -12.28
N LEU A 35 7.33 -2.79 -11.63
CA LEU A 35 6.18 -1.96 -12.02
C LEU A 35 6.44 -1.27 -13.36
N SER A 36 7.70 -1.18 -13.74
CA SER A 36 8.08 -0.55 -15.00
C SER A 36 7.94 -1.54 -16.16
N SER A 37 7.42 -2.73 -15.85
CA SER A 37 7.23 -3.77 -16.84
C SER A 37 5.88 -3.61 -17.53
N ALA A 38 5.75 -4.19 -18.71
CA ALA A 38 4.49 -4.16 -19.46
C ALA A 38 3.39 -4.88 -18.68
N GLU A 39 3.81 -5.82 -17.85
CA GLU A 39 2.89 -6.59 -17.00
C GLU A 39 2.00 -5.65 -16.20
N ALA A 40 2.64 -4.82 -15.38
CA ALA A 40 1.93 -3.85 -14.57
C ALA A 40 1.13 -2.90 -15.43
N ALA A 41 1.81 -2.17 -16.32
CA ALA A 41 1.18 -1.15 -17.14
C ALA A 41 -0.10 -1.66 -17.81
N SER A 42 -0.08 -2.91 -18.22
CA SER A 42 -1.22 -3.52 -18.90
C SER A 42 -2.38 -3.81 -17.92
N ARG A 43 -2.07 -4.03 -16.65
CA ARG A 43 -3.08 -4.40 -15.66
C ARG A 43 -3.55 -3.17 -14.90
N VAL A 44 -2.60 -2.30 -14.62
CA VAL A 44 -2.88 -1.06 -13.92
C VAL A 44 -3.79 -0.17 -14.76
N SER A 45 -3.57 -0.16 -16.07
CA SER A 45 -4.38 0.65 -16.97
C SER A 45 -5.72 -0.02 -17.24
N SER A 46 -5.84 -1.27 -16.83
CA SER A 46 -7.07 -2.03 -17.02
C SER A 46 -8.06 -1.70 -15.90
N ASN A 47 -7.52 -1.24 -14.77
CA ASN A 47 -8.33 -1.04 -13.57
C ASN A 47 -8.49 0.44 -13.25
N ILE A 48 -7.88 1.29 -14.06
CA ILE A 48 -8.03 2.74 -13.88
C ILE A 48 -9.50 3.15 -14.00
N ALA A 49 -10.19 2.57 -14.97
CA ALA A 49 -11.57 2.93 -15.23
C ALA A 49 -12.50 2.31 -14.18
N ALA A 50 -11.98 1.34 -13.44
CA ALA A 50 -12.75 0.66 -12.42
C ALA A 50 -12.82 1.50 -11.16
N ILE A 51 -11.66 1.93 -10.69
CA ILE A 51 -11.56 2.78 -9.50
C ILE A 51 -12.23 4.11 -9.76
N ALA A 52 -12.08 4.61 -10.98
CA ALA A 52 -12.65 5.88 -11.37
C ALA A 52 -14.18 5.84 -11.36
N SER A 53 -14.73 4.63 -11.33
CA SER A 53 -16.17 4.45 -11.37
C SER A 53 -16.70 3.89 -10.04
N GLY A 54 -15.79 3.64 -9.10
CA GLY A 54 -16.20 3.09 -7.82
C GLY A 54 -15.70 3.90 -6.64
N GLY A 55 -14.60 4.62 -6.84
CA GLY A 55 -14.02 5.45 -5.81
C GLY A 55 -13.27 4.62 -4.79
N ALA A 56 -14.02 3.96 -3.93
CA ALA A 56 -13.44 3.11 -2.91
C ALA A 56 -14.05 1.71 -2.98
N SER A 57 -15.21 1.60 -3.62
CA SER A 57 -15.92 0.34 -3.69
C SER A 57 -15.26 -0.59 -4.71
N ALA A 58 -14.29 -0.07 -5.46
CA ALA A 58 -13.59 -0.85 -6.46
C ALA A 58 -12.29 -1.40 -5.89
N LEU A 59 -11.85 -0.83 -4.76
CA LEU A 59 -10.59 -1.21 -4.14
C LEU A 59 -10.50 -2.73 -3.90
N PRO A 60 -11.43 -3.34 -3.14
CA PRO A 60 -11.37 -4.76 -2.80
C PRO A 60 -11.46 -5.65 -4.04
N SER A 61 -11.99 -5.10 -5.12
CA SER A 61 -12.15 -5.86 -6.35
C SER A 61 -10.93 -5.70 -7.26
N VAL A 62 -10.36 -4.51 -7.27
CA VAL A 62 -9.24 -4.20 -8.14
C VAL A 62 -7.96 -4.78 -7.55
N ILE A 63 -7.84 -4.71 -6.24
CA ILE A 63 -6.74 -5.35 -5.54
C ILE A 63 -6.73 -6.84 -5.85
N SER A 64 -7.93 -7.43 -5.92
CA SER A 64 -8.08 -8.85 -6.18
C SER A 64 -7.62 -9.15 -7.61
N ASN A 65 -7.98 -8.28 -8.54
CA ASN A 65 -7.62 -8.44 -9.94
C ASN A 65 -6.10 -8.46 -10.11
N ILE A 66 -5.43 -7.54 -9.44
CA ILE A 66 -3.99 -7.42 -9.57
C ILE A 66 -3.26 -8.45 -8.71
N TYR A 67 -3.69 -8.60 -7.46
CA TYR A 67 -3.05 -9.51 -6.52
C TYR A 67 -2.93 -10.92 -7.08
N SER A 68 -4.05 -11.47 -7.52
CA SER A 68 -4.07 -12.83 -8.05
C SER A 68 -3.22 -12.91 -9.30
N GLY A 69 -3.12 -11.80 -10.02
CA GLY A 69 -2.32 -11.74 -11.22
C GLY A 69 -0.84 -11.85 -10.92
N VAL A 70 -0.40 -11.16 -9.87
CA VAL A 70 0.98 -11.20 -9.44
C VAL A 70 1.33 -12.55 -8.82
N VAL A 71 0.43 -13.06 -7.99
CA VAL A 71 0.62 -14.34 -7.32
C VAL A 71 0.77 -15.47 -8.34
N ALA A 72 0.05 -15.34 -9.45
CA ALA A 72 0.11 -16.33 -10.53
C ALA A 72 1.50 -16.41 -11.17
N SER A 73 2.31 -15.39 -10.94
CA SER A 73 3.66 -15.35 -11.49
C SER A 73 4.59 -16.29 -10.71
N GLY A 74 4.17 -16.64 -9.51
CA GLY A 74 5.00 -17.48 -8.65
C GLY A 74 5.81 -16.67 -7.66
N VAL A 75 5.20 -15.61 -7.16
CA VAL A 75 5.85 -14.75 -6.18
C VAL A 75 5.40 -15.15 -4.76
N SER A 76 6.14 -14.73 -3.75
CA SER A 76 5.74 -14.95 -2.37
C SER A 76 4.47 -14.17 -2.07
N SER A 77 3.60 -14.75 -1.24
CA SER A 77 2.31 -14.13 -0.95
C SER A 77 2.48 -12.76 -0.29
N ASN A 78 3.44 -12.65 0.63
CA ASN A 78 3.65 -11.41 1.37
C ASN A 78 4.28 -10.36 0.46
N GLU A 79 5.11 -10.83 -0.47
CA GLU A 79 5.78 -9.94 -1.42
C GLU A 79 4.79 -9.48 -2.49
N ALA A 80 3.85 -10.36 -2.83
CA ALA A 80 2.82 -10.04 -3.81
C ALA A 80 1.95 -8.89 -3.34
N LEU A 81 1.69 -8.84 -2.03
CA LEU A 81 0.88 -7.76 -1.45
C LEU A 81 1.49 -6.41 -1.81
N ILE A 82 2.80 -6.31 -1.68
CA ILE A 82 3.51 -5.08 -1.97
C ILE A 82 3.35 -4.68 -3.43
N GLN A 83 3.73 -5.58 -4.34
CA GLN A 83 3.65 -5.28 -5.77
C GLN A 83 2.22 -4.98 -6.17
N ALA A 84 1.30 -5.84 -5.77
CA ALA A 84 -0.09 -5.71 -6.14
C ALA A 84 -0.68 -4.40 -5.64
N LEU A 85 -0.21 -3.95 -4.48
CA LEU A 85 -0.63 -2.66 -3.96
C LEU A 85 -0.04 -1.53 -4.78
N LEU A 86 1.23 -1.66 -5.15
CA LEU A 86 1.92 -0.61 -5.88
C LEU A 86 1.36 -0.48 -7.29
N GLU A 87 0.94 -1.62 -7.85
CA GLU A 87 0.23 -1.63 -9.12
C GLU A 87 -1.15 -0.99 -8.97
N LEU A 88 -1.65 -0.92 -7.75
CA LEU A 88 -2.91 -0.23 -7.48
C LEU A 88 -2.68 1.26 -7.28
N LEU A 89 -1.61 1.58 -6.56
CA LEU A 89 -1.27 2.97 -6.24
C LEU A 89 -0.90 3.77 -7.48
N SER A 90 -0.77 3.09 -8.60
CA SER A 90 -0.44 3.77 -9.85
C SER A 90 -1.68 3.95 -10.72
N ALA A 91 -2.67 3.09 -10.53
CA ALA A 91 -3.89 3.14 -11.32
C ALA A 91 -4.75 4.32 -10.89
N LEU A 92 -4.91 4.46 -9.58
CA LEU A 92 -5.84 5.43 -9.02
C LEU A 92 -5.30 6.86 -9.04
N VAL A 93 -4.01 7.03 -9.26
CA VAL A 93 -3.45 8.37 -9.38
C VAL A 93 -3.34 8.79 -10.83
N HIS A 94 -3.32 7.81 -11.73
CA HIS A 94 -3.31 8.10 -13.15
C HIS A 94 -4.64 8.70 -13.57
N VAL A 95 -5.71 8.25 -12.93
CA VAL A 95 -7.04 8.70 -13.30
C VAL A 95 -7.23 10.19 -13.04
N LEU A 96 -6.46 10.72 -12.10
CA LEU A 96 -6.55 12.14 -11.74
C LEU A 96 -6.14 13.03 -12.91
N SER A 97 -5.37 12.47 -13.84
CA SER A 97 -4.93 13.19 -15.03
C SER A 97 -6.13 13.71 -15.82
N SER A 98 -7.24 12.97 -15.78
CA SER A 98 -8.43 13.36 -16.52
C SER A 98 -9.61 13.49 -15.55
N ALA A 99 -9.31 13.51 -14.27
CA ALA A 99 -10.32 13.66 -13.26
C ALA A 99 -10.31 15.07 -12.71
N SER A 100 -11.14 15.92 -13.30
CA SER A 100 -11.23 17.30 -12.87
C SER A 100 -11.94 17.37 -11.53
N ILE A 101 -11.17 17.33 -10.47
CA ILE A 101 -11.72 17.37 -9.12
C ILE A 101 -12.20 18.77 -8.76
N GLY A 102 -13.32 18.83 -8.03
CA GLY A 102 -13.85 20.12 -7.62
C GLY A 102 -13.26 20.60 -6.31
N ASN A 103 -13.96 20.37 -5.22
CA ASN A 103 -13.48 20.75 -3.90
C ASN A 103 -13.80 19.66 -2.89
N VAL A 104 -12.77 18.98 -2.42
CA VAL A 104 -12.95 17.91 -1.45
C VAL A 104 -12.98 18.47 -0.03
N SER A 105 -13.73 17.80 0.83
CA SER A 105 -13.88 18.22 2.20
C SER A 105 -13.15 17.25 3.11
N SER A 106 -12.61 17.77 4.20
CA SER A 106 -11.96 16.94 5.18
C SER A 106 -12.98 16.21 6.05
N VAL A 107 -14.25 16.56 5.85
CA VAL A 107 -15.33 15.98 6.61
C VAL A 107 -15.92 14.77 5.89
N GLY A 108 -15.66 13.59 6.43
CA GLY A 108 -16.22 12.38 5.87
C GLY A 108 -15.19 11.29 5.66
N VAL A 109 -13.92 11.67 5.67
CA VAL A 109 -12.81 10.72 5.45
C VAL A 109 -12.83 9.60 6.48
N ASP A 110 -13.36 9.91 7.66
CA ASP A 110 -13.50 8.94 8.74
C ASP A 110 -14.16 7.65 8.22
N SER A 111 -15.23 7.82 7.46
CA SER A 111 -16.01 6.69 6.96
C SER A 111 -15.29 5.99 5.81
N THR A 112 -14.60 6.75 4.97
CA THR A 112 -13.85 6.16 3.86
C THR A 112 -12.72 5.28 4.39
N LEU A 113 -12.27 5.61 5.58
CA LEU A 113 -11.23 4.83 6.25
C LEU A 113 -11.75 3.49 6.73
N ASN A 114 -13.07 3.35 6.79
CA ASN A 114 -13.67 2.12 7.25
C ASN A 114 -13.75 1.10 6.11
N VAL A 115 -13.89 1.59 4.88
CA VAL A 115 -14.01 0.71 3.74
C VAL A 115 -12.64 0.27 3.21
N VAL A 116 -11.63 1.13 3.38
CA VAL A 116 -10.27 0.79 2.96
C VAL A 116 -9.76 -0.42 3.74
N GLN A 117 -10.22 -0.55 4.99
CA GLN A 117 -9.80 -1.64 5.87
C GLN A 117 -10.25 -2.99 5.32
N ASP A 118 -11.39 -2.97 4.65
CA ASP A 118 -12.00 -4.20 4.13
C ASP A 118 -11.35 -4.61 2.82
N SER A 119 -10.69 -3.65 2.19
CA SER A 119 -10.10 -3.86 0.88
C SER A 119 -8.73 -4.52 1.00
N VAL A 120 -7.94 -4.07 1.96
CA VAL A 120 -6.55 -4.52 2.08
C VAL A 120 -6.33 -5.36 3.34
N GLY A 121 -7.21 -5.19 4.32
CA GLY A 121 -7.06 -5.88 5.59
C GLY A 121 -7.01 -7.39 5.46
N GLN A 122 -7.64 -7.91 4.42
CA GLN A 122 -7.70 -9.35 4.21
C GLN A 122 -6.44 -9.88 3.52
N TYR A 123 -5.49 -8.98 3.23
CA TYR A 123 -4.23 -9.38 2.62
C TYR A 123 -3.07 -9.15 3.58
N VAL A 124 -3.21 -8.12 4.41
CA VAL A 124 -2.21 -7.80 5.40
C VAL A 124 -2.46 -8.56 6.70
N GLY A 125 -3.52 -9.34 6.72
CA GLY A 125 -3.85 -10.13 7.89
C GLY A 125 -2.89 -11.30 8.10
N GLY B 1 17.19 -15.94 23.50
CA GLY B 1 17.33 -17.38 23.56
C GLY B 1 18.11 -17.94 22.39
N SER B 2 17.98 -17.31 21.23
CA SER B 2 18.68 -17.74 20.04
C SER B 2 19.03 -16.55 19.16
N GLY B 3 20.31 -16.43 18.81
CA GLY B 3 20.76 -15.34 17.99
C GLY B 3 20.76 -15.68 16.52
N ASN B 4 20.37 -16.91 16.21
CA ASN B 4 20.29 -17.35 14.82
C ASN B 4 18.94 -16.99 14.24
N SER B 5 18.75 -15.70 13.98
CA SER B 5 17.47 -15.17 13.53
C SER B 5 17.26 -15.38 12.03
N VAL B 6 17.62 -16.57 11.56
CA VAL B 6 17.46 -16.91 10.15
C VAL B 6 16.01 -17.27 9.86
N THR B 7 15.30 -17.70 10.90
CA THR B 7 13.90 -18.03 10.78
C THR B 7 13.04 -16.83 11.20
N SER B 8 11.74 -16.92 10.97
CA SER B 8 10.82 -15.86 11.35
C SER B 8 9.43 -16.44 11.56
N GLY B 9 9.03 -16.57 12.82
CA GLY B 9 7.76 -17.17 13.13
C GLY B 9 6.65 -16.14 13.29
N GLY B 10 5.68 -16.19 12.40
CA GLY B 10 4.56 -15.26 12.45
C GLY B 10 3.75 -15.42 13.72
N TYR B 11 3.35 -16.65 14.02
CA TYR B 11 2.54 -16.96 15.21
C TYR B 11 3.31 -16.67 16.50
N GLY B 12 4.60 -16.38 16.38
CA GLY B 12 5.41 -16.08 17.53
C GLY B 12 5.30 -14.62 17.93
N TYR B 13 5.24 -13.74 16.92
CA TYR B 13 5.01 -12.31 17.16
C TYR B 13 3.58 -12.10 17.62
N GLY B 14 2.67 -12.55 16.80
CA GLY B 14 1.26 -12.48 17.10
C GLY B 14 0.56 -13.59 16.36
N THR B 15 -0.75 -13.64 16.42
CA THR B 15 -1.45 -14.71 15.74
C THR B 15 -2.60 -14.16 14.91
N SER B 16 -3.13 -14.98 14.01
CA SER B 16 -4.20 -14.56 13.13
C SER B 16 -5.52 -14.44 13.88
N ALA B 17 -5.69 -13.33 14.58
CA ALA B 17 -6.93 -13.05 15.29
C ALA B 17 -7.49 -11.70 14.87
N ALA B 18 -6.95 -11.17 13.76
CA ALA B 18 -7.38 -9.88 13.20
C ALA B 18 -7.04 -8.70 14.10
N ALA B 19 -6.42 -8.96 15.24
CA ALA B 19 -6.06 -7.91 16.19
C ALA B 19 -5.03 -6.95 15.59
N GLY B 20 -3.90 -7.49 15.16
CA GLY B 20 -2.89 -6.68 14.55
C GLY B 20 -1.73 -6.41 15.48
N ALA B 21 -0.93 -5.39 15.16
CA ALA B 21 0.23 -5.02 15.96
C ALA B 21 1.22 -6.17 16.08
N GLY B 22 1.99 -6.38 15.02
CA GLY B 22 2.94 -7.47 14.99
C GLY B 22 2.27 -8.84 14.98
N VAL B 23 1.34 -9.05 14.04
CA VAL B 23 0.68 -10.35 13.90
C VAL B 23 1.49 -11.32 13.07
N ALA B 24 2.40 -10.78 12.27
CA ALA B 24 3.23 -11.58 11.40
C ALA B 24 4.55 -10.89 11.13
N ALA B 25 5.36 -11.49 10.29
CA ALA B 25 6.68 -10.95 9.97
C ALA B 25 6.56 -9.75 9.04
N GLY B 26 5.72 -9.85 8.03
CA GLY B 26 5.62 -8.79 7.03
C GLY B 26 4.20 -8.33 6.79
N SER B 27 3.28 -8.78 7.63
CA SER B 27 1.88 -8.41 7.49
C SER B 27 1.29 -8.08 8.85
N TYR B 28 0.50 -7.02 8.91
CA TYR B 28 -0.10 -6.57 10.15
C TYR B 28 -1.46 -5.95 9.89
N ALA B 29 -2.42 -6.30 10.73
CA ALA B 29 -3.78 -5.80 10.56
C ALA B 29 -4.09 -4.66 11.52
N GLY B 30 -3.24 -4.46 12.52
CA GLY B 30 -3.49 -3.41 13.49
C GLY B 30 -3.36 -2.04 12.88
N ALA B 31 -2.49 -1.95 11.89
CA ALA B 31 -2.31 -0.72 11.12
C ALA B 31 -3.58 -0.38 10.34
N VAL B 32 -4.41 -1.39 10.14
CA VAL B 32 -5.64 -1.24 9.38
C VAL B 32 -6.79 -0.88 10.31
N ASN B 33 -6.84 -1.58 11.44
CA ASN B 33 -7.96 -1.45 12.37
C ASN B 33 -7.97 -0.10 13.05
N ARG B 34 -6.85 0.61 12.96
CA ARG B 34 -6.70 1.90 13.59
C ARG B 34 -7.18 3.02 12.66
N LEU B 35 -7.54 2.65 11.43
CA LEU B 35 -7.94 3.63 10.43
C LEU B 35 -9.32 4.21 10.74
N SER B 36 -10.12 3.45 11.47
CA SER B 36 -11.46 3.89 11.85
C SER B 36 -11.40 4.86 13.03
N SER B 37 -10.19 5.15 13.50
CA SER B 37 -9.99 6.08 14.58
C SER B 37 -9.83 7.50 14.03
N ALA B 38 -10.20 8.48 14.85
CA ALA B 38 -10.12 9.88 14.46
C ALA B 38 -8.67 10.29 14.19
N GLU B 39 -7.74 9.53 14.75
CA GLU B 39 -6.31 9.75 14.52
C GLU B 39 -6.02 9.81 13.02
N ALA B 40 -6.36 8.73 12.34
CA ALA B 40 -6.16 8.65 10.89
C ALA B 40 -6.94 9.74 10.19
N ALA B 41 -8.25 9.77 10.43
CA ALA B 41 -9.15 10.72 9.77
C ALA B 41 -8.61 12.14 9.78
N SER B 42 -7.96 12.50 10.87
CA SER B 42 -7.42 13.85 11.03
C SER B 42 -6.25 14.12 10.07
N ARG B 43 -5.46 13.09 9.75
CA ARG B 43 -4.28 13.27 8.93
C ARG B 43 -4.57 12.94 7.48
N VAL B 44 -5.40 11.93 7.29
CA VAL B 44 -5.81 11.50 5.96
C VAL B 44 -6.57 12.63 5.26
N SER B 45 -7.40 13.34 6.02
CA SER B 45 -8.18 14.44 5.47
C SER B 45 -7.33 15.69 5.30
N SER B 46 -6.10 15.63 5.78
CA SER B 46 -5.18 16.75 5.69
C SER B 46 -4.36 16.65 4.40
N ASN B 47 -4.38 15.47 3.79
CA ASN B 47 -3.56 15.23 2.62
C ASN B 47 -4.43 14.91 1.40
N ILE B 48 -5.74 14.85 1.60
CA ILE B 48 -6.68 14.63 0.51
C ILE B 48 -6.53 15.70 -0.56
N ALA B 49 -6.41 16.95 -0.13
CA ALA B 49 -6.37 18.08 -1.04
C ALA B 49 -4.99 18.19 -1.69
N ALA B 50 -4.04 17.44 -1.16
CA ALA B 50 -2.69 17.43 -1.69
C ALA B 50 -2.64 16.53 -2.91
N ILE B 51 -3.12 15.31 -2.74
CA ILE B 51 -3.13 14.32 -3.82
C ILE B 51 -4.08 14.76 -4.93
N ALA B 52 -5.17 15.39 -4.52
CA ALA B 52 -6.16 15.90 -5.47
C ALA B 52 -5.58 16.97 -6.37
N SER B 53 -4.48 17.57 -5.93
CA SER B 53 -3.87 18.66 -6.66
C SER B 53 -2.61 18.20 -7.40
N GLY B 54 -1.86 17.27 -6.79
CA GLY B 54 -0.62 16.83 -7.39
C GLY B 54 -0.78 15.54 -8.19
N GLY B 55 -1.85 14.81 -7.93
CA GLY B 55 -2.13 13.57 -8.63
C GLY B 55 -1.20 12.46 -8.19
N ALA B 56 0.03 12.53 -8.64
CA ALA B 56 1.02 11.52 -8.30
C ALA B 56 2.26 12.16 -7.68
N SER B 57 2.44 13.46 -7.93
CA SER B 57 3.59 14.18 -7.43
C SER B 57 3.43 14.46 -5.93
N ALA B 58 2.22 14.25 -5.43
CA ALA B 58 1.93 14.48 -4.03
C ALA B 58 2.21 13.23 -3.21
N LEU B 59 2.27 12.10 -3.89
CA LEU B 59 2.45 10.81 -3.24
C LEU B 59 3.69 10.80 -2.32
N PRO B 60 4.90 11.09 -2.85
CA PRO B 60 6.13 11.05 -2.06
C PRO B 60 6.10 12.04 -0.89
N SER B 61 5.31 13.09 -1.04
CA SER B 61 5.21 14.11 -0.01
C SER B 61 4.18 13.70 1.06
N VAL B 62 3.09 13.11 0.61
CA VAL B 62 1.99 12.75 1.49
C VAL B 62 2.34 11.52 2.30
N ILE B 63 3.01 10.57 1.65
CA ILE B 63 3.52 9.39 2.33
C ILE B 63 4.43 9.79 3.47
N SER B 64 5.29 10.77 3.21
CA SER B 64 6.26 11.22 4.20
C SER B 64 5.55 11.92 5.36
N ASN B 65 4.53 12.69 5.03
CA ASN B 65 3.74 13.41 6.04
C ASN B 65 3.07 12.45 7.00
N ILE B 66 2.50 11.39 6.45
CA ILE B 66 1.81 10.39 7.25
C ILE B 66 2.78 9.43 7.93
N TYR B 67 3.73 8.90 7.17
CA TYR B 67 4.67 7.91 7.68
C TYR B 67 5.39 8.42 8.91
N SER B 68 6.01 9.59 8.77
CA SER B 68 6.76 10.19 9.86
C SER B 68 5.85 10.48 11.05
N GLY B 69 4.58 10.73 10.77
CA GLY B 69 3.61 10.98 11.82
C GLY B 69 3.25 9.72 12.56
N VAL B 70 3.02 8.65 11.80
CA VAL B 70 2.66 7.36 12.37
C VAL B 70 3.81 6.79 13.20
N VAL B 71 5.02 6.91 12.68
CA VAL B 71 6.20 6.40 13.38
C VAL B 71 6.37 7.09 14.73
N ALA B 72 6.24 8.42 14.73
CA ALA B 72 6.34 9.20 15.95
C ALA B 72 5.18 8.91 16.91
N SER B 73 4.14 8.28 16.38
CA SER B 73 2.96 7.96 17.16
C SER B 73 3.20 6.74 18.04
N GLY B 74 4.26 5.99 17.74
CA GLY B 74 4.60 4.84 18.57
C GLY B 74 4.16 3.52 17.97
N VAL B 75 4.09 3.48 16.65
CA VAL B 75 3.73 2.26 15.93
C VAL B 75 4.95 1.33 15.82
N SER B 76 4.72 0.07 15.44
CA SER B 76 5.81 -0.85 15.16
C SER B 76 6.50 -0.41 13.86
N SER B 77 7.79 -0.71 13.74
CA SER B 77 8.62 -0.18 12.67
C SER B 77 8.07 -0.51 11.28
N ASN B 78 8.01 -1.78 10.92
CA ASN B 78 7.58 -2.16 9.58
C ASN B 78 6.07 -2.04 9.45
N GLU B 79 5.36 -2.01 10.58
CA GLU B 79 3.91 -1.86 10.56
C GLU B 79 3.55 -0.41 10.22
N ALA B 80 4.49 0.49 10.48
CA ALA B 80 4.32 1.90 10.13
C ALA B 80 4.13 2.06 8.64
N LEU B 81 4.88 1.27 7.86
CA LEU B 81 4.77 1.27 6.41
C LEU B 81 3.33 0.98 6.01
N ILE B 82 2.78 -0.05 6.61
CA ILE B 82 1.44 -0.49 6.30
C ILE B 82 0.40 0.58 6.68
N GLN B 83 0.43 1.04 7.92
CA GLN B 83 -0.51 2.07 8.38
C GLN B 83 -0.38 3.33 7.54
N ALA B 84 0.85 3.77 7.32
CA ALA B 84 1.11 4.97 6.54
C ALA B 84 0.56 4.81 5.13
N LEU B 85 0.74 3.62 4.56
CA LEU B 85 0.19 3.32 3.26
C LEU B 85 -1.33 3.32 3.28
N LEU B 86 -1.92 2.69 4.29
CA LEU B 86 -3.37 2.56 4.36
C LEU B 86 -4.05 3.90 4.60
N GLU B 87 -3.42 4.75 5.41
CA GLU B 87 -3.89 6.11 5.59
C GLU B 87 -3.77 6.90 4.29
N LEU B 88 -2.85 6.52 3.43
CA LEU B 88 -2.73 7.12 2.12
C LEU B 88 -3.81 6.58 1.18
N LEU B 89 -4.02 5.26 1.24
CA LEU B 89 -4.98 4.57 0.39
C LEU B 89 -6.41 5.04 0.65
N SER B 90 -6.60 5.78 1.72
CA SER B 90 -7.92 6.27 2.06
C SER B 90 -8.08 7.72 1.66
N ALA B 91 -6.97 8.46 1.63
CA ALA B 91 -7.00 9.87 1.28
C ALA B 91 -7.31 10.05 -0.19
N LEU B 92 -6.63 9.29 -1.02
CA LEU B 92 -6.70 9.45 -2.46
C LEU B 92 -7.99 8.87 -3.07
N VAL B 93 -8.69 8.02 -2.32
CA VAL B 93 -9.96 7.48 -2.82
C VAL B 93 -11.12 8.33 -2.32
N HIS B 94 -10.91 9.01 -1.21
CA HIS B 94 -11.95 9.89 -0.67
C HIS B 94 -12.16 11.07 -1.60
N VAL B 95 -11.10 11.51 -2.26
CA VAL B 95 -11.18 12.68 -3.13
C VAL B 95 -12.11 12.42 -4.31
N LEU B 96 -12.22 11.15 -4.72
CA LEU B 96 -13.10 10.76 -5.82
C LEU B 96 -14.55 11.07 -5.48
N SER B 97 -14.84 11.10 -4.19
CA SER B 97 -16.18 11.39 -3.71
C SER B 97 -16.65 12.79 -4.16
N SER B 98 -15.70 13.66 -4.46
CA SER B 98 -16.03 14.98 -4.96
C SER B 98 -15.23 15.28 -6.23
N ALA B 99 -14.72 14.23 -6.85
CA ALA B 99 -13.97 14.36 -8.08
C ALA B 99 -14.71 13.68 -9.22
N SER B 100 -15.55 14.45 -9.91
CA SER B 100 -16.30 13.93 -11.03
C SER B 100 -15.36 13.74 -12.21
N ILE B 101 -14.87 12.52 -12.35
CA ILE B 101 -13.89 12.21 -13.38
C ILE B 101 -14.50 12.25 -14.78
N GLY B 102 -13.70 12.66 -15.76
CA GLY B 102 -14.18 12.76 -17.12
C GLY B 102 -13.98 11.48 -17.91
N ASN B 103 -12.81 11.32 -18.52
CA ASN B 103 -12.54 10.17 -19.36
C ASN B 103 -11.07 9.81 -19.33
N VAL B 104 -10.74 8.67 -18.74
CA VAL B 104 -9.36 8.24 -18.62
C VAL B 104 -9.01 7.15 -19.63
N SER B 105 -7.76 7.15 -20.06
CA SER B 105 -7.28 6.18 -21.04
C SER B 105 -6.10 5.40 -20.49
N SER B 106 -5.79 4.27 -21.12
CA SER B 106 -4.74 3.39 -20.66
C SER B 106 -3.35 3.85 -21.14
N VAL B 107 -3.23 5.14 -21.42
CA VAL B 107 -2.01 5.69 -22.01
C VAL B 107 -1.26 6.54 -21.00
N GLY B 108 -0.08 6.09 -20.61
CA GLY B 108 0.77 6.86 -19.72
C GLY B 108 0.90 6.22 -18.35
N VAL B 109 0.12 5.17 -18.12
CA VAL B 109 0.17 4.45 -16.85
C VAL B 109 1.56 3.86 -16.66
N ASP B 110 2.18 3.47 -17.77
CA ASP B 110 3.54 2.97 -17.78
C ASP B 110 4.46 3.94 -17.02
N SER B 111 4.33 5.21 -17.35
CA SER B 111 5.18 6.26 -16.77
C SER B 111 4.71 6.63 -15.36
N THR B 112 3.41 6.57 -15.12
CA THR B 112 2.88 6.80 -13.78
C THR B 112 3.48 5.79 -12.79
N LEU B 113 3.68 4.57 -13.28
CA LEU B 113 4.29 3.51 -12.49
C LEU B 113 5.71 3.86 -12.10
N ASN B 114 6.38 4.67 -12.91
CA ASN B 114 7.75 5.08 -12.60
C ASN B 114 7.77 6.01 -11.39
N VAL B 115 6.67 6.73 -11.21
CA VAL B 115 6.56 7.70 -10.11
C VAL B 115 6.15 7.00 -8.81
N VAL B 116 5.29 5.99 -8.92
CA VAL B 116 4.84 5.27 -7.74
C VAL B 116 6.02 4.54 -7.10
N GLN B 117 6.96 4.11 -7.95
CA GLN B 117 8.17 3.43 -7.49
C GLN B 117 9.02 4.36 -6.65
N ASP B 118 8.98 5.63 -7.00
CA ASP B 118 9.77 6.65 -6.32
C ASP B 118 9.20 6.95 -4.94
N SER B 119 7.89 6.89 -4.85
CA SER B 119 7.17 7.34 -3.67
C SER B 119 7.27 6.35 -2.51
N VAL B 120 7.24 5.06 -2.82
CA VAL B 120 7.19 4.05 -1.77
C VAL B 120 8.41 3.12 -1.82
N GLY B 121 9.07 3.08 -2.97
CA GLY B 121 10.20 2.17 -3.16
C GLY B 121 11.35 2.46 -2.20
N GLN B 122 11.35 3.64 -1.61
CA GLN B 122 12.39 4.03 -0.66
C GLN B 122 12.00 3.67 0.77
N TYR B 123 10.84 3.05 0.94
CA TYR B 123 10.39 2.62 2.26
C TYR B 123 10.36 1.10 2.32
N VAL B 124 10.05 0.48 1.19
CA VAL B 124 10.00 -0.98 1.09
C VAL B 124 11.38 -1.56 0.75
N GLY B 125 12.36 -0.69 0.55
CA GLY B 125 13.69 -1.15 0.22
C GLY B 125 14.74 -0.42 1.01
N GLY A 1 15.81 -28.97 18.56
CA GLY A 1 15.74 -28.22 17.28
C GLY A 1 15.10 -26.85 17.46
N SER A 2 13.87 -26.83 17.97
CA SER A 2 13.14 -25.58 18.15
C SER A 2 13.58 -24.87 19.42
N GLY A 3 13.35 -23.56 19.46
CA GLY A 3 13.69 -22.76 20.61
C GLY A 3 13.33 -21.31 20.37
N ASN A 4 13.05 -20.58 21.44
CA ASN A 4 12.61 -19.19 21.32
C ASN A 4 13.80 -18.25 21.12
N SER A 5 14.31 -18.24 19.89
CA SER A 5 15.35 -17.30 19.51
C SER A 5 14.71 -16.06 18.88
N VAL A 6 14.82 -14.92 19.55
CA VAL A 6 14.18 -13.70 19.09
C VAL A 6 14.74 -13.23 17.75
N THR A 7 13.85 -12.78 16.88
CA THR A 7 14.23 -12.32 15.56
C THR A 7 14.99 -11.00 15.63
N SER A 8 16.30 -11.08 15.43
CA SER A 8 17.14 -9.89 15.44
C SER A 8 17.02 -9.15 14.11
N GLY A 9 16.06 -8.23 14.04
CA GLY A 9 15.81 -7.51 12.81
C GLY A 9 16.34 -6.10 12.84
N GLY A 10 16.22 -5.39 11.73
CA GLY A 10 16.74 -4.05 11.62
C GLY A 10 18.01 -4.03 10.79
N TYR A 11 18.62 -5.19 10.67
CA TYR A 11 19.82 -5.38 9.88
C TYR A 11 19.84 -6.79 9.36
N GLY A 12 20.74 -7.10 8.44
CA GLY A 12 20.75 -8.41 7.82
C GLY A 12 19.63 -8.55 6.81
N TYR A 13 19.65 -9.63 6.03
CA TYR A 13 18.70 -9.86 4.95
C TYR A 13 18.78 -8.75 3.89
N GLY A 14 18.25 -7.59 4.22
CA GLY A 14 18.27 -6.45 3.33
C GLY A 14 18.31 -5.16 4.12
N THR A 15 19.51 -4.68 4.40
CA THR A 15 19.69 -3.50 5.23
C THR A 15 19.15 -2.23 4.55
N SER A 16 19.36 -2.14 3.23
CA SER A 16 18.89 -0.99 2.46
C SER A 16 18.39 -1.46 1.09
N ALA A 17 17.80 -0.54 0.33
CA ALA A 17 17.33 -0.85 -1.02
C ALA A 17 18.50 -1.03 -1.99
N ALA A 18 19.14 -2.17 -1.93
CA ALA A 18 20.21 -2.52 -2.84
C ALA A 18 19.92 -3.87 -3.49
N ALA A 19 18.69 -4.34 -3.27
CA ALA A 19 18.24 -5.63 -3.77
C ALA A 19 16.74 -5.75 -3.58
N GLY A 20 16.17 -6.85 -4.04
CA GLY A 20 14.74 -7.05 -3.90
C GLY A 20 14.39 -8.51 -3.80
N ALA A 21 13.09 -8.81 -3.82
CA ALA A 21 12.59 -10.18 -3.74
C ALA A 21 12.97 -10.84 -2.42
N GLY A 22 12.08 -10.73 -1.45
CA GLY A 22 12.31 -11.30 -0.13
C GLY A 22 13.52 -10.71 0.57
N VAL A 23 13.66 -9.38 0.52
CA VAL A 23 14.77 -8.73 1.20
C VAL A 23 14.52 -8.61 2.69
N ALA A 24 13.46 -7.91 3.07
CA ALA A 24 13.13 -7.74 4.47
C ALA A 24 11.92 -8.58 4.83
N ALA A 25 11.43 -8.40 6.05
CA ALA A 25 10.30 -9.18 6.54
C ALA A 25 9.01 -8.79 5.81
N GLY A 26 8.77 -7.50 5.72
CA GLY A 26 7.57 -7.00 5.08
C GLY A 26 7.86 -5.83 4.17
N SER A 27 9.09 -5.80 3.69
CA SER A 27 9.54 -4.75 2.81
C SER A 27 10.41 -5.33 1.71
N TYR A 28 10.11 -4.98 0.48
CA TYR A 28 10.84 -5.51 -0.65
C TYR A 28 10.87 -4.50 -1.78
N ALA A 29 12.06 -4.23 -2.30
CA ALA A 29 12.22 -3.27 -3.38
C ALA A 29 12.08 -3.96 -4.73
N GLY A 30 12.14 -5.29 -4.74
CA GLY A 30 12.05 -6.03 -5.99
C GLY A 30 10.69 -5.89 -6.64
N ALA A 31 9.67 -5.76 -5.80
CA ALA A 31 8.30 -5.62 -6.27
C ALA A 31 8.03 -4.20 -6.76
N VAL A 32 9.01 -3.33 -6.63
CA VAL A 32 8.84 -1.95 -6.99
C VAL A 32 9.43 -1.66 -8.35
N ASN A 33 10.69 -2.03 -8.54
CA ASN A 33 11.37 -1.75 -9.80
C ASN A 33 10.76 -2.55 -10.95
N ARG A 34 10.04 -3.61 -10.59
CA ARG A 34 9.36 -4.46 -11.56
C ARG A 34 8.14 -3.75 -12.15
N LEU A 35 7.71 -2.67 -11.51
CA LEU A 35 6.54 -1.91 -11.95
C LEU A 35 6.75 -1.27 -13.31
N SER A 36 8.00 -0.99 -13.65
CA SER A 36 8.34 -0.32 -14.89
C SER A 36 8.22 -1.28 -16.08
N SER A 37 7.81 -2.51 -15.80
CA SER A 37 7.60 -3.51 -16.84
C SER A 37 6.21 -3.34 -17.43
N ALA A 38 6.05 -3.71 -18.70
CA ALA A 38 4.78 -3.59 -19.40
C ALA A 38 3.68 -4.40 -18.71
N GLU A 39 4.11 -5.35 -17.89
CA GLU A 39 3.20 -6.20 -17.12
C GLU A 39 2.25 -5.34 -16.29
N ALA A 40 2.82 -4.49 -15.46
CA ALA A 40 2.03 -3.59 -14.61
C ALA A 40 1.16 -2.69 -15.47
N ALA A 41 1.76 -2.08 -16.48
CA ALA A 41 1.07 -1.13 -17.34
C ALA A 41 -0.07 -1.79 -18.13
N SER A 42 -0.17 -3.11 -18.04
CA SER A 42 -1.25 -3.84 -18.69
C SER A 42 -2.36 -4.20 -17.70
N ARG A 43 -2.02 -4.24 -16.41
CA ARG A 43 -2.99 -4.58 -15.37
C ARG A 43 -3.57 -3.30 -14.80
N VAL A 44 -2.67 -2.44 -14.40
CA VAL A 44 -3.00 -1.15 -13.79
C VAL A 44 -3.92 -0.33 -14.72
N SER A 45 -3.69 -0.44 -16.00
CA SER A 45 -4.46 0.31 -17.00
C SER A 45 -5.87 -0.24 -17.16
N SER A 46 -6.11 -1.42 -16.60
CA SER A 46 -7.43 -2.03 -16.65
C SER A 46 -8.17 -1.73 -15.37
N ASN A 47 -7.44 -1.19 -14.41
CA ASN A 47 -7.98 -0.92 -13.09
C ASN A 47 -8.35 0.54 -12.97
N ILE A 48 -7.70 1.37 -13.79
CA ILE A 48 -7.95 2.80 -13.82
C ILE A 48 -9.44 3.10 -14.06
N ALA A 49 -10.06 2.35 -14.97
CA ALA A 49 -11.44 2.60 -15.35
C ALA A 49 -12.41 2.00 -14.35
N ALA A 50 -11.87 1.27 -13.39
CA ALA A 50 -12.69 0.64 -12.35
C ALA A 50 -12.73 1.53 -11.12
N ILE A 51 -11.55 1.92 -10.64
CA ILE A 51 -11.44 2.74 -9.45
C ILE A 51 -12.03 4.13 -9.71
N ALA A 52 -11.86 4.62 -10.93
CA ALA A 52 -12.39 5.93 -11.31
C ALA A 52 -13.91 5.96 -11.23
N SER A 53 -14.52 4.78 -11.25
CA SER A 53 -15.98 4.68 -11.26
C SER A 53 -16.52 4.47 -9.84
N GLY A 54 -15.83 3.65 -9.05
CA GLY A 54 -16.33 3.30 -7.73
C GLY A 54 -15.68 4.09 -6.61
N GLY A 55 -14.51 4.65 -6.87
CA GLY A 55 -13.78 5.40 -5.89
C GLY A 55 -13.12 4.50 -4.88
N ALA A 56 -13.91 4.03 -3.92
CA ALA A 56 -13.43 3.12 -2.91
C ALA A 56 -14.15 1.78 -2.99
N SER A 57 -15.30 1.81 -3.64
CA SER A 57 -16.12 0.60 -3.79
C SER A 57 -15.46 -0.38 -4.75
N ALA A 58 -14.49 0.11 -5.51
CA ALA A 58 -13.78 -0.70 -6.48
C ALA A 58 -12.54 -1.33 -5.86
N LEU A 59 -12.14 -0.83 -4.70
CA LEU A 59 -10.92 -1.27 -4.03
C LEU A 59 -10.92 -2.78 -3.79
N PRO A 60 -11.92 -3.33 -3.07
CA PRO A 60 -11.94 -4.77 -2.74
C PRO A 60 -11.97 -5.64 -3.99
N SER A 61 -12.49 -5.10 -5.08
CA SER A 61 -12.61 -5.84 -6.32
C SER A 61 -11.29 -5.79 -7.11
N VAL A 62 -10.66 -4.63 -7.12
CA VAL A 62 -9.48 -4.40 -7.95
C VAL A 62 -8.24 -4.98 -7.29
N ILE A 63 -8.16 -4.86 -5.98
CA ILE A 63 -7.06 -5.44 -5.22
C ILE A 63 -6.97 -6.94 -5.48
N SER A 64 -8.11 -7.59 -5.48
CA SER A 64 -8.15 -9.04 -5.66
C SER A 64 -7.72 -9.39 -7.08
N ASN A 65 -8.11 -8.55 -8.04
CA ASN A 65 -7.73 -8.75 -9.43
C ASN A 65 -6.22 -8.72 -9.60
N ILE A 66 -5.61 -7.64 -9.13
CA ILE A 66 -4.18 -7.46 -9.27
C ILE A 66 -3.41 -8.49 -8.46
N TYR A 67 -3.85 -8.72 -7.23
CA TYR A 67 -3.16 -9.64 -6.33
C TYR A 67 -3.04 -11.02 -6.94
N SER A 68 -4.17 -11.59 -7.34
CA SER A 68 -4.19 -12.91 -7.95
C SER A 68 -3.35 -12.92 -9.23
N GLY A 69 -3.35 -11.79 -9.93
CA GLY A 69 -2.57 -11.67 -11.15
C GLY A 69 -1.08 -11.74 -10.88
N VAL A 70 -0.65 -11.09 -9.82
CA VAL A 70 0.75 -11.05 -9.45
C VAL A 70 1.20 -12.40 -8.87
N VAL A 71 0.36 -12.98 -8.01
CA VAL A 71 0.67 -14.27 -7.39
C VAL A 71 0.88 -15.35 -8.44
N ALA A 72 0.06 -15.31 -9.48
CA ALA A 72 0.15 -16.28 -10.58
C ALA A 72 1.35 -15.99 -11.47
N SER A 73 2.09 -14.94 -11.16
CA SER A 73 3.24 -14.55 -11.95
C SER A 73 4.52 -15.13 -11.33
N GLY A 74 4.39 -15.76 -10.16
CA GLY A 74 5.53 -16.41 -9.54
C GLY A 74 6.25 -15.51 -8.54
N VAL A 75 5.52 -14.57 -7.98
CA VAL A 75 6.09 -13.64 -6.99
C VAL A 75 6.13 -14.32 -5.61
N SER A 76 6.95 -13.79 -4.71
CA SER A 76 6.97 -14.25 -3.32
C SER A 76 5.62 -13.92 -2.68
N SER A 77 5.17 -14.79 -1.79
CA SER A 77 3.82 -14.69 -1.22
C SER A 77 3.53 -13.32 -0.62
N ASN A 78 4.28 -12.96 0.42
CA ASN A 78 4.05 -11.71 1.13
C ASN A 78 4.44 -10.52 0.27
N GLU A 79 5.34 -10.74 -0.68
CA GLU A 79 5.81 -9.67 -1.56
C GLU A 79 4.72 -9.32 -2.58
N ALA A 80 3.83 -10.27 -2.84
CA ALA A 80 2.73 -10.06 -3.76
C ALA A 80 1.84 -8.91 -3.30
N LEU A 81 1.68 -8.79 -1.99
CA LEU A 81 0.89 -7.70 -1.41
C LEU A 81 1.49 -6.37 -1.83
N ILE A 82 2.80 -6.26 -1.68
CA ILE A 82 3.51 -5.04 -2.03
C ILE A 82 3.39 -4.74 -3.52
N GLN A 83 3.80 -5.69 -4.36
CA GLN A 83 3.73 -5.53 -5.81
C GLN A 83 2.30 -5.16 -6.25
N ALA A 84 1.33 -5.91 -5.74
CA ALA A 84 -0.06 -5.67 -6.10
C ALA A 84 -0.52 -4.29 -5.66
N LEU A 85 -0.09 -3.89 -4.47
CA LEU A 85 -0.43 -2.56 -3.97
C LEU A 85 0.27 -1.48 -4.77
N LEU A 86 1.53 -1.69 -5.11
CA LEU A 86 2.29 -0.73 -5.89
C LEU A 86 1.64 -0.52 -7.26
N GLU A 87 1.16 -1.60 -7.85
CA GLU A 87 0.42 -1.52 -9.09
C GLU A 87 -0.93 -0.83 -8.87
N LEU A 88 -1.54 -1.06 -7.71
CA LEU A 88 -2.81 -0.43 -7.39
C LEU A 88 -2.63 1.08 -7.20
N LEU A 89 -1.59 1.44 -6.48
CA LEU A 89 -1.29 2.84 -6.20
C LEU A 89 -1.00 3.63 -7.48
N SER A 90 -0.82 2.91 -8.57
CA SER A 90 -0.54 3.54 -9.85
C SER A 90 -1.82 3.76 -10.64
N ALA A 91 -2.80 2.86 -10.46
CA ALA A 91 -4.03 2.92 -11.22
C ALA A 91 -4.87 4.11 -10.77
N LEU A 92 -4.94 4.30 -9.46
CA LEU A 92 -5.83 5.29 -8.88
C LEU A 92 -5.26 6.72 -8.93
N VAL A 93 -3.96 6.84 -9.16
CA VAL A 93 -3.36 8.18 -9.31
C VAL A 93 -3.29 8.58 -10.77
N HIS A 94 -3.28 7.58 -11.65
CA HIS A 94 -3.26 7.83 -13.08
C HIS A 94 -4.56 8.51 -13.50
N VAL A 95 -5.66 8.13 -12.86
CA VAL A 95 -6.96 8.63 -13.24
C VAL A 95 -7.09 10.14 -12.98
N LEU A 96 -6.34 10.64 -12.00
CA LEU A 96 -6.38 12.05 -11.63
C LEU A 96 -5.87 12.92 -12.77
N SER A 97 -5.07 12.34 -13.66
CA SER A 97 -4.51 13.07 -14.79
C SER A 97 -5.62 13.63 -15.68
N SER A 98 -6.75 12.94 -15.72
CA SER A 98 -7.86 13.35 -16.55
C SER A 98 -9.10 13.58 -15.68
N ALA A 99 -8.90 13.57 -14.38
CA ALA A 99 -9.99 13.77 -13.44
C ALA A 99 -9.93 15.16 -12.85
N SER A 100 -10.64 16.09 -13.47
CA SER A 100 -10.68 17.46 -12.98
C SER A 100 -11.54 17.52 -11.72
N ILE A 101 -10.90 17.30 -10.58
CA ILE A 101 -11.58 17.29 -9.30
C ILE A 101 -12.13 18.67 -8.93
N GLY A 102 -13.27 18.68 -8.27
CA GLY A 102 -13.88 19.93 -7.84
C GLY A 102 -13.38 20.37 -6.48
N ASN A 103 -14.26 20.32 -5.49
CA ASN A 103 -13.91 20.73 -4.14
C ASN A 103 -14.22 19.62 -3.15
N VAL A 104 -13.18 19.04 -2.58
CA VAL A 104 -13.33 17.98 -1.60
C VAL A 104 -13.31 18.53 -0.19
N SER A 105 -14.22 18.03 0.64
CA SER A 105 -14.30 18.45 2.02
C SER A 105 -13.45 17.54 2.89
N SER A 106 -12.89 18.09 3.96
CA SER A 106 -12.05 17.32 4.85
C SER A 106 -12.89 16.63 5.92
N VAL A 107 -14.20 16.70 5.75
CA VAL A 107 -15.12 16.12 6.70
C VAL A 107 -15.81 14.91 6.06
N GLY A 108 -15.69 13.78 6.72
CA GLY A 108 -16.31 12.56 6.25
C GLY A 108 -15.28 11.51 5.88
N VAL A 109 -14.02 11.92 5.82
CA VAL A 109 -12.91 11.01 5.51
C VAL A 109 -12.86 9.86 6.52
N ASP A 110 -13.25 10.17 7.75
CA ASP A 110 -13.30 9.18 8.83
C ASP A 110 -13.97 7.88 8.37
N SER A 111 -15.06 8.03 7.62
CA SER A 111 -15.84 6.90 7.14
C SER A 111 -15.12 6.16 6.01
N THR A 112 -14.25 6.87 5.29
CA THR A 112 -13.49 6.26 4.22
C THR A 112 -12.42 5.33 4.79
N LEU A 113 -11.97 5.66 5.99
CA LEU A 113 -11.03 4.82 6.71
C LEU A 113 -11.66 3.48 7.07
N ASN A 114 -12.99 3.46 7.16
CA ASN A 114 -13.72 2.25 7.51
C ASN A 114 -13.74 1.26 6.35
N VAL A 115 -13.86 1.79 5.13
CA VAL A 115 -14.02 0.94 3.96
C VAL A 115 -12.67 0.44 3.44
N VAL A 116 -11.60 1.20 3.68
CA VAL A 116 -10.27 0.80 3.26
C VAL A 116 -9.82 -0.45 4.03
N GLN A 117 -10.33 -0.59 5.25
CA GLN A 117 -10.00 -1.73 6.10
C GLN A 117 -10.63 -3.00 5.57
N ASP A 118 -11.66 -2.82 4.75
CA ASP A 118 -12.45 -3.95 4.29
C ASP A 118 -11.79 -4.60 3.08
N SER A 119 -11.15 -3.78 2.28
CA SER A 119 -10.62 -4.22 1.01
C SER A 119 -9.25 -4.88 1.15
N VAL A 120 -8.37 -4.25 1.89
CA VAL A 120 -7.00 -4.72 2.01
C VAL A 120 -6.75 -5.37 3.37
N GLY A 121 -7.67 -5.14 4.30
CA GLY A 121 -7.53 -5.68 5.64
C GLY A 121 -7.57 -7.19 5.67
N GLN A 122 -8.04 -7.79 4.58
CA GLN A 122 -8.10 -9.24 4.47
C GLN A 122 -6.88 -9.78 3.72
N TYR A 123 -5.91 -8.90 3.46
CA TYR A 123 -4.67 -9.31 2.81
C TYR A 123 -3.49 -9.03 3.72
N VAL A 124 -3.61 -7.99 4.53
CA VAL A 124 -2.58 -7.64 5.51
C VAL A 124 -2.79 -8.42 6.81
N GLY A 125 -3.81 -9.24 6.84
CA GLY A 125 -4.10 -10.04 8.02
C GLY A 125 -5.14 -11.09 7.74
N GLY B 1 24.68 -19.42 19.90
CA GLY B 1 23.98 -18.20 20.25
C GLY B 1 23.71 -17.33 19.04
N SER B 2 24.27 -17.75 17.91
CA SER B 2 24.12 -17.00 16.68
C SER B 2 24.15 -17.94 15.47
N GLY B 3 23.80 -17.41 14.31
CA GLY B 3 23.79 -18.20 13.10
C GLY B 3 22.81 -17.65 12.09
N ASN B 4 22.45 -18.46 11.11
CA ASN B 4 21.49 -18.02 10.10
C ASN B 4 20.08 -18.37 10.55
N SER B 5 19.54 -17.54 11.43
CA SER B 5 18.20 -17.73 11.95
C SER B 5 17.17 -17.24 10.94
N VAL B 6 16.59 -18.17 10.19
CA VAL B 6 15.60 -17.83 9.18
C VAL B 6 14.23 -18.37 9.58
N THR B 7 13.29 -17.47 9.79
CA THR B 7 11.94 -17.85 10.17
C THR B 7 11.12 -18.24 8.93
N SER B 8 11.11 -19.54 8.63
CA SER B 8 10.36 -20.06 7.52
C SER B 8 8.86 -19.91 7.74
N GLY B 9 8.15 -19.39 6.75
CA GLY B 9 6.71 -19.30 6.83
C GLY B 9 6.19 -17.90 6.54
N GLY B 10 6.70 -16.92 7.25
CA GLY B 10 6.18 -15.56 7.14
C GLY B 10 5.10 -15.31 8.16
N TYR B 11 4.17 -16.26 8.24
CA TYR B 11 3.15 -16.27 9.27
C TYR B 11 3.80 -16.54 10.63
N GLY B 12 3.43 -15.74 11.61
CA GLY B 12 3.95 -15.91 12.95
C GLY B 12 3.16 -15.08 13.92
N TYR B 13 3.35 -15.30 15.22
CA TYR B 13 2.59 -14.63 16.28
C TYR B 13 1.09 -14.69 16.00
N GLY B 14 0.60 -13.69 15.28
CA GLY B 14 -0.77 -13.70 14.82
C GLY B 14 -0.81 -14.00 13.33
N THR B 15 -0.87 -15.27 13.00
CA THR B 15 -0.78 -15.74 11.61
C THR B 15 -2.04 -15.40 10.80
N SER B 16 -2.97 -14.68 11.42
CA SER B 16 -4.23 -14.33 10.78
C SER B 16 -4.78 -13.05 11.38
N ALA B 17 -6.02 -12.69 11.01
CA ALA B 17 -6.65 -11.47 11.52
C ALA B 17 -7.18 -11.68 12.95
N ALA B 18 -6.76 -12.76 13.58
CA ALA B 18 -7.12 -13.06 14.95
C ALA B 18 -6.43 -12.09 15.91
N ALA B 19 -5.36 -11.48 15.43
CA ALA B 19 -4.61 -10.51 16.21
C ALA B 19 -4.10 -9.41 15.28
N GLY B 20 -3.59 -8.33 15.84
CA GLY B 20 -3.10 -7.25 15.01
C GLY B 20 -2.22 -6.28 15.76
N ALA B 21 -0.92 -6.56 15.75
CA ALA B 21 0.10 -5.66 16.30
C ALA B 21 1.46 -6.36 16.25
N GLY B 22 2.21 -6.07 15.18
CA GLY B 22 3.44 -6.78 14.94
C GLY B 22 3.21 -8.29 14.91
N VAL B 23 2.28 -8.71 14.07
CA VAL B 23 1.89 -10.11 14.02
C VAL B 23 2.75 -10.92 13.07
N ALA B 24 2.63 -10.66 11.78
CA ALA B 24 3.33 -11.44 10.79
C ALA B 24 4.55 -10.69 10.29
N ALA B 25 5.37 -11.35 9.48
CA ALA B 25 6.59 -10.74 8.97
C ALA B 25 6.28 -9.49 8.15
N GLY B 26 5.29 -9.60 7.27
CA GLY B 26 4.95 -8.48 6.42
C GLY B 26 3.46 -8.28 6.34
N SER B 27 2.79 -8.47 7.45
CA SER B 27 1.37 -8.31 7.53
C SER B 27 0.95 -7.98 8.95
N TYR B 28 0.15 -6.93 9.09
CA TYR B 28 -0.29 -6.50 10.41
C TYR B 28 -1.66 -5.88 10.30
N ALA B 29 -2.63 -6.49 10.96
CA ALA B 29 -4.00 -6.03 10.90
C ALA B 29 -4.28 -4.95 11.94
N GLY B 30 -3.39 -4.83 12.92
CA GLY B 30 -3.56 -3.81 13.95
C GLY B 30 -3.34 -2.42 13.42
N ALA B 31 -2.67 -2.35 12.29
CA ALA B 31 -2.42 -1.11 11.60
C ALA B 31 -3.57 -0.78 10.66
N VAL B 32 -4.61 -1.59 10.72
CA VAL B 32 -5.77 -1.38 9.88
C VAL B 32 -7.00 -1.04 10.71
N ASN B 33 -7.28 -1.83 11.74
CA ASN B 33 -8.49 -1.62 12.54
C ASN B 33 -8.39 -0.38 13.41
N ARG B 34 -7.26 0.32 13.38
CA ARG B 34 -7.15 1.57 14.10
C ARG B 34 -7.24 2.75 13.13
N LEU B 35 -7.58 2.45 11.88
CA LEU B 35 -7.77 3.48 10.86
C LEU B 35 -9.06 4.25 11.12
N SER B 36 -10.04 3.55 11.67
CA SER B 36 -11.33 4.15 12.00
C SER B 36 -11.22 5.06 13.22
N SER B 37 -10.00 5.21 13.73
CA SER B 37 -9.74 6.11 14.84
C SER B 37 -9.49 7.51 14.31
N ALA B 38 -9.68 8.50 15.17
CA ALA B 38 -9.47 9.90 14.78
C ALA B 38 -8.05 10.13 14.31
N GLU B 39 -7.13 9.27 14.73
CA GLU B 39 -5.72 9.38 14.37
C GLU B 39 -5.56 9.52 12.86
N ALA B 40 -6.11 8.57 12.12
CA ALA B 40 -6.00 8.57 10.67
C ALA B 40 -6.83 9.69 10.06
N ALA B 41 -8.09 9.81 10.48
CA ALA B 41 -9.00 10.82 9.94
C ALA B 41 -8.49 12.24 10.17
N SER B 42 -7.50 12.39 11.03
CA SER B 42 -6.87 13.69 11.26
C SER B 42 -5.70 13.92 10.31
N ARG B 43 -5.15 12.85 9.75
CA ARG B 43 -4.00 12.94 8.87
C ARG B 43 -4.45 12.83 7.42
N VAL B 44 -5.20 11.77 7.16
CA VAL B 44 -5.72 11.46 5.83
C VAL B 44 -6.45 12.65 5.23
N SER B 45 -7.26 13.31 6.03
CA SER B 45 -8.09 14.42 5.57
C SER B 45 -7.25 15.68 5.29
N SER B 46 -5.97 15.62 5.63
CA SER B 46 -5.07 16.73 5.35
C SER B 46 -4.28 16.41 4.09
N ASN B 47 -4.44 15.19 3.61
CA ASN B 47 -3.70 14.70 2.45
C ASN B 47 -4.57 14.78 1.21
N ILE B 48 -5.88 14.75 1.45
CA ILE B 48 -6.86 14.76 0.39
C ILE B 48 -6.68 15.98 -0.53
N ALA B 49 -6.39 17.13 0.06
CA ALA B 49 -6.27 18.37 -0.71
C ALA B 49 -4.91 18.48 -1.38
N ALA B 50 -4.01 17.59 -0.99
CA ALA B 50 -2.66 17.59 -1.52
C ALA B 50 -2.58 16.72 -2.77
N ILE B 51 -3.10 15.50 -2.63
CA ILE B 51 -3.09 14.55 -3.73
C ILE B 51 -4.01 15.02 -4.86
N ALA B 52 -5.12 15.65 -4.48
CA ALA B 52 -6.10 16.14 -5.45
C ALA B 52 -5.51 17.24 -6.34
N SER B 53 -4.38 17.79 -5.91
CA SER B 53 -3.76 18.88 -6.63
C SER B 53 -2.47 18.43 -7.33
N GLY B 54 -2.07 17.19 -7.08
CA GLY B 54 -0.81 16.70 -7.64
C GLY B 54 -0.96 15.40 -8.41
N GLY B 55 -1.90 14.57 -8.01
CA GLY B 55 -2.13 13.31 -8.66
C GLY B 55 -1.14 12.27 -8.19
N ALA B 56 0.06 12.34 -8.71
CA ALA B 56 1.12 11.41 -8.34
C ALA B 56 2.31 12.16 -7.77
N SER B 57 2.37 13.45 -8.06
CA SER B 57 3.48 14.29 -7.64
C SER B 57 3.46 14.51 -6.14
N ALA B 58 2.30 14.29 -5.53
CA ALA B 58 2.12 14.53 -4.11
C ALA B 58 2.44 13.28 -3.30
N LEU B 59 2.51 12.15 -3.98
CA LEU B 59 2.71 10.86 -3.33
C LEU B 59 3.94 10.86 -2.43
N PRO B 60 5.15 11.14 -2.97
CA PRO B 60 6.39 11.09 -2.18
C PRO B 60 6.37 12.08 -1.01
N SER B 61 5.60 13.13 -1.14
CA SER B 61 5.54 14.16 -0.11
C SER B 61 4.49 13.82 0.96
N VAL B 62 3.41 13.16 0.54
CA VAL B 62 2.31 12.85 1.43
C VAL B 62 2.61 11.59 2.22
N ILE B 63 3.19 10.60 1.56
CA ILE B 63 3.61 9.37 2.22
C ILE B 63 4.56 9.68 3.38
N SER B 64 5.45 10.64 3.14
CA SER B 64 6.43 11.03 4.13
C SER B 64 5.74 11.64 5.36
N ASN B 65 4.76 12.48 5.10
CA ASN B 65 4.01 13.15 6.15
C ASN B 65 3.24 12.15 7.01
N ILE B 66 2.53 11.23 6.35
CA ILE B 66 1.75 10.23 7.05
C ILE B 66 2.66 9.26 7.80
N TYR B 67 3.68 8.77 7.12
CA TYR B 67 4.60 7.79 7.70
C TYR B 67 5.19 8.32 9.00
N SER B 68 5.76 9.52 8.94
CA SER B 68 6.35 10.14 10.12
C SER B 68 5.29 10.32 11.22
N GLY B 69 4.05 10.59 10.79
CA GLY B 69 2.96 10.77 11.73
C GLY B 69 2.61 9.49 12.46
N VAL B 70 2.66 8.38 11.74
CA VAL B 70 2.37 7.08 12.31
C VAL B 70 3.52 6.60 13.19
N VAL B 71 4.76 6.82 12.72
CA VAL B 71 5.95 6.40 13.45
C VAL B 71 6.04 7.09 14.80
N ALA B 72 5.61 8.35 14.85
CA ALA B 72 5.58 9.11 16.10
C ALA B 72 4.55 8.54 17.09
N SER B 73 3.70 7.65 16.60
CA SER B 73 2.66 7.04 17.44
C SER B 73 3.23 5.84 18.20
N GLY B 74 4.45 5.45 17.88
CA GLY B 74 5.07 4.33 18.57
C GLY B 74 4.75 3.00 17.92
N VAL B 75 4.55 3.03 16.61
CA VAL B 75 4.25 1.83 15.84
C VAL B 75 5.55 1.09 15.50
N SER B 76 5.44 -0.19 15.15
CA SER B 76 6.58 -0.96 14.73
C SER B 76 7.09 -0.44 13.38
N SER B 77 8.38 -0.65 13.12
CA SER B 77 9.04 -0.08 11.95
C SER B 77 8.36 -0.48 10.64
N ASN B 78 8.37 -1.77 10.34
CA ASN B 78 7.81 -2.26 9.08
C ASN B 78 6.28 -2.16 9.10
N GLU B 79 5.71 -2.13 10.30
CA GLU B 79 4.26 -2.02 10.45
C GLU B 79 3.79 -0.61 10.07
N ALA B 80 4.66 0.37 10.29
CA ALA B 80 4.37 1.76 9.95
C ALA B 80 4.08 1.92 8.47
N LEU B 81 4.75 1.12 7.65
CA LEU B 81 4.55 1.15 6.20
C LEU B 81 3.10 0.87 5.87
N ILE B 82 2.59 -0.22 6.41
CA ILE B 82 1.22 -0.64 6.16
C ILE B 82 0.24 0.41 6.67
N GLN B 83 0.37 0.77 7.94
CA GLN B 83 -0.50 1.77 8.58
C GLN B 83 -0.52 3.07 7.79
N ALA B 84 0.66 3.55 7.44
CA ALA B 84 0.78 4.81 6.71
C ALA B 84 0.19 4.69 5.31
N LEU B 85 0.39 3.55 4.67
CA LEU B 85 -0.14 3.34 3.34
C LEU B 85 -1.66 3.23 3.36
N LEU B 86 -2.20 2.51 4.33
CA LEU B 86 -3.65 2.34 4.45
C LEU B 86 -4.33 3.69 4.63
N GLU B 87 -3.66 4.58 5.35
CA GLU B 87 -4.12 5.94 5.51
C GLU B 87 -4.06 6.69 4.18
N LEU B 88 -2.98 6.47 3.42
CA LEU B 88 -2.85 7.11 2.12
C LEU B 88 -3.92 6.61 1.16
N LEU B 89 -4.17 5.32 1.21
CA LEU B 89 -5.17 4.67 0.37
C LEU B 89 -6.57 5.19 0.65
N SER B 90 -6.71 5.92 1.75
CA SER B 90 -8.00 6.48 2.13
C SER B 90 -8.12 7.91 1.63
N ALA B 91 -7.01 8.64 1.64
CA ALA B 91 -7.02 10.05 1.26
C ALA B 91 -7.37 10.21 -0.21
N LEU B 92 -6.77 9.37 -1.04
CA LEU B 92 -6.88 9.52 -2.49
C LEU B 92 -8.16 8.93 -3.05
N VAL B 93 -8.85 8.07 -2.30
CA VAL B 93 -10.12 7.52 -2.77
C VAL B 93 -11.28 8.38 -2.31
N HIS B 94 -11.10 9.06 -1.18
CA HIS B 94 -12.14 9.95 -0.67
C HIS B 94 -12.37 11.10 -1.63
N VAL B 95 -11.29 11.59 -2.23
CA VAL B 95 -11.38 12.74 -3.10
C VAL B 95 -12.21 12.44 -4.35
N LEU B 96 -12.25 11.17 -4.74
CA LEU B 96 -13.00 10.75 -5.93
C LEU B 96 -14.50 10.96 -5.73
N SER B 97 -14.93 11.04 -4.48
CA SER B 97 -16.34 11.24 -4.16
C SER B 97 -16.81 12.60 -4.66
N SER B 98 -15.89 13.55 -4.78
CA SER B 98 -16.22 14.87 -5.27
C SER B 98 -15.40 15.18 -6.52
N ALA B 99 -14.79 14.16 -7.08
CA ALA B 99 -14.00 14.30 -8.29
C ALA B 99 -14.69 13.62 -9.44
N SER B 100 -15.48 14.39 -10.18
CA SER B 100 -16.19 13.86 -11.33
C SER B 100 -15.21 13.69 -12.49
N ILE B 101 -14.63 12.51 -12.57
CA ILE B 101 -13.63 12.21 -13.58
C ILE B 101 -14.23 12.26 -14.99
N GLY B 102 -13.42 12.70 -15.95
CA GLY B 102 -13.86 12.79 -17.32
C GLY B 102 -13.56 11.52 -18.11
N ASN B 103 -12.63 11.61 -19.05
CA ASN B 103 -12.28 10.47 -19.89
C ASN B 103 -10.83 10.03 -19.63
N VAL B 104 -10.68 8.88 -18.99
CA VAL B 104 -9.36 8.29 -18.79
C VAL B 104 -9.15 7.13 -19.75
N SER B 105 -8.04 7.16 -20.46
CA SER B 105 -7.72 6.11 -21.42
C SER B 105 -6.61 5.21 -20.87
N SER B 106 -6.67 3.94 -21.22
CA SER B 106 -5.67 2.97 -20.78
C SER B 106 -4.37 3.12 -21.55
N VAL B 107 -3.80 4.31 -21.52
CA VAL B 107 -2.56 4.59 -22.21
C VAL B 107 -1.73 5.61 -21.41
N GLY B 108 -0.44 5.35 -21.30
CA GLY B 108 0.44 6.24 -20.58
C GLY B 108 0.59 5.85 -19.12
N VAL B 109 -0.12 4.80 -18.73
CA VAL B 109 -0.06 4.30 -17.35
C VAL B 109 1.34 3.82 -17.01
N ASP B 110 2.03 3.31 -18.02
CA ASP B 110 3.39 2.78 -17.85
C ASP B 110 4.28 3.78 -17.12
N SER B 111 4.21 5.04 -17.51
CA SER B 111 5.03 6.09 -16.92
C SER B 111 4.59 6.39 -15.48
N THR B 112 3.34 6.09 -15.16
CA THR B 112 2.85 6.30 -13.81
C THR B 112 3.46 5.26 -12.87
N LEU B 113 3.71 4.07 -13.42
CA LEU B 113 4.37 3.01 -12.68
C LEU B 113 5.79 3.42 -12.31
N ASN B 114 6.37 4.29 -13.11
CA ASN B 114 7.74 4.73 -12.89
C ASN B 114 7.84 5.66 -11.69
N VAL B 115 6.87 6.53 -11.52
CA VAL B 115 6.93 7.55 -10.47
C VAL B 115 6.53 6.97 -9.12
N VAL B 116 5.62 6.00 -9.14
CA VAL B 116 5.15 5.38 -7.90
C VAL B 116 6.31 4.69 -7.18
N GLN B 117 7.26 4.19 -7.98
CA GLN B 117 8.41 3.48 -7.46
C GLN B 117 9.27 4.38 -6.59
N ASP B 118 9.26 5.67 -6.89
CA ASP B 118 10.10 6.63 -6.20
C ASP B 118 9.46 7.03 -4.88
N SER B 119 8.13 7.06 -4.88
CA SER B 119 7.37 7.57 -3.76
C SER B 119 7.35 6.60 -2.59
N VAL B 120 7.22 5.32 -2.88
CA VAL B 120 7.07 4.32 -1.82
C VAL B 120 8.26 3.34 -1.80
N GLY B 121 9.01 3.30 -2.90
CA GLY B 121 10.12 2.38 -3.01
C GLY B 121 11.20 2.61 -1.96
N GLN B 122 11.27 3.84 -1.45
CA GLN B 122 12.27 4.18 -0.44
C GLN B 122 11.74 3.93 0.97
N TYR B 123 10.59 3.28 1.06
CA TYR B 123 10.00 2.94 2.35
C TYR B 123 9.90 1.43 2.49
N VAL B 124 9.80 0.75 1.35
CA VAL B 124 9.85 -0.71 1.30
C VAL B 124 11.30 -1.17 1.20
N GLY B 125 12.20 -0.21 1.19
CA GLY B 125 13.62 -0.47 1.16
C GLY B 125 14.40 0.60 1.88
N GLY A 1 15.18 -28.36 0.94
CA GLY A 1 14.08 -27.86 1.80
C GLY A 1 14.00 -26.34 1.81
N SER A 2 12.91 -25.81 2.35
CA SER A 2 12.73 -24.38 2.45
C SER A 2 12.10 -24.02 3.79
N GLY A 3 12.23 -22.77 4.21
CA GLY A 3 11.64 -22.32 5.45
C GLY A 3 10.20 -21.89 5.26
N ASN A 4 9.27 -22.73 5.68
CA ASN A 4 7.85 -22.47 5.49
C ASN A 4 7.43 -21.24 6.30
N SER A 5 7.48 -21.36 7.62
CA SER A 5 7.11 -20.27 8.48
C SER A 5 8.24 -19.93 9.44
N VAL A 6 9.14 -19.08 9.00
CA VAL A 6 10.25 -18.62 9.82
C VAL A 6 9.89 -17.32 10.53
N THR A 7 10.88 -16.67 11.12
CA THR A 7 10.66 -15.40 11.79
C THR A 7 10.47 -14.27 10.79
N SER A 8 9.73 -13.25 11.19
CA SER A 8 9.38 -12.15 10.31
C SER A 8 10.38 -11.00 10.41
N GLY A 9 11.48 -11.10 9.66
CA GLY A 9 12.43 -10.01 9.59
C GLY A 9 12.06 -8.99 8.54
N GLY A 10 12.24 -7.72 8.84
CA GLY A 10 11.86 -6.68 7.92
C GLY A 10 12.93 -5.64 7.72
N TYR A 11 12.87 -4.56 8.52
CA TYR A 11 13.86 -3.49 8.43
C TYR A 11 15.26 -4.05 8.62
N GLY A 12 16.20 -3.55 7.82
CA GLY A 12 17.54 -4.11 7.80
C GLY A 12 17.78 -4.83 6.51
N TYR A 13 16.85 -5.70 6.15
CA TYR A 13 16.84 -6.35 4.84
C TYR A 13 16.11 -5.44 3.86
N GLY A 14 15.19 -4.66 4.40
CA GLY A 14 14.53 -3.61 3.66
C GLY A 14 14.04 -2.54 4.60
N THR A 15 14.56 -1.33 4.48
CA THR A 15 14.28 -0.31 5.48
C THR A 15 14.45 1.12 4.94
N SER A 16 15.27 1.31 3.91
CA SER A 16 15.61 2.66 3.45
C SER A 16 16.15 2.65 2.02
N ALA A 17 17.03 1.71 1.70
CA ALA A 17 17.67 1.66 0.40
C ALA A 17 18.40 0.33 0.18
N ALA A 18 17.75 -0.75 0.55
CA ALA A 18 18.35 -2.08 0.44
C ALA A 18 18.00 -2.76 -0.88
N ALA A 19 18.17 -4.07 -0.94
CA ALA A 19 17.91 -4.83 -2.15
C ALA A 19 16.43 -5.19 -2.27
N GLY A 20 16.04 -5.84 -3.36
CA GLY A 20 14.65 -6.15 -3.56
C GLY A 20 14.40 -7.37 -4.43
N ALA A 21 14.16 -8.51 -3.78
CA ALA A 21 13.74 -9.74 -4.44
C ALA A 21 13.72 -10.87 -3.41
N GLY A 22 12.59 -11.02 -2.73
CA GLY A 22 12.54 -11.94 -1.59
C GLY A 22 13.56 -11.58 -0.53
N VAL A 23 13.61 -10.30 -0.18
CA VAL A 23 14.63 -9.81 0.74
C VAL A 23 14.18 -9.86 2.20
N ALA A 24 12.91 -9.60 2.45
CA ALA A 24 12.40 -9.57 3.80
C ALA A 24 11.07 -10.30 3.90
N ALA A 25 10.48 -10.30 5.09
CA ALA A 25 9.19 -10.94 5.30
C ALA A 25 8.07 -9.91 5.20
N GLY A 26 8.17 -9.05 4.20
CA GLY A 26 7.19 -8.01 4.01
C GLY A 26 7.70 -6.87 3.14
N SER A 27 8.97 -6.55 3.30
CA SER A 27 9.58 -5.49 2.53
C SER A 27 10.36 -6.04 1.35
N TYR A 28 10.09 -5.51 0.17
CA TYR A 28 10.84 -5.87 -1.03
C TYR A 28 10.83 -4.70 -2.01
N ALA A 29 12.00 -4.23 -2.37
CA ALA A 29 12.10 -3.17 -3.35
C ALA A 29 11.87 -3.72 -4.77
N GLY A 30 12.08 -5.01 -4.92
CA GLY A 30 11.92 -5.65 -6.22
C GLY A 30 10.49 -5.66 -6.67
N ALA A 31 9.57 -5.65 -5.72
CA ALA A 31 8.15 -5.61 -6.01
C ALA A 31 7.76 -4.21 -6.46
N VAL A 32 8.74 -3.32 -6.49
CA VAL A 32 8.52 -1.95 -6.92
C VAL A 32 9.19 -1.71 -8.27
N ASN A 33 10.42 -2.17 -8.43
CA ASN A 33 11.14 -1.95 -9.70
C ASN A 33 10.44 -2.68 -10.84
N ARG A 34 9.85 -3.83 -10.52
CA ARG A 34 9.15 -4.65 -11.49
C ARG A 34 7.93 -3.93 -12.07
N LEU A 35 7.55 -2.82 -11.45
CA LEU A 35 6.40 -2.04 -11.90
C LEU A 35 6.68 -1.35 -13.24
N SER A 36 7.95 -1.09 -13.52
CA SER A 36 8.33 -0.37 -14.73
C SER A 36 8.24 -1.27 -15.96
N SER A 37 7.98 -2.55 -15.73
CA SER A 37 7.85 -3.52 -16.80
C SER A 37 6.44 -3.44 -17.39
N ALA A 38 6.27 -4.07 -18.55
CA ALA A 38 4.98 -4.10 -19.23
C ALA A 38 3.94 -4.83 -18.39
N GLU A 39 4.41 -5.56 -17.38
CA GLU A 39 3.53 -6.30 -16.47
C GLU A 39 2.51 -5.36 -15.84
N ALA A 40 3.00 -4.41 -15.06
CA ALA A 40 2.14 -3.48 -14.35
C ALA A 40 1.28 -2.66 -15.31
N ALA A 41 1.92 -2.04 -16.30
CA ALA A 41 1.20 -1.17 -17.25
C ALA A 41 0.15 -1.95 -18.04
N SER A 42 0.22 -3.27 -17.97
CA SER A 42 -0.79 -4.12 -18.61
C SER A 42 -1.96 -4.42 -17.65
N ARG A 43 -1.72 -4.25 -16.35
CA ARG A 43 -2.74 -4.55 -15.34
C ARG A 43 -3.34 -3.25 -14.82
N VAL A 44 -2.45 -2.37 -14.37
CA VAL A 44 -2.82 -1.08 -13.80
C VAL A 44 -3.74 -0.31 -14.73
N SER A 45 -3.43 -0.32 -16.01
CA SER A 45 -4.18 0.46 -16.99
C SER A 45 -5.55 -0.16 -17.26
N SER A 46 -5.79 -1.34 -16.71
CA SER A 46 -7.10 -1.97 -16.79
C SER A 46 -7.90 -1.65 -15.54
N ASN A 47 -7.19 -1.12 -14.55
CA ASN A 47 -7.76 -0.86 -13.25
C ASN A 47 -8.16 0.60 -13.13
N ILE A 48 -7.47 1.43 -13.89
CA ILE A 48 -7.72 2.86 -13.91
C ILE A 48 -9.18 3.16 -14.24
N ALA A 49 -9.73 2.42 -15.20
CA ALA A 49 -11.09 2.66 -15.65
C ALA A 49 -12.10 2.03 -14.70
N ALA A 50 -11.60 1.35 -13.68
CA ALA A 50 -12.45 0.72 -12.70
C ALA A 50 -12.50 1.56 -11.43
N ILE A 51 -11.32 1.90 -10.90
CA ILE A 51 -11.24 2.68 -9.68
C ILE A 51 -11.82 4.07 -9.89
N ALA A 52 -11.65 4.61 -11.08
CA ALA A 52 -12.17 5.94 -11.40
C ALA A 52 -13.69 6.00 -11.31
N SER A 53 -14.32 4.83 -11.35
CA SER A 53 -15.78 4.76 -11.35
C SER A 53 -16.32 4.47 -9.95
N GLY A 54 -15.54 3.78 -9.13
CA GLY A 54 -16.00 3.40 -7.81
C GLY A 54 -15.36 4.21 -6.70
N GLY A 55 -14.16 4.70 -6.94
CA GLY A 55 -13.43 5.44 -5.93
C GLY A 55 -12.88 4.54 -4.86
N ALA A 56 -13.75 4.14 -3.95
CA ALA A 56 -13.37 3.26 -2.86
C ALA A 56 -14.01 1.89 -3.04
N SER A 57 -15.16 1.88 -3.68
CA SER A 57 -15.92 0.66 -3.89
C SER A 57 -15.24 -0.23 -4.93
N ALA A 58 -14.26 0.33 -5.63
CA ALA A 58 -13.54 -0.39 -6.65
C ALA A 58 -12.28 -1.03 -6.08
N LEU A 59 -11.89 -0.61 -4.89
CA LEU A 59 -10.68 -1.12 -4.25
C LEU A 59 -10.70 -2.65 -4.14
N PRO A 60 -11.72 -3.24 -3.47
CA PRO A 60 -11.81 -4.70 -3.32
C PRO A 60 -12.05 -5.42 -4.64
N SER A 61 -12.61 -4.70 -5.60
CA SER A 61 -12.89 -5.28 -6.91
C SER A 61 -11.61 -5.34 -7.75
N VAL A 62 -10.72 -4.40 -7.53
CA VAL A 62 -9.52 -4.26 -8.34
C VAL A 62 -8.32 -4.94 -7.69
N ILE A 63 -8.17 -4.76 -6.38
CA ILE A 63 -7.05 -5.36 -5.65
C ILE A 63 -7.04 -6.87 -5.82
N SER A 64 -8.21 -7.48 -5.76
CA SER A 64 -8.33 -8.93 -5.87
C SER A 64 -8.06 -9.39 -7.31
N ASN A 65 -8.07 -8.45 -8.24
CA ASN A 65 -7.68 -8.74 -9.62
C ASN A 65 -6.17 -8.70 -9.76
N ILE A 66 -5.56 -7.63 -9.26
CA ILE A 66 -4.12 -7.45 -9.36
C ILE A 66 -3.38 -8.48 -8.52
N TYR A 67 -3.83 -8.65 -7.27
CA TYR A 67 -3.20 -9.59 -6.34
C TYR A 67 -3.11 -10.98 -6.94
N SER A 68 -4.25 -11.53 -7.34
CA SER A 68 -4.30 -12.85 -7.94
C SER A 68 -3.48 -12.89 -9.24
N GLY A 69 -3.41 -11.75 -9.91
CA GLY A 69 -2.63 -11.66 -11.14
C GLY A 69 -1.16 -11.85 -10.86
N VAL A 70 -0.66 -11.20 -9.82
CA VAL A 70 0.74 -11.32 -9.44
C VAL A 70 1.02 -12.70 -8.84
N VAL A 71 0.08 -13.18 -8.02
CA VAL A 71 0.22 -14.50 -7.42
C VAL A 71 0.22 -15.60 -8.48
N ALA A 72 -0.50 -15.36 -9.58
CA ALA A 72 -0.51 -16.30 -10.69
C ALA A 72 0.84 -16.35 -11.41
N SER A 73 1.70 -15.39 -11.10
CA SER A 73 3.04 -15.36 -11.65
C SER A 73 3.96 -16.30 -10.87
N GLY A 74 3.49 -16.71 -9.68
CA GLY A 74 4.27 -17.61 -8.85
C GLY A 74 5.18 -16.88 -7.89
N VAL A 75 4.70 -15.75 -7.38
CA VAL A 75 5.47 -14.94 -6.45
C VAL A 75 5.13 -15.30 -5.00
N SER A 76 5.98 -14.89 -4.06
CA SER A 76 5.72 -15.07 -2.64
C SER A 76 4.52 -14.27 -2.20
N SER A 77 3.76 -14.80 -1.24
CA SER A 77 2.51 -14.20 -0.81
C SER A 77 2.68 -12.74 -0.37
N ASN A 78 3.69 -12.46 0.44
CA ASN A 78 3.85 -11.12 1.00
C ASN A 78 4.41 -10.16 -0.04
N GLU A 79 5.26 -10.66 -0.93
CA GLU A 79 5.81 -9.81 -1.99
C GLU A 79 4.72 -9.46 -2.99
N ALA A 80 3.79 -10.39 -3.17
CA ALA A 80 2.64 -10.17 -4.03
C ALA A 80 1.77 -9.04 -3.50
N LEU A 81 1.64 -8.98 -2.17
CA LEU A 81 0.89 -7.91 -1.53
C LEU A 81 1.45 -6.56 -1.93
N ILE A 82 2.75 -6.41 -1.74
CA ILE A 82 3.43 -5.16 -2.04
C ILE A 82 3.31 -4.83 -3.53
N GLN A 83 3.71 -5.77 -4.37
CA GLN A 83 3.65 -5.59 -5.82
C GLN A 83 2.24 -5.19 -6.26
N ALA A 84 1.24 -5.94 -5.79
CA ALA A 84 -0.15 -5.69 -6.17
C ALA A 84 -0.62 -4.34 -5.65
N LEU A 85 -0.22 -4.00 -4.44
CA LEU A 85 -0.57 -2.72 -3.86
C LEU A 85 0.03 -1.58 -4.67
N LEU A 86 1.26 -1.74 -5.12
CA LEU A 86 1.95 -0.68 -5.84
C LEU A 86 1.38 -0.52 -7.25
N GLU A 87 0.96 -1.62 -7.84
CA GLU A 87 0.22 -1.58 -9.10
C GLU A 87 -1.16 -0.95 -8.90
N LEU A 88 -1.67 -1.07 -7.68
CA LEU A 88 -2.95 -0.47 -7.31
C LEU A 88 -2.77 1.04 -7.11
N LEU A 89 -1.68 1.39 -6.44
CA LEU A 89 -1.39 2.79 -6.10
C LEU A 89 -1.01 3.61 -7.34
N SER A 90 -0.86 2.95 -8.47
CA SER A 90 -0.51 3.65 -9.70
C SER A 90 -1.74 3.88 -10.56
N ALA A 91 -2.69 2.97 -10.46
CA ALA A 91 -3.91 3.06 -11.23
C ALA A 91 -4.73 4.28 -10.83
N LEU A 92 -4.87 4.47 -9.52
CA LEU A 92 -5.77 5.50 -8.99
C LEU A 92 -5.16 6.90 -9.03
N VAL A 93 -3.86 7.01 -9.25
CA VAL A 93 -3.24 8.33 -9.38
C VAL A 93 -3.14 8.74 -10.85
N HIS A 94 -3.19 7.76 -11.74
CA HIS A 94 -3.19 8.06 -13.16
C HIS A 94 -4.54 8.61 -13.57
N VAL A 95 -5.59 8.19 -12.88
CA VAL A 95 -6.94 8.62 -13.23
C VAL A 95 -7.13 10.12 -13.02
N LEU A 96 -6.36 10.68 -12.08
CA LEU A 96 -6.43 12.11 -11.76
C LEU A 96 -5.95 12.95 -12.94
N SER A 97 -5.18 12.32 -13.83
CA SER A 97 -4.65 13.01 -15.01
C SER A 97 -5.75 13.62 -15.86
N SER A 98 -6.93 13.00 -15.84
CA SER A 98 -8.06 13.51 -16.62
C SER A 98 -9.32 13.58 -15.75
N ALA A 99 -9.11 13.50 -14.44
CA ALA A 99 -10.19 13.63 -13.50
C ALA A 99 -10.21 15.02 -12.90
N SER A 100 -11.02 15.89 -13.48
CA SER A 100 -11.14 17.25 -13.00
C SER A 100 -11.87 17.26 -11.66
N ILE A 101 -11.12 17.27 -10.57
CA ILE A 101 -11.70 17.30 -9.25
C ILE A 101 -12.34 18.66 -8.96
N GLY A 102 -13.45 18.64 -8.23
CA GLY A 102 -14.16 19.86 -7.94
C GLY A 102 -13.84 20.41 -6.57
N ASN A 103 -14.61 20.01 -5.56
CA ASN A 103 -14.43 20.53 -4.21
C ASN A 103 -14.59 19.42 -3.17
N VAL A 104 -13.47 18.94 -2.67
CA VAL A 104 -13.49 17.90 -1.64
C VAL A 104 -13.42 18.53 -0.25
N SER A 105 -14.15 17.93 0.67
CA SER A 105 -14.19 18.41 2.04
C SER A 105 -13.50 17.42 2.97
N SER A 106 -12.87 17.93 4.01
CA SER A 106 -12.15 17.10 4.97
C SER A 106 -13.11 16.42 5.96
N VAL A 107 -14.39 16.70 5.82
CA VAL A 107 -15.39 16.17 6.73
C VAL A 107 -16.05 14.93 6.14
N GLY A 108 -15.83 13.79 6.78
CA GLY A 108 -16.41 12.55 6.32
C GLY A 108 -15.37 11.49 5.99
N VAL A 109 -14.10 11.89 6.03
CA VAL A 109 -12.99 10.98 5.75
C VAL A 109 -12.97 9.83 6.75
N ASP A 110 -13.43 10.11 7.98
CA ASP A 110 -13.48 9.11 9.04
C ASP A 110 -14.13 7.82 8.57
N SER A 111 -15.19 7.95 7.78
CA SER A 111 -15.93 6.80 7.29
C SER A 111 -15.17 6.06 6.18
N THR A 112 -14.33 6.78 5.46
CA THR A 112 -13.58 6.19 4.36
C THR A 112 -12.50 5.25 4.89
N LEU A 113 -11.98 5.57 6.07
CA LEU A 113 -11.00 4.73 6.75
C LEU A 113 -11.58 3.35 7.04
N ASN A 114 -12.89 3.29 7.23
CA ASN A 114 -13.56 2.04 7.53
C ASN A 114 -13.66 1.15 6.28
N VAL A 115 -13.52 1.77 5.12
CA VAL A 115 -13.65 1.04 3.86
C VAL A 115 -12.31 0.48 3.40
N VAL A 116 -11.25 1.23 3.64
CA VAL A 116 -9.91 0.80 3.26
C VAL A 116 -9.52 -0.48 4.00
N GLN A 117 -10.10 -0.65 5.18
CA GLN A 117 -9.83 -1.82 6.01
C GLN A 117 -10.41 -3.08 5.38
N ASP A 118 -11.38 -2.89 4.51
CA ASP A 118 -12.07 -4.01 3.88
C ASP A 118 -11.29 -4.55 2.72
N SER A 119 -10.69 -3.65 1.96
CA SER A 119 -10.09 -4.00 0.68
C SER A 119 -8.73 -4.66 0.85
N VAL A 120 -7.94 -4.17 1.79
CA VAL A 120 -6.57 -4.64 1.94
C VAL A 120 -6.35 -5.36 3.27
N GLY A 121 -7.26 -5.14 4.22
CA GLY A 121 -7.12 -5.74 5.54
C GLY A 121 -7.14 -7.25 5.51
N GLN A 122 -7.78 -7.80 4.48
CA GLN A 122 -7.91 -9.24 4.33
C GLN A 122 -6.71 -9.84 3.62
N TYR A 123 -5.68 -9.03 3.40
CA TYR A 123 -4.45 -9.51 2.80
C TYR A 123 -3.26 -9.31 3.72
N VAL A 124 -3.32 -8.26 4.53
CA VAL A 124 -2.24 -7.92 5.46
C VAL A 124 -2.35 -8.69 6.78
N GLY A 125 -3.39 -9.50 6.91
CA GLY A 125 -3.55 -10.28 8.13
C GLY A 125 -2.44 -11.29 8.33
N GLY B 1 14.11 -10.64 24.91
CA GLY B 1 12.78 -10.45 24.35
C GLY B 1 12.79 -9.46 23.20
N SER B 2 13.94 -9.34 22.55
CA SER B 2 14.10 -8.43 21.43
C SER B 2 14.96 -9.07 20.35
N GLY B 3 14.32 -9.81 19.46
CA GLY B 3 15.03 -10.47 18.39
C GLY B 3 14.77 -9.82 17.04
N ASN B 4 15.63 -8.90 16.65
CA ASN B 4 15.47 -8.19 15.38
C ASN B 4 16.43 -8.75 14.33
N SER B 5 17.37 -9.55 14.78
CA SER B 5 18.37 -10.13 13.88
C SER B 5 17.90 -11.51 13.39
N VAL B 6 16.62 -11.59 13.05
CA VAL B 6 16.00 -12.83 12.64
C VAL B 6 16.10 -13.04 11.13
N THR B 7 15.42 -14.06 10.63
CA THR B 7 15.47 -14.39 9.21
C THR B 7 14.29 -13.76 8.47
N SER B 8 14.15 -14.10 7.20
CA SER B 8 13.11 -13.51 6.36
C SER B 8 12.36 -14.58 5.57
N GLY B 9 11.04 -14.61 5.73
CA GLY B 9 10.23 -15.55 4.98
C GLY B 9 9.03 -14.88 4.37
N GLY B 10 7.88 -15.02 5.02
CA GLY B 10 6.66 -14.42 4.52
C GLY B 10 5.44 -14.87 5.28
N TYR B 11 4.90 -16.02 4.89
CA TYR B 11 3.70 -16.54 5.53
C TYR B 11 4.05 -17.27 6.81
N GLY B 12 3.29 -17.00 7.86
CA GLY B 12 3.51 -17.63 9.15
C GLY B 12 2.60 -17.07 10.21
N TYR B 13 2.98 -15.93 10.77
CA TYR B 13 2.11 -15.21 11.70
C TYR B 13 1.07 -14.43 10.91
N GLY B 14 1.48 -14.05 9.71
CA GLY B 14 0.60 -13.39 8.78
C GLY B 14 0.76 -13.97 7.40
N THR B 15 -0.20 -13.74 6.53
CA THR B 15 -0.16 -14.27 5.17
C THR B 15 -1.34 -13.76 4.36
N SER B 16 -2.51 -13.67 5.00
CA SER B 16 -3.72 -13.18 4.37
C SER B 16 -4.70 -12.73 5.44
N ALA B 17 -5.20 -13.70 6.21
CA ALA B 17 -6.13 -13.41 7.29
C ALA B 17 -5.90 -14.37 8.45
N ALA B 18 -5.30 -13.88 9.52
CA ALA B 18 -4.99 -14.69 10.68
C ALA B 18 -4.92 -13.82 11.94
N ALA B 19 -3.88 -13.02 12.03
CA ALA B 19 -3.70 -12.11 13.15
C ALA B 19 -3.05 -10.81 12.68
N GLY B 20 -3.03 -9.80 13.55
CA GLY B 20 -2.44 -8.54 13.18
C GLY B 20 -1.87 -7.77 14.36
N ALA B 21 -0.66 -8.12 14.75
CA ALA B 21 0.05 -7.40 15.80
C ALA B 21 1.52 -7.79 15.76
N GLY B 22 2.29 -7.07 14.96
CA GLY B 22 3.68 -7.45 14.74
C GLY B 22 3.81 -8.84 14.14
N VAL B 23 2.92 -9.16 13.20
CA VAL B 23 2.84 -10.50 12.65
C VAL B 23 3.85 -10.71 11.51
N ALA B 24 4.02 -9.71 10.68
CA ALA B 24 4.94 -9.81 9.54
C ALA B 24 5.79 -8.55 9.45
N ALA B 25 6.36 -8.31 8.28
CA ALA B 25 7.06 -7.06 8.03
C ALA B 25 6.23 -6.17 7.13
N GLY B 26 5.53 -6.77 6.20
CA GLY B 26 4.73 -6.00 5.26
C GLY B 26 3.27 -6.38 5.34
N SER B 27 2.86 -6.84 6.52
CA SER B 27 1.50 -7.25 6.73
C SER B 27 1.15 -7.26 8.22
N TYR B 28 0.18 -6.43 8.60
CA TYR B 28 -0.37 -6.48 9.95
C TYR B 28 -1.82 -6.01 9.89
N ALA B 29 -2.72 -6.78 10.46
CA ALA B 29 -4.12 -6.42 10.47
C ALA B 29 -4.42 -5.35 11.52
N GLY B 30 -3.67 -5.39 12.61
CA GLY B 30 -3.86 -4.41 13.69
C GLY B 30 -3.66 -2.98 13.23
N ALA B 31 -2.78 -2.81 12.24
CA ALA B 31 -2.51 -1.49 11.69
C ALA B 31 -3.70 -1.01 10.87
N VAL B 32 -4.57 -1.93 10.54
CA VAL B 32 -5.73 -1.63 9.71
C VAL B 32 -6.95 -1.33 10.59
N ASN B 33 -7.10 -2.07 11.68
CA ASN B 33 -8.27 -1.90 12.55
C ASN B 33 -8.30 -0.54 13.21
N ARG B 34 -7.12 0.05 13.42
CA ARG B 34 -7.02 1.32 14.14
C ARG B 34 -7.13 2.50 13.17
N LEU B 35 -7.60 2.23 11.96
CA LEU B 35 -7.80 3.26 10.96
C LEU B 35 -9.11 4.00 11.22
N SER B 36 -10.05 3.31 11.85
CA SER B 36 -11.34 3.89 12.16
C SER B 36 -11.21 4.92 13.28
N SER B 37 -10.02 5.01 13.84
CA SER B 37 -9.74 5.93 14.91
C SER B 37 -9.56 7.34 14.38
N ALA B 38 -9.84 8.32 15.23
CA ALA B 38 -9.71 9.73 14.87
C ALA B 38 -8.28 10.07 14.46
N GLU B 39 -7.34 9.22 14.88
CA GLU B 39 -5.93 9.37 14.51
C GLU B 39 -5.80 9.51 13.00
N ALA B 40 -6.29 8.50 12.29
CA ALA B 40 -6.20 8.49 10.83
C ALA B 40 -6.99 9.63 10.21
N ALA B 41 -8.25 9.75 10.60
CA ALA B 41 -9.15 10.75 10.02
C ALA B 41 -8.61 12.17 10.20
N SER B 42 -7.73 12.36 11.17
CA SER B 42 -7.13 13.67 11.43
C SER B 42 -5.88 13.90 10.56
N ARG B 43 -5.38 12.84 9.93
CA ARG B 43 -4.21 12.94 9.06
C ARG B 43 -4.67 12.88 7.62
N VAL B 44 -5.43 11.84 7.33
CA VAL B 44 -5.92 11.54 6.00
C VAL B 44 -6.68 12.72 5.38
N SER B 45 -7.44 13.41 6.22
CA SER B 45 -8.26 14.53 5.74
C SER B 45 -7.41 15.75 5.38
N SER B 46 -6.13 15.71 5.75
CA SER B 46 -5.22 16.78 5.43
C SER B 46 -4.48 16.44 4.14
N ASN B 47 -4.56 15.17 3.76
CA ASN B 47 -3.83 14.66 2.62
C ASN B 47 -4.68 14.72 1.37
N ILE B 48 -6.00 14.70 1.60
CA ILE B 48 -6.97 14.76 0.52
C ILE B 48 -6.77 16.00 -0.34
N ALA B 49 -6.42 17.11 0.30
CA ALA B 49 -6.28 18.39 -0.40
C ALA B 49 -4.93 18.51 -1.10
N ALA B 50 -4.09 17.51 -0.92
CA ALA B 50 -2.77 17.51 -1.55
C ALA B 50 -2.76 16.59 -2.78
N ILE B 51 -3.23 15.36 -2.59
CA ILE B 51 -3.24 14.39 -3.68
C ILE B 51 -4.20 14.82 -4.78
N ALA B 52 -5.28 15.48 -4.37
CA ALA B 52 -6.29 15.97 -5.31
C ALA B 52 -5.69 16.94 -6.31
N SER B 53 -4.61 17.60 -5.90
CA SER B 53 -3.98 18.61 -6.73
C SER B 53 -2.77 18.06 -7.48
N GLY B 54 -1.96 17.27 -6.80
CA GLY B 54 -0.73 16.77 -7.40
C GLY B 54 -0.93 15.49 -8.19
N GLY B 55 -1.99 14.77 -7.88
CA GLY B 55 -2.28 13.52 -8.56
C GLY B 55 -1.34 12.41 -8.16
N ALA B 56 -0.15 12.45 -8.72
CA ALA B 56 0.87 11.43 -8.45
C ALA B 56 2.08 12.06 -7.79
N SER B 57 2.34 13.32 -8.10
CA SER B 57 3.48 14.04 -7.55
C SER B 57 3.22 14.39 -6.09
N ALA B 58 2.01 14.13 -5.63
CA ALA B 58 1.64 14.39 -4.25
C ALA B 58 2.05 13.23 -3.36
N LEU B 59 2.15 12.04 -3.97
CA LEU B 59 2.47 10.83 -3.24
C LEU B 59 3.73 10.97 -2.37
N PRO B 60 4.90 11.30 -2.96
CA PRO B 60 6.16 11.39 -2.21
C PRO B 60 6.15 12.52 -1.19
N SER B 61 5.18 13.42 -1.32
CA SER B 61 5.08 14.56 -0.43
C SER B 61 4.09 14.27 0.71
N VAL B 62 3.25 13.27 0.52
CA VAL B 62 2.21 12.95 1.49
C VAL B 62 2.56 11.71 2.30
N ILE B 63 3.13 10.70 1.64
CA ILE B 63 3.49 9.45 2.32
C ILE B 63 4.42 9.73 3.50
N SER B 64 5.41 10.60 3.28
CA SER B 64 6.39 10.91 4.29
C SER B 64 5.75 11.66 5.46
N ASN B 65 4.69 12.40 5.17
CA ASN B 65 3.97 13.13 6.22
C ASN B 65 3.24 12.18 7.13
N ILE B 66 2.50 11.26 6.54
CA ILE B 66 1.75 10.27 7.32
C ILE B 66 2.70 9.30 8.02
N TYR B 67 3.73 8.86 7.30
CA TYR B 67 4.71 7.92 7.82
C TYR B 67 5.32 8.44 9.12
N SER B 68 5.90 9.64 9.06
CA SER B 68 6.53 10.24 10.22
C SER B 68 5.51 10.46 11.33
N GLY B 69 4.26 10.70 10.95
CA GLY B 69 3.20 10.90 11.92
C GLY B 69 2.97 9.67 12.77
N VAL B 70 2.94 8.51 12.13
CA VAL B 70 2.72 7.25 12.83
C VAL B 70 3.98 6.81 13.58
N VAL B 71 5.14 7.00 12.96
CA VAL B 71 6.42 6.63 13.57
C VAL B 71 6.61 7.37 14.89
N ALA B 72 6.23 8.64 14.92
CA ALA B 72 6.35 9.46 16.12
C ALA B 72 5.38 9.01 17.21
N SER B 73 4.43 8.16 16.85
CA SER B 73 3.43 7.67 17.78
C SER B 73 3.98 6.49 18.58
N GLY B 74 5.00 5.83 18.04
CA GLY B 74 5.58 4.67 18.72
C GLY B 74 5.20 3.36 18.08
N VAL B 75 5.00 3.39 16.77
CA VAL B 75 4.67 2.19 16.01
C VAL B 75 5.95 1.44 15.63
N SER B 76 5.82 0.16 15.29
CA SER B 76 6.96 -0.60 14.79
C SER B 76 7.40 -0.03 13.45
N SER B 77 8.72 -0.02 13.22
CA SER B 77 9.31 0.60 12.04
C SER B 77 8.65 0.11 10.75
N ASN B 78 8.57 -1.20 10.58
CA ASN B 78 8.07 -1.78 9.33
C ASN B 78 6.54 -1.74 9.30
N GLU B 79 5.94 -1.69 10.48
CA GLU B 79 4.48 -1.63 10.61
C GLU B 79 3.98 -0.25 10.20
N ALA B 80 4.83 0.75 10.37
CA ALA B 80 4.50 2.11 10.01
C ALA B 80 4.20 2.25 8.52
N LEU B 81 4.93 1.50 7.70
CA LEU B 81 4.72 1.53 6.25
C LEU B 81 3.29 1.14 5.91
N ILE B 82 2.84 0.04 6.49
CA ILE B 82 1.50 -0.46 6.25
C ILE B 82 0.46 0.53 6.74
N GLN B 83 0.54 0.90 8.00
CA GLN B 83 -0.40 1.86 8.60
C GLN B 83 -0.45 3.15 7.79
N ALA B 84 0.72 3.71 7.50
CA ALA B 84 0.79 4.96 6.75
C ALA B 84 0.20 4.82 5.37
N LEU B 85 0.41 3.67 4.75
CA LEU B 85 -0.15 3.42 3.43
C LEU B 85 -1.66 3.27 3.51
N LEU B 86 -2.14 2.56 4.51
CA LEU B 86 -3.58 2.37 4.72
C LEU B 86 -4.28 3.72 4.84
N GLU B 87 -3.67 4.62 5.60
CA GLU B 87 -4.18 5.97 5.74
C GLU B 87 -4.11 6.72 4.42
N LEU B 88 -3.04 6.51 3.66
CA LEU B 88 -2.89 7.15 2.37
C LEU B 88 -3.98 6.68 1.41
N LEU B 89 -4.23 5.39 1.42
CA LEU B 89 -5.22 4.77 0.54
C LEU B 89 -6.63 5.23 0.86
N SER B 90 -6.78 5.98 1.93
CA SER B 90 -8.07 6.50 2.31
C SER B 90 -8.24 7.95 1.86
N ALA B 91 -7.12 8.66 1.73
CA ALA B 91 -7.16 10.07 1.36
C ALA B 91 -7.47 10.22 -0.12
N LEU B 92 -6.80 9.42 -0.93
CA LEU B 92 -6.87 9.56 -2.37
C LEU B 92 -8.15 8.97 -2.97
N VAL B 93 -8.83 8.10 -2.22
CA VAL B 93 -10.10 7.54 -2.70
C VAL B 93 -11.26 8.41 -2.28
N HIS B 94 -11.09 9.14 -1.18
CA HIS B 94 -12.15 10.02 -0.68
C HIS B 94 -12.36 11.17 -1.65
N VAL B 95 -11.27 11.64 -2.25
CA VAL B 95 -11.34 12.80 -3.14
C VAL B 95 -12.16 12.51 -4.39
N LEU B 96 -12.22 11.24 -4.78
CA LEU B 96 -12.98 10.85 -5.96
C LEU B 96 -14.47 11.06 -5.76
N SER B 97 -14.89 11.11 -4.50
CA SER B 97 -16.29 11.32 -4.16
C SER B 97 -16.78 12.64 -4.75
N SER B 98 -15.89 13.62 -4.86
CA SER B 98 -16.23 14.92 -5.41
C SER B 98 -15.33 15.24 -6.59
N ALA B 99 -14.73 14.21 -7.16
CA ALA B 99 -13.90 14.37 -8.34
C ALA B 99 -14.58 13.75 -9.54
N SER B 100 -15.30 14.56 -10.29
CA SER B 100 -16.02 14.07 -11.46
C SER B 100 -15.04 13.85 -12.60
N ILE B 101 -14.55 12.62 -12.72
CA ILE B 101 -13.65 12.27 -13.79
C ILE B 101 -14.38 12.18 -15.13
N GLY B 102 -13.67 12.49 -16.21
CA GLY B 102 -14.23 12.29 -17.54
C GLY B 102 -14.04 10.86 -17.99
N ASN B 103 -12.89 10.59 -18.60
CA ASN B 103 -12.48 9.23 -18.89
C ASN B 103 -10.96 9.19 -18.94
N VAL B 104 -10.40 8.06 -18.59
CA VAL B 104 -8.96 7.89 -18.63
C VAL B 104 -8.59 6.65 -19.43
N SER B 105 -7.80 6.87 -20.48
CA SER B 105 -7.41 5.80 -21.36
C SER B 105 -6.18 5.07 -20.82
N SER B 106 -6.01 3.83 -21.23
CA SER B 106 -4.92 2.99 -20.76
C SER B 106 -3.59 3.34 -21.44
N VAL B 107 -3.36 4.64 -21.65
CA VAL B 107 -2.17 5.10 -22.35
C VAL B 107 -1.43 6.11 -21.49
N GLY B 108 -0.18 5.79 -21.16
CA GLY B 108 0.63 6.70 -20.37
C GLY B 108 0.82 6.21 -18.95
N VAL B 109 0.09 5.18 -18.58
CA VAL B 109 0.19 4.61 -17.22
C VAL B 109 1.59 4.05 -17.00
N ASP B 110 2.20 3.55 -18.07
CA ASP B 110 3.54 2.98 -18.02
C ASP B 110 4.50 3.92 -17.29
N SER B 111 4.42 5.19 -17.63
CA SER B 111 5.28 6.21 -17.06
C SER B 111 4.88 6.55 -15.63
N THR B 112 3.63 6.30 -15.28
CA THR B 112 3.13 6.62 -13.95
C THR B 112 3.64 5.60 -12.94
N LEU B 113 3.82 4.37 -13.41
CA LEU B 113 4.41 3.32 -12.58
C LEU B 113 5.79 3.74 -12.08
N ASN B 114 6.54 4.42 -12.92
CA ASN B 114 7.88 4.85 -12.57
C ASN B 114 7.85 5.89 -11.45
N VAL B 115 6.73 6.59 -11.31
CA VAL B 115 6.58 7.63 -10.30
C VAL B 115 6.22 7.00 -8.95
N VAL B 116 5.31 6.04 -8.98
CA VAL B 116 4.84 5.40 -7.76
C VAL B 116 6.00 4.68 -7.05
N GLN B 117 6.97 4.24 -7.85
CA GLN B 117 8.14 3.54 -7.35
C GLN B 117 9.00 4.45 -6.49
N ASP B 118 8.96 5.74 -6.81
CA ASP B 118 9.81 6.73 -6.15
C ASP B 118 9.31 7.00 -4.74
N SER B 119 8.00 6.95 -4.57
CA SER B 119 7.37 7.38 -3.33
C SER B 119 7.40 6.28 -2.26
N VAL B 120 7.26 5.03 -2.67
CA VAL B 120 7.10 3.94 -1.72
C VAL B 120 8.36 3.07 -1.65
N GLY B 121 9.15 3.08 -2.73
CA GLY B 121 10.31 2.21 -2.82
C GLY B 121 11.31 2.44 -1.70
N GLN B 122 11.31 3.64 -1.15
CA GLN B 122 12.25 4.01 -0.09
C GLN B 122 11.75 3.58 1.29
N TYR B 123 10.60 2.91 1.34
CA TYR B 123 10.08 2.42 2.61
C TYR B 123 9.98 0.90 2.59
N VAL B 124 9.75 0.34 1.41
CA VAL B 124 9.63 -1.12 1.25
C VAL B 124 11.01 -1.76 1.06
N GLY B 125 12.03 -0.94 1.03
CA GLY B 125 13.39 -1.43 0.90
C GLY B 125 14.35 -0.40 1.43
#